data_2Z4F
#
_entry.id   2Z4F
#
_cell.length_a   1.000
_cell.length_b   1.000
_cell.length_c   1.000
_cell.angle_alpha   90.00
_cell.angle_beta   90.00
_cell.angle_gamma   90.00
#
_symmetry.space_group_name_H-M   'P 1'
#
_entity_poly.entity_id   1
_entity_poly.type   'polypeptide(L)'
_entity_poly.pdbx_seq_one_letter_code
;EAEFNPAICRYPLGMSGGQIPDEDITASSQWSESTAAKYGRLDSEEGDGAWCPEIPVEPDDLKEFLQIDLHTLHFITLVG
TQGRHAGGHGIEFAPMYKINYSRDGTRWISWRNRHGKQVLDGNSNPYDIFLKDLEPPIVARFVRFIPVTDHSMNVCMRVE
LYGCVGSGSIEGR
;
_entity_poly.pdbx_strand_id   A
#
# COMPACT_ATOMS: atom_id res chain seq x y z
N ASN A 5 -5.48 -6.19 -21.19
CA ASN A 5 -6.01 -5.21 -20.26
C ASN A 5 -7.55 -5.25 -20.26
N PRO A 6 -8.10 -6.33 -19.70
CA PRO A 6 -9.56 -6.52 -19.62
C PRO A 6 -10.20 -5.55 -18.63
N ALA A 7 -9.39 -4.98 -17.74
CA ALA A 7 -9.90 -4.03 -16.75
C ALA A 7 -10.56 -2.84 -17.41
N ILE A 8 -11.73 -2.46 -16.92
CA ILE A 8 -12.46 -1.33 -17.47
C ILE A 8 -12.74 -0.28 -16.40
N CYS A 9 -12.96 -0.74 -15.17
CA CYS A 9 -13.24 0.16 -14.05
C CYS A 9 -12.43 -0.25 -12.82
N ARG A 10 -11.28 -0.87 -13.06
CA ARG A 10 -10.41 -1.30 -11.96
C ARG A 10 -9.10 -0.51 -11.96
N TYR A 11 -9.01 0.48 -12.83
CA TYR A 11 -7.81 1.31 -12.92
C TYR A 11 -7.43 1.87 -11.56
N PRO A 12 -6.14 2.16 -11.38
CA PRO A 12 -5.61 2.71 -10.13
C PRO A 12 -6.07 4.15 -9.89
N LEU A 13 -5.64 4.72 -8.77
CA LEU A 13 -6.01 6.09 -8.43
C LEU A 13 -5.76 7.03 -9.60
N GLY A 14 -4.51 7.12 -10.04
CA GLY A 14 -4.17 7.98 -11.15
C GLY A 14 -2.68 8.22 -11.28
N MET A 15 -1.97 8.09 -10.16
CA MET A 15 -0.52 8.28 -10.15
C MET A 15 0.16 7.38 -11.16
N SER A 16 -0.26 6.11 -11.19
CA SER A 16 0.32 5.15 -12.13
C SER A 16 0.32 5.68 -13.55
N GLY A 17 -0.70 6.49 -13.87
CA GLY A 17 -0.80 7.06 -15.20
C GLY A 17 -0.14 8.43 -15.29
N GLY A 18 -0.30 9.23 -14.23
CA GLY A 18 0.28 10.56 -14.23
C GLY A 18 -0.79 11.65 -14.20
N GLN A 19 -1.92 11.35 -13.55
CA GLN A 19 -3.01 12.32 -13.47
C GLN A 19 -3.18 12.80 -12.04
N ILE A 20 -2.63 12.06 -11.09
CA ILE A 20 -2.71 12.42 -9.68
C ILE A 20 -1.40 13.01 -9.18
N PRO A 21 -1.49 14.01 -8.30
CA PRO A 21 -0.32 14.68 -7.72
C PRO A 21 0.45 13.78 -6.76
N ASP A 22 1.39 14.37 -6.04
CA ASP A 22 2.20 13.62 -5.09
C ASP A 22 1.82 13.97 -3.65
N GLU A 23 1.03 15.04 -3.50
CA GLU A 23 0.60 15.48 -2.18
C GLU A 23 -0.55 14.61 -1.67
N ASP A 24 -1.08 13.77 -2.54
CA ASP A 24 -2.19 12.88 -2.18
C ASP A 24 -1.67 11.63 -1.49
N ILE A 25 -0.39 11.32 -1.69
CA ILE A 25 0.22 10.15 -1.08
C ILE A 25 1.15 10.55 0.06
N THR A 26 0.81 10.11 1.27
CA THR A 26 1.61 10.43 2.44
C THR A 26 2.28 9.17 3.00
N ALA A 27 3.57 9.28 3.30
CA ALA A 27 4.33 8.15 3.84
C ALA A 27 4.68 8.38 5.30
N SER A 28 4.03 7.64 6.19
CA SER A 28 4.28 7.77 7.61
C SER A 28 5.29 6.73 8.09
N SER A 29 6.36 6.56 7.30
CA SER A 29 7.40 5.59 7.63
C SER A 29 8.51 5.62 6.59
N GLN A 30 8.97 6.82 6.26
CA GLN A 30 10.04 6.98 5.26
C GLN A 30 11.27 7.62 5.90
N TRP A 31 12.41 7.47 5.22
CA TRP A 31 13.66 8.03 5.72
C TRP A 31 14.00 9.32 4.99
N SER A 32 13.94 9.28 3.66
CA SER A 32 14.25 10.45 2.84
C SER A 32 13.13 10.73 1.84
N GLU A 33 13.40 11.63 0.90
CA GLU A 33 12.42 11.98 -0.11
C GLU A 33 12.59 11.11 -1.36
N SER A 34 13.36 10.03 -1.22
CA SER A 34 13.61 9.12 -2.32
C SER A 34 13.04 7.74 -2.02
N THR A 35 12.79 7.47 -0.74
CA THR A 35 12.25 6.19 -0.31
C THR A 35 10.88 6.36 0.34
N ALA A 36 10.09 7.29 -0.18
CA ALA A 36 8.76 7.56 0.35
C ALA A 36 7.68 6.85 -0.48
N ALA A 37 6.42 7.19 -0.22
CA ALA A 37 5.31 6.58 -0.94
C ALA A 37 5.00 7.36 -2.21
N LYS A 38 4.87 8.69 -2.08
CA LYS A 38 4.57 9.54 -3.21
C LYS A 38 5.58 9.33 -4.34
N TYR A 39 6.82 9.01 -3.96
CA TYR A 39 7.88 8.78 -4.94
C TYR A 39 8.05 7.29 -5.21
N GLY A 40 7.71 6.46 -4.22
CA GLY A 40 7.83 5.02 -4.37
C GLY A 40 6.72 4.43 -5.21
N ARG A 41 6.82 4.60 -6.53
CA ARG A 41 5.81 4.08 -7.44
C ARG A 41 5.71 2.56 -7.34
N LEU A 42 4.53 2.03 -7.62
CA LEU A 42 4.31 0.58 -7.56
C LEU A 42 5.26 -0.15 -8.51
N ASP A 43 4.95 -0.09 -9.80
CA ASP A 43 5.78 -0.74 -10.81
C ASP A 43 6.80 0.22 -11.38
N SER A 44 7.58 0.85 -10.51
CA SER A 44 8.61 1.80 -10.93
C SER A 44 9.39 2.32 -9.74
N GLU A 45 10.38 3.17 -10.00
CA GLU A 45 11.22 3.73 -8.95
C GLU A 45 12.03 4.91 -9.48
N GLU A 46 11.78 6.09 -8.91
CA GLU A 46 12.48 7.31 -9.32
C GLU A 46 13.41 7.79 -8.21
N GLY A 47 13.12 7.38 -6.98
CA GLY A 47 13.94 7.78 -5.86
C GLY A 47 15.09 6.83 -5.60
N ASP A 48 14.85 5.83 -4.75
CA ASP A 48 15.87 4.84 -4.43
C ASP A 48 15.57 3.51 -5.09
N GLY A 49 14.40 2.94 -4.78
CA GLY A 49 14.00 1.67 -5.34
C GLY A 49 12.68 1.18 -4.80
N ALA A 50 12.49 1.33 -3.50
CA ALA A 50 11.26 0.89 -2.85
C ALA A 50 11.00 1.68 -1.56
N TRP A 51 9.77 1.61 -1.07
CA TRP A 51 9.40 2.32 0.15
C TRP A 51 9.85 1.55 1.38
N CYS A 52 10.71 2.16 2.18
CA CYS A 52 11.22 1.54 3.40
C CYS A 52 11.62 2.59 4.42
N PRO A 53 11.17 2.39 5.67
CA PRO A 53 11.47 3.31 6.77
C PRO A 53 12.93 3.25 7.20
N GLU A 54 13.24 3.84 8.35
CA GLU A 54 14.60 3.86 8.85
C GLU A 54 14.75 2.93 10.05
N ILE A 55 13.69 2.17 10.33
CA ILE A 55 13.71 1.22 11.44
C ILE A 55 12.99 -0.07 11.08
N PRO A 56 13.37 -1.17 11.74
CA PRO A 56 12.78 -2.49 11.51
C PRO A 56 11.33 -2.57 12.00
N VAL A 57 10.52 -3.37 11.32
CA VAL A 57 9.12 -3.53 11.68
C VAL A 57 8.95 -4.65 12.71
N GLU A 58 7.97 -4.48 13.60
CA GLU A 58 7.71 -5.47 14.63
C GLU A 58 6.21 -5.68 14.82
N PRO A 59 5.82 -6.87 15.30
CA PRO A 59 4.42 -7.22 15.53
C PRO A 59 3.82 -6.47 16.71
N ASP A 60 4.68 -5.79 17.47
CA ASP A 60 4.24 -5.02 18.63
C ASP A 60 4.54 -3.53 18.43
N ASP A 61 5.72 -3.24 17.88
CA ASP A 61 6.13 -1.86 17.65
C ASP A 61 5.45 -1.29 16.41
N LEU A 62 4.13 -1.09 16.50
CA LEU A 62 3.37 -0.56 15.38
C LEU A 62 2.98 0.90 15.62
N LYS A 63 3.84 1.81 15.18
CA LYS A 63 3.59 3.24 15.35
C LYS A 63 3.49 3.94 13.99
N GLU A 64 4.30 3.50 13.05
CA GLU A 64 4.30 4.08 11.70
C GLU A 64 3.26 3.41 10.83
N PHE A 65 3.11 3.92 9.60
CA PHE A 65 2.14 3.37 8.66
C PHE A 65 2.18 4.14 7.34
N LEU A 66 1.26 3.80 6.44
CA LEU A 66 1.19 4.44 5.13
C LEU A 66 -0.17 5.11 4.93
N GLN A 67 -0.14 6.37 4.50
CA GLN A 67 -1.37 7.11 4.27
C GLN A 67 -1.60 7.35 2.78
N ILE A 68 -2.78 7.03 2.30
CA ILE A 68 -3.13 7.21 0.89
C ILE A 68 -4.47 7.91 0.73
N ASP A 69 -4.42 9.18 0.36
CA ASP A 69 -5.62 9.97 0.16
C ASP A 69 -6.07 9.94 -1.30
N LEU A 70 -7.37 9.72 -1.51
CA LEU A 70 -7.92 9.66 -2.85
C LEU A 70 -8.62 10.97 -3.22
N HIS A 71 -8.76 11.21 -4.51
CA HIS A 71 -9.42 12.43 -4.99
C HIS A 71 -10.77 12.63 -4.31
N THR A 72 -11.71 11.75 -4.64
CA THR A 72 -13.06 11.83 -4.07
C THR A 72 -13.61 10.43 -3.78
N LEU A 73 -14.88 10.37 -3.40
CA LEU A 73 -15.53 9.11 -3.09
C LEU A 73 -15.30 8.09 -4.21
N HIS A 74 -14.40 7.14 -3.97
CA HIS A 74 -14.09 6.12 -4.95
C HIS A 74 -14.32 4.72 -4.38
N PHE A 75 -14.33 3.72 -5.25
CA PHE A 75 -14.54 2.34 -4.82
C PHE A 75 -13.33 1.47 -5.19
N ILE A 76 -12.62 1.00 -4.17
CA ILE A 76 -11.45 0.15 -4.40
C ILE A 76 -11.83 -1.32 -4.36
N THR A 77 -11.87 -1.94 -5.54
CA THR A 77 -12.22 -3.36 -5.64
C THR A 77 -10.97 -4.21 -5.80
N LEU A 78 -9.83 -3.56 -6.04
CA LEU A 78 -8.57 -4.27 -6.22
C LEU A 78 -7.42 -3.49 -5.59
N VAL A 79 -6.36 -4.20 -5.23
CA VAL A 79 -5.19 -3.57 -4.62
C VAL A 79 -3.90 -4.21 -5.13
N GLY A 80 -2.92 -3.38 -5.48
CA GLY A 80 -1.65 -3.89 -5.96
C GLY A 80 -0.52 -3.62 -5.00
N THR A 81 0.49 -4.49 -5.02
CA THR A 81 1.65 -4.34 -4.15
C THR A 81 2.90 -4.94 -4.78
N GLN A 82 3.95 -4.14 -4.88
CA GLN A 82 5.21 -4.59 -5.47
C GLN A 82 6.25 -4.86 -4.38
N GLY A 83 6.82 -6.06 -4.40
CA GLY A 83 7.81 -6.42 -3.42
C GLY A 83 9.22 -6.07 -3.86
N ARG A 84 10.11 -5.89 -2.90
CA ARG A 84 11.50 -5.55 -3.20
C ARG A 84 12.25 -6.76 -3.75
N HIS A 85 13.32 -6.49 -4.50
CA HIS A 85 14.12 -7.55 -5.10
C HIS A 85 15.36 -6.98 -5.77
N ALA A 86 16.53 -7.46 -5.37
CA ALA A 86 17.79 -7.00 -5.95
C ALA A 86 18.70 -8.18 -6.29
N GLY A 87 18.17 -9.15 -7.02
CA GLY A 87 18.94 -10.31 -7.40
C GLY A 87 19.25 -11.22 -6.21
N GLY A 88 18.40 -11.16 -5.19
CA GLY A 88 18.61 -11.97 -4.01
C GLY A 88 18.96 -11.15 -2.79
N HIS A 89 19.38 -9.91 -3.01
CA HIS A 89 19.75 -9.02 -1.92
C HIS A 89 18.52 -8.35 -1.32
N GLY A 90 17.55 -8.03 -2.17
CA GLY A 90 16.34 -7.39 -1.72
C GLY A 90 15.18 -8.36 -1.59
N ILE A 91 15.44 -9.52 -1.01
CA ILE A 91 14.41 -10.53 -0.83
C ILE A 91 13.40 -10.11 0.23
N GLU A 92 13.81 -9.22 1.12
CA GLU A 92 12.94 -8.73 2.18
C GLU A 92 11.62 -8.24 1.61
N PHE A 93 10.56 -8.36 2.40
CA PHE A 93 9.23 -7.92 1.97
C PHE A 93 8.22 -8.06 3.11
N ALA A 94 7.07 -7.42 2.95
CA ALA A 94 6.02 -7.47 3.96
C ALA A 94 5.15 -8.70 3.80
N PRO A 95 5.15 -9.57 4.82
CA PRO A 95 4.37 -10.81 4.81
C PRO A 95 2.87 -10.55 4.91
N MET A 96 2.50 -9.48 5.61
CA MET A 96 1.10 -9.12 5.78
C MET A 96 0.95 -7.61 5.94
N TYR A 97 -0.30 -7.14 5.90
CA TYR A 97 -0.59 -5.72 6.03
C TYR A 97 -2.08 -5.47 6.08
N LYS A 98 -2.50 -4.53 6.93
CA LYS A 98 -3.90 -4.19 7.07
C LYS A 98 -4.29 -3.06 6.13
N ILE A 99 -5.53 -3.09 5.64
CA ILE A 99 -6.02 -2.07 4.73
C ILE A 99 -7.17 -1.28 5.35
N ASN A 100 -6.84 -0.13 5.95
CA ASN A 100 -7.84 0.70 6.58
C ASN A 100 -8.46 1.67 5.57
N TYR A 101 -9.68 2.11 5.84
CA TYR A 101 -10.38 3.04 4.96
C TYR A 101 -11.12 4.11 5.76
N SER A 102 -11.49 5.19 5.09
CA SER A 102 -12.20 6.28 5.74
C SER A 102 -12.90 7.16 4.70
N ARG A 103 -14.07 7.68 5.08
CA ARG A 103 -14.84 8.54 4.18
C ARG A 103 -14.39 10.00 4.30
N ASP A 104 -14.44 10.53 5.52
CA ASP A 104 -14.04 11.90 5.78
C ASP A 104 -12.53 12.00 5.95
N GLY A 105 -11.92 10.92 6.41
CA GLY A 105 -10.48 10.92 6.63
C GLY A 105 -10.12 10.90 8.09
N THR A 106 -11.05 11.31 8.95
CA THR A 106 -10.81 11.35 10.38
C THR A 106 -10.91 9.96 10.99
N ARG A 107 -12.11 9.39 10.97
CA ARG A 107 -12.33 8.05 11.52
C ARG A 107 -11.63 6.99 10.68
N TRP A 108 -10.98 6.05 11.36
CA TRP A 108 -10.27 4.98 10.66
C TRP A 108 -10.97 3.64 10.87
N ILE A 109 -11.50 3.08 9.78
CA ILE A 109 -12.19 1.80 9.84
C ILE A 109 -11.35 0.69 9.23
N SER A 110 -11.22 -0.41 9.95
CA SER A 110 -10.44 -1.55 9.49
C SER A 110 -11.27 -2.43 8.55
N TRP A 111 -10.83 -2.53 7.30
CA TRP A 111 -11.53 -3.34 6.31
C TRP A 111 -11.59 -4.80 6.74
N ARG A 112 -12.80 -5.37 6.72
CA ARG A 112 -12.99 -6.76 7.12
C ARG A 112 -13.30 -7.63 5.91
N ASN A 113 -12.54 -8.70 5.74
CA ASN A 113 -12.73 -9.60 4.61
C ASN A 113 -13.82 -10.63 4.92
N ARG A 114 -14.35 -11.25 3.88
CA ARG A 114 -15.40 -12.24 4.04
C ARG A 114 -14.91 -13.44 4.86
N HIS A 115 -13.58 -13.58 4.96
CA HIS A 115 -12.98 -14.66 5.71
C HIS A 115 -12.99 -14.36 7.21
N GLY A 116 -12.94 -13.07 7.54
CA GLY A 116 -12.94 -12.67 8.94
C GLY A 116 -11.57 -12.23 9.41
N LYS A 117 -10.74 -11.79 8.48
CA LYS A 117 -9.39 -11.34 8.81
C LYS A 117 -9.13 -9.94 8.28
N GLN A 118 -9.12 -8.97 9.19
CA GLN A 118 -8.89 -7.57 8.82
C GLN A 118 -7.57 -7.42 8.07
N VAL A 119 -6.57 -8.18 8.49
CA VAL A 119 -5.25 -8.13 7.86
C VAL A 119 -5.27 -8.83 6.50
N LEU A 120 -4.54 -8.27 5.55
CA LEU A 120 -4.47 -8.82 4.20
C LEU A 120 -3.09 -9.42 3.93
N ASP A 121 -3.05 -10.48 3.14
CA ASP A 121 -1.79 -11.14 2.79
C ASP A 121 -0.85 -10.17 2.08
N GLY A 122 0.44 -10.27 2.38
CA GLY A 122 1.42 -9.41 1.76
C GLY A 122 1.60 -9.69 0.28
N ASN A 123 2.84 -9.83 -0.15
CA ASN A 123 3.14 -10.10 -1.55
C ASN A 123 3.36 -11.59 -1.78
N SER A 124 2.93 -12.08 -2.94
CA SER A 124 3.08 -13.49 -3.28
C SER A 124 4.35 -13.73 -4.10
N ASN A 125 4.70 -12.74 -4.92
CA ASN A 125 5.89 -12.85 -5.77
C ASN A 125 7.03 -12.02 -5.18
N PRO A 126 8.27 -12.34 -5.60
CA PRO A 126 9.47 -11.64 -5.13
C PRO A 126 9.55 -10.22 -5.66
N TYR A 127 9.34 -10.06 -6.96
CA TYR A 127 9.38 -8.74 -7.59
C TYR A 127 8.12 -8.48 -8.40
N ASP A 128 7.62 -9.51 -9.05
CA ASP A 128 6.40 -9.39 -9.86
C ASP A 128 5.28 -8.74 -9.07
N ILE A 129 4.60 -7.79 -9.69
CA ILE A 129 3.50 -7.09 -9.04
C ILE A 129 2.42 -8.06 -8.55
N PHE A 130 1.95 -7.85 -7.33
CA PHE A 130 0.93 -8.71 -6.75
C PHE A 130 -0.40 -7.97 -6.61
N LEU A 131 -1.44 -8.52 -7.19
CA LEU A 131 -2.77 -7.90 -7.15
C LEU A 131 -3.72 -8.73 -6.28
N LYS A 132 -4.55 -8.05 -5.50
CA LYS A 132 -5.50 -8.72 -4.63
C LYS A 132 -6.88 -8.06 -4.72
N ASP A 133 -7.88 -8.84 -5.13
CA ASP A 133 -9.24 -8.32 -5.25
C ASP A 133 -9.91 -8.24 -3.89
N LEU A 134 -10.46 -7.07 -3.58
CA LEU A 134 -11.13 -6.84 -2.30
C LEU A 134 -12.59 -7.29 -2.37
N GLU A 135 -13.03 -8.03 -1.36
CA GLU A 135 -14.40 -8.51 -1.31
C GLU A 135 -14.86 -8.69 0.13
N PRO A 136 -15.77 -7.81 0.59
CA PRO A 136 -16.30 -6.72 -0.24
C PRO A 136 -15.25 -5.65 -0.52
N PRO A 137 -15.56 -4.76 -1.48
CA PRO A 137 -14.66 -3.67 -1.87
C PRO A 137 -14.53 -2.61 -0.78
N ILE A 138 -13.90 -1.49 -1.13
CA ILE A 138 -13.71 -0.40 -0.18
C ILE A 138 -14.18 0.93 -0.76
N VAL A 139 -15.35 1.39 -0.29
CA VAL A 139 -15.90 2.65 -0.77
C VAL A 139 -15.60 3.79 0.20
N ALA A 140 -14.77 4.72 -0.23
CA ALA A 140 -14.39 5.85 0.59
C ALA A 140 -13.56 6.86 -0.19
N ARG A 141 -13.03 7.86 0.50
CA ARG A 141 -12.21 8.88 -0.13
C ARG A 141 -10.78 8.86 0.43
N PHE A 142 -10.60 8.14 1.52
CA PHE A 142 -9.29 8.03 2.16
C PHE A 142 -8.95 6.59 2.49
N VAL A 143 -7.72 6.19 2.20
CA VAL A 143 -7.27 4.82 2.47
C VAL A 143 -5.95 4.82 3.21
N ARG A 144 -5.77 3.84 4.09
CA ARG A 144 -4.54 3.72 4.87
C ARG A 144 -4.03 2.29 4.86
N PHE A 145 -2.71 2.13 4.90
CA PHE A 145 -2.10 0.81 4.89
C PHE A 145 -1.13 0.66 6.06
N ILE A 146 -1.27 -0.43 6.80
CA ILE A 146 -0.41 -0.70 7.95
C ILE A 146 0.34 -2.02 7.78
N PRO A 147 1.66 -2.00 8.04
CA PRO A 147 2.50 -3.18 7.93
C PRO A 147 2.21 -4.22 9.01
N VAL A 148 2.09 -5.47 8.61
CA VAL A 148 1.82 -6.56 9.55
C VAL A 148 2.82 -7.69 9.40
N THR A 149 3.42 -8.09 10.52
CA THR A 149 4.40 -9.17 10.51
C THR A 149 4.24 -10.08 11.73
N ASP A 150 4.76 -11.29 11.63
CA ASP A 150 4.68 -12.24 12.73
C ASP A 150 5.98 -12.27 13.54
N HIS A 151 6.82 -11.28 13.29
CA HIS A 151 8.10 -11.19 14.00
C HIS A 151 8.85 -9.93 13.60
N SER A 152 9.86 -9.56 14.39
CA SER A 152 10.65 -8.37 14.11
C SER A 152 11.49 -8.55 12.85
N MET A 153 11.19 -7.75 11.83
CA MET A 153 11.92 -7.82 10.56
C MET A 153 11.65 -6.58 9.72
N ASN A 154 12.54 -6.32 8.77
CA ASN A 154 12.41 -5.16 7.90
C ASN A 154 11.62 -5.52 6.64
N VAL A 155 10.73 -4.62 6.23
CA VAL A 155 9.91 -4.84 5.05
C VAL A 155 9.97 -3.64 4.11
N CYS A 156 10.17 -3.91 2.82
CA CYS A 156 10.25 -2.86 1.82
C CYS A 156 9.45 -3.24 0.58
N MET A 157 8.36 -2.52 0.34
CA MET A 157 7.51 -2.78 -0.82
C MET A 157 6.56 -1.60 -1.06
N ARG A 158 6.11 -1.47 -2.30
CA ARG A 158 5.19 -0.39 -2.66
C ARG A 158 3.75 -0.91 -2.76
N VAL A 159 2.80 0.01 -2.59
CA VAL A 159 1.39 -0.36 -2.66
C VAL A 159 0.62 0.61 -3.56
N GLU A 160 -0.55 0.17 -4.03
CA GLU A 160 -1.38 0.99 -4.90
C GLU A 160 -2.84 0.54 -4.84
N LEU A 161 -3.74 1.51 -4.85
CA LEU A 161 -5.18 1.22 -4.79
C LEU A 161 -5.77 1.11 -6.19
N TYR A 162 -6.55 0.06 -6.43
CA TYR A 162 -7.17 -0.15 -7.72
C TYR A 162 -8.68 -0.29 -7.59
N GLY A 163 -9.39 -0.01 -8.67
CA GLY A 163 -10.85 -0.11 -8.66
C GLY A 163 -11.51 0.99 -9.45
N CYS A 164 -12.75 1.31 -9.08
CA CYS A 164 -13.51 2.36 -9.76
C CYS A 164 -13.17 3.74 -9.19
N VAL A 165 -12.69 4.62 -10.06
CA VAL A 165 -12.32 5.98 -9.64
C VAL A 165 -13.52 6.91 -9.73
N ASN A 5 -8.19 -4.61 -23.85
CA ASN A 5 -8.24 -3.72 -22.69
C ASN A 5 -9.57 -3.88 -21.94
N PRO A 6 -9.73 -5.05 -21.29
CA PRO A 6 -10.95 -5.35 -20.52
C PRO A 6 -11.07 -4.50 -19.26
N ALA A 7 -9.95 -3.92 -18.83
CA ALA A 7 -9.92 -3.09 -17.64
C ALA A 7 -10.48 -1.70 -17.93
N ILE A 8 -11.71 -1.45 -17.48
CA ILE A 8 -12.36 -0.17 -17.68
C ILE A 8 -12.80 0.46 -16.37
N CYS A 9 -13.16 -0.39 -15.41
CA CYS A 9 -13.60 0.07 -14.10
C CYS A 9 -12.73 -0.53 -13.00
N ARG A 10 -11.52 -0.91 -13.35
CA ARG A 10 -10.58 -1.50 -12.38
C ARG A 10 -9.29 -0.71 -12.33
N TYR A 11 -9.16 0.28 -13.21
CA TYR A 11 -7.96 1.12 -13.26
C TYR A 11 -7.65 1.69 -11.89
N PRO A 12 -6.39 2.12 -11.70
CA PRO A 12 -5.93 2.70 -10.44
C PRO A 12 -6.52 4.08 -10.19
N LEU A 13 -6.16 4.67 -9.05
CA LEU A 13 -6.66 6.00 -8.69
C LEU A 13 -6.44 6.99 -9.83
N GLY A 14 -5.20 7.09 -10.29
CA GLY A 14 -4.88 8.00 -11.37
C GLY A 14 -3.40 8.31 -11.45
N MET A 15 -2.71 8.15 -10.33
CA MET A 15 -1.27 8.41 -10.27
C MET A 15 -0.52 7.62 -11.33
N SER A 16 -0.86 6.34 -11.44
CA SER A 16 -0.22 5.46 -12.42
C SER A 16 -0.26 6.07 -13.81
N GLY A 17 -1.30 6.86 -14.07
CA GLY A 17 -1.44 7.51 -15.37
C GLY A 17 -0.87 8.92 -15.38
N GLY A 18 -0.84 9.55 -14.21
CA GLY A 18 -0.33 10.91 -14.11
C GLY A 18 -1.43 11.94 -13.98
N GLN A 19 -2.56 11.52 -13.42
CA GLN A 19 -3.70 12.42 -13.24
C GLN A 19 -3.80 12.88 -11.79
N ILE A 20 -3.28 12.06 -10.88
CA ILE A 20 -3.31 12.39 -9.45
C ILE A 20 -2.02 13.09 -9.02
N PRO A 21 -2.15 14.06 -8.11
CA PRO A 21 -1.01 14.82 -7.59
C PRO A 21 -0.10 13.97 -6.70
N ASP A 22 0.84 14.62 -6.04
CA ASP A 22 1.77 13.93 -5.15
C ASP A 22 1.47 14.23 -3.70
N GLU A 23 0.62 15.24 -3.47
CA GLU A 23 0.24 15.63 -2.11
C GLU A 23 -0.87 14.74 -1.58
N ASP A 24 -1.38 13.85 -2.44
CA ASP A 24 -2.44 12.94 -2.04
C ASP A 24 -1.88 11.72 -1.31
N ILE A 25 -0.60 11.45 -1.54
CA ILE A 25 0.05 10.31 -0.89
C ILE A 25 0.95 10.77 0.26
N THR A 26 0.70 10.22 1.44
CA THR A 26 1.48 10.56 2.62
C THR A 26 2.17 9.34 3.20
N ALA A 27 3.50 9.41 3.29
CA ALA A 27 4.28 8.31 3.83
C ALA A 27 4.72 8.59 5.26
N SER A 28 4.37 7.70 6.18
CA SER A 28 4.73 7.85 7.58
C SER A 28 5.74 6.80 8.01
N SER A 29 6.72 6.54 7.15
CA SER A 29 7.75 5.56 7.44
C SER A 29 8.78 5.50 6.31
N GLN A 30 9.43 6.63 6.05
CA GLN A 30 10.43 6.71 5.00
C GLN A 30 11.73 7.30 5.54
N TRP A 31 12.68 7.54 4.63
CA TRP A 31 13.97 8.11 5.01
C TRP A 31 14.27 9.36 4.20
N SER A 32 14.21 9.24 2.88
CA SER A 32 14.48 10.36 2.00
C SER A 32 13.35 10.55 0.99
N GLU A 33 13.50 11.55 0.12
CA GLU A 33 12.48 11.83 -0.89
C GLU A 33 12.54 10.81 -2.02
N SER A 34 13.56 9.96 -1.98
CA SER A 34 13.73 8.94 -3.01
C SER A 34 13.18 7.59 -2.54
N THR A 35 12.82 7.52 -1.27
CA THR A 35 12.27 6.29 -0.69
C THR A 35 10.92 6.55 -0.04
N ALA A 36 10.18 7.52 -0.55
CA ALA A 36 8.87 7.87 -0.01
C ALA A 36 7.76 7.17 -0.80
N ALA A 37 6.54 7.29 -0.30
CA ALA A 37 5.39 6.67 -0.95
C ALA A 37 4.89 7.52 -2.12
N LYS A 38 4.74 8.82 -1.88
CA LYS A 38 4.28 9.73 -2.91
C LYS A 38 5.23 9.73 -4.11
N TYR A 39 6.51 9.56 -3.84
CA TYR A 39 7.52 9.53 -4.89
C TYR A 39 7.83 8.11 -5.32
N GLY A 40 6.87 7.21 -5.09
CA GLY A 40 7.07 5.82 -5.46
C GLY A 40 5.91 5.27 -6.28
N ARG A 41 6.16 5.04 -7.57
CA ARG A 41 5.13 4.51 -8.46
C ARG A 41 5.20 2.99 -8.54
N LEU A 42 4.06 2.37 -8.83
CA LEU A 42 4.00 0.91 -8.94
C LEU A 42 4.76 0.43 -10.18
N ASP A 43 5.54 -0.64 -9.99
CA ASP A 43 6.31 -1.21 -11.09
C ASP A 43 7.17 -0.13 -11.75
N SER A 44 7.71 0.76 -10.94
CA SER A 44 8.56 1.85 -11.45
C SER A 44 9.66 2.19 -10.46
N GLU A 45 10.52 3.12 -10.84
CA GLU A 45 11.63 3.54 -9.99
C GLU A 45 12.17 4.89 -10.42
N GLU A 46 11.95 5.91 -9.59
CA GLU A 46 12.42 7.25 -9.89
C GLU A 46 13.44 7.72 -8.85
N GLY A 47 13.27 7.26 -7.62
CA GLY A 47 14.18 7.64 -6.55
C GLY A 47 15.18 6.55 -6.22
N ASP A 48 14.86 5.74 -5.22
CA ASP A 48 15.73 4.65 -4.80
C ASP A 48 15.34 3.35 -5.50
N GLY A 49 14.10 2.93 -5.29
CA GLY A 49 13.62 1.70 -5.91
C GLY A 49 12.34 1.20 -5.28
N ALA A 50 12.16 1.46 -3.99
CA ALA A 50 10.97 1.04 -3.27
C ALA A 50 10.81 1.81 -1.96
N TRP A 51 9.58 1.86 -1.46
CA TRP A 51 9.29 2.57 -0.22
C TRP A 51 9.80 1.79 0.99
N CYS A 52 10.71 2.40 1.74
CA CYS A 52 11.27 1.76 2.93
C CYS A 52 11.85 2.80 3.88
N PRO A 53 11.49 2.68 5.17
CA PRO A 53 11.96 3.61 6.21
C PRO A 53 13.45 3.42 6.50
N GLU A 54 13.92 4.08 7.56
CA GLU A 54 15.32 3.98 7.95
C GLU A 54 15.53 2.92 9.03
N ILE A 55 14.43 2.52 9.67
CA ILE A 55 14.48 1.52 10.72
C ILE A 55 13.38 0.47 10.54
N PRO A 56 13.63 -0.75 11.04
CA PRO A 56 12.67 -1.84 10.96
C PRO A 56 11.44 -1.63 11.83
N VAL A 57 10.28 -2.06 11.35
CA VAL A 57 9.04 -1.92 12.09
C VAL A 57 8.70 -3.17 12.87
N GLU A 58 8.11 -3.01 14.05
CA GLU A 58 7.73 -4.14 14.89
C GLU A 58 6.21 -4.21 15.06
N PRO A 59 5.71 -5.42 15.31
CA PRO A 59 4.27 -5.65 15.51
C PRO A 59 3.77 -5.06 16.82
N ASP A 60 4.69 -4.59 17.65
CA ASP A 60 4.33 -4.00 18.93
C ASP A 60 4.49 -2.48 18.89
N ASP A 61 5.66 -2.01 18.48
CA ASP A 61 5.93 -0.58 18.40
C ASP A 61 5.41 -0.02 17.08
N LEU A 62 4.09 0.04 16.95
CA LEU A 62 3.46 0.56 15.74
C LEU A 62 3.33 2.09 15.81
N LYS A 63 4.39 2.79 15.44
CA LYS A 63 4.38 4.25 15.46
C LYS A 63 4.39 4.81 14.05
N GLU A 64 4.77 3.98 13.08
CA GLU A 64 4.82 4.40 11.69
C GLU A 64 3.76 3.67 10.87
N PHE A 65 3.54 4.14 9.64
CA PHE A 65 2.56 3.53 8.75
C PHE A 65 2.51 4.27 7.42
N LEU A 66 1.58 3.86 6.56
CA LEU A 66 1.41 4.48 5.25
C LEU A 66 0.02 5.05 5.08
N GLN A 67 -0.06 6.31 4.64
CA GLN A 67 -1.34 6.97 4.43
C GLN A 67 -1.57 7.28 2.96
N ILE A 68 -2.74 6.92 2.46
CA ILE A 68 -3.08 7.17 1.06
C ILE A 68 -4.41 7.90 0.94
N ASP A 69 -4.34 9.20 0.65
CA ASP A 69 -5.55 10.02 0.49
C ASP A 69 -5.95 10.13 -0.97
N LEU A 70 -7.25 10.03 -1.23
CA LEU A 70 -7.77 10.11 -2.60
C LEU A 70 -8.53 11.42 -2.80
N HIS A 71 -8.73 11.78 -4.06
CA HIS A 71 -9.45 13.00 -4.40
C HIS A 71 -10.80 13.06 -3.68
N THR A 72 -11.70 12.16 -4.06
CA THR A 72 -13.02 12.10 -3.45
C THR A 72 -13.49 10.66 -3.29
N LEU A 73 -14.75 10.49 -2.90
CA LEU A 73 -15.33 9.17 -2.71
C LEU A 73 -15.08 8.29 -3.93
N HIS A 74 -14.23 7.28 -3.76
CA HIS A 74 -13.91 6.36 -4.84
C HIS A 74 -14.21 4.92 -4.44
N PHE A 75 -14.09 4.00 -5.40
CA PHE A 75 -14.36 2.59 -5.16
C PHE A 75 -13.15 1.74 -5.50
N ILE A 76 -12.63 1.03 -4.51
CA ILE A 76 -11.46 0.17 -4.71
C ILE A 76 -11.83 -1.30 -4.57
N THR A 77 -12.09 -1.96 -5.71
CA THR A 77 -12.45 -3.36 -5.72
C THR A 77 -11.22 -4.25 -5.86
N LEU A 78 -10.08 -3.63 -6.19
CA LEU A 78 -8.84 -4.37 -6.36
C LEU A 78 -7.67 -3.60 -5.76
N VAL A 79 -6.63 -4.32 -5.35
CA VAL A 79 -5.45 -3.71 -4.75
C VAL A 79 -4.17 -4.40 -5.24
N GLY A 80 -3.17 -3.60 -5.58
CA GLY A 80 -1.91 -4.15 -6.05
C GLY A 80 -0.78 -3.93 -5.07
N THR A 81 0.25 -4.76 -5.16
CA THR A 81 1.40 -4.65 -4.27
C THR A 81 2.64 -5.24 -4.91
N GLN A 82 3.77 -4.55 -4.75
CA GLN A 82 5.03 -5.00 -5.32
C GLN A 82 6.13 -5.00 -4.26
N GLY A 83 6.86 -6.12 -4.18
CA GLY A 83 7.93 -6.23 -3.21
C GLY A 83 9.25 -5.71 -3.74
N ARG A 84 10.17 -5.38 -2.83
CA ARG A 84 11.47 -4.87 -3.22
C ARG A 84 12.51 -5.99 -3.24
N HIS A 85 13.03 -6.28 -4.43
CA HIS A 85 14.03 -7.34 -4.59
C HIS A 85 15.12 -6.89 -5.56
N ALA A 86 16.37 -7.26 -5.26
CA ALA A 86 17.49 -6.91 -6.10
C ALA A 86 17.90 -8.08 -6.99
N GLY A 87 17.57 -9.29 -6.54
CA GLY A 87 17.91 -10.47 -7.32
C GLY A 87 18.95 -11.34 -6.62
N GLY A 88 18.87 -11.40 -5.29
CA GLY A 88 19.81 -12.21 -4.53
C GLY A 88 20.60 -11.37 -3.54
N HIS A 89 20.08 -10.19 -3.21
CA HIS A 89 20.75 -9.30 -2.27
C HIS A 89 19.79 -8.88 -1.15
N GLY A 90 18.67 -8.27 -1.53
CA GLY A 90 17.70 -7.82 -0.57
C GLY A 90 16.30 -8.31 -0.88
N ILE A 91 15.95 -9.49 -0.36
CA ILE A 91 14.63 -10.06 -0.58
C ILE A 91 13.63 -9.57 0.46
N GLU A 92 14.05 -8.61 1.27
CA GLU A 92 13.19 -8.06 2.31
C GLU A 92 11.85 -7.63 1.73
N PHE A 93 10.79 -7.78 2.53
CA PHE A 93 9.45 -7.40 2.09
C PHE A 93 8.47 -7.49 3.25
N ALA A 94 7.23 -7.07 3.00
CA ALA A 94 6.19 -7.11 4.03
C ALA A 94 5.35 -8.38 3.92
N PRO A 95 5.40 -9.20 4.97
CA PRO A 95 4.66 -10.47 5.03
C PRO A 95 3.15 -10.25 5.14
N MET A 96 2.77 -9.19 5.83
CA MET A 96 1.35 -8.87 6.02
C MET A 96 1.14 -7.36 6.10
N TYR A 97 -0.11 -6.94 6.04
CA TYR A 97 -0.45 -5.52 6.10
C TYR A 97 -1.96 -5.32 6.14
N LYS A 98 -2.41 -4.43 7.03
CA LYS A 98 -3.83 -4.15 7.18
C LYS A 98 -4.26 -3.03 6.24
N ILE A 99 -5.49 -3.10 5.76
CA ILE A 99 -6.02 -2.09 4.85
C ILE A 99 -7.19 -1.34 5.48
N ASN A 100 -6.94 -0.09 5.87
CA ASN A 100 -7.98 0.73 6.49
C ASN A 100 -8.59 1.68 5.46
N TYR A 101 -9.83 2.10 5.72
CA TYR A 101 -10.53 3.01 4.83
C TYR A 101 -11.35 4.03 5.62
N SER A 102 -11.76 5.10 4.94
CA SER A 102 -12.54 6.15 5.58
C SER A 102 -13.28 6.99 4.54
N ARG A 103 -14.57 7.20 4.78
CA ARG A 103 -15.39 7.98 3.86
C ARG A 103 -15.42 9.46 4.26
N ASP A 104 -15.53 9.71 5.56
CA ASP A 104 -15.56 11.07 6.08
C ASP A 104 -14.16 11.66 6.16
N GLY A 105 -13.37 11.15 7.10
CA GLY A 105 -12.00 11.64 7.26
C GLY A 105 -11.54 11.58 8.70
N THR A 106 -12.49 11.62 9.63
CA THR A 106 -12.16 11.58 11.05
C THR A 106 -12.16 10.15 11.58
N ARG A 107 -13.26 9.43 11.34
CA ARG A 107 -13.37 8.05 11.78
C ARG A 107 -12.66 7.10 10.82
N TRP A 108 -11.95 6.12 11.37
CA TRP A 108 -11.23 5.15 10.56
C TRP A 108 -11.82 3.75 10.72
N ILE A 109 -12.10 3.11 9.61
CA ILE A 109 -12.67 1.76 9.63
C ILE A 109 -11.72 0.75 8.99
N SER A 110 -11.40 -0.31 9.73
CA SER A 110 -10.50 -1.34 9.22
C SER A 110 -11.24 -2.35 8.36
N TRP A 111 -10.82 -2.48 7.11
CA TRP A 111 -11.46 -3.41 6.18
C TRP A 111 -11.54 -4.80 6.78
N ARG A 112 -12.72 -5.40 6.70
CA ARG A 112 -12.94 -6.74 7.24
C ARG A 112 -13.35 -7.71 6.13
N ASN A 113 -12.81 -8.93 6.19
CA ASN A 113 -13.12 -9.95 5.20
C ASN A 113 -14.16 -10.93 5.73
N ARG A 114 -14.78 -11.68 4.82
CA ARG A 114 -15.79 -12.66 5.20
C ARG A 114 -15.22 -13.67 6.18
N HIS A 115 -13.90 -13.86 6.14
CA HIS A 115 -13.24 -14.81 7.03
C HIS A 115 -13.02 -14.20 8.41
N GLY A 116 -12.94 -12.87 8.46
CA GLY A 116 -12.74 -12.18 9.72
C GLY A 116 -11.28 -11.86 9.97
N LYS A 117 -10.55 -11.54 8.91
CA LYS A 117 -9.13 -11.22 9.02
C LYS A 117 -8.84 -9.86 8.40
N GLN A 118 -8.88 -8.81 9.24
CA GLN A 118 -8.61 -7.46 8.77
C GLN A 118 -7.28 -7.38 8.04
N VAL A 119 -6.26 -8.04 8.60
CA VAL A 119 -4.93 -8.05 8.01
C VAL A 119 -4.94 -8.76 6.66
N LEU A 120 -4.15 -8.24 5.72
CA LEU A 120 -4.06 -8.83 4.39
C LEU A 120 -2.67 -9.42 4.15
N ASP A 121 -2.63 -10.51 3.40
CA ASP A 121 -1.36 -11.17 3.08
C ASP A 121 -0.52 -10.30 2.15
N GLY A 122 0.75 -10.10 2.53
CA GLY A 122 1.64 -9.29 1.73
C GLY A 122 2.04 -9.98 0.43
N ASN A 123 3.30 -9.82 0.05
CA ASN A 123 3.81 -10.43 -1.17
C ASN A 123 5.31 -10.21 -1.31
N SER A 124 6.04 -11.27 -1.65
CA SER A 124 7.48 -11.18 -1.80
C SER A 124 7.86 -10.92 -3.26
N ASN A 125 6.88 -11.08 -4.15
CA ASN A 125 7.10 -10.86 -5.58
C ASN A 125 8.13 -11.83 -6.13
N PRO A 126 7.76 -13.13 -6.17
CA PRO A 126 8.63 -14.19 -6.67
C PRO A 126 8.85 -14.09 -8.19
N TYR A 127 7.83 -13.60 -8.89
CA TYR A 127 7.92 -13.46 -10.34
C TYR A 127 7.61 -12.03 -10.77
N ASP A 128 6.46 -11.53 -10.35
CA ASP A 128 6.05 -10.16 -10.69
C ASP A 128 5.11 -9.60 -9.63
N ILE A 129 4.54 -8.43 -9.91
CA ILE A 129 3.63 -7.78 -8.98
C ILE A 129 2.49 -8.71 -8.60
N PHE A 130 1.87 -8.44 -7.45
CA PHE A 130 0.76 -9.26 -6.97
C PHE A 130 -0.49 -8.40 -6.78
N LEU A 131 -1.64 -8.93 -7.23
CA LEU A 131 -2.90 -8.22 -7.11
C LEU A 131 -3.89 -9.00 -6.26
N LYS A 132 -4.73 -8.28 -5.52
CA LYS A 132 -5.72 -8.91 -4.66
C LYS A 132 -7.09 -8.25 -4.84
N ASP A 133 -8.09 -9.06 -5.16
CA ASP A 133 -9.45 -8.56 -5.36
C ASP A 133 -10.17 -8.42 -4.03
N LEU A 134 -10.55 -7.19 -3.69
CA LEU A 134 -11.25 -6.93 -2.44
C LEU A 134 -12.68 -7.46 -2.48
N GLU A 135 -13.10 -8.10 -1.40
CA GLU A 135 -14.45 -8.66 -1.31
C GLU A 135 -14.89 -8.79 0.14
N PRO A 136 -15.78 -7.88 0.57
CA PRO A 136 -16.30 -6.80 -0.28
C PRO A 136 -15.23 -5.76 -0.61
N PRO A 137 -15.53 -4.89 -1.59
CA PRO A 137 -14.61 -3.83 -2.01
C PRO A 137 -14.44 -2.74 -0.96
N ILE A 138 -13.80 -1.65 -1.33
CA ILE A 138 -13.57 -0.53 -0.42
C ILE A 138 -14.11 0.78 -1.00
N VAL A 139 -15.24 1.23 -0.48
CA VAL A 139 -15.85 2.48 -0.95
C VAL A 139 -15.53 3.63 0.00
N ALA A 140 -14.63 4.51 -0.43
CA ALA A 140 -14.25 5.66 0.38
C ALA A 140 -13.20 6.50 -0.34
N ARG A 141 -12.89 7.66 0.23
CA ARG A 141 -11.92 8.57 -0.36
C ARG A 141 -10.59 8.51 0.39
N PHE A 142 -10.64 7.99 1.61
CA PHE A 142 -9.44 7.87 2.45
C PHE A 142 -9.05 6.41 2.63
N VAL A 143 -7.78 6.10 2.38
CA VAL A 143 -7.28 4.74 2.52
C VAL A 143 -5.92 4.72 3.21
N ARG A 144 -5.83 3.98 4.31
CA ARG A 144 -4.59 3.88 5.06
C ARG A 144 -4.06 2.45 5.05
N PHE A 145 -2.74 2.31 4.98
CA PHE A 145 -2.11 1.00 4.97
C PHE A 145 -1.16 0.84 6.16
N ILE A 146 -1.37 -0.23 6.93
CA ILE A 146 -0.54 -0.50 8.09
C ILE A 146 0.29 -1.77 7.89
N PRO A 147 1.62 -1.65 8.04
CA PRO A 147 2.53 -2.79 7.89
C PRO A 147 2.40 -3.79 9.02
N VAL A 148 2.17 -5.05 8.67
CA VAL A 148 2.03 -6.12 9.65
C VAL A 148 3.14 -7.15 9.52
N THR A 149 3.73 -7.53 10.64
CA THR A 149 4.80 -8.52 10.65
C THR A 149 4.72 -9.41 11.87
N ASP A 150 5.40 -10.55 11.82
CA ASP A 150 5.40 -11.51 12.92
C ASP A 150 6.44 -11.12 13.97
N HIS A 151 7.33 -10.20 13.60
CA HIS A 151 8.38 -9.74 14.51
C HIS A 151 9.07 -8.50 13.96
N SER A 152 10.08 -8.03 14.67
CA SER A 152 10.83 -6.84 14.26
C SER A 152 11.68 -7.15 13.03
N MET A 153 11.48 -6.37 11.96
CA MET A 153 12.24 -6.56 10.74
C MET A 153 11.90 -5.46 9.73
N ASN A 154 12.84 -5.18 8.83
CA ASN A 154 12.66 -4.15 7.81
C ASN A 154 11.83 -4.68 6.66
N VAL A 155 10.86 -3.88 6.21
CA VAL A 155 9.98 -4.27 5.12
C VAL A 155 9.97 -3.20 4.03
N CYS A 156 10.30 -3.61 2.80
CA CYS A 156 10.32 -2.69 1.67
C CYS A 156 9.38 -3.16 0.56
N MET A 157 8.50 -2.27 0.12
CA MET A 157 7.56 -2.59 -0.93
C MET A 157 6.71 -1.36 -1.31
N ARG A 158 5.91 -1.51 -2.35
CA ARG A 158 5.05 -0.41 -2.81
C ARG A 158 3.63 -0.91 -3.09
N VAL A 159 2.67 -0.35 -2.35
CA VAL A 159 1.27 -0.74 -2.52
C VAL A 159 0.57 0.16 -3.53
N GLU A 160 -0.62 -0.26 -3.96
CA GLU A 160 -1.40 0.51 -4.93
C GLU A 160 -2.87 0.10 -4.89
N LEU A 161 -3.74 1.05 -5.21
CA LEU A 161 -5.18 0.79 -5.21
C LEU A 161 -5.70 0.66 -6.65
N TYR A 162 -6.76 -0.13 -6.82
CA TYR A 162 -7.35 -0.34 -8.13
C TYR A 162 -8.86 -0.44 -8.04
N GLY A 163 -9.54 -0.10 -9.12
CA GLY A 163 -11.00 -0.17 -9.14
C GLY A 163 -11.61 0.91 -10.02
N CYS A 164 -12.53 1.68 -9.45
CA CYS A 164 -13.20 2.74 -10.20
C CYS A 164 -13.11 4.07 -9.44
N VAL A 165 -12.57 5.09 -10.11
CA VAL A 165 -12.43 6.41 -9.52
C VAL A 165 -13.77 7.13 -9.45
N ASN A 5 -8.44 -6.01 -22.21
CA ASN A 5 -8.52 -5.04 -21.14
C ASN A 5 -9.87 -5.09 -20.43
N PRO A 6 -10.06 -6.16 -19.62
CA PRO A 6 -11.30 -6.36 -18.88
C PRO A 6 -11.47 -5.35 -17.75
N ALA A 7 -10.37 -4.78 -17.30
CA ALA A 7 -10.39 -3.80 -16.23
C ALA A 7 -10.73 -2.41 -16.76
N ILE A 8 -12.01 -2.20 -17.06
CA ILE A 8 -12.46 -0.91 -17.58
C ILE A 8 -12.68 0.10 -16.45
N CYS A 9 -13.13 -0.41 -15.31
CA CYS A 9 -13.39 0.44 -14.15
C CYS A 9 -12.58 -0.03 -12.94
N ARG A 10 -11.34 -0.45 -13.19
CA ARG A 10 -10.46 -0.92 -12.13
C ARG A 10 -9.21 -0.06 -12.04
N TYR A 11 -9.20 1.04 -12.79
CA TYR A 11 -8.05 1.95 -12.79
C TYR A 11 -7.70 2.37 -11.37
N PRO A 12 -6.42 2.73 -11.17
CA PRO A 12 -5.92 3.16 -9.85
C PRO A 12 -6.45 4.53 -9.46
N LEU A 13 -6.06 5.00 -8.28
CA LEU A 13 -6.51 6.30 -7.78
C LEU A 13 -6.26 7.39 -8.82
N GLY A 14 -5.05 7.41 -9.37
CA GLY A 14 -4.71 8.40 -10.37
C GLY A 14 -3.22 8.66 -10.45
N MET A 15 -2.55 8.63 -9.29
CA MET A 15 -1.12 8.86 -9.24
C MET A 15 -0.37 7.93 -10.20
N SER A 16 -0.90 6.73 -10.38
CA SER A 16 -0.29 5.75 -11.26
C SER A 16 -0.24 6.27 -12.69
N GLY A 17 -1.24 7.07 -13.06
CA GLY A 17 -1.29 7.62 -14.40
C GLY A 17 -0.74 9.03 -14.48
N GLY A 18 -0.76 9.72 -13.34
CA GLY A 18 -0.26 11.09 -13.31
C GLY A 18 -1.37 12.12 -13.19
N GLN A 19 -2.52 11.69 -12.68
CA GLN A 19 -3.65 12.58 -12.52
C GLN A 19 -3.70 13.18 -11.12
N ILE A 20 -3.14 12.44 -10.15
CA ILE A 20 -3.12 12.90 -8.77
C ILE A 20 -1.82 13.63 -8.45
N PRO A 21 -1.92 14.68 -7.63
CA PRO A 21 -0.75 15.48 -7.23
C PRO A 21 0.19 14.72 -6.31
N ASP A 22 1.17 15.43 -5.76
CA ASP A 22 2.14 14.81 -4.85
C ASP A 22 1.77 15.09 -3.39
N GLU A 23 0.52 15.48 -3.16
CA GLU A 23 0.05 15.78 -1.81
C GLU A 23 -1.08 14.83 -1.42
N ASP A 24 -1.45 13.94 -2.32
CA ASP A 24 -2.51 12.98 -2.06
C ASP A 24 -1.95 11.69 -1.48
N ILE A 25 -0.67 11.73 -1.08
CA ILE A 25 -0.02 10.57 -0.50
C ILE A 25 0.74 10.94 0.77
N THR A 26 0.79 10.02 1.72
CA THR A 26 1.48 10.25 2.98
C THR A 26 2.24 9.01 3.43
N ALA A 27 3.55 9.17 3.63
CA ALA A 27 4.39 8.05 4.07
C ALA A 27 4.83 8.23 5.51
N SER A 28 4.26 7.43 6.40
CA SER A 28 4.59 7.51 7.82
C SER A 28 5.61 6.44 8.20
N SER A 29 6.58 6.21 7.31
CA SER A 29 7.61 5.21 7.54
C SER A 29 8.62 5.21 6.39
N GLN A 30 9.12 6.38 6.05
CA GLN A 30 10.10 6.51 4.97
C GLN A 30 11.46 6.95 5.50
N TRP A 31 12.42 7.10 4.61
CA TRP A 31 13.77 7.52 4.99
C TRP A 31 14.12 8.86 4.36
N SER A 32 14.05 8.92 3.03
CA SER A 32 14.38 10.14 2.31
C SER A 32 13.37 10.40 1.19
N GLU A 33 13.67 11.35 0.33
CA GLU A 33 12.79 11.69 -0.78
C GLU A 33 12.96 10.70 -1.93
N SER A 34 13.87 9.75 -1.75
CA SER A 34 14.12 8.75 -2.78
C SER A 34 13.56 7.39 -2.37
N THR A 35 12.84 7.37 -1.25
CA THR A 35 12.25 6.14 -0.74
C THR A 35 10.96 6.43 0.03
N ALA A 36 10.24 7.47 -0.39
CA ALA A 36 8.99 7.84 0.26
C ALA A 36 7.79 7.27 -0.49
N ALA A 37 6.60 7.60 -0.01
CA ALA A 37 5.37 7.12 -0.65
C ALA A 37 4.91 8.08 -1.74
N LYS A 38 5.31 9.34 -1.63
CA LYS A 38 4.93 10.35 -2.61
C LYS A 38 5.94 10.39 -3.75
N TYR A 39 7.18 10.02 -3.46
CA TYR A 39 8.24 10.02 -4.46
C TYR A 39 8.54 8.61 -4.95
N GLY A 40 7.57 7.71 -4.76
CA GLY A 40 7.74 6.34 -5.19
C GLY A 40 6.47 5.75 -5.80
N ARG A 41 6.18 6.16 -7.03
CA ARG A 41 4.99 5.67 -7.73
C ARG A 41 5.04 4.15 -7.89
N LEU A 42 3.87 3.54 -8.04
CA LEU A 42 3.77 2.09 -8.21
C LEU A 42 4.39 1.66 -9.53
N ASP A 43 5.18 0.58 -9.48
CA ASP A 43 5.82 0.07 -10.68
C ASP A 43 6.73 1.12 -11.32
N SER A 44 7.45 1.85 -10.49
CA SER A 44 8.35 2.90 -10.97
C SER A 44 9.54 3.07 -10.05
N GLU A 45 10.73 3.22 -10.65
CA GLU A 45 11.95 3.38 -9.87
C GLU A 45 12.66 4.69 -10.24
N GLU A 46 12.40 5.74 -9.47
CA GLU A 46 13.01 7.04 -9.71
C GLU A 46 13.92 7.45 -8.55
N GLY A 47 13.64 6.90 -7.37
CA GLY A 47 14.44 7.21 -6.21
C GLY A 47 15.58 6.24 -6.00
N ASP A 48 15.48 5.42 -4.96
CA ASP A 48 16.52 4.44 -4.66
C ASP A 48 16.09 3.04 -5.10
N GLY A 49 14.77 2.81 -5.12
CA GLY A 49 14.25 1.51 -5.51
C GLY A 49 12.80 1.33 -5.12
N ALA A 50 12.53 1.44 -3.82
CA ALA A 50 11.16 1.29 -3.32
C ALA A 50 10.97 2.05 -2.01
N TRP A 51 9.74 2.07 -1.52
CA TRP A 51 9.42 2.76 -0.28
C TRP A 51 9.95 2.00 0.93
N CYS A 52 10.86 2.63 1.67
CA CYS A 52 11.46 2.01 2.85
C CYS A 52 11.75 3.05 3.92
N PRO A 53 11.49 2.69 5.18
CA PRO A 53 11.73 3.57 6.33
C PRO A 53 13.21 3.80 6.58
N GLU A 54 13.52 4.42 7.72
CA GLU A 54 14.91 4.71 8.09
C GLU A 54 15.35 3.84 9.27
N ILE A 55 14.43 3.02 9.76
CA ILE A 55 14.72 2.14 10.88
C ILE A 55 13.83 0.90 10.86
N PRO A 56 14.28 -0.16 11.54
CA PRO A 56 13.54 -1.43 11.62
C PRO A 56 12.27 -1.31 12.46
N VAL A 57 11.22 -2.00 12.05
CA VAL A 57 9.95 -1.97 12.76
C VAL A 57 9.70 -3.29 13.49
N GLU A 58 8.82 -3.25 14.50
CA GLU A 58 8.50 -4.43 15.27
C GLU A 58 7.01 -4.51 15.55
N PRO A 59 6.51 -5.73 15.78
CA PRO A 59 5.08 -5.97 16.06
C PRO A 59 4.67 -5.43 17.42
N ASP A 60 5.65 -5.03 18.23
CA ASP A 60 5.38 -4.50 19.56
C ASP A 60 5.35 -2.97 19.53
N ASP A 61 6.34 -2.38 18.88
CA ASP A 61 6.42 -0.92 18.79
C ASP A 61 6.06 -0.45 17.38
N LEU A 62 4.76 -0.40 17.09
CA LEU A 62 4.28 0.03 15.78
C LEU A 62 3.86 1.49 15.82
N LYS A 63 4.81 2.39 15.59
CA LYS A 63 4.52 3.82 15.58
C LYS A 63 4.58 4.39 14.17
N GLU A 64 4.72 3.50 13.19
CA GLU A 64 4.79 3.91 11.78
C GLU A 64 3.66 3.28 10.98
N PHE A 65 3.48 3.76 9.75
CA PHE A 65 2.43 3.25 8.88
C PHE A 65 2.44 3.97 7.53
N LEU A 66 1.47 3.64 6.68
CA LEU A 66 1.36 4.26 5.36
C LEU A 66 -0.02 4.84 5.14
N GLN A 67 -0.06 6.08 4.67
CA GLN A 67 -1.34 6.74 4.41
C GLN A 67 -1.49 7.08 2.93
N ILE A 68 -2.69 6.87 2.41
CA ILE A 68 -2.97 7.14 1.00
C ILE A 68 -4.28 7.89 0.83
N ASP A 69 -4.21 9.06 0.20
CA ASP A 69 -5.40 9.87 -0.02
C ASP A 69 -5.86 9.77 -1.47
N LEU A 70 -7.13 9.39 -1.66
CA LEU A 70 -7.70 9.25 -3.00
C LEU A 70 -8.22 10.58 -3.51
N HIS A 71 -8.22 10.75 -4.83
CA HIS A 71 -8.70 11.98 -5.46
C HIS A 71 -10.09 12.34 -4.93
N THR A 72 -11.05 11.45 -5.14
CA THR A 72 -12.42 11.68 -4.68
C THR A 72 -13.06 10.39 -4.19
N LEU A 73 -14.14 10.52 -3.43
CA LEU A 73 -14.85 9.37 -2.90
C LEU A 73 -15.18 8.37 -4.01
N HIS A 74 -14.42 7.28 -4.07
CA HIS A 74 -14.64 6.26 -5.08
C HIS A 74 -14.75 4.88 -4.44
N PHE A 75 -14.73 3.83 -5.26
CA PHE A 75 -14.84 2.46 -4.78
C PHE A 75 -13.60 1.65 -5.17
N ILE A 76 -13.06 0.93 -4.20
CA ILE A 76 -11.87 0.11 -4.43
C ILE A 76 -12.23 -1.38 -4.45
N THR A 77 -11.96 -2.04 -5.57
CA THR A 77 -12.24 -3.46 -5.70
C THR A 77 -10.96 -4.26 -5.96
N LEU A 78 -9.89 -3.55 -6.30
CA LEU A 78 -8.61 -4.20 -6.56
C LEU A 78 -7.47 -3.45 -5.88
N VAL A 79 -6.42 -4.18 -5.50
CA VAL A 79 -5.28 -3.59 -4.84
C VAL A 79 -3.97 -4.16 -5.38
N GLY A 80 -2.98 -3.30 -5.56
CA GLY A 80 -1.69 -3.73 -6.07
C GLY A 80 -0.57 -3.50 -5.09
N THR A 81 0.43 -4.38 -5.12
CA THR A 81 1.58 -4.27 -4.22
C THR A 81 2.82 -4.88 -4.85
N GLN A 82 3.85 -4.05 -5.02
CA GLN A 82 5.11 -4.51 -5.60
C GLN A 82 6.14 -4.79 -4.51
N GLY A 83 6.63 -6.02 -4.47
CA GLY A 83 7.62 -6.40 -3.48
C GLY A 83 9.03 -5.98 -3.87
N ARG A 84 9.81 -5.54 -2.89
CA ARG A 84 11.17 -5.10 -3.15
C ARG A 84 12.14 -6.29 -3.15
N HIS A 85 12.97 -6.37 -4.18
CA HIS A 85 13.93 -7.46 -4.31
C HIS A 85 15.36 -6.95 -4.08
N ALA A 86 16.11 -7.66 -3.23
CA ALA A 86 17.49 -7.28 -2.94
C ALA A 86 18.34 -7.30 -4.20
N GLY A 87 17.93 -8.10 -5.18
CA GLY A 87 18.67 -8.20 -6.42
C GLY A 87 19.44 -9.50 -6.53
N GLY A 88 18.95 -10.54 -5.85
CA GLY A 88 19.61 -11.83 -5.90
C GLY A 88 19.26 -12.69 -4.70
N HIS A 89 18.85 -12.05 -3.61
CA HIS A 89 18.48 -12.77 -2.39
C HIS A 89 17.00 -12.58 -2.07
N GLY A 90 16.65 -11.36 -1.66
CA GLY A 90 15.27 -11.07 -1.32
C GLY A 90 14.94 -11.40 0.12
N ILE A 91 15.17 -10.45 1.01
CA ILE A 91 14.92 -10.65 2.43
C ILE A 91 14.23 -9.42 3.04
N GLU A 92 13.86 -8.47 2.18
CA GLU A 92 13.20 -7.25 2.63
C GLU A 92 11.84 -7.09 1.96
N PHE A 93 10.78 -7.18 2.76
CA PHE A 93 9.42 -7.04 2.24
C PHE A 93 8.40 -7.02 3.37
N ALA A 94 7.13 -7.11 3.02
CA ALA A 94 6.05 -7.10 4.01
C ALA A 94 5.23 -8.38 3.93
N PRO A 95 5.32 -9.20 4.98
CA PRO A 95 4.59 -10.48 5.05
C PRO A 95 3.09 -10.27 5.23
N MET A 96 2.72 -9.22 5.96
CA MET A 96 1.31 -8.91 6.21
C MET A 96 1.10 -7.39 6.26
N TYR A 97 -0.14 -6.98 6.01
CA TYR A 97 -0.48 -5.56 6.03
C TYR A 97 -1.99 -5.36 6.02
N LYS A 98 -2.47 -4.47 6.88
CA LYS A 98 -3.89 -4.20 6.97
C LYS A 98 -4.29 -3.07 6.02
N ILE A 99 -5.52 -3.14 5.51
CA ILE A 99 -6.02 -2.12 4.58
C ILE A 99 -7.21 -1.38 5.19
N ASN A 100 -6.93 -0.26 5.84
CA ASN A 100 -7.98 0.55 6.45
C ASN A 100 -8.55 1.54 5.45
N TYR A 101 -9.70 2.11 5.79
CA TYR A 101 -10.37 3.08 4.92
C TYR A 101 -11.14 4.11 5.74
N SER A 102 -11.59 5.16 5.07
CA SER A 102 -12.34 6.22 5.73
C SER A 102 -12.84 7.25 4.71
N ARG A 103 -13.95 7.90 5.04
CA ARG A 103 -14.54 8.90 4.16
C ARG A 103 -14.38 10.30 4.75
N ASP A 104 -14.92 10.50 5.95
CA ASP A 104 -14.83 11.79 6.63
C ASP A 104 -13.39 12.21 6.82
N GLY A 105 -12.52 11.23 7.08
CA GLY A 105 -11.11 11.52 7.28
C GLY A 105 -10.69 11.34 8.73
N THR A 106 -11.63 11.52 9.65
CA THR A 106 -11.35 11.38 11.07
C THR A 106 -11.38 9.91 11.50
N ARG A 107 -12.56 9.32 11.45
CA ARG A 107 -12.72 7.92 11.83
C ARG A 107 -12.05 7.00 10.82
N TRP A 108 -11.48 5.90 11.30
CA TRP A 108 -10.80 4.94 10.44
C TRP A 108 -11.32 3.53 10.69
N ILE A 109 -11.73 2.86 9.61
CA ILE A 109 -12.25 1.50 9.72
C ILE A 109 -11.28 0.49 9.10
N SER A 110 -11.24 -0.70 9.68
CA SER A 110 -10.35 -1.75 9.19
C SER A 110 -11.10 -2.72 8.30
N TRP A 111 -10.66 -2.82 7.04
CA TRP A 111 -11.29 -3.72 6.08
C TRP A 111 -11.42 -5.13 6.64
N ARG A 112 -12.63 -5.67 6.62
CA ARG A 112 -12.88 -7.01 7.13
C ARG A 112 -13.13 -7.99 5.99
N ASN A 113 -12.56 -9.19 6.10
CA ASN A 113 -12.72 -10.21 5.07
C ASN A 113 -13.78 -11.22 5.49
N ARG A 114 -14.13 -12.12 4.56
CA ARG A 114 -15.13 -13.15 4.83
C ARG A 114 -14.60 -14.17 5.84
N HIS A 115 -13.30 -14.18 6.03
CA HIS A 115 -12.66 -15.11 6.96
C HIS A 115 -12.79 -14.61 8.40
N GLY A 116 -12.88 -13.29 8.54
CA GLY A 116 -13.01 -12.70 9.86
C GLY A 116 -11.74 -12.00 10.31
N LYS A 117 -10.84 -11.72 9.37
CA LYS A 117 -9.59 -11.06 9.67
C LYS A 117 -9.56 -9.65 9.07
N GLN A 118 -8.73 -8.79 9.64
CA GLN A 118 -8.60 -7.42 9.16
C GLN A 118 -7.29 -7.23 8.39
N VAL A 119 -6.29 -8.02 8.73
CA VAL A 119 -4.99 -7.94 8.07
C VAL A 119 -4.98 -8.71 6.76
N LEU A 120 -4.39 -8.12 5.74
CA LEU A 120 -4.32 -8.76 4.43
C LEU A 120 -2.96 -9.41 4.21
N ASP A 121 -2.94 -10.49 3.44
CA ASP A 121 -1.70 -11.21 3.16
C ASP A 121 -0.76 -10.35 2.33
N GLY A 122 0.49 -10.26 2.77
CA GLY A 122 1.48 -9.46 2.05
C GLY A 122 1.76 -10.01 0.66
N ASN A 123 2.90 -9.62 0.10
CA ASN A 123 3.28 -10.07 -1.24
C ASN A 123 3.59 -11.56 -1.23
N SER A 124 3.46 -12.18 -2.40
CA SER A 124 3.73 -13.62 -2.54
C SER A 124 4.89 -13.86 -3.50
N ASN A 125 5.05 -12.97 -4.47
CA ASN A 125 6.12 -13.09 -5.46
C ASN A 125 7.37 -12.36 -4.99
N PRO A 126 8.52 -12.72 -5.58
CA PRO A 126 9.82 -12.11 -5.24
C PRO A 126 9.91 -10.67 -5.72
N TYR A 127 9.57 -10.44 -6.98
CA TYR A 127 9.62 -9.10 -7.55
C TYR A 127 8.31 -8.78 -8.29
N ASP A 128 7.78 -9.77 -8.99
CA ASP A 128 6.53 -9.58 -9.74
C ASP A 128 5.45 -8.99 -8.85
N ILE A 129 4.84 -7.90 -9.31
CA ILE A 129 3.79 -7.23 -8.56
C ILE A 129 2.70 -8.22 -8.15
N PHE A 130 2.03 -7.92 -7.04
CA PHE A 130 0.97 -8.78 -6.53
C PHE A 130 -0.35 -8.02 -6.46
N LEU A 131 -1.39 -8.59 -7.05
CA LEU A 131 -2.71 -7.97 -7.04
C LEU A 131 -3.70 -8.77 -6.19
N LYS A 132 -4.68 -8.08 -5.62
CA LYS A 132 -5.67 -8.73 -4.79
C LYS A 132 -7.05 -8.13 -5.02
N ASP A 133 -8.07 -8.98 -5.14
CA ASP A 133 -9.43 -8.52 -5.37
C ASP A 133 -10.16 -8.31 -4.04
N LEU A 134 -10.28 -7.06 -3.63
CA LEU A 134 -10.95 -6.72 -2.38
C LEU A 134 -12.43 -7.11 -2.43
N GLU A 135 -12.84 -7.96 -1.50
CA GLU A 135 -14.23 -8.41 -1.45
C GLU A 135 -14.66 -8.64 -0.01
N PRO A 136 -15.62 -7.84 0.47
CA PRO A 136 -16.23 -6.77 -0.34
C PRO A 136 -15.26 -5.64 -0.62
N PRO A 137 -15.64 -4.74 -1.55
CA PRO A 137 -14.82 -3.58 -1.92
C PRO A 137 -14.74 -2.55 -0.81
N ILE A 138 -14.21 -1.37 -1.14
CA ILE A 138 -14.07 -0.29 -0.17
C ILE A 138 -14.57 1.03 -0.75
N VAL A 139 -15.64 1.56 -0.17
CA VAL A 139 -16.20 2.82 -0.62
C VAL A 139 -15.78 3.97 0.28
N ALA A 140 -14.92 4.85 -0.24
CA ALA A 140 -14.44 6.00 0.52
C ALA A 140 -13.49 6.84 -0.32
N ARG A 141 -12.92 7.87 0.31
CA ARG A 141 -11.99 8.76 -0.37
C ARG A 141 -10.61 8.71 0.27
N PHE A 142 -10.54 8.16 1.48
CA PHE A 142 -9.29 8.05 2.20
C PHE A 142 -8.98 6.60 2.55
N VAL A 143 -7.76 6.16 2.25
CA VAL A 143 -7.35 4.80 2.52
C VAL A 143 -6.06 4.77 3.34
N ARG A 144 -5.93 3.77 4.21
CA ARG A 144 -4.75 3.63 5.05
C ARG A 144 -4.17 2.22 4.95
N PHE A 145 -2.86 2.12 5.08
CA PHE A 145 -2.19 0.82 5.01
C PHE A 145 -1.23 0.64 6.18
N ILE A 146 -1.48 -0.41 6.98
CA ILE A 146 -0.64 -0.70 8.14
C ILE A 146 0.19 -1.96 7.92
N PRO A 147 1.50 -1.79 7.75
CA PRO A 147 2.42 -2.90 7.53
C PRO A 147 2.60 -3.77 8.78
N VAL A 148 2.06 -4.98 8.74
CA VAL A 148 2.16 -5.90 9.86
C VAL A 148 3.29 -6.90 9.65
N THR A 149 3.88 -7.36 10.75
CA THR A 149 4.97 -8.32 10.70
C THR A 149 4.93 -9.27 11.87
N ASP A 150 5.40 -10.51 11.66
CA ASP A 150 5.41 -11.52 12.72
C ASP A 150 6.74 -11.50 13.46
N HIS A 151 7.52 -10.43 13.27
CA HIS A 151 8.81 -10.30 13.93
C HIS A 151 9.48 -8.98 13.54
N SER A 152 10.70 -8.78 14.01
CA SER A 152 11.45 -7.56 13.71
C SER A 152 12.17 -7.68 12.37
N MET A 153 11.88 -6.76 11.47
CA MET A 153 12.50 -6.76 10.15
C MET A 153 12.12 -5.50 9.37
N ASN A 154 12.97 -5.11 8.43
CA ASN A 154 12.72 -3.92 7.62
C ASN A 154 11.89 -4.27 6.39
N VAL A 155 10.70 -3.68 6.30
CA VAL A 155 9.81 -3.93 5.18
C VAL A 155 10.14 -3.02 4.00
N CYS A 156 9.97 -3.54 2.79
CA CYS A 156 10.26 -2.78 1.58
C CYS A 156 9.37 -3.24 0.42
N MET A 157 8.46 -2.37 0.00
CA MET A 157 7.55 -2.68 -1.09
C MET A 157 6.61 -1.52 -1.38
N ARG A 158 6.16 -1.42 -2.63
CA ARG A 158 5.26 -0.35 -3.03
C ARG A 158 3.80 -0.80 -2.95
N VAL A 159 2.90 0.14 -2.71
CA VAL A 159 1.48 -0.16 -2.62
C VAL A 159 0.66 0.81 -3.43
N GLU A 160 -0.48 0.34 -3.96
CA GLU A 160 -1.35 1.18 -4.77
C GLU A 160 -2.78 0.63 -4.75
N LEU A 161 -3.74 1.53 -4.85
CA LEU A 161 -5.15 1.15 -4.84
C LEU A 161 -5.69 1.03 -6.27
N TYR A 162 -6.74 0.24 -6.44
CA TYR A 162 -7.34 0.03 -7.75
C TYR A 162 -8.85 -0.22 -7.62
N GLY A 163 -9.58 -0.01 -8.71
CA GLY A 163 -11.01 -0.22 -8.70
C GLY A 163 -11.76 0.85 -9.48
N CYS A 164 -12.94 1.20 -9.00
CA CYS A 164 -13.77 2.21 -9.67
C CYS A 164 -13.52 3.59 -9.07
N VAL A 165 -13.39 4.59 -9.93
CA VAL A 165 -13.16 5.95 -9.48
C VAL A 165 -14.47 6.68 -9.23
N ASN A 5 -9.62 -3.98 -23.67
CA ASN A 5 -9.10 -4.68 -22.50
C ASN A 5 -10.20 -4.99 -21.51
N PRO A 6 -9.95 -5.96 -20.61
CA PRO A 6 -10.91 -6.37 -19.59
C PRO A 6 -11.12 -5.29 -18.52
N ALA A 7 -10.10 -4.47 -18.32
CA ALA A 7 -10.17 -3.40 -17.33
C ALA A 7 -10.92 -2.18 -17.88
N ILE A 8 -12.05 -1.88 -17.26
CA ILE A 8 -12.86 -0.74 -17.69
C ILE A 8 -13.11 0.22 -16.53
N CYS A 9 -13.25 -0.33 -15.33
CA CYS A 9 -13.50 0.47 -14.14
C CYS A 9 -12.71 -0.05 -12.96
N ARG A 10 -11.56 -0.67 -13.24
CA ARG A 10 -10.71 -1.21 -12.19
C ARG A 10 -9.37 -0.50 -12.15
N TYR A 11 -9.20 0.48 -13.02
CA TYR A 11 -7.96 1.25 -13.08
C TYR A 11 -7.60 1.81 -11.71
N PRO A 12 -6.31 2.16 -11.53
CA PRO A 12 -5.81 2.72 -10.28
C PRO A 12 -6.33 4.13 -10.01
N LEU A 13 -5.89 4.72 -8.91
CA LEU A 13 -6.32 6.06 -8.54
C LEU A 13 -5.99 7.06 -9.65
N GLY A 14 -4.74 7.04 -10.11
CA GLY A 14 -4.33 7.94 -11.17
C GLY A 14 -2.83 8.22 -11.14
N MET A 15 -2.22 7.96 -9.99
CA MET A 15 -0.78 8.19 -9.84
C MET A 15 0.02 7.34 -10.83
N SER A 16 -0.37 6.08 -10.95
CA SER A 16 0.31 5.15 -11.86
C SER A 16 0.39 5.74 -13.26
N GLY A 17 -0.59 6.57 -13.61
CA GLY A 17 -0.60 7.19 -14.92
C GLY A 17 -0.03 8.58 -14.91
N GLY A 18 -0.04 9.23 -13.75
CA GLY A 18 0.49 10.57 -13.63
C GLY A 18 -0.59 11.63 -13.62
N GLN A 19 -1.79 11.23 -13.20
CA GLN A 19 -2.92 12.15 -13.14
C GLN A 19 -3.13 12.66 -11.71
N ILE A 20 -2.69 11.87 -10.74
CA ILE A 20 -2.83 12.26 -9.33
C ILE A 20 -1.62 13.07 -8.87
N PRO A 21 -1.88 14.06 -8.00
CA PRO A 21 -0.83 14.93 -7.46
C PRO A 21 0.10 14.18 -6.50
N ASP A 22 0.96 14.93 -5.82
CA ASP A 22 1.89 14.35 -4.86
C ASP A 22 1.51 14.72 -3.44
N GLU A 23 0.58 15.66 -3.30
CA GLU A 23 0.12 16.10 -1.98
C GLU A 23 -1.07 15.28 -1.52
N ASP A 24 -1.34 14.18 -2.23
CA ASP A 24 -2.45 13.30 -1.89
C ASP A 24 -1.95 12.02 -1.23
N ILE A 25 -0.67 11.74 -1.39
CA ILE A 25 -0.07 10.54 -0.80
C ILE A 25 0.83 10.90 0.37
N THR A 26 0.66 10.19 1.48
CA THR A 26 1.46 10.44 2.68
C THR A 26 2.21 9.18 3.10
N ALA A 27 3.49 9.35 3.45
CA ALA A 27 4.32 8.22 3.87
C ALA A 27 4.71 8.35 5.34
N SER A 28 4.24 7.40 6.15
CA SER A 28 4.54 7.41 7.58
C SER A 28 5.65 6.42 7.91
N SER A 29 6.60 6.28 6.99
CA SER A 29 7.72 5.37 7.18
C SER A 29 8.63 5.35 5.95
N GLN A 30 9.49 6.36 5.85
CA GLN A 30 10.41 6.46 4.72
C GLN A 30 11.77 6.98 5.18
N TRP A 31 12.75 6.92 4.29
CA TRP A 31 14.10 7.38 4.60
C TRP A 31 14.39 8.71 3.90
N SER A 32 14.24 8.72 2.58
CA SER A 32 14.49 9.91 1.79
C SER A 32 13.33 10.20 0.83
N GLU A 33 13.55 11.11 -0.09
CA GLU A 33 12.53 11.49 -1.06
C GLU A 33 12.57 10.55 -2.27
N SER A 34 13.41 9.52 -2.19
CA SER A 34 13.54 8.56 -3.28
C SER A 34 12.86 7.25 -2.92
N THR A 35 12.63 7.04 -1.63
CA THR A 35 11.96 5.82 -1.16
C THR A 35 10.64 6.13 -0.49
N ALA A 36 9.99 7.21 -0.94
CA ALA A 36 8.72 7.61 -0.38
C ALA A 36 7.55 7.06 -1.21
N ALA A 37 6.33 7.28 -0.74
CA ALA A 37 5.15 6.81 -1.44
C ALA A 37 4.81 7.71 -2.62
N LYS A 38 4.76 9.01 -2.37
CA LYS A 38 4.44 9.99 -3.41
C LYS A 38 5.55 10.03 -4.45
N TYR A 39 6.78 9.75 -4.03
CA TYR A 39 7.92 9.76 -4.93
C TYR A 39 8.21 8.37 -5.47
N GLY A 40 7.18 7.51 -5.45
CA GLY A 40 7.35 6.15 -5.93
C GLY A 40 6.43 5.84 -7.10
N ARG A 41 6.93 5.05 -8.06
CA ARG A 41 6.15 4.68 -9.22
C ARG A 41 6.05 3.17 -9.36
N LEU A 42 4.85 2.64 -9.16
CA LEU A 42 4.62 1.21 -9.25
C LEU A 42 5.08 0.66 -10.61
N ASP A 43 5.73 -0.49 -10.59
CA ASP A 43 6.22 -1.11 -11.81
C ASP A 43 7.29 -0.25 -12.48
N SER A 44 7.98 0.55 -11.67
CA SER A 44 9.02 1.44 -12.17
C SER A 44 10.02 1.78 -11.08
N GLU A 45 10.98 2.64 -11.41
CA GLU A 45 12.00 3.05 -10.45
C GLU A 45 12.54 4.45 -10.79
N GLU A 46 12.27 5.40 -9.91
CA GLU A 46 12.71 6.77 -10.11
C GLU A 46 13.72 7.18 -9.04
N GLY A 47 13.64 6.53 -7.89
CA GLY A 47 14.54 6.84 -6.79
C GLY A 47 15.31 5.62 -6.32
N ASP A 48 14.59 4.65 -5.77
CA ASP A 48 15.21 3.43 -5.27
C ASP A 48 14.60 2.19 -5.94
N GLY A 49 13.27 2.14 -5.97
CA GLY A 49 12.60 1.01 -6.59
C GLY A 49 11.31 0.66 -5.89
N ALA A 50 11.24 0.95 -4.60
CA ALA A 50 10.05 0.65 -3.80
C ALA A 50 10.03 1.48 -2.52
N TRP A 51 8.90 1.44 -1.82
CA TRP A 51 8.74 2.18 -0.57
C TRP A 51 9.30 1.39 0.61
N CYS A 52 10.29 1.96 1.29
CA CYS A 52 10.91 1.30 2.43
C CYS A 52 11.43 2.32 3.43
N PRO A 53 11.05 2.15 4.71
CA PRO A 53 11.47 3.05 5.79
C PRO A 53 12.96 2.92 6.11
N GLU A 54 13.38 3.53 7.21
CA GLU A 54 14.77 3.49 7.62
C GLU A 54 14.95 2.60 8.86
N ILE A 55 13.83 2.24 9.48
CA ILE A 55 13.86 1.40 10.67
C ILE A 55 12.93 0.21 10.53
N PRO A 56 13.24 -0.88 11.23
CA PRO A 56 12.43 -2.10 11.21
C PRO A 56 11.08 -1.93 11.89
N VAL A 57 10.10 -2.71 11.44
CA VAL A 57 8.76 -2.63 12.03
C VAL A 57 8.51 -3.81 12.96
N GLU A 58 7.66 -3.59 13.96
CA GLU A 58 7.33 -4.63 14.93
C GLU A 58 5.83 -4.63 15.24
N PRO A 59 5.32 -5.81 15.63
CA PRO A 59 3.89 -5.97 15.96
C PRO A 59 3.53 -5.26 17.27
N ASP A 60 4.52 -4.75 17.97
CA ASP A 60 4.31 -4.05 19.23
C ASP A 60 4.38 -2.54 19.02
N ASP A 61 5.56 -2.05 18.66
CA ASP A 61 5.76 -0.62 18.44
C ASP A 61 5.39 -0.24 17.00
N LEU A 62 4.10 -0.24 16.72
CA LEU A 62 3.61 0.10 15.38
C LEU A 62 3.37 1.60 15.26
N LYS A 63 4.44 2.36 15.04
CA LYS A 63 4.34 3.81 14.90
C LYS A 63 4.59 4.23 13.45
N GLU A 64 4.70 3.25 12.56
CA GLU A 64 4.94 3.52 11.14
C GLU A 64 3.84 2.92 10.28
N PHE A 65 3.64 3.51 9.10
CA PHE A 65 2.61 3.04 8.19
C PHE A 65 2.60 3.87 6.91
N LEU A 66 1.62 3.62 6.04
CA LEU A 66 1.49 4.34 4.79
C LEU A 66 0.08 4.92 4.64
N GLN A 67 0.01 6.21 4.30
CA GLN A 67 -1.27 6.87 4.11
C GLN A 67 -1.51 7.19 2.64
N ILE A 68 -2.75 6.99 2.20
CA ILE A 68 -3.11 7.26 0.81
C ILE A 68 -4.45 7.99 0.73
N ASP A 69 -4.39 9.28 0.39
CA ASP A 69 -5.59 10.09 0.27
C ASP A 69 -6.06 10.17 -1.19
N LEU A 70 -7.36 10.09 -1.39
CA LEU A 70 -7.93 10.15 -2.73
C LEU A 70 -8.58 11.52 -2.99
N HIS A 71 -8.83 11.82 -4.26
CA HIS A 71 -9.45 13.07 -4.64
C HIS A 71 -10.88 13.16 -4.13
N THR A 72 -11.68 12.17 -4.49
CA THR A 72 -13.08 12.13 -4.06
C THR A 72 -13.52 10.71 -3.75
N LEU A 73 -14.75 10.56 -3.26
CA LEU A 73 -15.29 9.25 -2.92
C LEU A 73 -15.11 8.27 -4.08
N HIS A 74 -14.30 7.24 -3.85
CA HIS A 74 -14.06 6.23 -4.88
C HIS A 74 -14.28 4.83 -4.33
N PHE A 75 -14.30 3.84 -5.21
CA PHE A 75 -14.52 2.45 -4.81
C PHE A 75 -13.32 1.58 -5.21
N ILE A 76 -12.69 0.97 -4.21
CA ILE A 76 -11.54 0.12 -4.44
C ILE A 76 -11.94 -1.35 -4.46
N THR A 77 -12.03 -1.93 -5.64
CA THR A 77 -12.40 -3.33 -5.80
C THR A 77 -11.18 -4.22 -5.91
N LEU A 78 -10.02 -3.59 -6.13
CA LEU A 78 -8.78 -4.33 -6.27
C LEU A 78 -7.61 -3.55 -5.66
N VAL A 79 -6.60 -4.27 -5.18
CA VAL A 79 -5.44 -3.65 -4.57
C VAL A 79 -4.15 -4.31 -5.05
N GLY A 80 -3.11 -3.49 -5.26
CA GLY A 80 -1.84 -4.02 -5.72
C GLY A 80 -0.75 -3.85 -4.69
N THR A 81 0.37 -4.57 -4.88
CA THR A 81 1.49 -4.50 -3.96
C THR A 81 2.76 -5.06 -4.60
N GLN A 82 3.76 -4.20 -4.76
CA GLN A 82 5.03 -4.61 -5.36
C GLN A 82 6.11 -4.73 -4.29
N GLY A 83 6.77 -5.88 -4.26
CA GLY A 83 7.82 -6.11 -3.29
C GLY A 83 9.19 -5.71 -3.82
N ARG A 84 10.16 -5.61 -2.91
CA ARG A 84 11.52 -5.22 -3.29
C ARG A 84 12.47 -6.42 -3.21
N HIS A 85 13.17 -6.68 -4.31
CA HIS A 85 14.11 -7.80 -4.36
C HIS A 85 15.29 -7.47 -5.27
N ALA A 86 16.44 -7.20 -4.67
CA ALA A 86 17.65 -6.87 -5.42
C ALA A 86 18.38 -8.14 -5.86
N GLY A 87 18.18 -9.22 -5.11
CA GLY A 87 18.83 -10.48 -5.43
C GLY A 87 19.86 -10.88 -4.40
N GLY A 88 19.57 -10.59 -3.13
CA GLY A 88 20.49 -10.93 -2.07
C GLY A 88 20.76 -9.76 -1.14
N HIS A 89 20.48 -8.55 -1.62
CA HIS A 89 20.70 -7.35 -0.82
C HIS A 89 19.40 -6.90 -0.14
N GLY A 90 18.30 -6.97 -0.88
CA GLY A 90 17.02 -6.58 -0.34
C GLY A 90 15.95 -7.63 -0.55
N ILE A 91 16.20 -8.83 -0.05
CA ILE A 91 15.24 -9.93 -0.19
C ILE A 91 14.06 -9.76 0.76
N GLU A 92 14.28 -9.02 1.83
CA GLU A 92 13.23 -8.77 2.81
C GLU A 92 11.96 -8.25 2.14
N PHE A 93 10.85 -8.33 2.86
CA PHE A 93 9.57 -7.87 2.33
C PHE A 93 8.48 -7.94 3.40
N ALA A 94 7.36 -7.26 3.13
CA ALA A 94 6.24 -7.26 4.07
C ALA A 94 5.41 -8.52 3.95
N PRO A 95 5.42 -9.35 5.01
CA PRO A 95 4.67 -10.60 5.04
C PRO A 95 3.16 -10.38 5.11
N MET A 96 2.76 -9.33 5.81
CA MET A 96 1.34 -9.00 5.95
C MET A 96 1.14 -7.49 6.04
N TYR A 97 -0.11 -7.07 5.94
CA TYR A 97 -0.44 -5.64 6.00
C TYR A 97 -1.96 -5.43 6.00
N LYS A 98 -2.42 -4.49 6.82
CA LYS A 98 -3.84 -4.18 6.91
C LYS A 98 -4.21 -3.05 5.97
N ILE A 99 -5.45 -3.07 5.49
CA ILE A 99 -5.94 -2.05 4.58
C ILE A 99 -7.10 -1.27 5.20
N ASN A 100 -6.79 -0.12 5.79
CA ASN A 100 -7.80 0.72 6.42
C ASN A 100 -8.43 1.66 5.40
N TYR A 101 -9.58 2.23 5.75
CA TYR A 101 -10.29 3.15 4.88
C TYR A 101 -11.25 4.03 5.66
N SER A 102 -11.69 5.12 5.06
CA SER A 102 -12.61 6.05 5.70
C SER A 102 -13.01 7.17 4.75
N ARG A 103 -14.23 7.67 4.91
CA ARG A 103 -14.73 8.75 4.07
C ARG A 103 -14.58 10.10 4.75
N ASP A 104 -13.54 10.24 5.57
CA ASP A 104 -13.28 11.47 6.29
C ASP A 104 -11.90 11.44 6.95
N GLY A 105 -11.45 12.60 7.41
CA GLY A 105 -10.15 12.69 8.05
C GLY A 105 -10.24 12.55 9.55
N THR A 106 -11.32 11.94 10.04
CA THR A 106 -11.52 11.75 11.46
C THR A 106 -11.77 10.29 11.79
N ARG A 107 -12.93 9.78 11.39
CA ARG A 107 -13.29 8.39 11.64
C ARG A 107 -12.45 7.45 10.78
N TRP A 108 -12.10 6.31 11.35
CA TRP A 108 -11.29 5.32 10.65
C TRP A 108 -11.93 3.94 10.71
N ILE A 109 -11.97 3.26 9.57
CA ILE A 109 -12.56 1.92 9.50
C ILE A 109 -11.56 0.90 8.97
N SER A 110 -11.57 -0.30 9.53
CA SER A 110 -10.67 -1.36 9.11
C SER A 110 -11.41 -2.39 8.25
N TRP A 111 -10.85 -2.66 7.08
CA TRP A 111 -11.44 -3.63 6.16
C TRP A 111 -11.57 -5.00 6.82
N ARG A 112 -12.59 -5.77 6.41
CA ARG A 112 -12.81 -7.09 6.96
C ARG A 112 -13.28 -8.06 5.88
N ASN A 113 -12.80 -9.29 5.95
CA ASN A 113 -13.17 -10.31 4.98
C ASN A 113 -14.18 -11.29 5.56
N ARG A 114 -14.88 -12.02 4.69
CA ARG A 114 -15.88 -12.99 5.12
C ARG A 114 -15.27 -14.00 6.09
N HIS A 115 -13.96 -14.21 5.98
CA HIS A 115 -13.27 -15.14 6.85
C HIS A 115 -12.96 -14.52 8.20
N GLY A 116 -12.86 -13.19 8.22
CA GLY A 116 -12.56 -12.48 9.45
C GLY A 116 -11.10 -12.07 9.56
N LYS A 117 -10.43 -12.03 8.42
CA LYS A 117 -9.02 -11.65 8.39
C LYS A 117 -8.86 -10.18 8.02
N GLN A 118 -8.87 -9.31 9.03
CA GLN A 118 -8.73 -7.87 8.80
C GLN A 118 -7.40 -7.57 8.12
N VAL A 119 -6.41 -8.43 8.32
CA VAL A 119 -5.10 -8.25 7.73
C VAL A 119 -5.01 -8.95 6.38
N LEU A 120 -4.30 -8.32 5.43
CA LEU A 120 -4.14 -8.89 4.11
C LEU A 120 -2.73 -9.46 3.92
N ASP A 121 -2.63 -10.50 3.11
CA ASP A 121 -1.34 -11.14 2.85
C ASP A 121 -0.46 -10.26 1.97
N GLY A 122 0.82 -10.15 2.34
CA GLY A 122 1.75 -9.34 1.57
C GLY A 122 2.02 -9.90 0.20
N ASN A 123 3.28 -9.85 -0.22
CA ASN A 123 3.68 -10.36 -1.52
C ASN A 123 4.04 -11.84 -1.44
N SER A 124 3.65 -12.60 -2.46
CA SER A 124 3.92 -14.03 -2.50
C SER A 124 5.02 -14.34 -3.52
N ASN A 125 5.15 -13.48 -4.53
CA ASN A 125 6.16 -13.66 -5.57
C ASN A 125 7.44 -12.92 -5.21
N PRO A 126 8.55 -13.33 -5.84
CA PRO A 126 9.87 -12.71 -5.61
C PRO A 126 9.95 -11.29 -6.16
N TYR A 127 9.52 -11.13 -7.42
CA TYR A 127 9.55 -9.82 -8.07
C TYR A 127 8.20 -9.49 -8.68
N ASP A 128 7.55 -10.50 -9.25
CA ASP A 128 6.25 -10.33 -9.88
C ASP A 128 5.28 -9.61 -8.93
N ILE A 129 4.71 -8.51 -9.41
CA ILE A 129 3.77 -7.73 -8.61
C ILE A 129 2.66 -8.63 -8.04
N PHE A 130 2.07 -8.20 -6.93
CA PHE A 130 1.00 -8.95 -6.30
C PHE A 130 -0.31 -8.16 -6.31
N LEU A 131 -1.38 -8.81 -6.76
CA LEU A 131 -2.69 -8.18 -6.82
C LEU A 131 -3.70 -8.94 -5.98
N LYS A 132 -4.63 -8.20 -5.35
CA LYS A 132 -5.66 -8.81 -4.53
C LYS A 132 -7.00 -8.10 -4.72
N ASP A 133 -8.02 -8.85 -5.13
CA ASP A 133 -9.34 -8.29 -5.35
C ASP A 133 -10.11 -8.19 -4.04
N LEU A 134 -10.49 -6.98 -3.67
CA LEU A 134 -11.23 -6.74 -2.44
C LEU A 134 -12.63 -7.33 -2.52
N GLU A 135 -13.04 -8.02 -1.47
CA GLU A 135 -14.37 -8.63 -1.42
C GLU A 135 -14.82 -8.85 0.02
N PRO A 136 -15.73 -7.99 0.49
CA PRO A 136 -16.27 -6.89 -0.32
C PRO A 136 -15.23 -5.81 -0.59
N PRO A 137 -15.55 -4.90 -1.52
CA PRO A 137 -14.65 -3.79 -1.89
C PRO A 137 -14.53 -2.75 -0.78
N ILE A 138 -13.90 -1.63 -1.11
CA ILE A 138 -13.72 -0.55 -0.14
C ILE A 138 -14.19 0.78 -0.71
N VAL A 139 -15.33 1.26 -0.20
CA VAL A 139 -15.89 2.53 -0.65
C VAL A 139 -15.53 3.66 0.30
N ALA A 140 -14.71 4.59 -0.17
CA ALA A 140 -14.29 5.72 0.65
C ALA A 140 -13.42 6.68 -0.14
N ARG A 141 -12.95 7.74 0.51
CA ARG A 141 -12.10 8.73 -0.14
C ARG A 141 -10.70 8.75 0.48
N PHE A 142 -10.59 8.19 1.68
CA PHE A 142 -9.31 8.14 2.39
C PHE A 142 -8.93 6.69 2.72
N VAL A 143 -7.83 6.24 2.14
CA VAL A 143 -7.35 4.88 2.38
C VAL A 143 -6.04 4.87 3.16
N ARG A 144 -5.85 3.84 3.97
CA ARG A 144 -4.63 3.72 4.77
C ARG A 144 -4.08 2.31 4.71
N PHE A 145 -2.76 2.19 4.85
CA PHE A 145 -2.11 0.88 4.81
C PHE A 145 -1.13 0.73 5.98
N ILE A 146 -1.29 -0.34 6.74
CA ILE A 146 -0.42 -0.59 7.88
C ILE A 146 0.35 -1.90 7.70
N PRO A 147 1.69 -1.82 7.80
CA PRO A 147 2.56 -2.98 7.64
C PRO A 147 2.44 -3.95 8.82
N VAL A 148 2.03 -5.18 8.52
CA VAL A 148 1.87 -6.21 9.54
C VAL A 148 3.00 -7.23 9.48
N THR A 149 3.46 -7.67 10.65
CA THR A 149 4.54 -8.65 10.72
C THR A 149 4.40 -9.53 11.96
N ASP A 150 4.91 -10.75 11.87
CA ASP A 150 4.85 -11.69 12.98
C ASP A 150 6.09 -11.55 13.88
N HIS A 151 6.86 -10.50 13.66
CA HIS A 151 8.07 -10.26 14.44
C HIS A 151 8.76 -8.97 14.00
N SER A 152 9.93 -8.72 14.55
CA SER A 152 10.70 -7.52 14.22
C SER A 152 11.59 -7.77 13.01
N MET A 153 11.42 -6.93 11.98
CA MET A 153 12.22 -7.06 10.77
C MET A 153 11.95 -5.90 9.83
N ASN A 154 12.86 -5.68 8.88
CA ASN A 154 12.73 -4.60 7.91
C ASN A 154 11.96 -5.06 6.67
N VAL A 155 11.05 -4.23 6.20
CA VAL A 155 10.25 -4.55 5.03
C VAL A 155 10.35 -3.45 3.97
N CYS A 156 10.57 -3.84 2.73
CA CYS A 156 10.68 -2.89 1.63
C CYS A 156 9.71 -3.23 0.51
N MET A 157 8.68 -2.41 0.35
CA MET A 157 7.68 -2.62 -0.69
C MET A 157 6.66 -1.49 -0.72
N ARG A 158 5.95 -1.37 -1.82
CA ARG A 158 4.94 -0.31 -1.97
C ARG A 158 3.58 -0.91 -2.33
N VAL A 159 2.53 -0.27 -1.87
CA VAL A 159 1.17 -0.73 -2.14
C VAL A 159 0.47 0.18 -3.15
N GLU A 160 -0.52 -0.37 -3.85
CA GLU A 160 -1.27 0.39 -4.84
C GLU A 160 -2.77 0.10 -4.74
N LEU A 161 -3.57 1.04 -5.21
CA LEU A 161 -5.03 0.89 -5.18
C LEU A 161 -5.60 0.73 -6.58
N TYR A 162 -6.70 0.00 -6.68
CA TYR A 162 -7.35 -0.22 -7.97
C TYR A 162 -8.85 -0.37 -7.81
N GLY A 163 -9.59 -0.05 -8.88
CA GLY A 163 -11.03 -0.14 -8.83
C GLY A 163 -11.72 0.98 -9.59
N CYS A 164 -12.89 1.39 -9.12
CA CYS A 164 -13.63 2.46 -9.76
C CYS A 164 -13.26 3.82 -9.18
N VAL A 165 -12.84 4.74 -10.04
CA VAL A 165 -12.47 6.08 -9.61
C VAL A 165 -13.26 7.15 -10.35
N ASN A 5 -9.03 2.27 -23.13
CA ASN A 5 -8.29 1.25 -22.38
C ASN A 5 -9.22 0.13 -21.95
N PRO A 6 -8.63 -1.04 -21.65
CA PRO A 6 -9.40 -2.22 -21.21
C PRO A 6 -9.99 -2.04 -19.81
N ALA A 7 -9.41 -1.14 -19.04
CA ALA A 7 -9.88 -0.87 -17.68
C ALA A 7 -11.23 -0.16 -17.71
N ILE A 8 -12.26 -0.83 -17.20
CA ILE A 8 -13.60 -0.27 -17.16
C ILE A 8 -13.94 0.23 -15.76
N CYS A 9 -13.44 -0.46 -14.75
CA CYS A 9 -13.70 -0.11 -13.36
C CYS A 9 -12.67 -0.74 -12.44
N ARG A 10 -11.49 -1.05 -12.97
CA ARG A 10 -10.43 -1.66 -12.19
C ARG A 10 -9.18 -0.78 -12.19
N TYR A 11 -9.18 0.24 -13.04
CA TYR A 11 -8.04 1.15 -13.14
C TYR A 11 -7.65 1.69 -11.77
N PRO A 12 -6.40 2.12 -11.64
CA PRO A 12 -5.87 2.66 -10.38
C PRO A 12 -6.47 4.03 -10.05
N LEU A 13 -6.03 4.61 -8.94
CA LEU A 13 -6.52 5.91 -8.51
C LEU A 13 -6.17 6.99 -9.52
N GLY A 14 -4.94 6.94 -10.02
CA GLY A 14 -4.50 7.92 -11.00
C GLY A 14 -3.01 8.19 -10.92
N MET A 15 -2.41 7.84 -9.78
CA MET A 15 -0.98 8.06 -9.58
C MET A 15 -0.16 7.23 -10.57
N SER A 16 -0.39 5.92 -10.55
CA SER A 16 0.33 5.01 -11.45
C SER A 16 0.24 5.48 -12.90
N GLY A 17 -0.86 6.15 -13.22
CA GLY A 17 -1.07 6.65 -14.57
C GLY A 17 -0.40 8.00 -14.79
N GLY A 18 -0.28 8.77 -13.73
CA GLY A 18 0.34 10.09 -13.82
C GLY A 18 -0.68 11.20 -13.90
N GLN A 19 -1.80 11.04 -13.21
CA GLN A 19 -2.86 12.03 -13.20
C GLN A 19 -3.07 12.60 -11.80
N ILE A 20 -2.79 11.79 -10.79
CA ILE A 20 -2.94 12.21 -9.41
C ILE A 20 -1.70 12.93 -8.90
N PRO A 21 -1.91 13.96 -8.07
CA PRO A 21 -0.82 14.76 -7.50
C PRO A 21 0.01 13.98 -6.48
N ASP A 22 0.89 14.67 -5.78
CA ASP A 22 1.73 14.04 -4.77
C ASP A 22 1.23 14.36 -3.36
N GLU A 23 0.41 15.40 -3.26
CA GLU A 23 -0.14 15.82 -1.98
C GLU A 23 -1.22 14.86 -1.51
N ASP A 24 -1.66 13.98 -2.41
CA ASP A 24 -2.70 13.01 -2.09
C ASP A 24 -2.11 11.80 -1.37
N ILE A 25 -0.80 11.59 -1.54
CA ILE A 25 -0.12 10.47 -0.91
C ILE A 25 0.67 10.92 0.31
N THR A 26 0.50 10.20 1.42
CA THR A 26 1.20 10.53 2.65
C THR A 26 1.96 9.33 3.19
N ALA A 27 3.27 9.47 3.32
CA ALA A 27 4.11 8.40 3.83
C ALA A 27 4.43 8.59 5.30
N SER A 28 3.77 7.80 6.16
CA SER A 28 3.98 7.90 7.60
C SER A 28 4.99 6.87 8.07
N SER A 29 5.98 6.59 7.22
CA SER A 29 7.02 5.62 7.55
C SER A 29 8.07 5.55 6.43
N GLN A 30 8.70 6.69 6.16
CA GLN A 30 9.73 6.76 5.13
C GLN A 30 11.06 7.23 5.70
N TRP A 31 12.08 7.27 4.86
CA TRP A 31 13.41 7.70 5.29
C TRP A 31 13.76 9.06 4.67
N SER A 32 13.75 9.12 3.35
CA SER A 32 14.07 10.36 2.64
C SER A 32 13.11 10.59 1.49
N GLU A 33 13.43 11.56 0.65
CA GLU A 33 12.58 11.89 -0.51
C GLU A 33 12.83 10.91 -1.66
N SER A 34 13.75 9.97 -1.44
CA SER A 34 14.08 8.99 -2.46
C SER A 34 13.41 7.65 -2.15
N THR A 35 12.90 7.52 -0.93
CA THR A 35 12.24 6.29 -0.51
C THR A 35 10.87 6.58 0.09
N ALA A 36 10.18 7.57 -0.48
CA ALA A 36 8.86 7.95 -0.01
C ALA A 36 7.77 7.30 -0.85
N ALA A 37 6.52 7.44 -0.41
CA ALA A 37 5.38 6.87 -1.13
C ALA A 37 5.12 7.63 -2.43
N LYS A 38 4.97 8.94 -2.32
CA LYS A 38 4.72 9.78 -3.49
C LYS A 38 5.84 9.64 -4.51
N TYR A 39 7.05 9.36 -4.03
CA TYR A 39 8.20 9.19 -4.91
C TYR A 39 8.50 7.72 -5.14
N GLY A 40 7.50 6.88 -4.96
CA GLY A 40 7.67 5.45 -5.15
C GLY A 40 6.55 4.82 -5.95
N ARG A 41 6.52 5.13 -7.25
CA ARG A 41 5.49 4.59 -8.13
C ARG A 41 5.60 3.08 -8.25
N LEU A 42 4.49 2.42 -8.53
CA LEU A 42 4.46 0.97 -8.65
C LEU A 42 5.27 0.51 -9.87
N ASP A 43 6.02 -0.56 -9.71
CA ASP A 43 6.85 -1.09 -10.78
C ASP A 43 7.73 0.00 -11.39
N SER A 44 8.34 0.81 -10.53
CA SER A 44 9.20 1.89 -10.98
C SER A 44 10.11 2.37 -9.85
N GLU A 45 11.21 3.03 -10.22
CA GLU A 45 12.16 3.52 -9.24
C GLU A 45 12.85 4.78 -9.76
N GLU A 46 12.56 5.92 -9.13
CA GLU A 46 13.16 7.18 -9.53
C GLU A 46 14.15 7.67 -8.47
N GLY A 47 13.89 7.32 -7.21
CA GLY A 47 14.76 7.73 -6.13
C GLY A 47 15.79 6.67 -5.79
N ASP A 48 15.47 5.83 -4.81
CA ASP A 48 16.38 4.76 -4.38
C ASP A 48 16.00 3.44 -5.04
N GLY A 49 14.72 3.08 -4.94
CA GLY A 49 14.26 1.84 -5.53
C GLY A 49 12.85 1.48 -5.08
N ALA A 50 12.57 1.69 -3.79
CA ALA A 50 11.25 1.39 -3.25
C ALA A 50 10.99 2.19 -1.97
N TRP A 51 9.79 2.04 -1.42
CA TRP A 51 9.41 2.75 -0.21
C TRP A 51 9.88 2.00 1.04
N CYS A 52 10.72 2.65 1.83
CA CYS A 52 11.24 2.04 3.05
C CYS A 52 11.43 3.09 4.14
N PRO A 53 10.98 2.76 5.37
CA PRO A 53 11.09 3.66 6.52
C PRO A 53 12.53 3.84 6.99
N GLU A 54 12.70 4.57 8.08
CA GLU A 54 14.03 4.80 8.63
C GLU A 54 14.21 4.08 9.97
N ILE A 55 13.14 3.44 10.43
CA ILE A 55 13.17 2.70 11.68
C ILE A 55 12.61 1.30 11.52
N PRO A 56 13.04 0.38 12.40
CA PRO A 56 12.59 -1.02 12.38
C PRO A 56 11.13 -1.17 12.78
N VAL A 57 10.43 -2.09 12.13
CA VAL A 57 9.03 -2.34 12.43
C VAL A 57 8.86 -3.58 13.30
N GLU A 58 7.87 -3.54 14.18
CA GLU A 58 7.59 -4.67 15.07
C GLU A 58 6.09 -4.82 15.32
N PRO A 59 5.66 -6.05 15.62
CA PRO A 59 4.25 -6.36 15.88
C PRO A 59 3.76 -5.76 17.19
N ASP A 60 4.68 -5.21 17.97
CA ASP A 60 4.34 -4.59 19.25
C ASP A 60 4.31 -3.08 19.13
N ASP A 61 5.27 -2.52 18.39
CA ASP A 61 5.35 -1.07 18.20
C ASP A 61 4.86 -0.68 16.81
N LEU A 62 3.54 -0.66 16.64
CA LEU A 62 2.95 -0.30 15.35
C LEU A 62 2.41 1.12 15.37
N LYS A 63 3.27 2.08 15.01
CA LYS A 63 2.89 3.48 14.98
C LYS A 63 3.02 4.05 13.57
N GLU A 64 4.06 3.64 12.86
CA GLU A 64 4.31 4.12 11.51
C GLU A 64 3.51 3.29 10.50
N PHE A 65 3.28 3.87 9.33
CA PHE A 65 2.53 3.19 8.28
C PHE A 65 2.41 4.07 7.04
N LEU A 66 1.68 3.59 6.04
CA LEU A 66 1.50 4.32 4.80
C LEU A 66 0.06 4.83 4.67
N GLN A 67 -0.08 6.11 4.35
CA GLN A 67 -1.40 6.72 4.21
C GLN A 67 -1.65 7.15 2.77
N ILE A 68 -2.83 6.83 2.25
CA ILE A 68 -3.19 7.19 0.88
C ILE A 68 -4.52 7.93 0.83
N ASP A 69 -4.45 9.23 0.59
CA ASP A 69 -5.65 10.06 0.51
C ASP A 69 -6.09 10.25 -0.93
N LEU A 70 -7.39 10.12 -1.17
CA LEU A 70 -7.93 10.29 -2.51
C LEU A 70 -8.63 11.63 -2.66
N HIS A 71 -8.82 12.08 -3.91
CA HIS A 71 -9.48 13.34 -4.18
C HIS A 71 -10.92 13.33 -3.68
N THR A 72 -11.76 12.52 -4.32
CA THR A 72 -13.16 12.42 -3.94
C THR A 72 -13.55 10.97 -3.66
N LEU A 73 -14.78 10.77 -3.22
CA LEU A 73 -15.28 9.42 -2.91
C LEU A 73 -15.00 8.47 -4.06
N HIS A 74 -14.15 7.47 -3.81
CA HIS A 74 -13.80 6.49 -4.83
C HIS A 74 -14.10 5.08 -4.33
N PHE A 75 -13.89 4.10 -5.21
CA PHE A 75 -14.13 2.70 -4.86
C PHE A 75 -12.94 1.83 -5.24
N ILE A 76 -12.51 1.00 -4.30
CA ILE A 76 -11.37 0.10 -4.53
C ILE A 76 -11.81 -1.36 -4.50
N THR A 77 -11.91 -1.96 -5.68
CA THR A 77 -12.30 -3.36 -5.79
C THR A 77 -11.09 -4.28 -5.92
N LEU A 78 -9.92 -3.68 -6.14
CA LEU A 78 -8.69 -4.44 -6.28
C LEU A 78 -7.51 -3.67 -5.69
N VAL A 79 -6.52 -4.41 -5.21
CA VAL A 79 -5.33 -3.80 -4.62
C VAL A 79 -4.06 -4.49 -5.10
N GLY A 80 -3.04 -3.71 -5.40
CA GLY A 80 -1.78 -4.26 -5.87
C GLY A 80 -0.62 -3.95 -4.93
N THR A 81 0.36 -4.84 -4.89
CA THR A 81 1.52 -4.66 -4.04
C THR A 81 2.75 -5.34 -4.62
N GLN A 82 3.83 -4.57 -4.79
CA GLN A 82 5.07 -5.10 -5.34
C GLN A 82 6.16 -5.14 -4.28
N GLY A 83 6.84 -6.28 -4.17
CA GLY A 83 7.90 -6.43 -3.18
C GLY A 83 9.25 -6.01 -3.73
N ARG A 84 10.16 -5.63 -2.84
CA ARG A 84 11.50 -5.20 -3.24
C ARG A 84 12.30 -6.37 -3.80
N HIS A 85 13.36 -6.07 -4.55
CA HIS A 85 14.20 -7.10 -5.14
C HIS A 85 15.43 -6.48 -5.80
N ALA A 86 16.57 -6.61 -5.14
CA ALA A 86 17.83 -6.07 -5.65
C ALA A 86 18.83 -7.17 -5.95
N GLY A 87 18.68 -8.30 -5.26
CA GLY A 87 19.58 -9.42 -5.47
C GLY A 87 20.47 -9.68 -4.27
N GLY A 88 20.00 -9.27 -3.09
CA GLY A 88 20.78 -9.47 -1.88
C GLY A 88 20.87 -8.21 -1.04
N HIS A 89 20.58 -7.06 -1.66
CA HIS A 89 20.63 -5.79 -0.95
C HIS A 89 19.39 -5.59 -0.10
N GLY A 90 18.24 -5.44 -0.75
CA GLY A 90 16.99 -5.25 -0.04
C GLY A 90 16.06 -6.44 -0.17
N ILE A 91 16.45 -7.56 0.43
CA ILE A 91 15.64 -8.77 0.38
C ILE A 91 14.44 -8.67 1.32
N GLU A 92 14.39 -7.59 2.08
CA GLU A 92 13.29 -7.36 3.02
C GLU A 92 11.98 -7.14 2.28
N PHE A 93 10.87 -7.24 3.01
CA PHE A 93 9.55 -7.05 2.42
C PHE A 93 8.46 -7.08 3.49
N ALA A 94 7.21 -7.01 3.06
CA ALA A 94 6.08 -7.03 3.98
C ALA A 94 5.25 -8.30 3.81
N PRO A 95 5.31 -9.19 4.80
CA PRO A 95 4.57 -10.46 4.77
C PRO A 95 3.08 -10.26 4.92
N MET A 96 2.70 -9.19 5.61
CA MET A 96 1.28 -8.87 5.83
C MET A 96 1.07 -7.38 5.95
N TYR A 97 -0.18 -6.96 5.92
CA TYR A 97 -0.52 -5.54 6.02
C TYR A 97 -2.04 -5.35 6.10
N LYS A 98 -2.46 -4.42 6.95
CA LYS A 98 -3.89 -4.12 7.12
C LYS A 98 -4.32 -2.99 6.19
N ILE A 99 -5.55 -3.09 5.69
CA ILE A 99 -6.09 -2.07 4.80
C ILE A 99 -7.21 -1.28 5.47
N ASN A 100 -6.93 -0.05 5.84
CA ASN A 100 -7.92 0.81 6.49
C ASN A 100 -8.53 1.79 5.50
N TYR A 101 -9.72 2.29 5.82
CA TYR A 101 -10.41 3.24 4.96
C TYR A 101 -11.35 4.13 5.77
N SER A 102 -11.83 5.19 5.14
CA SER A 102 -12.73 6.13 5.80
C SER A 102 -13.19 7.22 4.84
N ARG A 103 -14.23 7.95 5.22
CA ARG A 103 -14.76 9.02 4.39
C ARG A 103 -14.24 10.37 4.86
N ASP A 104 -14.13 10.54 6.17
CA ASP A 104 -13.65 11.79 6.75
C ASP A 104 -12.23 11.62 7.28
N GLY A 105 -11.65 12.71 7.77
CA GLY A 105 -10.31 12.67 8.30
C GLY A 105 -10.28 12.47 9.81
N THR A 106 -11.35 11.89 10.35
CA THR A 106 -11.45 11.65 11.78
C THR A 106 -11.76 10.18 12.07
N ARG A 107 -12.91 9.72 11.61
CA ARG A 107 -13.31 8.33 11.82
C ARG A 107 -12.52 7.40 10.91
N TRP A 108 -12.15 6.23 11.45
CA TRP A 108 -11.38 5.25 10.69
C TRP A 108 -12.05 3.88 10.75
N ILE A 109 -12.00 3.16 9.63
CA ILE A 109 -12.60 1.84 9.56
C ILE A 109 -11.62 0.82 8.96
N SER A 110 -11.41 -0.27 9.68
CA SER A 110 -10.50 -1.32 9.23
C SER A 110 -11.24 -2.36 8.37
N TRP A 111 -10.76 -2.55 7.15
CA TRP A 111 -11.37 -3.50 6.24
C TRP A 111 -11.52 -4.87 6.89
N ARG A 112 -12.66 -5.51 6.66
CA ARG A 112 -12.93 -6.82 7.23
C ARG A 112 -13.35 -7.82 6.15
N ASN A 113 -12.88 -9.05 6.27
CA ASN A 113 -13.21 -10.09 5.30
C ASN A 113 -14.22 -11.07 5.87
N ARG A 114 -14.85 -11.85 5.00
CA ARG A 114 -15.85 -12.82 5.43
C ARG A 114 -15.26 -13.79 6.45
N HIS A 115 -13.94 -13.98 6.39
CA HIS A 115 -13.26 -14.87 7.32
C HIS A 115 -13.03 -14.19 8.66
N GLY A 116 -12.96 -12.87 8.65
CA GLY A 116 -12.75 -12.12 9.88
C GLY A 116 -11.29 -11.76 10.10
N LYS A 117 -10.52 -11.72 9.01
CA LYS A 117 -9.10 -11.39 9.08
C LYS A 117 -8.84 -10.01 8.47
N GLN A 118 -8.87 -8.98 9.31
CA GLN A 118 -8.62 -7.62 8.85
C GLN A 118 -7.30 -7.52 8.10
N VAL A 119 -6.28 -8.20 8.63
CA VAL A 119 -4.96 -8.18 8.01
C VAL A 119 -4.98 -8.89 6.66
N LEU A 120 -4.26 -8.33 5.69
CA LEU A 120 -4.20 -8.91 4.35
C LEU A 120 -2.80 -9.47 4.07
N ASP A 121 -2.76 -10.54 3.27
CA ASP A 121 -1.48 -11.17 2.93
C ASP A 121 -0.62 -10.22 2.08
N GLY A 122 0.67 -10.21 2.36
CA GLY A 122 1.58 -9.35 1.62
C GLY A 122 2.08 -9.99 0.34
N ASN A 123 3.31 -9.67 -0.04
CA ASN A 123 3.90 -10.22 -1.25
C ASN A 123 4.79 -11.43 -0.93
N SER A 124 4.69 -12.47 -1.75
CA SER A 124 5.47 -13.68 -1.55
C SER A 124 6.43 -13.89 -2.71
N ASN A 125 6.09 -13.35 -3.87
CA ASN A 125 6.91 -13.49 -5.06
C ASN A 125 8.18 -12.64 -4.94
N PRO A 126 9.21 -13.01 -5.73
CA PRO A 126 10.49 -12.29 -5.73
C PRO A 126 10.38 -10.91 -6.35
N TYR A 127 9.77 -10.83 -7.53
CA TYR A 127 9.60 -9.56 -8.22
C TYR A 127 8.18 -9.42 -8.76
N ASP A 128 7.63 -10.52 -9.26
CA ASP A 128 6.29 -10.53 -9.82
C ASP A 128 5.30 -9.86 -8.85
N ILE A 129 4.71 -8.74 -9.29
CA ILE A 129 3.76 -8.01 -8.47
C ILE A 129 2.64 -8.93 -7.98
N PHE A 130 1.97 -8.50 -6.92
CA PHE A 130 0.87 -9.28 -6.35
C PHE A 130 -0.41 -8.46 -6.31
N LEU A 131 -1.47 -9.01 -6.89
CA LEU A 131 -2.77 -8.34 -6.93
C LEU A 131 -3.80 -9.10 -6.12
N LYS A 132 -4.67 -8.36 -5.43
CA LYS A 132 -5.72 -8.98 -4.62
C LYS A 132 -7.05 -8.24 -4.80
N ASP A 133 -8.09 -8.99 -5.15
CA ASP A 133 -9.40 -8.42 -5.37
C ASP A 133 -10.15 -8.28 -4.04
N LEU A 134 -10.48 -7.05 -3.67
CA LEU A 134 -11.19 -6.78 -2.42
C LEU A 134 -12.59 -7.39 -2.45
N GLU A 135 -12.96 -8.07 -1.38
CA GLU A 135 -14.28 -8.68 -1.29
C GLU A 135 -14.70 -8.86 0.17
N PRO A 136 -15.60 -7.99 0.62
CA PRO A 136 -16.18 -6.92 -0.21
C PRO A 136 -15.15 -5.84 -0.53
N PRO A 137 -15.50 -4.97 -1.49
CA PRO A 137 -14.62 -3.86 -1.92
C PRO A 137 -14.48 -2.80 -0.85
N ILE A 138 -13.87 -1.66 -1.22
CA ILE A 138 -13.67 -0.56 -0.29
C ILE A 138 -14.18 0.75 -0.89
N VAL A 139 -15.31 1.22 -0.38
CA VAL A 139 -15.90 2.48 -0.87
C VAL A 139 -15.61 3.61 0.10
N ALA A 140 -14.76 4.55 -0.34
CA ALA A 140 -14.41 5.69 0.49
C ALA A 140 -13.49 6.65 -0.27
N ARG A 141 -13.02 7.69 0.42
CA ARG A 141 -12.13 8.68 -0.19
C ARG A 141 -10.77 8.67 0.49
N PHE A 142 -10.72 8.14 1.70
CA PHE A 142 -9.48 8.06 2.46
C PHE A 142 -9.08 6.62 2.73
N VAL A 143 -7.92 6.22 2.23
CA VAL A 143 -7.42 4.87 2.41
C VAL A 143 -6.10 4.87 3.17
N ARG A 144 -5.83 3.77 3.88
CA ARG A 144 -4.60 3.64 4.64
C ARG A 144 -4.07 2.21 4.61
N PHE A 145 -2.76 2.06 4.65
CA PHE A 145 -2.13 0.75 4.62
C PHE A 145 -1.07 0.62 5.70
N ILE A 146 -1.33 -0.26 6.68
CA ILE A 146 -0.40 -0.48 7.78
C ILE A 146 0.33 -1.80 7.62
N PRO A 147 1.66 -1.77 7.80
CA PRO A 147 2.50 -2.97 7.68
C PRO A 147 2.28 -3.95 8.83
N VAL A 148 2.16 -5.23 8.49
CA VAL A 148 1.94 -6.27 9.50
C VAL A 148 2.99 -7.37 9.39
N THR A 149 3.57 -7.73 10.53
CA THR A 149 4.60 -8.76 10.57
C THR A 149 4.45 -9.63 11.82
N ASP A 150 4.95 -10.86 11.74
CA ASP A 150 4.89 -11.79 12.86
C ASP A 150 6.09 -11.61 13.78
N HIS A 151 6.92 -10.62 13.48
CA HIS A 151 8.11 -10.36 14.29
C HIS A 151 8.73 -9.02 13.90
N SER A 152 9.75 -8.61 14.64
CA SER A 152 10.43 -7.34 14.39
C SER A 152 11.32 -7.45 13.14
N MET A 153 10.98 -6.67 12.12
CA MET A 153 11.74 -6.68 10.88
C MET A 153 11.37 -5.48 10.00
N ASN A 154 12.33 -5.01 9.21
CA ASN A 154 12.10 -3.87 8.33
C ASN A 154 11.40 -4.31 7.05
N VAL A 155 10.25 -3.69 6.77
CA VAL A 155 9.48 -4.01 5.58
C VAL A 155 9.82 -3.07 4.43
N CYS A 156 9.75 -3.58 3.21
CA CYS A 156 10.04 -2.78 2.03
C CYS A 156 9.25 -3.28 0.82
N MET A 157 8.39 -2.40 0.29
CA MET A 157 7.57 -2.75 -0.87
C MET A 157 6.69 -1.57 -1.29
N ARG A 158 6.17 -1.63 -2.50
CA ARG A 158 5.31 -0.58 -3.02
C ARG A 158 3.85 -1.00 -3.01
N VAL A 159 2.98 -0.09 -2.58
CA VAL A 159 1.56 -0.36 -2.52
C VAL A 159 0.78 0.49 -3.52
N GLU A 160 -0.29 -0.08 -4.06
CA GLU A 160 -1.12 0.63 -5.04
C GLU A 160 -2.58 0.20 -4.93
N LEU A 161 -3.48 1.09 -5.32
CA LEU A 161 -4.92 0.81 -5.27
C LEU A 161 -5.49 0.64 -6.67
N TYR A 162 -6.54 -0.16 -6.78
CA TYR A 162 -7.19 -0.40 -8.07
C TYR A 162 -8.70 -0.51 -7.91
N GLY A 163 -9.42 -0.19 -8.98
CA GLY A 163 -10.87 -0.26 -8.95
C GLY A 163 -11.53 0.85 -9.72
N CYS A 164 -12.44 1.57 -9.07
CA CYS A 164 -13.15 2.68 -9.72
C CYS A 164 -12.81 4.00 -9.03
N VAL A 165 -12.83 5.09 -9.81
CA VAL A 165 -12.54 6.40 -9.28
C VAL A 165 -13.80 7.24 -9.14
N ASN A 5 -7.35 -4.48 -23.17
CA ASN A 5 -7.21 -5.27 -21.95
C ASN A 5 -8.56 -5.49 -21.29
N PRO A 6 -8.64 -6.51 -20.42
CA PRO A 6 -9.87 -6.86 -19.70
C PRO A 6 -10.24 -5.81 -18.66
N ALA A 7 -9.25 -5.05 -18.21
CA ALA A 7 -9.47 -4.01 -17.21
C ALA A 7 -10.32 -2.88 -17.77
N ILE A 8 -11.54 -2.76 -17.28
CA ILE A 8 -12.46 -1.71 -17.73
C ILE A 8 -12.93 -0.85 -16.58
N CYS A 9 -13.06 -1.46 -15.40
CA CYS A 9 -13.50 -0.74 -14.21
C CYS A 9 -12.60 -1.07 -13.02
N ARG A 10 -11.34 -1.39 -13.30
CA ARG A 10 -10.39 -1.73 -12.24
C ARG A 10 -9.18 -0.80 -12.29
N TYR A 11 -9.24 0.21 -13.16
CA TYR A 11 -8.14 1.16 -13.30
C TYR A 11 -7.77 1.76 -11.96
N PRO A 12 -6.52 2.26 -11.86
CA PRO A 12 -6.00 2.87 -10.63
C PRO A 12 -6.66 4.21 -10.33
N LEU A 13 -6.25 4.83 -9.24
CA LEU A 13 -6.81 6.12 -8.83
C LEU A 13 -6.24 7.25 -9.69
N GLY A 14 -4.93 7.18 -9.96
CA GLY A 14 -4.28 8.20 -10.76
C GLY A 14 -2.79 8.27 -10.52
N MET A 15 -2.36 7.77 -9.36
CA MET A 15 -0.94 7.78 -9.01
C MET A 15 -0.15 6.82 -9.90
N SER A 16 -0.82 5.80 -10.41
CA SER A 16 -0.19 4.81 -11.26
C SER A 16 0.11 5.40 -12.64
N GLY A 17 -0.82 6.21 -13.15
CA GLY A 17 -0.64 6.82 -14.45
C GLY A 17 0.14 8.12 -14.38
N GLY A 18 0.16 8.73 -13.19
CA GLY A 18 0.88 9.97 -13.02
C GLY A 18 -0.03 11.18 -13.10
N GLN A 19 -1.32 10.97 -12.87
CA GLN A 19 -2.30 12.05 -12.93
C GLN A 19 -2.56 12.62 -11.55
N ILE A 20 -2.37 11.80 -10.52
CA ILE A 20 -2.58 12.22 -9.14
C ILE A 20 -1.34 12.93 -8.58
N PRO A 21 -1.58 13.95 -7.76
CA PRO A 21 -0.49 14.73 -7.13
C PRO A 21 0.26 13.93 -6.09
N ASP A 22 1.14 14.59 -5.34
CA ASP A 22 1.92 13.95 -4.30
C ASP A 22 1.41 14.33 -2.92
N GLU A 23 0.64 15.41 -2.85
CA GLU A 23 0.09 15.88 -1.59
C GLU A 23 -1.03 14.96 -1.11
N ASP A 24 -1.52 14.12 -2.00
CA ASP A 24 -2.59 13.18 -1.66
C ASP A 24 -2.02 11.93 -1.00
N ILE A 25 -0.73 11.71 -1.17
CA ILE A 25 -0.07 10.54 -0.60
C ILE A 25 0.87 10.94 0.53
N THR A 26 0.73 10.28 1.67
CA THR A 26 1.56 10.57 2.84
C THR A 26 2.27 9.31 3.33
N ALA A 27 3.58 9.40 3.51
CA ALA A 27 4.37 8.27 3.97
C ALA A 27 4.77 8.45 5.43
N SER A 28 4.17 7.64 6.31
CA SER A 28 4.46 7.71 7.74
C SER A 28 5.47 6.64 8.14
N SER A 29 6.46 6.43 7.28
CA SER A 29 7.50 5.44 7.55
C SER A 29 8.53 5.42 6.43
N GLN A 30 9.17 6.57 6.20
CA GLN A 30 10.18 6.69 5.16
C GLN A 30 11.51 7.17 5.74
N TRP A 31 12.53 7.24 4.90
CA TRP A 31 13.85 7.68 5.33
C TRP A 31 14.25 8.96 4.60
N SER A 32 14.21 8.93 3.28
CA SER A 32 14.57 10.09 2.47
C SER A 32 13.40 10.52 1.59
N GLU A 33 13.64 11.52 0.75
CA GLU A 33 12.61 12.04 -0.14
C GLU A 33 12.62 11.28 -1.47
N SER A 34 13.36 10.18 -1.52
CA SER A 34 13.47 9.38 -2.73
C SER A 34 12.92 7.98 -2.50
N THR A 35 12.76 7.61 -1.23
CA THR A 35 12.25 6.30 -0.87
C THR A 35 10.90 6.40 -0.16
N ALA A 36 10.17 7.48 -0.46
CA ALA A 36 8.86 7.70 0.15
C ALA A 36 7.75 7.09 -0.69
N ALA A 37 6.52 7.24 -0.22
CA ALA A 37 5.36 6.70 -0.93
C ALA A 37 4.99 7.59 -2.12
N LYS A 38 4.89 8.89 -1.88
CA LYS A 38 4.54 9.84 -2.91
C LYS A 38 5.44 9.67 -4.14
N TYR A 39 6.66 9.22 -3.90
CA TYR A 39 7.63 9.01 -4.97
C TYR A 39 7.71 7.54 -5.36
N GLY A 40 7.40 6.67 -4.41
CA GLY A 40 7.45 5.24 -4.66
C GLY A 40 6.14 4.71 -5.23
N ARG A 41 6.00 4.78 -6.54
CA ARG A 41 4.79 4.31 -7.22
C ARG A 41 4.97 2.88 -7.71
N LEU A 42 3.85 2.18 -7.87
CA LEU A 42 3.88 0.80 -8.33
C LEU A 42 4.49 0.70 -9.72
N ASP A 43 5.31 -0.33 -9.94
CA ASP A 43 5.95 -0.54 -11.23
C ASP A 43 6.69 0.72 -11.67
N SER A 44 7.18 1.48 -10.70
CA SER A 44 7.91 2.71 -10.99
C SER A 44 9.00 2.97 -9.96
N GLU A 45 10.04 3.68 -10.37
CA GLU A 45 11.15 3.98 -9.48
C GLU A 45 11.92 5.22 -9.96
N GLU A 46 11.46 6.39 -9.53
CA GLU A 46 12.09 7.65 -9.92
C GLU A 46 13.01 8.15 -8.81
N GLY A 47 12.72 7.76 -7.58
CA GLY A 47 13.52 8.19 -6.45
C GLY A 47 14.74 7.33 -6.24
N ASP A 48 14.59 6.26 -5.47
CA ASP A 48 15.69 5.34 -5.19
C ASP A 48 15.40 3.96 -5.75
N GLY A 49 14.29 3.36 -5.31
CA GLY A 49 13.92 2.04 -5.78
C GLY A 49 12.56 1.61 -5.26
N ALA A 50 12.38 1.66 -3.94
CA ALA A 50 11.13 1.28 -3.32
C ALA A 50 10.90 2.03 -2.01
N TRP A 51 9.70 1.89 -1.47
CA TRP A 51 9.36 2.57 -0.21
C TRP A 51 9.89 1.79 0.99
N CYS A 52 10.76 2.44 1.76
CA CYS A 52 11.35 1.80 2.94
C CYS A 52 11.64 2.84 4.02
N PRO A 53 11.22 2.54 5.26
CA PRO A 53 11.43 3.43 6.40
C PRO A 53 12.89 3.52 6.81
N GLU A 54 13.14 4.13 7.97
CA GLU A 54 14.50 4.27 8.48
C GLU A 54 14.69 3.50 9.77
N ILE A 55 13.62 2.84 10.22
CA ILE A 55 13.67 2.06 11.46
C ILE A 55 13.03 0.69 11.27
N PRO A 56 13.43 -0.27 12.11
CA PRO A 56 12.92 -1.64 12.05
C PRO A 56 11.47 -1.72 12.50
N VAL A 57 10.71 -2.63 11.88
CA VAL A 57 9.31 -2.81 12.22
C VAL A 57 9.12 -3.97 13.18
N GLU A 58 8.10 -3.88 14.03
CA GLU A 58 7.82 -4.93 15.01
C GLU A 58 6.31 -5.09 15.21
N PRO A 59 5.89 -6.30 15.60
CA PRO A 59 4.48 -6.60 15.84
C PRO A 59 3.93 -5.91 17.08
N ASP A 60 4.83 -5.31 17.86
CA ASP A 60 4.44 -4.60 19.07
C ASP A 60 4.67 -3.09 18.92
N ASP A 61 5.83 -2.73 18.40
CA ASP A 61 6.18 -1.32 18.21
C ASP A 61 5.60 -0.80 16.89
N LEU A 62 4.29 -0.62 16.86
CA LEU A 62 3.61 -0.13 15.66
C LEU A 62 3.26 1.35 15.81
N LYS A 63 4.17 2.21 15.38
CA LYS A 63 3.95 3.66 15.46
C LYS A 63 4.00 4.29 14.08
N GLU A 64 4.47 3.52 13.09
CA GLU A 64 4.56 4.01 11.72
C GLU A 64 3.55 3.30 10.82
N PHE A 65 3.36 3.83 9.62
CA PHE A 65 2.43 3.24 8.66
C PHE A 65 2.41 4.04 7.36
N LEU A 66 1.51 3.67 6.46
CA LEU A 66 1.39 4.36 5.17
C LEU A 66 0.00 4.96 5.02
N GLN A 67 -0.06 6.23 4.61
CA GLN A 67 -1.33 6.92 4.41
C GLN A 67 -1.54 7.27 2.94
N ILE A 68 -2.74 6.97 2.44
CA ILE A 68 -3.07 7.26 1.05
C ILE A 68 -4.42 7.94 0.94
N ASP A 69 -4.41 9.26 0.78
CA ASP A 69 -5.64 10.03 0.65
C ASP A 69 -6.06 10.15 -0.82
N LEU A 70 -7.35 9.96 -1.08
CA LEU A 70 -7.87 10.05 -2.44
C LEU A 70 -8.60 11.37 -2.65
N HIS A 71 -8.97 11.64 -3.90
CA HIS A 71 -9.68 12.86 -4.24
C HIS A 71 -11.11 12.83 -3.71
N THR A 72 -11.97 12.07 -4.38
CA THR A 72 -13.36 11.95 -3.97
C THR A 72 -13.70 10.51 -3.58
N LEU A 73 -14.98 10.25 -3.34
CA LEU A 73 -15.43 8.93 -2.95
C LEU A 73 -15.16 7.91 -4.06
N HIS A 74 -14.02 7.23 -3.96
CA HIS A 74 -13.64 6.24 -4.96
C HIS A 74 -13.89 4.82 -4.44
N PHE A 75 -14.07 3.88 -5.35
CA PHE A 75 -14.31 2.49 -4.97
C PHE A 75 -13.12 1.61 -5.36
N ILE A 76 -12.42 1.08 -4.36
CA ILE A 76 -11.27 0.22 -4.59
C ILE A 76 -11.65 -1.25 -4.50
N THR A 77 -11.78 -1.89 -5.66
CA THR A 77 -12.14 -3.30 -5.70
C THR A 77 -10.92 -4.17 -5.95
N LEU A 78 -9.81 -3.54 -6.31
CA LEU A 78 -8.57 -4.27 -6.59
C LEU A 78 -7.37 -3.52 -5.99
N VAL A 79 -6.40 -4.28 -5.50
CA VAL A 79 -5.21 -3.70 -4.90
C VAL A 79 -3.94 -4.39 -5.42
N GLY A 80 -2.89 -3.61 -5.63
CA GLY A 80 -1.64 -4.17 -6.12
C GLY A 80 -0.48 -3.92 -5.16
N THR A 81 0.48 -4.83 -5.16
CA THR A 81 1.65 -4.71 -4.29
C THR A 81 2.87 -5.34 -4.93
N GLN A 82 4.01 -4.69 -4.78
CA GLN A 82 5.26 -5.20 -5.34
C GLN A 82 6.36 -5.25 -4.26
N GLY A 83 6.96 -6.41 -4.09
CA GLY A 83 8.01 -6.57 -3.11
C GLY A 83 9.36 -6.13 -3.63
N ARG A 84 10.21 -5.62 -2.73
CA ARG A 84 11.54 -5.16 -3.11
C ARG A 84 12.55 -6.28 -2.98
N HIS A 85 13.16 -6.66 -4.11
CA HIS A 85 14.15 -7.73 -4.13
C HIS A 85 15.27 -7.40 -5.11
N ALA A 86 16.28 -6.67 -4.63
CA ALA A 86 17.41 -6.29 -5.47
C ALA A 86 18.38 -7.46 -5.64
N GLY A 87 18.37 -8.37 -4.67
CA GLY A 87 19.26 -9.52 -4.73
C GLY A 87 20.39 -9.43 -3.74
N GLY A 88 20.12 -8.82 -2.58
CA GLY A 88 21.14 -8.68 -1.56
C GLY A 88 21.26 -7.26 -1.05
N HIS A 89 20.72 -6.31 -1.82
CA HIS A 89 20.78 -4.91 -1.44
C HIS A 89 19.56 -4.51 -0.61
N GLY A 90 18.43 -5.15 -0.91
CA GLY A 90 17.20 -4.85 -0.18
C GLY A 90 16.13 -5.89 -0.41
N ILE A 91 16.34 -7.10 0.11
CA ILE A 91 15.38 -8.18 -0.04
C ILE A 91 14.22 -8.03 0.93
N GLU A 92 14.27 -6.97 1.75
CA GLU A 92 13.22 -6.72 2.72
C GLU A 92 11.85 -6.71 2.05
N PHE A 93 10.83 -7.12 2.80
CA PHE A 93 9.47 -7.16 2.28
C PHE A 93 8.45 -7.20 3.42
N ALA A 94 7.17 -7.10 3.06
CA ALA A 94 6.11 -7.12 4.05
C ALA A 94 5.29 -8.41 3.95
N PRO A 95 5.33 -9.22 5.02
CA PRO A 95 4.60 -10.49 5.07
C PRO A 95 3.09 -10.29 5.17
N MET A 96 2.69 -9.19 5.78
CA MET A 96 1.27 -8.87 5.93
C MET A 96 1.04 -7.37 6.00
N TYR A 97 -0.22 -6.96 5.94
CA TYR A 97 -0.56 -5.54 6.00
C TYR A 97 -2.07 -5.35 6.02
N LYS A 98 -2.54 -4.44 6.88
CA LYS A 98 -3.96 -4.16 7.01
C LYS A 98 -4.37 -2.99 6.12
N ILE A 99 -5.59 -3.04 5.61
CA ILE A 99 -6.10 -1.99 4.74
C ILE A 99 -7.31 -1.30 5.37
N ASN A 100 -7.12 -0.04 5.75
CA ASN A 100 -8.20 0.74 6.36
C ASN A 100 -8.71 1.81 5.41
N TYR A 101 -9.93 2.28 5.63
CA TYR A 101 -10.53 3.30 4.80
C TYR A 101 -11.23 4.37 5.64
N SER A 102 -11.36 5.57 5.09
CA SER A 102 -12.00 6.66 5.80
C SER A 102 -12.76 7.57 4.82
N ARG A 103 -13.70 8.34 5.36
CA ARG A 103 -14.50 9.25 4.54
C ARG A 103 -14.53 10.65 5.14
N ASP A 104 -14.63 10.71 6.46
CA ASP A 104 -14.66 11.99 7.17
C ASP A 104 -13.31 12.31 7.77
N GLY A 105 -12.29 11.57 7.37
CA GLY A 105 -10.94 11.78 7.88
C GLY A 105 -10.75 11.18 9.26
N THR A 106 -11.58 11.61 10.21
CA THR A 106 -11.48 11.10 11.58
C THR A 106 -12.09 9.71 11.69
N ARG A 107 -12.93 9.35 10.73
CA ARG A 107 -13.57 8.05 10.73
C ARG A 107 -12.80 7.06 9.85
N TRP A 108 -11.96 6.25 10.48
CA TRP A 108 -11.16 5.26 9.76
C TRP A 108 -11.49 3.86 10.23
N ILE A 109 -12.05 3.04 9.34
CA ILE A 109 -12.40 1.67 9.66
C ILE A 109 -11.40 0.69 9.05
N SER A 110 -11.27 -0.48 9.68
CA SER A 110 -10.35 -1.50 9.21
C SER A 110 -11.09 -2.55 8.37
N TRP A 111 -10.68 -2.71 7.13
CA TRP A 111 -11.29 -3.67 6.22
C TRP A 111 -11.35 -5.05 6.86
N ARG A 112 -12.51 -5.70 6.78
CA ARG A 112 -12.69 -7.02 7.36
C ARG A 112 -13.23 -7.99 6.31
N ASN A 113 -12.70 -9.22 6.32
CA ASN A 113 -13.13 -10.24 5.37
C ASN A 113 -14.28 -11.06 5.94
N ARG A 114 -15.00 -11.76 5.05
CA ARG A 114 -16.13 -12.59 5.46
C ARG A 114 -15.67 -13.71 6.39
N HIS A 115 -14.37 -13.99 6.38
CA HIS A 115 -13.80 -15.03 7.22
C HIS A 115 -13.62 -14.54 8.65
N GLY A 116 -13.48 -13.23 8.80
CA GLY A 116 -13.28 -12.66 10.12
C GLY A 116 -11.88 -12.15 10.34
N LYS A 117 -11.17 -11.90 9.25
CA LYS A 117 -9.79 -11.41 9.32
C LYS A 117 -9.65 -10.08 8.60
N GLN A 118 -8.97 -9.13 9.23
CA GLN A 118 -8.76 -7.82 8.65
C GLN A 118 -7.43 -7.74 7.91
N VAL A 119 -6.37 -8.18 8.59
CA VAL A 119 -5.03 -8.18 7.99
C VAL A 119 -5.03 -8.85 6.62
N LEU A 120 -4.31 -8.28 5.67
CA LEU A 120 -4.22 -8.83 4.33
C LEU A 120 -2.85 -9.44 4.07
N ASP A 121 -2.82 -10.56 3.36
CA ASP A 121 -1.57 -11.23 3.04
C ASP A 121 -0.62 -10.30 2.27
N GLY A 122 0.60 -10.14 2.78
CA GLY A 122 1.56 -9.28 2.14
C GLY A 122 2.14 -9.90 0.87
N ASN A 123 3.46 -9.98 0.81
CA ASN A 123 4.13 -10.54 -0.36
C ASN A 123 5.29 -11.45 0.07
N SER A 124 5.38 -12.62 -0.56
CA SER A 124 6.44 -13.57 -0.24
C SER A 124 7.49 -13.61 -1.36
N ASN A 125 7.81 -12.44 -1.89
CA ASN A 125 8.80 -12.35 -2.95
C ASN A 125 8.47 -13.30 -4.09
N PRO A 126 7.30 -13.08 -4.73
CA PRO A 126 6.85 -13.92 -5.84
C PRO A 126 7.68 -13.72 -7.10
N TYR A 127 7.17 -14.21 -8.23
CA TYR A 127 7.87 -14.08 -9.50
C TYR A 127 7.52 -12.77 -10.19
N ASP A 128 6.38 -12.20 -9.82
CA ASP A 128 5.92 -10.94 -10.40
C ASP A 128 5.02 -10.19 -9.43
N ILE A 129 4.49 -9.05 -9.88
CA ILE A 129 3.61 -8.24 -9.05
C ILE A 129 2.49 -9.09 -8.44
N PHE A 130 2.06 -8.71 -7.25
CA PHE A 130 1.00 -9.43 -6.56
C PHE A 130 -0.23 -8.55 -6.36
N LEU A 131 -1.36 -8.99 -6.89
CA LEU A 131 -2.60 -8.24 -6.78
C LEU A 131 -3.58 -8.93 -5.82
N LYS A 132 -4.67 -8.25 -5.50
CA LYS A 132 -5.68 -8.79 -4.61
C LYS A 132 -7.02 -8.09 -4.80
N ASP A 133 -8.08 -8.88 -4.90
CA ASP A 133 -9.42 -8.33 -5.09
C ASP A 133 -10.12 -8.11 -3.74
N LEU A 134 -10.62 -6.91 -3.53
CA LEU A 134 -11.31 -6.58 -2.29
C LEU A 134 -12.76 -7.02 -2.33
N GLU A 135 -13.11 -7.97 -1.46
CA GLU A 135 -14.47 -8.49 -1.40
C GLU A 135 -14.94 -8.64 0.05
N PRO A 136 -15.81 -7.72 0.49
CA PRO A 136 -16.31 -6.64 -0.35
C PRO A 136 -15.24 -5.60 -0.66
N PRO A 137 -15.53 -4.71 -1.61
CA PRO A 137 -14.60 -3.65 -2.02
C PRO A 137 -14.44 -2.58 -0.95
N ILE A 138 -13.77 -1.49 -1.30
CA ILE A 138 -13.54 -0.39 -0.37
C ILE A 138 -14.05 0.93 -0.95
N VAL A 139 -15.21 1.37 -0.47
CA VAL A 139 -15.80 2.63 -0.94
C VAL A 139 -15.54 3.74 0.05
N ALA A 140 -14.65 4.67 -0.32
CA ALA A 140 -14.32 5.80 0.53
C ALA A 140 -13.43 6.80 -0.21
N ARG A 141 -13.10 7.89 0.47
CA ARG A 141 -12.25 8.93 -0.13
C ARG A 141 -10.84 8.89 0.46
N PHE A 142 -10.70 8.21 1.60
CA PHE A 142 -9.41 8.09 2.26
C PHE A 142 -9.03 6.63 2.47
N VAL A 143 -7.76 6.31 2.28
CA VAL A 143 -7.26 4.95 2.45
C VAL A 143 -5.96 4.93 3.25
N ARG A 144 -5.81 3.90 4.08
CA ARG A 144 -4.62 3.76 4.90
C ARG A 144 -4.09 2.34 4.86
N PHE A 145 -2.77 2.19 4.88
CA PHE A 145 -2.14 0.87 4.84
C PHE A 145 -1.16 0.71 6.00
N ILE A 146 -1.44 -0.28 6.86
CA ILE A 146 -0.58 -0.55 8.01
C ILE A 146 0.20 -1.84 7.83
N PRO A 147 1.54 -1.75 7.94
CA PRO A 147 2.41 -2.91 7.79
C PRO A 147 2.29 -3.89 8.95
N VAL A 148 2.18 -5.18 8.62
CA VAL A 148 2.05 -6.22 9.64
C VAL A 148 3.16 -7.25 9.50
N THR A 149 3.69 -7.70 10.64
CA THR A 149 4.76 -8.69 10.65
C THR A 149 4.64 -9.61 11.85
N ASP A 150 5.12 -10.84 11.70
CA ASP A 150 5.07 -11.82 12.79
C ASP A 150 6.35 -11.79 13.60
N HIS A 151 7.12 -10.72 13.45
CA HIS A 151 8.38 -10.57 14.18
C HIS A 151 9.06 -9.24 13.84
N SER A 152 10.23 -9.01 14.41
CA SER A 152 10.98 -7.78 14.17
C SER A 152 11.76 -7.87 12.86
N MET A 153 11.40 -7.04 11.90
CA MET A 153 12.07 -7.03 10.61
C MET A 153 11.70 -5.78 9.81
N ASN A 154 12.54 -5.43 8.84
CA ASN A 154 12.30 -4.25 8.01
C ASN A 154 11.53 -4.62 6.76
N VAL A 155 10.38 -3.97 6.56
CA VAL A 155 9.55 -4.22 5.40
C VAL A 155 9.90 -3.29 4.24
N CYS A 156 9.72 -3.77 3.02
CA CYS A 156 10.02 -2.98 1.84
C CYS A 156 9.16 -3.43 0.65
N MET A 157 8.30 -2.53 0.18
CA MET A 157 7.42 -2.85 -0.95
C MET A 157 6.56 -1.64 -1.30
N ARG A 158 6.09 -1.61 -2.55
CA ARG A 158 5.25 -0.51 -3.02
C ARG A 158 3.81 -0.98 -3.23
N VAL A 159 2.86 -0.24 -2.68
CA VAL A 159 1.45 -0.57 -2.81
C VAL A 159 0.76 0.32 -3.83
N GLU A 160 -0.40 -0.13 -4.31
CA GLU A 160 -1.16 0.63 -5.30
C GLU A 160 -2.64 0.32 -5.19
N LEU A 161 -3.47 1.33 -5.48
CA LEU A 161 -4.92 1.17 -5.42
C LEU A 161 -5.51 0.97 -6.81
N TYR A 162 -6.51 0.11 -6.92
CA TYR A 162 -7.16 -0.17 -8.19
C TYR A 162 -8.66 -0.36 -8.01
N GLY A 163 -9.41 -0.17 -9.09
CA GLY A 163 -10.86 -0.33 -9.03
C GLY A 163 -11.59 0.66 -9.91
N CYS A 164 -12.50 1.42 -9.31
CA CYS A 164 -13.28 2.41 -10.05
C CYS A 164 -13.51 3.66 -9.20
N VAL A 165 -13.89 4.75 -9.86
CA VAL A 165 -14.14 6.01 -9.16
C VAL A 165 -15.62 6.16 -8.83
N ASN A 5 -6.75 -4.08 -23.41
CA ASN A 5 -7.32 -3.12 -22.46
C ASN A 5 -8.44 -3.75 -21.65
N PRO A 6 -8.06 -4.70 -20.77
CA PRO A 6 -9.02 -5.40 -19.91
C PRO A 6 -9.62 -4.49 -18.84
N ALA A 7 -8.80 -3.56 -18.35
CA ALA A 7 -9.26 -2.63 -17.32
C ALA A 7 -10.20 -1.58 -17.90
N ILE A 8 -11.41 -1.50 -17.35
CA ILE A 8 -12.40 -0.54 -17.82
C ILE A 8 -12.88 0.34 -16.68
N CYS A 9 -12.97 -0.22 -15.48
CA CYS A 9 -13.41 0.52 -14.31
C CYS A 9 -12.63 0.10 -13.07
N ARG A 10 -11.40 -0.36 -13.28
CA ARG A 10 -10.55 -0.79 -12.18
C ARG A 10 -9.28 0.06 -12.10
N TYR A 11 -9.24 1.13 -12.89
CA TYR A 11 -8.08 2.02 -12.91
C TYR A 11 -7.75 2.50 -11.50
N PRO A 12 -6.45 2.72 -11.25
CA PRO A 12 -5.97 3.19 -9.95
C PRO A 12 -6.37 4.63 -9.66
N LEU A 13 -5.86 5.17 -8.56
CA LEU A 13 -6.18 6.54 -8.17
C LEU A 13 -5.94 7.51 -9.33
N GLY A 14 -4.70 7.58 -9.78
CA GLY A 14 -4.36 8.47 -10.89
C GLY A 14 -2.86 8.62 -11.07
N MET A 15 -2.12 8.45 -9.99
CA MET A 15 -0.66 8.58 -10.03
C MET A 15 -0.07 7.64 -11.08
N SER A 16 -0.60 6.43 -11.16
CA SER A 16 -0.12 5.45 -12.11
C SER A 16 -0.10 6.02 -13.52
N GLY A 17 -1.01 6.95 -13.79
CA GLY A 17 -1.07 7.58 -15.10
C GLY A 17 -0.42 8.94 -15.14
N GLY A 18 -0.29 9.57 -13.96
CA GLY A 18 0.32 10.88 -13.88
C GLY A 18 -0.71 11.99 -13.83
N GLN A 19 -1.86 11.71 -13.24
CA GLN A 19 -2.93 12.70 -13.14
C GLN A 19 -3.10 13.17 -11.69
N ILE A 20 -2.57 12.39 -10.75
CA ILE A 20 -2.66 12.72 -9.34
C ILE A 20 -1.35 13.31 -8.83
N PRO A 21 -1.45 14.30 -7.93
CA PRO A 21 -0.29 14.96 -7.34
C PRO A 21 0.49 14.04 -6.40
N ASP A 22 1.45 14.62 -5.68
CA ASP A 22 2.27 13.85 -4.75
C ASP A 22 1.84 14.12 -3.31
N GLU A 23 0.97 15.11 -3.13
CA GLU A 23 0.49 15.46 -1.80
C GLU A 23 -0.66 14.54 -1.38
N ASP A 24 -1.11 13.71 -2.30
CA ASP A 24 -2.20 12.77 -2.03
C ASP A 24 -1.68 11.51 -1.35
N ILE A 25 -0.37 11.31 -1.41
CA ILE A 25 0.25 10.14 -0.80
C ILE A 25 1.17 10.55 0.36
N THR A 26 0.84 10.06 1.55
CA THR A 26 1.62 10.38 2.74
C THR A 26 2.31 9.13 3.29
N ALA A 27 3.59 9.25 3.60
CA ALA A 27 4.36 8.13 4.14
C ALA A 27 4.74 8.37 5.60
N SER A 28 4.16 7.57 6.49
CA SER A 28 4.44 7.70 7.92
C SER A 28 5.51 6.72 8.36
N SER A 29 6.57 6.61 7.57
CA SER A 29 7.66 5.70 7.87
C SER A 29 8.76 5.79 6.81
N GLN A 30 9.04 7.01 6.36
CA GLN A 30 10.06 7.24 5.35
C GLN A 30 11.35 7.75 5.98
N TRP A 31 12.46 7.58 5.28
CA TRP A 31 13.76 8.04 5.77
C TRP A 31 14.30 9.18 4.91
N SER A 32 13.95 9.17 3.63
CA SER A 32 14.40 10.20 2.70
C SER A 32 13.23 10.76 1.90
N GLU A 33 13.50 11.81 1.13
CA GLU A 33 12.46 12.44 0.30
C GLU A 33 12.36 11.74 -1.05
N SER A 34 13.11 10.65 -1.21
CA SER A 34 13.09 9.90 -2.46
C SER A 34 12.80 8.43 -2.20
N THR A 35 12.30 8.13 -1.00
CA THR A 35 11.98 6.76 -0.63
C THR A 35 10.62 6.69 0.07
N ALA A 36 9.82 7.74 -0.08
CA ALA A 36 8.49 7.79 0.53
C ALA A 36 7.47 7.05 -0.34
N ALA A 37 6.20 7.22 0.01
CA ALA A 37 5.12 6.57 -0.72
C ALA A 37 4.77 7.35 -1.99
N LYS A 38 4.69 8.67 -1.86
CA LYS A 38 4.38 9.53 -2.99
C LYS A 38 5.38 9.35 -4.12
N TYR A 39 6.65 9.16 -3.74
CA TYR A 39 7.71 8.98 -4.72
C TYR A 39 7.94 7.50 -5.02
N GLY A 40 7.00 6.67 -4.58
CA GLY A 40 7.11 5.24 -4.82
C GLY A 40 6.01 4.72 -5.72
N ARG A 41 6.08 5.07 -7.00
CA ARG A 41 5.08 4.63 -7.96
C ARG A 41 5.16 3.12 -8.19
N LEU A 42 4.05 2.53 -8.60
CA LEU A 42 3.99 1.09 -8.85
C LEU A 42 4.68 0.75 -10.17
N ASP A 43 5.35 -0.40 -10.20
CA ASP A 43 6.04 -0.85 -11.40
C ASP A 43 6.96 0.23 -11.94
N SER A 44 7.51 1.04 -11.04
CA SER A 44 8.41 2.13 -11.42
C SER A 44 9.13 2.69 -10.21
N GLU A 45 10.05 3.63 -10.45
CA GLU A 45 10.80 4.25 -9.37
C GLU A 45 11.58 5.46 -9.89
N GLU A 46 11.24 6.63 -9.35
CA GLU A 46 11.90 7.87 -9.76
C GLU A 46 12.83 8.38 -8.65
N GLY A 47 12.34 8.35 -7.42
CA GLY A 47 13.13 8.79 -6.30
C GLY A 47 14.38 7.95 -6.07
N ASP A 48 14.19 6.80 -5.44
CA ASP A 48 15.30 5.89 -5.16
C ASP A 48 15.00 4.50 -5.71
N GLY A 49 13.87 3.93 -5.30
CA GLY A 49 13.50 2.60 -5.74
C GLY A 49 12.14 2.17 -5.24
N ALA A 50 11.95 2.26 -3.92
CA ALA A 50 10.68 1.88 -3.30
C ALA A 50 10.63 2.31 -1.85
N TRP A 51 9.46 2.18 -1.24
CA TRP A 51 9.28 2.54 0.17
C TRP A 51 10.30 1.83 1.06
N CYS A 52 11.09 2.61 1.78
CA CYS A 52 12.10 2.06 2.67
C CYS A 52 12.30 2.95 3.89
N PRO A 53 11.83 2.47 5.06
CA PRO A 53 11.95 3.22 6.32
C PRO A 53 13.40 3.28 6.82
N GLU A 54 13.56 3.80 8.02
CA GLU A 54 14.91 3.93 8.61
C GLU A 54 15.09 2.92 9.75
N ILE A 55 13.99 2.33 10.20
CA ILE A 55 14.03 1.35 11.27
C ILE A 55 13.00 0.24 11.05
N PRO A 56 13.29 -0.95 11.59
CA PRO A 56 12.40 -2.11 11.47
C PRO A 56 11.12 -1.94 12.28
N VAL A 57 10.02 -2.49 11.77
CA VAL A 57 8.74 -2.40 12.45
C VAL A 57 8.40 -3.71 13.15
N GLU A 58 7.86 -3.60 14.36
CA GLU A 58 7.50 -4.78 15.14
C GLU A 58 5.98 -4.87 15.31
N PRO A 59 5.48 -6.10 15.50
CA PRO A 59 4.04 -6.35 15.68
C PRO A 59 3.53 -5.83 17.02
N ASP A 60 4.45 -5.41 17.88
CA ASP A 60 4.09 -4.89 19.19
C ASP A 60 4.26 -3.38 19.24
N ASP A 61 5.22 -2.88 18.46
CA ASP A 61 5.49 -1.44 18.42
C ASP A 61 4.99 -0.83 17.11
N LEU A 62 3.69 -0.61 17.03
CA LEU A 62 3.09 -0.03 15.84
C LEU A 62 2.97 1.49 15.97
N LYS A 63 4.02 2.20 15.58
CA LYS A 63 4.03 3.66 15.65
C LYS A 63 3.99 4.27 14.25
N GLU A 64 4.58 3.58 13.29
CA GLU A 64 4.61 4.05 11.91
C GLU A 64 3.46 3.45 11.10
N PHE A 65 3.29 3.93 9.88
CA PHE A 65 2.23 3.45 9.00
C PHE A 65 2.28 4.15 7.65
N LEU A 66 1.27 3.88 6.82
CA LEU A 66 1.20 4.47 5.48
C LEU A 66 -0.16 5.12 5.25
N GLN A 67 -0.15 6.37 4.82
CA GLN A 67 -1.40 7.10 4.56
C GLN A 67 -1.58 7.33 3.06
N ILE A 68 -2.75 6.97 2.55
CA ILE A 68 -3.05 7.15 1.13
C ILE A 68 -4.37 7.89 0.94
N ASP A 69 -4.27 9.16 0.55
CA ASP A 69 -5.46 9.97 0.33
C ASP A 69 -5.92 9.88 -1.13
N LEU A 70 -7.16 9.46 -1.32
CA LEU A 70 -7.72 9.34 -2.67
C LEU A 70 -8.18 10.68 -3.20
N HIS A 71 -8.28 10.79 -4.53
CA HIS A 71 -8.70 12.03 -5.16
C HIS A 71 -10.15 12.34 -4.81
N THR A 72 -11.03 11.39 -5.03
CA THR A 72 -12.45 11.56 -4.74
C THR A 72 -13.06 10.28 -4.20
N LEU A 73 -14.29 10.37 -3.71
CA LEU A 73 -14.99 9.22 -3.15
C LEU A 73 -15.22 8.16 -4.22
N HIS A 74 -14.29 7.22 -4.33
CA HIS A 74 -14.40 6.14 -5.31
C HIS A 74 -14.50 4.79 -4.63
N PHE A 75 -14.60 3.72 -5.42
CA PHE A 75 -14.69 2.38 -4.89
C PHE A 75 -13.48 1.55 -5.29
N ILE A 76 -12.82 0.95 -4.30
CA ILE A 76 -11.65 0.13 -4.54
C ILE A 76 -12.00 -1.35 -4.49
N THR A 77 -12.04 -1.99 -5.66
CA THR A 77 -12.36 -3.41 -5.74
C THR A 77 -11.12 -4.24 -6.06
N LEU A 78 -9.98 -3.56 -6.22
CA LEU A 78 -8.72 -4.22 -6.53
C LEU A 78 -7.55 -3.47 -5.90
N VAL A 79 -6.59 -4.22 -5.38
CA VAL A 79 -5.41 -3.63 -4.77
C VAL A 79 -4.13 -4.30 -5.26
N GLY A 80 -3.10 -3.49 -5.47
CA GLY A 80 -1.83 -4.03 -5.95
C GLY A 80 -0.69 -3.76 -4.99
N THR A 81 0.34 -4.59 -5.05
CA THR A 81 1.50 -4.44 -4.17
C THR A 81 2.75 -5.03 -4.82
N GLN A 82 3.80 -4.21 -4.91
CA GLN A 82 5.06 -4.64 -5.50
C GLN A 82 6.18 -4.65 -4.46
N GLY A 83 6.88 -5.78 -4.36
CA GLY A 83 7.97 -5.89 -3.40
C GLY A 83 9.26 -5.30 -3.92
N ARG A 84 10.13 -4.87 -3.00
CA ARG A 84 11.40 -4.28 -3.38
C ARG A 84 12.51 -5.33 -3.36
N HIS A 85 12.84 -5.86 -4.53
CA HIS A 85 13.89 -6.88 -4.66
C HIS A 85 14.99 -6.41 -5.59
N ALA A 86 16.23 -6.77 -5.26
CA ALA A 86 17.38 -6.38 -6.08
C ALA A 86 18.03 -7.61 -6.72
N GLY A 87 17.80 -8.78 -6.12
CA GLY A 87 18.37 -10.00 -6.64
C GLY A 87 19.49 -10.54 -5.77
N GLY A 88 19.32 -10.43 -4.46
CA GLY A 88 20.33 -10.90 -3.53
C GLY A 88 20.86 -9.80 -2.64
N HIS A 89 20.10 -8.72 -2.51
CA HIS A 89 20.50 -7.60 -1.68
C HIS A 89 19.32 -7.06 -0.89
N GLY A 90 18.17 -6.96 -1.54
CA GLY A 90 16.98 -6.46 -0.87
C GLY A 90 15.92 -7.53 -0.70
N ILE A 91 16.25 -8.58 0.04
CA ILE A 91 15.31 -9.67 0.28
C ILE A 91 14.22 -9.26 1.26
N GLU A 92 14.37 -8.07 1.83
CA GLU A 92 13.38 -7.56 2.79
C GLU A 92 12.09 -7.17 2.08
N PHE A 93 10.98 -7.32 2.78
CA PHE A 93 9.67 -6.98 2.22
C PHE A 93 8.58 -7.08 3.29
N ALA A 94 7.36 -6.74 2.91
CA ALA A 94 6.22 -6.79 3.83
C ALA A 94 5.41 -8.07 3.64
N PRO A 95 5.56 -9.01 4.60
CA PRO A 95 4.85 -10.28 4.56
C PRO A 95 3.35 -10.12 4.81
N MET A 96 2.99 -9.10 5.56
CA MET A 96 1.58 -8.84 5.87
C MET A 96 1.33 -7.34 6.01
N TYR A 97 0.08 -6.93 5.82
CA TYR A 97 -0.29 -5.52 5.94
C TYR A 97 -1.81 -5.37 6.00
N LYS A 98 -2.28 -4.53 6.92
CA LYS A 98 -3.71 -4.29 7.08
C LYS A 98 -4.17 -3.14 6.19
N ILE A 99 -5.40 -3.24 5.69
CA ILE A 99 -5.95 -2.21 4.83
C ILE A 99 -7.11 -1.50 5.50
N ASN A 100 -6.91 -0.23 5.86
CA ASN A 100 -7.94 0.57 6.52
C ASN A 100 -8.59 1.53 5.52
N TYR A 101 -9.84 1.90 5.80
CA TYR A 101 -10.58 2.81 4.94
C TYR A 101 -11.26 3.90 5.76
N SER A 102 -11.57 5.02 5.11
CA SER A 102 -12.23 6.13 5.77
C SER A 102 -12.88 7.07 4.76
N ARG A 103 -13.99 7.67 5.14
CA ARG A 103 -14.72 8.58 4.26
C ARG A 103 -14.35 10.03 4.57
N ASP A 104 -14.63 10.46 5.79
CA ASP A 104 -14.33 11.82 6.22
C ASP A 104 -12.84 11.99 6.48
N GLY A 105 -12.18 10.90 6.86
CA GLY A 105 -10.75 10.96 7.13
C GLY A 105 -10.45 10.94 8.61
N THR A 106 -11.43 11.30 9.43
CA THR A 106 -11.26 11.31 10.87
C THR A 106 -11.33 9.91 11.45
N ARG A 107 -12.42 9.20 11.14
CA ARG A 107 -12.60 7.84 11.63
C ARG A 107 -11.93 6.83 10.71
N TRP A 108 -11.12 5.96 11.30
CA TRP A 108 -10.41 4.94 10.52
C TRP A 108 -10.95 3.55 10.82
N ILE A 109 -11.40 2.85 9.78
CA ILE A 109 -11.94 1.50 9.94
C ILE A 109 -11.05 0.47 9.26
N SER A 110 -10.94 -0.70 9.88
CA SER A 110 -10.12 -1.78 9.34
C SER A 110 -10.97 -2.71 8.48
N TRP A 111 -10.67 -2.75 7.18
CA TRP A 111 -11.39 -3.59 6.25
C TRP A 111 -11.42 -5.04 6.74
N ARG A 112 -12.61 -5.63 6.76
CA ARG A 112 -12.76 -7.01 7.21
C ARG A 112 -13.10 -7.93 6.03
N ASN A 113 -12.52 -9.12 6.04
CA ASN A 113 -12.76 -10.10 4.98
C ASN A 113 -13.73 -11.18 5.44
N ARG A 114 -14.29 -11.92 4.48
CA ARG A 114 -15.24 -12.98 4.78
C ARG A 114 -14.61 -14.00 5.73
N HIS A 115 -13.29 -14.11 5.70
CA HIS A 115 -12.57 -15.05 6.54
C HIS A 115 -12.41 -14.49 7.95
N GLY A 116 -12.42 -13.17 8.06
CA GLY A 116 -12.27 -12.54 9.37
C GLY A 116 -10.85 -12.10 9.64
N LYS A 117 -10.05 -11.96 8.58
CA LYS A 117 -8.66 -11.55 8.72
C LYS A 117 -8.48 -10.09 8.31
N GLN A 118 -8.55 -9.19 9.29
CA GLN A 118 -8.40 -7.76 9.03
C GLN A 118 -7.11 -7.49 8.26
N VAL A 119 -6.08 -8.27 8.55
CA VAL A 119 -4.79 -8.11 7.89
C VAL A 119 -4.77 -8.82 6.55
N LEU A 120 -4.20 -8.15 5.54
CA LEU A 120 -4.11 -8.72 4.20
C LEU A 120 -2.73 -9.32 3.95
N ASP A 121 -2.68 -10.36 3.12
CA ASP A 121 -1.43 -11.03 2.80
C ASP A 121 -0.51 -10.10 2.01
N GLY A 122 0.76 -10.06 2.40
CA GLY A 122 1.72 -9.21 1.72
C GLY A 122 2.27 -9.84 0.45
N ASN A 123 3.30 -9.23 -0.11
CA ASN A 123 3.91 -9.74 -1.33
C ASN A 123 4.36 -11.19 -1.15
N SER A 124 4.32 -11.96 -2.24
CA SER A 124 4.72 -13.37 -2.20
C SER A 124 5.79 -13.66 -3.23
N ASN A 125 5.69 -13.01 -4.39
CA ASN A 125 6.66 -13.20 -5.47
C ASN A 125 7.83 -12.23 -5.31
N PRO A 126 8.95 -12.55 -5.97
CA PRO A 126 10.16 -11.73 -5.92
C PRO A 126 9.99 -10.42 -6.67
N TYR A 127 9.48 -10.49 -7.90
CA TYR A 127 9.27 -9.31 -8.71
C TYR A 127 7.82 -9.22 -9.18
N ASP A 128 7.23 -10.37 -9.49
CA ASP A 128 5.85 -10.42 -9.94
C ASP A 128 4.93 -9.68 -8.98
N ILE A 129 4.31 -8.60 -9.47
CA ILE A 129 3.41 -7.80 -8.65
C ILE A 129 2.29 -8.66 -8.07
N PHE A 130 1.77 -8.24 -6.92
CA PHE A 130 0.70 -8.97 -6.26
C PHE A 130 -0.61 -8.17 -6.30
N LEU A 131 -1.66 -8.81 -6.79
CA LEU A 131 -2.96 -8.15 -6.88
C LEU A 131 -4.01 -8.90 -6.06
N LYS A 132 -4.91 -8.15 -5.42
CA LYS A 132 -5.96 -8.74 -4.61
C LYS A 132 -7.26 -7.97 -4.75
N ASP A 133 -8.33 -8.68 -5.09
CA ASP A 133 -9.65 -8.06 -5.27
C ASP A 133 -10.37 -7.95 -3.93
N LEU A 134 -10.88 -6.76 -3.64
CA LEU A 134 -11.61 -6.53 -2.39
C LEU A 134 -13.04 -7.03 -2.48
N GLU A 135 -13.43 -7.86 -1.52
CA GLU A 135 -14.79 -8.41 -1.50
C GLU A 135 -15.28 -8.58 -0.07
N PRO A 136 -16.17 -7.68 0.37
CA PRO A 136 -16.65 -6.59 -0.48
C PRO A 136 -15.58 -5.54 -0.75
N PRO A 137 -15.86 -4.63 -1.71
CA PRO A 137 -14.93 -3.56 -2.07
C PRO A 137 -14.79 -2.51 -0.98
N ILE A 138 -14.11 -1.42 -1.30
CA ILE A 138 -13.90 -0.34 -0.35
C ILE A 138 -14.37 0.99 -0.92
N VAL A 139 -15.51 1.46 -0.43
CA VAL A 139 -16.08 2.72 -0.89
C VAL A 139 -15.72 3.86 0.06
N ALA A 140 -14.85 4.76 -0.39
CA ALA A 140 -14.42 5.89 0.41
C ALA A 140 -13.46 6.79 -0.36
N ARG A 141 -12.94 7.81 0.31
CA ARG A 141 -12.00 8.74 -0.31
C ARG A 141 -10.67 8.73 0.42
N PHE A 142 -10.63 8.09 1.58
CA PHE A 142 -9.41 8.01 2.37
C PHE A 142 -9.05 6.56 2.67
N VAL A 143 -7.77 6.22 2.48
CA VAL A 143 -7.29 4.87 2.73
C VAL A 143 -5.96 4.89 3.48
N ARG A 144 -5.78 3.92 4.35
CA ARG A 144 -4.55 3.81 5.14
C ARG A 144 -4.03 2.38 5.16
N PHE A 145 -2.71 2.23 5.00
CA PHE A 145 -2.10 0.92 5.00
C PHE A 145 -1.14 0.77 6.18
N ILE A 146 -1.32 -0.30 6.95
CA ILE A 146 -0.47 -0.56 8.10
C ILE A 146 0.36 -1.83 7.90
N PRO A 147 1.68 -1.71 8.14
CA PRO A 147 2.61 -2.84 7.99
C PRO A 147 2.40 -3.90 9.07
N VAL A 148 2.36 -5.16 8.65
CA VAL A 148 2.17 -6.27 9.58
C VAL A 148 3.24 -7.34 9.37
N THR A 149 3.88 -7.74 10.46
CA THR A 149 4.92 -8.77 10.41
C THR A 149 4.83 -9.70 11.60
N ASP A 150 5.43 -10.88 11.46
CA ASP A 150 5.42 -11.88 12.53
C ASP A 150 6.56 -11.62 13.51
N HIS A 151 7.31 -10.55 13.28
CA HIS A 151 8.43 -10.19 14.14
C HIS A 151 9.08 -8.89 13.67
N SER A 152 10.15 -8.49 14.37
CA SER A 152 10.87 -7.27 14.01
C SER A 152 11.77 -7.50 12.81
N MET A 153 11.61 -6.66 11.79
CA MET A 153 12.41 -6.76 10.57
C MET A 153 12.14 -5.59 9.64
N ASN A 154 13.06 -5.36 8.71
CA ASN A 154 12.93 -4.26 7.75
C ASN A 154 12.04 -4.67 6.58
N VAL A 155 11.13 -3.77 6.20
CA VAL A 155 10.22 -4.03 5.10
C VAL A 155 10.34 -2.95 4.02
N CYS A 156 10.49 -3.39 2.78
CA CYS A 156 10.61 -2.46 1.65
C CYS A 156 9.73 -2.90 0.49
N MET A 157 8.72 -2.10 0.19
CA MET A 157 7.79 -2.39 -0.91
C MET A 157 6.81 -1.26 -1.11
N ARG A 158 6.21 -1.20 -2.30
CA ARG A 158 5.25 -0.16 -2.62
C ARG A 158 3.88 -0.76 -2.92
N VAL A 159 2.82 -0.06 -2.51
CA VAL A 159 1.46 -0.52 -2.73
C VAL A 159 0.71 0.41 -3.66
N GLU A 160 -0.49 -0.01 -4.06
CA GLU A 160 -1.31 0.79 -4.97
C GLU A 160 -2.78 0.40 -4.86
N LEU A 161 -3.67 1.32 -5.23
CA LEU A 161 -5.10 1.07 -5.18
C LEU A 161 -5.68 0.94 -6.58
N TYR A 162 -6.80 0.22 -6.69
CA TYR A 162 -7.45 0.02 -7.98
C TYR A 162 -8.95 -0.21 -7.80
N GLY A 163 -9.72 0.12 -8.82
CA GLY A 163 -11.16 -0.06 -8.76
C GLY A 163 -11.91 0.95 -9.60
N CYS A 164 -13.16 1.22 -9.22
CA CYS A 164 -13.99 2.18 -9.94
C CYS A 164 -13.79 3.60 -9.38
N VAL A 165 -12.92 4.36 -10.03
CA VAL A 165 -12.65 5.73 -9.61
C VAL A 165 -13.95 6.53 -9.45
N ASN A 5 -11.25 -6.09 -23.17
CA ASN A 5 -10.18 -6.23 -22.18
C ASN A 5 -10.73 -6.66 -20.83
N PRO A 6 -9.84 -7.18 -19.98
CA PRO A 6 -10.21 -7.64 -18.63
C PRO A 6 -10.56 -6.48 -17.70
N ALA A 7 -9.90 -5.35 -17.90
CA ALA A 7 -10.14 -4.16 -17.08
C ALA A 7 -11.29 -3.33 -17.64
N ILE A 8 -12.30 -3.10 -16.81
CA ILE A 8 -13.47 -2.32 -17.22
C ILE A 8 -13.73 -1.17 -16.26
N CYS A 9 -13.47 -1.41 -14.98
CA CYS A 9 -13.66 -0.39 -13.95
C CYS A 9 -12.79 -0.66 -12.73
N ARG A 10 -11.63 -1.28 -12.97
CA ARG A 10 -10.70 -1.59 -11.89
C ARG A 10 -9.45 -0.73 -11.98
N TYR A 11 -9.49 0.28 -12.84
CA TYR A 11 -8.36 1.18 -13.03
C TYR A 11 -7.90 1.77 -11.70
N PRO A 12 -6.67 2.28 -11.66
CA PRO A 12 -6.08 2.87 -10.46
C PRO A 12 -6.74 4.19 -10.08
N LEU A 13 -6.16 4.89 -9.11
CA LEU A 13 -6.70 6.16 -8.65
C LEU A 13 -6.07 7.32 -9.42
N GLY A 14 -4.83 7.12 -9.85
CA GLY A 14 -4.12 8.16 -10.59
C GLY A 14 -2.62 8.05 -10.46
N MET A 15 -2.15 8.00 -9.21
CA MET A 15 -0.72 7.90 -8.95
C MET A 15 -0.11 6.72 -9.69
N SER A 16 -0.86 5.63 -9.79
CA SER A 16 -0.39 4.43 -10.49
C SER A 16 -0.03 4.74 -11.93
N GLY A 17 -0.60 5.82 -12.46
CA GLY A 17 -0.33 6.22 -13.83
C GLY A 17 0.55 7.44 -13.92
N GLY A 18 0.45 8.31 -12.91
CA GLY A 18 1.25 9.52 -12.90
C GLY A 18 0.42 10.77 -13.12
N GLN A 19 -0.84 10.72 -12.69
CA GLN A 19 -1.75 11.85 -12.83
C GLN A 19 -1.95 12.57 -11.50
N ILE A 20 -1.99 11.80 -10.43
CA ILE A 20 -2.17 12.35 -9.09
C ILE A 20 -0.89 12.99 -8.58
N PRO A 21 -1.03 14.11 -7.85
CA PRO A 21 0.10 14.85 -7.28
C PRO A 21 0.79 14.07 -6.16
N ASP A 22 1.70 14.75 -5.45
CA ASP A 22 2.42 14.13 -4.36
C ASP A 22 1.83 14.54 -3.02
N GLU A 23 0.88 15.48 -3.06
CA GLU A 23 0.23 15.96 -1.84
C GLU A 23 -1.01 15.13 -1.52
N ASP A 24 -1.18 14.02 -2.22
CA ASP A 24 -2.31 13.14 -2.01
C ASP A 24 -1.89 11.87 -1.27
N ILE A 25 -0.59 11.75 -1.02
CA ILE A 25 -0.07 10.58 -0.33
C ILE A 25 0.84 10.99 0.82
N THR A 26 0.65 10.36 1.98
CA THR A 26 1.46 10.66 3.16
C THR A 26 2.17 9.42 3.67
N ALA A 27 3.49 9.49 3.77
CA ALA A 27 4.29 8.37 4.25
C ALA A 27 4.62 8.52 5.73
N SER A 28 3.91 7.77 6.56
CA SER A 28 4.12 7.82 8.01
C SER A 28 5.10 6.75 8.46
N SER A 29 6.13 6.52 7.65
CA SER A 29 7.14 5.51 7.96
C SER A 29 8.24 5.51 6.91
N GLN A 30 8.81 6.67 6.66
CA GLN A 30 9.89 6.81 5.67
C GLN A 30 11.17 7.32 6.32
N TRP A 31 12.18 7.55 5.51
CA TRP A 31 13.47 8.04 6.00
C TRP A 31 13.88 9.32 5.29
N SER A 32 13.93 9.27 3.96
CA SER A 32 14.32 10.43 3.17
C SER A 32 13.29 10.71 2.09
N GLU A 33 13.62 11.60 1.16
CA GLU A 33 12.72 11.96 0.07
C GLU A 33 12.89 11.01 -1.10
N SER A 34 13.70 9.96 -0.91
CA SER A 34 13.94 8.98 -1.95
C SER A 34 13.26 7.66 -1.62
N THR A 35 12.92 7.48 -0.35
CA THR A 35 12.27 6.25 0.10
C THR A 35 10.89 6.56 0.69
N ALA A 36 10.23 7.57 0.15
CA ALA A 36 8.90 7.96 0.61
C ALA A 36 7.82 7.41 -0.30
N ALA A 37 6.56 7.58 0.11
CA ALA A 37 5.43 7.11 -0.68
C ALA A 37 5.12 8.07 -1.82
N LYS A 38 5.00 9.35 -1.49
CA LYS A 38 4.70 10.38 -2.48
C LYS A 38 5.75 10.38 -3.59
N TYR A 39 6.98 10.04 -3.24
CA TYR A 39 8.07 10.00 -4.20
C TYR A 39 8.30 8.58 -4.72
N GLY A 40 7.27 7.75 -4.62
CA GLY A 40 7.38 6.37 -5.07
C GLY A 40 6.06 5.83 -5.61
N ARG A 41 6.14 5.01 -6.65
CA ARG A 41 4.95 4.43 -7.26
C ARG A 41 5.15 2.95 -7.54
N LEU A 42 4.09 2.28 -7.98
CA LEU A 42 4.15 0.86 -8.28
C LEU A 42 4.97 0.61 -9.54
N ASP A 43 5.81 -0.42 -9.50
CA ASP A 43 6.65 -0.76 -10.64
C ASP A 43 7.43 0.45 -11.13
N SER A 44 8.00 1.20 -10.20
CA SER A 44 8.76 2.40 -10.54
C SER A 44 9.86 2.65 -9.50
N GLU A 45 10.86 3.43 -9.89
CA GLU A 45 11.97 3.76 -9.00
C GLU A 45 12.62 5.08 -9.39
N GLU A 46 12.38 6.11 -8.59
CA GLU A 46 12.93 7.43 -8.85
C GLU A 46 13.86 7.87 -7.71
N GLY A 47 13.52 7.44 -6.50
CA GLY A 47 14.33 7.79 -5.34
C GLY A 47 15.47 6.83 -5.10
N ASP A 48 15.32 5.97 -4.10
CA ASP A 48 16.34 4.99 -3.76
C ASP A 48 16.05 3.65 -4.43
N GLY A 49 14.90 3.07 -4.08
CA GLY A 49 14.52 1.79 -4.66
C GLY A 49 13.12 1.38 -4.26
N ALA A 50 12.78 1.55 -2.99
CA ALA A 50 11.46 1.19 -2.49
C ALA A 50 11.09 2.02 -1.26
N TRP A 51 9.93 1.73 -0.69
CA TRP A 51 9.47 2.45 0.50
C TRP A 51 9.87 1.70 1.77
N CYS A 52 10.65 2.36 2.61
CA CYS A 52 11.11 1.76 3.86
C CYS A 52 11.65 2.84 4.81
N PRO A 53 11.19 2.78 6.07
CA PRO A 53 11.61 3.74 7.10
C PRO A 53 13.07 3.54 7.52
N GLU A 54 13.47 4.22 8.58
CA GLU A 54 14.84 4.12 9.08
C GLU A 54 14.92 3.16 10.27
N ILE A 55 13.75 2.66 10.69
CA ILE A 55 13.69 1.73 11.81
C ILE A 55 12.73 0.58 11.52
N PRO A 56 12.97 -0.57 12.17
CA PRO A 56 12.13 -1.76 12.00
C PRO A 56 10.75 -1.59 12.62
N VAL A 57 9.76 -2.22 12.02
CA VAL A 57 8.39 -2.15 12.51
C VAL A 57 7.94 -3.48 13.10
N GLU A 58 7.30 -3.42 14.27
CA GLU A 58 6.82 -4.62 14.95
C GLU A 58 5.29 -4.66 14.95
N PRO A 59 4.74 -5.88 15.11
CA PRO A 59 3.29 -6.09 15.15
C PRO A 59 2.66 -5.52 16.41
N ASP A 60 3.49 -5.15 17.37
CA ASP A 60 3.00 -4.60 18.63
C ASP A 60 3.01 -3.08 18.59
N ASP A 61 4.19 -2.50 18.43
CA ASP A 61 4.34 -1.05 18.38
C ASP A 61 3.86 -0.50 17.03
N LEU A 62 2.57 -0.59 16.79
CA LEU A 62 1.99 -0.11 15.54
C LEU A 62 1.72 1.40 15.60
N LYS A 63 2.74 2.18 15.28
CA LYS A 63 2.62 3.64 15.29
C LYS A 63 2.86 4.22 13.90
N GLU A 64 3.74 3.56 13.14
CA GLU A 64 4.05 4.01 11.78
C GLU A 64 3.25 3.24 10.74
N PHE A 65 3.07 3.84 9.58
CA PHE A 65 2.32 3.21 8.50
C PHE A 65 2.26 4.11 7.27
N LEU A 66 1.54 3.68 6.26
CA LEU A 66 1.40 4.45 5.02
C LEU A 66 -0.03 4.98 4.86
N GLN A 67 -0.13 6.27 4.56
CA GLN A 67 -1.44 6.90 4.38
C GLN A 67 -1.64 7.32 2.93
N ILE A 68 -2.72 6.86 2.33
CA ILE A 68 -3.04 7.20 0.94
C ILE A 68 -4.36 7.93 0.84
N ASP A 69 -4.30 9.19 0.41
CA ASP A 69 -5.50 10.01 0.26
C ASP A 69 -5.94 10.08 -1.20
N LEU A 70 -7.25 10.10 -1.42
CA LEU A 70 -7.79 10.18 -2.77
C LEU A 70 -8.39 11.55 -3.05
N HIS A 71 -9.10 11.67 -4.18
CA HIS A 71 -9.72 12.93 -4.55
C HIS A 71 -11.19 12.96 -4.12
N THR A 72 -12.00 12.10 -4.74
CA THR A 72 -13.42 12.04 -4.42
C THR A 72 -13.83 10.62 -4.06
N LEU A 73 -15.11 10.43 -3.76
CA LEU A 73 -15.64 9.12 -3.40
C LEU A 73 -15.23 8.07 -4.43
N HIS A 74 -14.24 7.25 -4.08
CA HIS A 74 -13.78 6.20 -4.98
C HIS A 74 -14.00 4.83 -4.37
N PHE A 75 -14.19 3.82 -5.23
CA PHE A 75 -14.41 2.46 -4.77
C PHE A 75 -13.23 1.56 -5.12
N ILE A 76 -12.51 1.11 -4.09
CA ILE A 76 -11.36 0.25 -4.28
C ILE A 76 -11.76 -1.22 -4.23
N THR A 77 -11.69 -1.88 -5.38
CA THR A 77 -12.05 -3.30 -5.47
C THR A 77 -10.82 -4.16 -5.74
N LEU A 78 -9.72 -3.51 -6.10
CA LEU A 78 -8.47 -4.20 -6.40
C LEU A 78 -7.27 -3.45 -5.83
N VAL A 79 -6.26 -4.20 -5.39
CA VAL A 79 -5.06 -3.60 -4.84
C VAL A 79 -3.81 -4.30 -5.35
N GLY A 80 -2.79 -3.52 -5.69
CA GLY A 80 -1.56 -4.08 -6.20
C GLY A 80 -0.40 -3.91 -5.22
N THR A 81 0.57 -4.82 -5.30
CA THR A 81 1.72 -4.77 -4.41
C THR A 81 2.95 -5.41 -5.08
N GLN A 82 4.12 -4.91 -4.72
CA GLN A 82 5.37 -5.43 -5.28
C GLN A 82 6.53 -5.27 -4.29
N GLY A 83 7.12 -6.39 -3.90
CA GLY A 83 8.23 -6.35 -2.96
C GLY A 83 9.47 -5.71 -3.55
N ARG A 84 10.29 -5.10 -2.70
CA ARG A 84 11.51 -4.45 -3.15
C ARG A 84 12.33 -3.95 -1.96
N HIS A 85 13.60 -3.66 -2.21
CA HIS A 85 14.49 -3.19 -1.16
C HIS A 85 14.67 -4.24 -0.08
N ALA A 86 15.52 -5.23 -0.35
CA ALA A 86 15.79 -6.30 0.60
C ALA A 86 16.95 -5.95 1.52
N GLY A 87 17.83 -5.07 1.05
CA GLY A 87 18.98 -4.67 1.83
C GLY A 87 20.27 -5.29 1.35
N GLY A 88 20.20 -5.98 0.22
CA GLY A 88 21.38 -6.63 -0.33
C GLY A 88 21.34 -8.14 -0.17
N HIS A 89 20.14 -8.69 -0.05
CA HIS A 89 19.96 -10.13 0.11
C HIS A 89 18.80 -10.63 -0.74
N GLY A 90 17.58 -10.28 -0.33
CA GLY A 90 16.40 -10.70 -1.06
C GLY A 90 15.43 -11.50 -0.20
N ILE A 91 15.27 -11.07 1.05
CA ILE A 91 14.37 -11.74 1.97
C ILE A 91 13.65 -10.73 2.86
N GLU A 92 13.74 -9.46 2.52
CA GLU A 92 13.10 -8.40 3.28
C GLU A 92 11.92 -7.82 2.52
N PHE A 93 10.72 -8.02 3.07
CA PHE A 93 9.50 -7.51 2.45
C PHE A 93 8.35 -7.52 3.44
N ALA A 94 7.15 -7.19 2.95
CA ALA A 94 5.96 -7.15 3.79
C ALA A 94 5.12 -8.41 3.59
N PRO A 95 5.21 -9.34 4.55
CA PRO A 95 4.46 -10.60 4.51
C PRO A 95 2.96 -10.40 4.71
N MET A 96 2.60 -9.33 5.41
CA MET A 96 1.20 -9.01 5.67
C MET A 96 1.00 -7.51 5.84
N TYR A 97 -0.25 -7.07 5.75
CA TYR A 97 -0.57 -5.66 5.89
C TYR A 97 -2.09 -5.44 5.87
N LYS A 98 -2.56 -4.58 6.76
CA LYS A 98 -3.98 -4.28 6.86
C LYS A 98 -4.35 -3.09 5.97
N ILE A 99 -5.56 -3.13 5.42
CA ILE A 99 -6.03 -2.06 4.55
C ILE A 99 -7.19 -1.29 5.19
N ASN A 100 -6.86 -0.15 5.81
CA ASN A 100 -7.86 0.67 6.47
C ASN A 100 -8.44 1.70 5.50
N TYR A 101 -9.63 2.20 5.82
CA TYR A 101 -10.29 3.19 4.98
C TYR A 101 -11.04 4.21 5.83
N SER A 102 -11.40 5.33 5.21
CA SER A 102 -12.12 6.40 5.90
C SER A 102 -12.82 7.32 4.91
N ARG A 103 -13.99 7.80 5.29
CA ARG A 103 -14.77 8.70 4.43
C ARG A 103 -14.70 10.14 4.95
N ASP A 104 -15.20 10.35 6.15
CA ASP A 104 -15.19 11.68 6.76
C ASP A 104 -13.76 12.16 7.01
N GLY A 105 -12.84 11.21 7.18
CA GLY A 105 -11.45 11.55 7.42
C GLY A 105 -11.09 11.48 8.89
N THR A 106 -12.08 11.63 9.75
CA THR A 106 -11.86 11.59 11.20
C THR A 106 -11.95 10.16 11.72
N ARG A 107 -13.00 9.45 11.31
CA ARG A 107 -13.21 8.08 11.74
C ARG A 107 -12.41 7.11 10.88
N TRP A 108 -11.75 6.15 11.52
CA TRP A 108 -10.94 5.16 10.81
C TRP A 108 -11.55 3.78 10.94
N ILE A 109 -11.77 3.12 9.80
CA ILE A 109 -12.35 1.79 9.78
C ILE A 109 -11.38 0.77 9.18
N SER A 110 -11.36 -0.43 9.74
CA SER A 110 -10.47 -1.48 9.25
C SER A 110 -11.24 -2.46 8.37
N TRP A 111 -10.76 -2.62 7.13
CA TRP A 111 -11.40 -3.53 6.19
C TRP A 111 -11.56 -4.92 6.79
N ARG A 112 -12.56 -5.65 6.31
CA ARG A 112 -12.83 -7.00 6.81
C ARG A 112 -13.08 -7.96 5.65
N ASN A 113 -12.52 -9.17 5.76
CA ASN A 113 -12.68 -10.18 4.73
C ASN A 113 -13.70 -11.24 5.15
N ARG A 114 -14.15 -12.03 4.19
CA ARG A 114 -15.13 -13.08 4.46
C ARG A 114 -14.61 -14.03 5.55
N HIS A 115 -13.29 -14.12 5.67
CA HIS A 115 -12.67 -14.99 6.65
C HIS A 115 -12.67 -14.33 8.04
N GLY A 116 -12.69 -13.00 8.05
CA GLY A 116 -12.70 -12.27 9.30
C GLY A 116 -11.37 -11.61 9.59
N LYS A 117 -10.33 -12.06 8.91
CA LYS A 117 -8.99 -11.50 9.10
C LYS A 117 -8.90 -10.09 8.53
N GLN A 118 -8.86 -9.10 9.41
CA GLN A 118 -8.77 -7.70 8.99
C GLN A 118 -7.48 -7.45 8.22
N VAL A 119 -6.46 -8.24 8.50
CA VAL A 119 -5.17 -8.10 7.83
C VAL A 119 -5.19 -8.77 6.46
N LEU A 120 -4.57 -8.12 5.48
CA LEU A 120 -4.51 -8.66 4.12
C LEU A 120 -3.15 -9.29 3.84
N ASP A 121 -3.15 -10.30 2.97
CA ASP A 121 -1.91 -10.99 2.62
C ASP A 121 -0.90 -10.03 2.02
N GLY A 122 0.36 -10.17 2.41
CA GLY A 122 1.41 -9.29 1.90
C GLY A 122 1.92 -9.75 0.55
N ASN A 123 3.25 -9.75 0.40
CA ASN A 123 3.88 -10.17 -0.85
C ASN A 123 5.34 -10.52 -0.63
N SER A 124 5.82 -11.53 -1.36
CA SER A 124 7.20 -11.96 -1.23
C SER A 124 7.93 -11.82 -2.57
N ASN A 125 7.17 -11.46 -3.61
CA ASN A 125 7.75 -11.30 -4.95
C ASN A 125 8.29 -12.63 -5.47
N PRO A 126 7.39 -13.57 -5.75
CA PRO A 126 7.76 -14.90 -6.26
C PRO A 126 8.29 -14.84 -7.69
N TYR A 127 7.56 -14.14 -8.56
CA TYR A 127 7.95 -14.01 -9.95
C TYR A 127 7.70 -12.59 -10.46
N ASP A 128 6.46 -12.15 -10.34
CA ASP A 128 6.08 -10.82 -10.80
C ASP A 128 5.19 -10.12 -9.76
N ILE A 129 4.64 -8.98 -10.13
CA ILE A 129 3.79 -8.21 -9.23
C ILE A 129 2.65 -9.08 -8.69
N PHE A 130 2.11 -8.70 -7.55
CA PHE A 130 1.02 -9.44 -6.92
C PHE A 130 -0.21 -8.55 -6.74
N LEU A 131 -1.36 -9.06 -7.17
CA LEU A 131 -2.62 -8.31 -7.07
C LEU A 131 -3.60 -9.04 -6.16
N LYS A 132 -4.42 -8.26 -5.45
CA LYS A 132 -5.41 -8.83 -4.54
C LYS A 132 -6.75 -8.12 -4.69
N ASP A 133 -7.82 -8.90 -4.76
CA ASP A 133 -9.16 -8.34 -4.90
C ASP A 133 -9.83 -8.17 -3.53
N LEU A 134 -10.42 -7.00 -3.31
CA LEU A 134 -11.08 -6.71 -2.04
C LEU A 134 -12.57 -7.00 -2.13
N GLU A 135 -13.04 -7.96 -1.35
CA GLU A 135 -14.46 -8.32 -1.34
C GLU A 135 -14.96 -8.52 0.08
N PRO A 136 -15.88 -7.64 0.50
CA PRO A 136 -16.38 -6.55 -0.33
C PRO A 136 -15.32 -5.47 -0.58
N PRO A 137 -15.61 -4.57 -1.54
CA PRO A 137 -14.69 -3.49 -1.90
C PRO A 137 -14.60 -2.43 -0.79
N ILE A 138 -13.96 -1.31 -1.11
CA ILE A 138 -13.80 -0.22 -0.15
C ILE A 138 -14.27 1.10 -0.74
N VAL A 139 -15.40 1.59 -0.27
CA VAL A 139 -15.95 2.86 -0.74
C VAL A 139 -15.61 4.00 0.21
N ALA A 140 -14.77 4.92 -0.26
CA ALA A 140 -14.36 6.06 0.55
C ALA A 140 -13.44 6.98 -0.22
N ARG A 141 -12.94 8.01 0.45
CA ARG A 141 -12.03 8.97 -0.18
C ARG A 141 -10.64 8.89 0.44
N PHE A 142 -10.56 8.35 1.65
CA PHE A 142 -9.30 8.21 2.35
C PHE A 142 -8.96 6.74 2.60
N VAL A 143 -7.73 6.36 2.30
CA VAL A 143 -7.29 4.98 2.49
C VAL A 143 -5.99 4.92 3.29
N ARG A 144 -5.82 3.85 4.04
CA ARG A 144 -4.62 3.66 4.85
C ARG A 144 -4.08 2.24 4.74
N PHE A 145 -2.77 2.10 4.80
CA PHE A 145 -2.13 0.79 4.70
C PHE A 145 -1.13 0.58 5.84
N ILE A 146 -1.44 -0.37 6.72
CA ILE A 146 -0.57 -0.67 7.85
C ILE A 146 0.20 -1.97 7.63
N PRO A 147 1.53 -1.89 7.73
CA PRO A 147 2.41 -3.05 7.54
C PRO A 147 2.28 -4.06 8.68
N VAL A 148 1.87 -5.28 8.33
CA VAL A 148 1.72 -6.34 9.32
C VAL A 148 2.81 -7.39 9.19
N THR A 149 3.23 -7.95 10.33
CA THR A 149 4.27 -8.97 10.33
C THR A 149 4.07 -9.94 11.48
N ASP A 150 4.66 -11.13 11.36
CA ASP A 150 4.55 -12.15 12.39
C ASP A 150 5.67 -12.01 13.42
N HIS A 151 6.44 -10.94 13.30
CA HIS A 151 7.55 -10.68 14.21
C HIS A 151 8.26 -9.39 13.85
N SER A 152 9.35 -9.09 14.57
CA SER A 152 10.11 -7.88 14.33
C SER A 152 10.98 -8.02 13.10
N MET A 153 10.85 -7.08 12.16
CA MET A 153 11.63 -7.10 10.93
C MET A 153 11.37 -5.84 10.10
N ASN A 154 12.32 -5.53 9.22
CA ASN A 154 12.18 -4.35 8.37
C ASN A 154 11.53 -4.71 7.04
N VAL A 155 10.25 -4.35 6.90
CA VAL A 155 9.52 -4.64 5.68
C VAL A 155 9.64 -3.48 4.68
N CYS A 156 9.94 -3.82 3.43
CA CYS A 156 10.08 -2.82 2.38
C CYS A 156 9.41 -3.27 1.09
N MET A 157 8.52 -2.44 0.57
CA MET A 157 7.81 -2.77 -0.67
C MET A 157 6.95 -1.60 -1.11
N ARG A 158 6.36 -1.72 -2.30
CA ARG A 158 5.51 -0.67 -2.85
C ARG A 158 4.07 -1.17 -3.03
N VAL A 159 3.11 -0.34 -2.64
CA VAL A 159 1.71 -0.69 -2.76
C VAL A 159 1.00 0.17 -3.81
N GLU A 160 -0.18 -0.27 -4.23
CA GLU A 160 -0.95 0.46 -5.23
C GLU A 160 -2.44 0.21 -5.05
N LEU A 161 -3.25 1.20 -5.44
CA LEU A 161 -4.70 1.08 -5.33
C LEU A 161 -5.34 0.89 -6.69
N TYR A 162 -6.45 0.17 -6.73
CA TYR A 162 -7.17 -0.09 -7.97
C TYR A 162 -8.65 -0.30 -7.72
N GLY A 163 -9.46 -0.13 -8.77
CA GLY A 163 -10.89 -0.30 -8.64
C GLY A 163 -11.67 0.65 -9.52
N CYS A 164 -12.87 1.03 -9.08
CA CYS A 164 -13.71 1.94 -9.83
C CYS A 164 -13.89 3.26 -9.09
N VAL A 165 -14.29 4.30 -9.82
CA VAL A 165 -14.49 5.62 -9.24
C VAL A 165 -15.98 5.87 -8.96
N ASN A 5 -9.33 -8.12 -20.44
CA ASN A 5 -9.16 -6.87 -19.70
C ASN A 5 -10.49 -6.42 -19.09
N PRO A 6 -10.96 -7.17 -18.08
CA PRO A 6 -12.22 -6.87 -17.39
C PRO A 6 -12.13 -5.59 -16.56
N ALA A 7 -10.91 -5.13 -16.31
CA ALA A 7 -10.69 -3.92 -15.53
C ALA A 7 -11.03 -2.67 -16.34
N ILE A 8 -12.32 -2.46 -16.58
CA ILE A 8 -12.78 -1.30 -17.34
C ILE A 8 -12.67 -0.03 -16.52
N CYS A 9 -12.95 -0.14 -15.22
CA CYS A 9 -12.89 1.01 -14.32
C CYS A 9 -12.13 0.65 -13.05
N ARG A 10 -11.09 -0.17 -13.19
CA ARG A 10 -10.29 -0.58 -12.05
C ARG A 10 -8.95 0.15 -12.03
N TYR A 11 -8.86 1.21 -12.82
CA TYR A 11 -7.62 1.99 -12.90
C TYR A 11 -7.16 2.42 -11.51
N PRO A 12 -5.84 2.65 -11.37
CA PRO A 12 -5.25 3.06 -10.10
C PRO A 12 -5.63 4.49 -9.72
N LEU A 13 -5.16 4.93 -8.56
CA LEU A 13 -5.44 6.28 -8.08
C LEU A 13 -5.16 7.32 -9.15
N GLY A 14 -3.97 7.24 -9.74
CA GLY A 14 -3.59 8.18 -10.77
C GLY A 14 -2.09 8.45 -10.80
N MET A 15 -1.41 8.12 -9.69
CA MET A 15 0.02 8.32 -9.60
C MET A 15 0.78 7.40 -10.55
N SER A 16 0.32 6.15 -10.62
CA SER A 16 0.95 5.16 -11.48
C SER A 16 1.07 5.68 -12.91
N GLY A 17 0.14 6.55 -13.30
CA GLY A 17 0.17 7.11 -14.64
C GLY A 17 0.79 8.50 -14.68
N GLY A 18 0.74 9.19 -13.54
CA GLY A 18 1.31 10.52 -13.46
C GLY A 18 0.25 11.61 -13.58
N GLN A 19 -0.95 11.32 -13.06
CA GLN A 19 -2.05 12.27 -13.11
C GLN A 19 -2.37 12.79 -11.71
N ILE A 20 -2.02 12.01 -10.69
CA ILE A 20 -2.27 12.40 -9.31
C ILE A 20 -1.07 13.12 -8.72
N PRO A 21 -1.34 14.13 -7.87
CA PRO A 21 -0.30 14.91 -7.21
C PRO A 21 0.46 14.11 -6.16
N ASP A 22 1.28 14.79 -5.38
CA ASP A 22 2.06 14.14 -4.33
C ASP A 22 1.45 14.39 -2.96
N GLU A 23 0.64 15.43 -2.86
CA GLU A 23 -0.02 15.79 -1.60
C GLU A 23 -1.13 14.80 -1.27
N ASP A 24 -1.54 14.03 -2.26
CA ASP A 24 -2.60 13.04 -2.06
C ASP A 24 -2.04 11.75 -1.48
N ILE A 25 -0.72 11.66 -1.41
CA ILE A 25 -0.05 10.48 -0.87
C ILE A 25 0.87 10.85 0.29
N THR A 26 0.55 10.37 1.48
CA THR A 26 1.35 10.65 2.66
C THR A 26 2.06 9.40 3.15
N ALA A 27 3.39 9.45 3.19
CA ALA A 27 4.19 8.32 3.65
C ALA A 27 4.66 8.52 5.09
N SER A 28 4.10 7.73 6.00
CA SER A 28 4.46 7.82 7.41
C SER A 28 5.44 6.72 7.79
N SER A 29 6.37 6.42 6.88
CA SER A 29 7.36 5.38 7.14
C SER A 29 8.34 5.28 5.96
N GLN A 30 9.00 6.40 5.67
CA GLN A 30 9.96 6.44 4.57
C GLN A 30 11.35 6.86 5.07
N TRP A 31 12.35 6.70 4.23
CA TRP A 31 13.72 7.06 4.59
C TRP A 31 14.07 8.46 4.07
N SER A 32 13.98 8.63 2.76
CA SER A 32 14.30 9.91 2.14
C SER A 32 13.26 10.27 1.08
N GLU A 33 13.56 11.30 0.29
CA GLU A 33 12.65 11.74 -0.76
C GLU A 33 12.75 10.83 -1.98
N SER A 34 13.66 9.86 -1.92
CA SER A 34 13.85 8.93 -3.01
C SER A 34 13.22 7.57 -2.69
N THR A 35 12.74 7.43 -1.45
CA THR A 35 12.11 6.19 -1.02
C THR A 35 10.77 6.46 -0.34
N ALA A 36 10.08 7.50 -0.79
CA ALA A 36 8.79 7.86 -0.23
C ALA A 36 7.65 7.18 -1.00
N ALA A 37 6.42 7.40 -0.53
CA ALA A 37 5.25 6.82 -1.18
C ALA A 37 4.83 7.65 -2.38
N LYS A 38 4.90 8.97 -2.25
CA LYS A 38 4.51 9.87 -3.33
C LYS A 38 5.54 9.83 -4.45
N TYR A 39 6.79 9.52 -4.11
CA TYR A 39 7.86 9.45 -5.10
C TYR A 39 8.13 8.01 -5.51
N GLY A 40 7.14 7.15 -5.30
CA GLY A 40 7.29 5.75 -5.66
C GLY A 40 6.06 5.20 -6.36
N ARG A 41 6.17 4.99 -7.68
CA ARG A 41 5.07 4.47 -8.46
C ARG A 41 5.12 2.95 -8.54
N LEU A 42 3.96 2.32 -8.64
CA LEU A 42 3.87 0.87 -8.72
C LEU A 42 4.60 0.35 -9.96
N ASP A 43 5.38 -0.72 -9.78
CA ASP A 43 6.13 -1.32 -10.87
C ASP A 43 7.03 -0.29 -11.54
N SER A 44 7.62 0.59 -10.73
CA SER A 44 8.51 1.64 -11.24
C SER A 44 9.60 1.97 -10.23
N GLU A 45 10.49 2.87 -10.60
CA GLU A 45 11.58 3.27 -9.72
C GLU A 45 12.30 4.50 -10.28
N GLU A 46 12.12 5.64 -9.59
CA GLU A 46 12.74 6.89 -10.02
C GLU A 46 13.73 7.38 -8.97
N GLY A 47 13.37 7.23 -7.70
CA GLY A 47 14.23 7.67 -6.62
C GLY A 47 15.31 6.66 -6.30
N ASP A 48 15.02 5.76 -5.36
CA ASP A 48 15.98 4.74 -4.96
C ASP A 48 15.60 3.38 -5.56
N GLY A 49 14.39 2.92 -5.28
CA GLY A 49 13.94 1.65 -5.81
C GLY A 49 12.51 1.34 -5.41
N ALA A 50 12.19 1.56 -4.13
CA ALA A 50 10.85 1.30 -3.62
C ALA A 50 10.61 2.03 -2.31
N TRP A 51 9.41 1.84 -1.75
CA TRP A 51 9.07 2.49 -0.49
C TRP A 51 9.54 1.67 0.70
N CYS A 52 10.38 2.27 1.54
CA CYS A 52 10.92 1.59 2.71
C CYS A 52 11.39 2.60 3.75
N PRO A 53 10.94 2.42 5.00
CA PRO A 53 11.30 3.30 6.11
C PRO A 53 12.76 3.15 6.52
N GLU A 54 13.13 3.76 7.63
CA GLU A 54 14.50 3.70 8.13
C GLU A 54 14.55 2.97 9.47
N ILE A 55 13.41 2.43 9.90
CA ILE A 55 13.34 1.71 11.16
C ILE A 55 12.59 0.39 11.00
N PRO A 56 12.90 -0.57 11.87
CA PRO A 56 12.26 -1.89 11.85
C PRO A 56 10.80 -1.84 12.27
N VAL A 57 10.01 -2.80 11.79
CA VAL A 57 8.59 -2.86 12.13
C VAL A 57 8.28 -4.08 12.98
N GLU A 58 7.65 -3.85 14.12
CA GLU A 58 7.29 -4.94 15.03
C GLU A 58 5.78 -5.13 15.09
N PRO A 59 5.35 -6.36 15.39
CA PRO A 59 3.93 -6.71 15.49
C PRO A 59 3.26 -6.06 16.70
N ASP A 60 4.06 -5.45 17.56
CA ASP A 60 3.54 -4.79 18.76
C ASP A 60 3.77 -3.29 18.69
N ASP A 61 4.94 -2.89 18.22
CA ASP A 61 5.28 -1.47 18.11
C ASP A 61 4.92 -0.94 16.72
N LEU A 62 3.63 -0.75 16.48
CA LEU A 62 3.16 -0.25 15.19
C LEU A 62 2.83 1.24 15.28
N LYS A 63 3.83 2.07 15.03
CA LYS A 63 3.65 3.52 15.08
C LYS A 63 3.59 4.10 13.66
N GLU A 64 4.55 3.71 12.83
CA GLU A 64 4.61 4.20 11.45
C GLU A 64 3.63 3.43 10.57
N PHE A 65 3.38 3.97 9.37
CA PHE A 65 2.47 3.33 8.43
C PHE A 65 2.35 4.16 7.15
N LEU A 66 1.48 3.74 6.25
CA LEU A 66 1.27 4.42 4.98
C LEU A 66 -0.14 5.01 4.90
N GLN A 67 -0.22 6.28 4.51
CA GLN A 67 -1.51 6.95 4.39
C GLN A 67 -1.75 7.39 2.95
N ILE A 68 -2.89 7.01 2.40
CA ILE A 68 -3.25 7.36 1.03
C ILE A 68 -4.57 8.12 0.99
N ASP A 69 -4.66 9.09 0.08
CA ASP A 69 -5.87 9.90 -0.06
C ASP A 69 -6.50 9.67 -1.43
N LEU A 70 -7.79 9.96 -1.53
CA LEU A 70 -8.52 9.80 -2.78
C LEU A 70 -9.06 11.14 -3.28
N HIS A 71 -9.80 11.10 -4.38
CA HIS A 71 -10.38 12.31 -4.97
C HIS A 71 -11.77 12.56 -4.42
N THR A 72 -12.74 11.75 -4.85
CA THR A 72 -14.12 11.90 -4.41
C THR A 72 -14.79 10.54 -4.27
N LEU A 73 -14.84 10.02 -3.04
CA LEU A 73 -15.46 8.73 -2.79
C LEU A 73 -15.00 7.69 -3.80
N HIS A 74 -13.75 7.26 -3.68
CA HIS A 74 -13.19 6.27 -4.59
C HIS A 74 -13.49 4.86 -4.10
N PHE A 75 -13.79 3.96 -5.04
CA PHE A 75 -14.10 2.57 -4.70
C PHE A 75 -12.96 1.65 -5.12
N ILE A 76 -12.20 1.16 -4.15
CA ILE A 76 -11.09 0.27 -4.43
C ILE A 76 -11.54 -1.18 -4.47
N THR A 77 -11.61 -1.74 -5.68
CA THR A 77 -12.03 -3.12 -5.86
C THR A 77 -10.84 -4.03 -6.13
N LEU A 78 -9.69 -3.43 -6.40
CA LEU A 78 -8.47 -4.18 -6.67
C LEU A 78 -7.26 -3.53 -6.01
N VAL A 79 -6.38 -4.35 -5.45
CA VAL A 79 -5.18 -3.84 -4.80
C VAL A 79 -3.94 -4.61 -5.26
N GLY A 80 -2.84 -3.88 -5.46
CA GLY A 80 -1.61 -4.50 -5.90
C GLY A 80 -0.43 -4.10 -5.05
N THR A 81 0.55 -5.00 -4.94
CA THR A 81 1.74 -4.74 -4.14
C THR A 81 2.97 -5.40 -4.76
N GLN A 82 4.12 -4.74 -4.63
CA GLN A 82 5.36 -5.26 -5.18
C GLN A 82 6.44 -5.34 -4.10
N GLY A 83 7.01 -6.52 -3.91
CA GLY A 83 8.05 -6.71 -2.92
C GLY A 83 9.41 -6.28 -3.42
N ARG A 84 10.14 -5.57 -2.57
CA ARG A 84 11.48 -5.09 -2.92
C ARG A 84 12.53 -6.18 -2.67
N HIS A 85 13.22 -6.58 -3.74
CA HIS A 85 14.25 -7.61 -3.64
C HIS A 85 15.44 -7.27 -4.53
N ALA A 86 16.64 -7.43 -3.99
CA ALA A 86 17.86 -7.14 -4.73
C ALA A 86 18.70 -8.40 -4.92
N GLY A 87 18.57 -9.34 -3.99
CA GLY A 87 19.31 -10.58 -4.07
C GLY A 87 20.35 -10.70 -2.97
N GLY A 88 20.01 -10.22 -1.78
CA GLY A 88 20.92 -10.29 -0.66
C GLY A 88 21.10 -8.96 0.03
N HIS A 89 20.77 -7.88 -0.67
CA HIS A 89 20.88 -6.54 -0.12
C HIS A 89 19.58 -6.11 0.56
N GLY A 90 18.47 -6.65 0.08
CA GLY A 90 17.18 -6.31 0.64
C GLY A 90 16.17 -7.44 0.50
N ILE A 91 16.44 -8.56 1.15
CA ILE A 91 15.55 -9.71 1.09
C ILE A 91 14.25 -9.46 1.86
N GLU A 92 14.35 -8.62 2.90
CA GLU A 92 13.19 -8.29 3.71
C GLU A 92 12.02 -7.82 2.84
N PHE A 93 10.83 -7.81 3.43
CA PHE A 93 9.64 -7.37 2.71
C PHE A 93 8.43 -7.31 3.64
N ALA A 94 7.24 -7.14 3.06
CA ALA A 94 6.02 -7.07 3.84
C ALA A 94 5.17 -8.32 3.67
N PRO A 95 5.33 -9.28 4.59
CA PRO A 95 4.59 -10.55 4.56
C PRO A 95 3.11 -10.36 4.85
N MET A 96 2.78 -9.27 5.53
CA MET A 96 1.39 -8.98 5.88
C MET A 96 1.17 -7.47 6.00
N TYR A 97 -0.10 -7.05 5.94
CA TYR A 97 -0.44 -5.64 6.05
C TYR A 97 -1.96 -5.45 6.08
N LYS A 98 -2.41 -4.60 6.99
CA LYS A 98 -3.84 -4.33 7.14
C LYS A 98 -4.27 -3.19 6.22
N ILE A 99 -5.47 -3.30 5.66
CA ILE A 99 -6.00 -2.27 4.78
C ILE A 99 -7.20 -1.58 5.39
N ASN A 100 -7.04 -0.31 5.75
CA ASN A 100 -8.12 0.47 6.36
C ASN A 100 -8.62 1.55 5.39
N TYR A 101 -9.74 2.16 5.74
CA TYR A 101 -10.32 3.21 4.91
C TYR A 101 -11.22 4.13 5.73
N SER A 102 -11.51 5.31 5.20
CA SER A 102 -12.35 6.27 5.88
C SER A 102 -12.91 7.30 4.90
N ARG A 103 -14.12 7.77 5.17
CA ARG A 103 -14.78 8.75 4.31
C ARG A 103 -15.09 10.02 5.09
N ASP A 104 -14.20 10.39 6.00
CA ASP A 104 -14.38 11.59 6.81
C ASP A 104 -13.06 12.33 6.98
N GLY A 105 -11.98 11.57 7.22
CA GLY A 105 -10.69 12.17 7.40
C GLY A 105 -10.15 11.99 8.81
N THR A 106 -11.05 11.66 9.74
CA THR A 106 -10.67 11.46 11.14
C THR A 106 -10.89 10.01 11.57
N ARG A 107 -12.10 9.52 11.33
CA ARG A 107 -12.44 8.15 11.70
C ARG A 107 -11.59 7.15 10.92
N TRP A 108 -11.40 5.97 11.49
CA TRP A 108 -10.60 4.93 10.85
C TRP A 108 -11.36 3.61 10.81
N ILE A 109 -11.70 3.16 9.61
CA ILE A 109 -12.43 1.90 9.44
C ILE A 109 -11.51 0.80 8.94
N SER A 110 -11.65 -0.39 9.53
CA SER A 110 -10.84 -1.54 9.14
C SER A 110 -11.60 -2.45 8.20
N TRP A 111 -10.95 -2.82 7.10
CA TRP A 111 -11.56 -3.71 6.11
C TRP A 111 -11.52 -5.16 6.57
N ARG A 112 -12.68 -5.80 6.56
CA ARG A 112 -12.79 -7.20 6.99
C ARG A 112 -13.08 -8.11 5.79
N ASN A 113 -12.42 -9.25 5.76
CA ASN A 113 -12.61 -10.21 4.67
C ASN A 113 -13.67 -11.24 5.03
N ARG A 114 -14.10 -12.02 4.04
CA ARG A 114 -15.11 -13.04 4.25
C ARG A 114 -14.64 -14.07 5.27
N HIS A 115 -13.33 -14.15 5.46
CA HIS A 115 -12.74 -15.10 6.41
C HIS A 115 -12.84 -14.56 7.83
N GLY A 116 -12.69 -13.25 7.98
CA GLY A 116 -12.76 -12.63 9.29
C GLY A 116 -11.41 -12.14 9.77
N LYS A 117 -10.47 -11.98 8.85
CA LYS A 117 -9.13 -11.51 9.19
C LYS A 117 -8.85 -10.15 8.56
N GLN A 118 -8.64 -9.14 9.41
CA GLN A 118 -8.37 -7.79 8.94
C GLN A 118 -7.06 -7.75 8.16
N VAL A 119 -5.99 -8.25 8.77
CA VAL A 119 -4.68 -8.27 8.12
C VAL A 119 -4.74 -8.98 6.77
N LEU A 120 -4.17 -8.34 5.75
CA LEU A 120 -4.15 -8.91 4.41
C LEU A 120 -2.78 -9.51 4.08
N ASP A 121 -2.78 -10.54 3.25
CA ASP A 121 -1.54 -11.19 2.85
C ASP A 121 -0.71 -10.28 1.95
N GLY A 122 0.57 -10.13 2.28
CA GLY A 122 1.45 -9.29 1.49
C GLY A 122 2.07 -10.03 0.32
N ASN A 123 3.16 -9.49 -0.20
CA ASN A 123 3.85 -10.11 -1.34
C ASN A 123 4.27 -11.54 -1.01
N SER A 124 3.65 -12.51 -1.66
CA SER A 124 3.96 -13.91 -1.44
C SER A 124 5.02 -14.39 -2.42
N ASN A 125 5.08 -13.75 -3.58
CA ASN A 125 6.04 -14.13 -4.61
C ASN A 125 7.40 -13.47 -4.34
N PRO A 126 8.45 -14.03 -4.96
CA PRO A 126 9.81 -13.51 -4.80
C PRO A 126 10.01 -12.16 -5.49
N TYR A 127 9.57 -12.06 -6.73
CA TYR A 127 9.69 -10.83 -7.50
C TYR A 127 8.37 -10.46 -8.15
N ASP A 128 7.67 -11.46 -8.66
CA ASP A 128 6.38 -11.25 -9.31
C ASP A 128 5.46 -10.43 -8.42
N ILE A 129 4.73 -9.50 -9.03
CA ILE A 129 3.80 -8.65 -8.30
C ILE A 129 2.62 -9.46 -7.77
N PHE A 130 2.04 -9.01 -6.66
CA PHE A 130 0.90 -9.70 -6.07
C PHE A 130 -0.34 -8.81 -6.12
N LEU A 131 -1.44 -9.36 -6.62
CA LEU A 131 -2.69 -8.64 -6.73
C LEU A 131 -3.79 -9.32 -5.93
N LYS A 132 -4.71 -8.52 -5.40
CA LYS A 132 -5.82 -9.06 -4.61
C LYS A 132 -7.10 -8.26 -4.87
N ASP A 133 -8.19 -8.97 -5.13
CA ASP A 133 -9.48 -8.34 -5.39
C ASP A 133 -10.27 -8.16 -4.10
N LEU A 134 -10.64 -6.92 -3.79
CA LEU A 134 -11.39 -6.62 -2.59
C LEU A 134 -12.86 -7.02 -2.75
N GLU A 135 -13.34 -7.88 -1.85
CA GLU A 135 -14.72 -8.34 -1.90
C GLU A 135 -15.26 -8.55 -0.50
N PRO A 136 -16.11 -7.62 -0.03
CA PRO A 136 -16.51 -6.45 -0.82
C PRO A 136 -15.36 -5.46 -1.00
N PRO A 137 -15.54 -4.49 -1.92
CA PRO A 137 -14.54 -3.47 -2.19
C PRO A 137 -14.36 -2.49 -1.04
N ILE A 138 -13.61 -1.42 -1.29
CA ILE A 138 -13.38 -0.41 -0.27
C ILE A 138 -13.75 0.98 -0.77
N VAL A 139 -14.90 1.48 -0.32
CA VAL A 139 -15.37 2.79 -0.73
C VAL A 139 -15.07 3.84 0.33
N ALA A 140 -14.14 4.75 0.02
CA ALA A 140 -13.75 5.81 0.95
C ALA A 140 -12.94 6.88 0.24
N ARG A 141 -12.78 8.03 0.89
CA ARG A 141 -12.02 9.14 0.33
C ARG A 141 -10.61 9.19 0.92
N PHE A 142 -10.38 8.38 1.95
CA PHE A 142 -9.08 8.33 2.61
C PHE A 142 -8.72 6.90 2.99
N VAL A 143 -7.72 6.34 2.31
CA VAL A 143 -7.27 4.97 2.58
C VAL A 143 -6.05 4.96 3.50
N ARG A 144 -5.99 3.98 4.39
CA ARG A 144 -4.88 3.86 5.32
C ARG A 144 -4.29 2.45 5.29
N PHE A 145 -3.01 2.35 4.94
CA PHE A 145 -2.34 1.06 4.87
C PHE A 145 -1.33 0.91 6.01
N ILE A 146 -1.44 -0.18 6.74
CA ILE A 146 -0.53 -0.45 7.87
C ILE A 146 0.21 -1.76 7.68
N PRO A 147 1.53 -1.73 7.87
CA PRO A 147 2.39 -2.91 7.72
C PRO A 147 2.15 -3.93 8.84
N VAL A 148 2.21 -5.21 8.49
CA VAL A 148 2.01 -6.27 9.46
C VAL A 148 3.03 -7.39 9.27
N THR A 149 3.65 -7.82 10.37
CA THR A 149 4.65 -8.88 10.31
C THR A 149 4.53 -9.81 11.52
N ASP A 150 5.13 -10.99 11.42
CA ASP A 150 5.09 -11.97 12.49
C ASP A 150 6.28 -11.81 13.42
N HIS A 151 6.99 -10.69 13.28
CA HIS A 151 8.16 -10.42 14.10
C HIS A 151 8.77 -9.07 13.74
N SER A 152 9.65 -8.57 14.61
CA SER A 152 10.31 -7.28 14.38
C SER A 152 11.24 -7.36 13.18
N MET A 153 10.92 -6.60 12.13
CA MET A 153 11.73 -6.58 10.92
C MET A 153 11.32 -5.42 10.02
N ASN A 154 12.25 -4.99 9.16
CA ASN A 154 11.99 -3.88 8.24
C ASN A 154 11.30 -4.39 6.98
N VAL A 155 10.20 -3.74 6.61
CA VAL A 155 9.44 -4.12 5.42
C VAL A 155 9.62 -3.09 4.30
N CYS A 156 9.87 -3.58 3.09
CA CYS A 156 10.05 -2.70 1.94
C CYS A 156 9.25 -3.19 0.75
N MET A 157 8.34 -2.35 0.26
CA MET A 157 7.50 -2.70 -0.88
C MET A 157 6.66 -1.51 -1.32
N ARG A 158 6.03 -1.63 -2.49
CA ARG A 158 5.20 -0.56 -3.02
C ARG A 158 3.75 -1.03 -3.18
N VAL A 159 2.82 -0.27 -2.62
CA VAL A 159 1.41 -0.60 -2.71
C VAL A 159 0.71 0.19 -3.81
N GLU A 160 -0.45 -0.29 -4.24
CA GLU A 160 -1.21 0.38 -5.29
C GLU A 160 -2.71 0.16 -5.10
N LEU A 161 -3.47 1.25 -5.14
CA LEU A 161 -4.91 1.17 -4.98
C LEU A 161 -5.62 1.21 -6.33
N TYR A 162 -6.14 0.07 -6.75
CA TYR A 162 -6.84 -0.02 -8.03
C TYR A 162 -8.35 -0.08 -7.82
N GLY A 163 -9.10 0.39 -8.81
CA GLY A 163 -10.55 0.38 -8.72
C GLY A 163 -11.18 1.50 -9.52
N CYS A 164 -12.40 1.88 -9.14
CA CYS A 164 -13.12 2.94 -9.83
C CYS A 164 -13.32 4.15 -8.91
N VAL A 165 -13.57 5.30 -9.51
CA VAL A 165 -13.77 6.54 -8.76
C VAL A 165 -15.27 6.86 -8.65
N ASN A 5 -8.22 -8.29 -21.60
CA ASN A 5 -8.35 -7.04 -20.86
C ASN A 5 -9.79 -6.85 -20.38
N PRO A 6 -10.22 -7.71 -19.44
CA PRO A 6 -11.58 -7.65 -18.88
C PRO A 6 -11.79 -6.42 -18.00
N ALA A 7 -10.69 -5.77 -17.63
CA ALA A 7 -10.76 -4.59 -16.80
C ALA A 7 -11.33 -3.40 -17.56
N ILE A 8 -12.39 -2.80 -17.02
CA ILE A 8 -13.02 -1.66 -17.66
C ILE A 8 -13.09 -0.46 -16.71
N CYS A 9 -13.29 -0.75 -15.42
CA CYS A 9 -13.37 0.30 -14.41
C CYS A 9 -12.57 -0.08 -13.17
N ARG A 10 -11.45 -0.76 -13.38
CA ARG A 10 -10.59 -1.18 -12.28
C ARG A 10 -9.27 -0.40 -12.29
N TYR A 11 -9.19 0.60 -13.15
CA TYR A 11 -7.98 1.41 -13.26
C TYR A 11 -7.59 1.98 -11.90
N PRO A 12 -6.33 2.40 -11.78
CA PRO A 12 -5.80 2.98 -10.54
C PRO A 12 -6.38 4.35 -10.24
N LEU A 13 -5.97 4.93 -9.11
CA LEU A 13 -6.45 6.25 -8.71
C LEU A 13 -5.99 7.33 -9.68
N GLY A 14 -4.69 7.34 -9.96
CA GLY A 14 -4.13 8.32 -10.87
C GLY A 14 -2.66 8.58 -10.62
N MET A 15 -2.20 8.24 -9.43
CA MET A 15 -0.80 8.44 -9.07
C MET A 15 0.12 7.66 -10.01
N SER A 16 0.00 6.34 -9.99
CA SER A 16 0.82 5.48 -10.84
C SER A 16 0.75 5.93 -12.29
N GLY A 17 -0.39 6.51 -12.67
CA GLY A 17 -0.57 6.97 -14.03
C GLY A 17 0.13 8.30 -14.30
N GLY A 18 0.11 9.18 -13.30
CA GLY A 18 0.75 10.47 -13.46
C GLY A 18 -0.26 11.60 -13.54
N GLN A 19 -1.36 11.48 -12.80
CA GLN A 19 -2.39 12.50 -12.81
C GLN A 19 -2.58 13.08 -11.41
N ILE A 20 -2.34 12.28 -10.39
CA ILE A 20 -2.48 12.71 -9.01
C ILE A 20 -1.17 13.31 -8.49
N PRO A 21 -1.29 14.36 -7.67
CA PRO A 21 -0.13 15.04 -7.07
C PRO A 21 0.59 14.19 -6.04
N ASP A 22 1.53 14.79 -5.33
CA ASP A 22 2.28 14.07 -4.31
C ASP A 22 1.96 14.61 -2.92
N GLU A 23 0.79 15.24 -2.79
CA GLU A 23 0.36 15.80 -1.52
C GLU A 23 -0.80 14.98 -0.93
N ASP A 24 -1.40 14.13 -1.76
CA ASP A 24 -2.51 13.31 -1.33
C ASP A 24 -2.01 12.05 -0.64
N ILE A 25 -0.79 11.63 -0.98
CA ILE A 25 -0.20 10.44 -0.40
C ILE A 25 0.80 10.80 0.70
N THR A 26 0.63 10.20 1.87
CA THR A 26 1.50 10.45 3.01
C THR A 26 2.18 9.17 3.48
N ALA A 27 3.49 9.25 3.70
CA ALA A 27 4.25 8.09 4.16
C ALA A 27 4.70 8.27 5.61
N SER A 28 4.10 7.51 6.51
CA SER A 28 4.44 7.59 7.92
C SER A 28 5.45 6.50 8.31
N SER A 29 6.40 6.26 7.42
CA SER A 29 7.42 5.25 7.66
C SER A 29 8.41 5.17 6.50
N GLN A 30 8.99 6.33 6.15
CA GLN A 30 9.95 6.40 5.07
C GLN A 30 11.32 6.85 5.57
N TRP A 31 12.33 6.70 4.73
CA TRP A 31 13.69 7.09 5.09
C TRP A 31 14.01 8.50 4.60
N SER A 32 13.92 8.69 3.29
CA SER A 32 14.21 9.99 2.69
C SER A 32 13.16 10.34 1.63
N GLU A 33 13.44 11.39 0.86
CA GLU A 33 12.52 11.82 -0.19
C GLU A 33 12.67 10.96 -1.44
N SER A 34 13.59 10.01 -1.38
CA SER A 34 13.84 9.12 -2.51
C SER A 34 13.18 7.76 -2.30
N THR A 35 12.78 7.49 -1.05
CA THR A 35 12.14 6.23 -0.71
C THR A 35 10.83 6.47 0.03
N ALA A 36 10.10 7.50 -0.39
CA ALA A 36 8.83 7.83 0.25
C ALA A 36 7.66 7.16 -0.49
N ALA A 37 6.45 7.41 0.00
CA ALA A 37 5.25 6.83 -0.61
C ALA A 37 4.76 7.68 -1.78
N LYS A 38 4.88 9.00 -1.63
CA LYS A 38 4.45 9.92 -2.66
C LYS A 38 5.46 9.97 -3.81
N TYR A 39 6.73 9.74 -3.48
CA TYR A 39 7.80 9.75 -4.47
C TYR A 39 8.09 8.34 -4.99
N GLY A 40 7.10 7.46 -4.84
CA GLY A 40 7.27 6.08 -5.29
C GLY A 40 6.07 5.58 -6.06
N ARG A 41 6.29 5.22 -7.33
CA ARG A 41 5.22 4.72 -8.18
C ARG A 41 5.42 3.24 -8.49
N LEU A 42 4.31 2.52 -8.63
CA LEU A 42 4.35 1.10 -8.94
C LEU A 42 5.07 0.84 -10.26
N ASP A 43 5.81 -0.26 -10.33
CA ASP A 43 6.55 -0.62 -11.53
C ASP A 43 7.44 0.54 -11.99
N SER A 44 8.06 1.20 -11.04
CA SER A 44 8.93 2.34 -11.34
C SER A 44 9.81 2.69 -10.14
N GLU A 45 11.09 2.95 -10.40
CA GLU A 45 12.03 3.30 -9.33
C GLU A 45 13.01 4.36 -9.81
N GLU A 46 12.80 5.60 -9.37
CA GLU A 46 13.67 6.70 -9.75
C GLU A 46 14.52 7.16 -8.56
N GLY A 47 13.90 7.19 -7.38
CA GLY A 47 14.61 7.62 -6.19
C GLY A 47 15.72 6.66 -5.80
N ASP A 48 15.41 5.71 -4.92
CA ASP A 48 16.39 4.74 -4.47
C ASP A 48 16.03 3.34 -4.97
N GLY A 49 14.79 2.93 -4.72
CA GLY A 49 14.35 1.62 -5.15
C GLY A 49 12.89 1.36 -4.82
N ALA A 50 12.52 1.58 -3.57
CA ALA A 50 11.15 1.37 -3.13
C ALA A 50 10.91 1.97 -1.75
N TRP A 51 9.68 1.85 -1.25
CA TRP A 51 9.33 2.39 0.05
C TRP A 51 10.05 1.63 1.16
N CYS A 52 10.90 2.35 1.91
CA CYS A 52 11.65 1.74 3.00
C CYS A 52 11.78 2.71 4.17
N PRO A 53 11.30 2.31 5.34
CA PRO A 53 11.35 3.12 6.56
C PRO A 53 12.77 3.28 7.09
N GLU A 54 12.94 4.16 8.06
CA GLU A 54 14.25 4.40 8.66
C GLU A 54 14.41 3.61 9.95
N ILE A 55 13.35 2.96 10.37
CA ILE A 55 13.37 2.15 11.60
C ILE A 55 12.70 0.81 11.39
N PRO A 56 13.11 -0.19 12.19
CA PRO A 56 12.55 -1.55 12.11
C PRO A 56 11.11 -1.61 12.61
N VAL A 57 10.32 -2.48 11.99
CA VAL A 57 8.92 -2.64 12.36
C VAL A 57 8.73 -3.86 13.26
N GLU A 58 7.81 -3.75 14.21
CA GLU A 58 7.54 -4.84 15.13
C GLU A 58 6.03 -5.07 15.27
N PRO A 59 5.65 -6.32 15.59
CA PRO A 59 4.25 -6.70 15.75
C PRO A 59 3.62 -6.09 17.00
N ASP A 60 4.46 -5.49 17.84
CA ASP A 60 3.98 -4.85 19.07
C ASP A 60 4.27 -3.35 19.05
N ASP A 61 5.29 -2.95 18.30
CA ASP A 61 5.67 -1.55 18.21
C ASP A 61 5.64 -1.08 16.75
N LEU A 62 4.47 -0.65 16.30
CA LEU A 62 4.30 -0.18 14.93
C LEU A 62 3.66 1.20 14.91
N LYS A 63 4.30 2.16 15.58
CA LYS A 63 3.80 3.53 15.64
C LYS A 63 3.74 4.14 14.24
N GLU A 64 4.45 3.54 13.30
CA GLU A 64 4.49 4.02 11.94
C GLU A 64 3.36 3.41 11.11
N PHE A 65 3.19 3.89 9.88
CA PHE A 65 2.15 3.39 9.00
C PHE A 65 2.18 4.11 7.66
N LEU A 66 1.21 3.80 6.80
CA LEU A 66 1.13 4.42 5.48
C LEU A 66 -0.24 5.07 5.27
N GLN A 67 -0.24 6.31 4.82
CA GLN A 67 -1.47 7.05 4.56
C GLN A 67 -1.67 7.31 3.08
N ILE A 68 -2.88 7.07 2.59
CA ILE A 68 -3.20 7.28 1.19
C ILE A 68 -4.54 8.01 1.03
N ASP A 69 -4.47 9.31 0.81
CA ASP A 69 -5.67 10.12 0.63
C ASP A 69 -6.06 10.19 -0.85
N LEU A 70 -7.37 10.15 -1.11
CA LEU A 70 -7.87 10.22 -2.47
C LEU A 70 -8.55 11.55 -2.74
N HIS A 71 -8.83 11.82 -4.01
CA HIS A 71 -9.50 13.06 -4.40
C HIS A 71 -10.95 13.08 -3.93
N THR A 72 -11.73 12.11 -4.40
CA THR A 72 -13.14 12.01 -4.04
C THR A 72 -13.53 10.57 -3.76
N LEU A 73 -14.79 10.36 -3.40
CA LEU A 73 -15.30 9.03 -3.11
C LEU A 73 -14.95 8.05 -4.22
N HIS A 74 -13.95 7.21 -3.97
CA HIS A 74 -13.51 6.22 -4.95
C HIS A 74 -13.76 4.80 -4.45
N PHE A 75 -14.09 3.91 -5.37
CA PHE A 75 -14.35 2.52 -5.01
C PHE A 75 -13.18 1.62 -5.39
N ILE A 76 -12.49 1.10 -4.38
CA ILE A 76 -11.34 0.23 -4.61
C ILE A 76 -11.74 -1.24 -4.55
N THR A 77 -11.73 -1.90 -5.70
CA THR A 77 -12.09 -3.31 -5.77
C THR A 77 -10.87 -4.18 -6.05
N LEU A 78 -9.75 -3.55 -6.39
CA LEU A 78 -8.51 -4.25 -6.67
C LEU A 78 -7.32 -3.53 -6.07
N VAL A 79 -6.40 -4.29 -5.49
CA VAL A 79 -5.20 -3.72 -4.88
C VAL A 79 -3.95 -4.49 -5.30
N GLY A 80 -2.90 -3.75 -5.65
CA GLY A 80 -1.66 -4.38 -6.05
C GLY A 80 -0.51 -4.06 -5.12
N THR A 81 0.50 -4.92 -5.11
CA THR A 81 1.66 -4.73 -4.25
C THR A 81 2.90 -5.41 -4.84
N GLN A 82 3.94 -4.61 -5.08
CA GLN A 82 5.18 -5.13 -5.65
C GLN A 82 6.28 -5.17 -4.60
N GLY A 83 6.63 -6.38 -4.15
CA GLY A 83 7.67 -6.52 -3.15
C GLY A 83 9.02 -6.03 -3.64
N ARG A 84 9.78 -5.40 -2.75
CA ARG A 84 11.10 -4.89 -3.10
C ARG A 84 12.15 -6.00 -3.05
N HIS A 85 12.50 -6.51 -4.22
CA HIS A 85 13.50 -7.58 -4.32
C HIS A 85 14.76 -7.08 -5.02
N ALA A 86 15.84 -7.84 -4.89
CA ALA A 86 17.11 -7.48 -5.51
C ALA A 86 17.38 -8.35 -6.75
N GLY A 87 16.30 -8.84 -7.36
CA GLY A 87 16.45 -9.68 -8.54
C GLY A 87 16.72 -11.13 -8.20
N GLY A 88 16.11 -11.60 -7.11
CA GLY A 88 16.31 -12.98 -6.69
C GLY A 88 16.95 -13.08 -5.33
N HIS A 89 16.88 -12.00 -4.56
CA HIS A 89 17.46 -11.98 -3.22
C HIS A 89 16.40 -11.61 -2.18
N GLY A 90 15.96 -10.37 -2.21
CA GLY A 90 14.95 -9.91 -1.26
C GLY A 90 15.35 -10.18 0.18
N ILE A 91 16.04 -9.22 0.78
CA ILE A 91 16.49 -9.36 2.17
C ILE A 91 15.36 -9.01 3.14
N GLU A 92 14.40 -8.21 2.68
CA GLU A 92 13.28 -7.81 3.50
C GLU A 92 12.05 -7.50 2.65
N PHE A 93 10.88 -7.49 3.28
CA PHE A 93 9.64 -7.21 2.57
C PHE A 93 8.46 -7.15 3.54
N ALA A 94 7.26 -7.00 3.01
CA ALA A 94 6.06 -6.93 3.83
C ALA A 94 5.21 -8.19 3.68
N PRO A 95 5.36 -9.12 4.64
CA PRO A 95 4.61 -10.37 4.64
C PRO A 95 3.13 -10.18 4.91
N MET A 96 2.80 -9.10 5.62
CA MET A 96 1.41 -8.79 5.95
C MET A 96 1.20 -7.29 6.07
N TYR A 97 -0.05 -6.86 5.98
CA TYR A 97 -0.39 -5.45 6.07
C TYR A 97 -1.91 -5.25 6.10
N LYS A 98 -2.36 -4.38 6.99
CA LYS A 98 -3.78 -4.09 7.11
C LYS A 98 -4.20 -2.98 6.15
N ILE A 99 -5.45 -3.01 5.72
CA ILE A 99 -5.98 -2.01 4.81
C ILE A 99 -7.19 -1.31 5.39
N ASN A 100 -6.97 -0.13 5.96
CA ASN A 100 -8.06 0.65 6.56
C ASN A 100 -8.64 1.64 5.56
N TYR A 101 -9.89 2.03 5.77
CA TYR A 101 -10.57 2.97 4.89
C TYR A 101 -11.23 4.09 5.69
N SER A 102 -11.53 5.19 5.00
CA SER A 102 -12.16 6.33 5.65
C SER A 102 -12.73 7.29 4.61
N ARG A 103 -13.65 8.16 5.06
CA ARG A 103 -14.28 9.13 4.16
C ARG A 103 -14.53 10.44 4.88
N ASP A 104 -13.71 10.73 5.89
CA ASP A 104 -13.84 11.95 6.66
C ASP A 104 -12.48 12.48 7.09
N GLY A 105 -11.65 11.60 7.66
CA GLY A 105 -10.33 11.99 8.11
C GLY A 105 -10.09 11.64 9.56
N THR A 106 -11.16 11.49 10.33
CA THR A 106 -11.05 11.16 11.74
C THR A 106 -11.60 9.76 12.01
N ARG A 107 -12.39 9.24 11.08
CA ARG A 107 -12.98 7.91 11.22
C ARG A 107 -12.37 6.94 10.22
N TRP A 108 -11.54 6.03 10.72
CA TRP A 108 -10.88 5.04 9.87
C TRP A 108 -11.15 3.63 10.37
N ILE A 109 -11.73 2.80 9.52
CA ILE A 109 -12.05 1.42 9.88
C ILE A 109 -11.13 0.44 9.16
N SER A 110 -10.92 -0.72 9.77
CA SER A 110 -10.05 -1.74 9.18
C SER A 110 -10.86 -2.70 8.31
N TRP A 111 -10.58 -2.67 7.01
CA TRP A 111 -11.28 -3.54 6.07
C TRP A 111 -11.24 -4.99 6.52
N ARG A 112 -12.41 -5.61 6.56
CA ARG A 112 -12.52 -7.01 6.99
C ARG A 112 -12.94 -7.90 5.82
N ASN A 113 -12.32 -9.09 5.74
CA ASN A 113 -12.63 -10.02 4.67
C ASN A 113 -13.56 -11.13 5.18
N ARG A 114 -14.00 -11.98 4.26
CA ARG A 114 -14.90 -13.08 4.60
C ARG A 114 -14.24 -14.02 5.60
N HIS A 115 -12.91 -13.97 5.66
CA HIS A 115 -12.15 -14.82 6.58
C HIS A 115 -12.18 -14.27 7.99
N GLY A 116 -12.36 -12.95 8.11
CA GLY A 116 -12.40 -12.33 9.42
C GLY A 116 -11.05 -11.82 9.87
N LYS A 117 -10.15 -11.63 8.91
CA LYS A 117 -8.80 -11.15 9.21
C LYS A 117 -8.56 -9.79 8.57
N GLN A 118 -8.64 -8.74 9.38
CA GLN A 118 -8.43 -7.38 8.90
C GLN A 118 -7.10 -7.27 8.15
N VAL A 119 -6.10 -8.02 8.62
CA VAL A 119 -4.78 -8.02 8.00
C VAL A 119 -4.80 -8.71 6.64
N LEU A 120 -4.07 -8.16 5.68
CA LEU A 120 -4.01 -8.74 4.35
C LEU A 120 -2.65 -9.37 4.08
N ASP A 121 -2.64 -10.48 3.35
CA ASP A 121 -1.41 -11.18 3.04
C ASP A 121 -0.56 -10.37 2.06
N GLY A 122 0.73 -10.29 2.32
CA GLY A 122 1.63 -9.55 1.45
C GLY A 122 1.91 -10.28 0.15
N ASN A 123 3.05 -9.97 -0.46
CA ASN A 123 3.44 -10.61 -1.72
C ASN A 123 3.70 -12.09 -1.53
N SER A 124 3.56 -12.86 -2.61
CA SER A 124 3.78 -14.30 -2.56
C SER A 124 4.87 -14.72 -3.55
N ASN A 125 4.93 -14.01 -4.68
CA ASN A 125 5.92 -14.32 -5.70
C ASN A 125 7.28 -13.73 -5.33
N PRO A 126 8.35 -14.26 -5.95
CA PRO A 126 9.72 -13.80 -5.71
C PRO A 126 9.97 -12.40 -6.26
N TYR A 127 9.45 -12.14 -7.46
CA TYR A 127 9.63 -10.85 -8.09
C TYR A 127 8.44 -10.52 -9.01
N ASP A 128 7.25 -10.95 -8.60
CA ASP A 128 6.05 -10.71 -9.38
C ASP A 128 5.02 -9.92 -8.57
N ILE A 129 4.37 -8.97 -9.22
CA ILE A 129 3.37 -8.15 -8.56
C ILE A 129 2.20 -8.99 -8.07
N PHE A 130 1.73 -8.67 -6.86
CA PHE A 130 0.60 -9.40 -6.27
C PHE A 130 -0.65 -8.54 -6.26
N LEU A 131 -1.74 -9.10 -6.78
CA LEU A 131 -3.01 -8.38 -6.83
C LEU A 131 -4.07 -9.09 -5.97
N LYS A 132 -4.88 -8.30 -5.28
CA LYS A 132 -5.93 -8.85 -4.43
C LYS A 132 -7.25 -8.11 -4.64
N ASP A 133 -8.33 -8.86 -4.81
CA ASP A 133 -9.65 -8.26 -5.02
C ASP A 133 -10.35 -8.02 -3.69
N LEU A 134 -10.73 -6.79 -3.45
CA LEU A 134 -11.42 -6.43 -2.20
C LEU A 134 -12.88 -6.86 -2.24
N GLU A 135 -13.18 -7.94 -1.51
CA GLU A 135 -14.54 -8.46 -1.46
C GLU A 135 -15.01 -8.63 -0.02
N PRO A 136 -15.90 -7.72 0.42
CA PRO A 136 -16.41 -6.64 -0.42
C PRO A 136 -15.35 -5.58 -0.73
N PRO A 137 -15.64 -4.69 -1.68
CA PRO A 137 -14.72 -3.63 -2.08
C PRO A 137 -14.57 -2.56 -1.01
N ILE A 138 -13.92 -1.46 -1.35
CA ILE A 138 -13.72 -0.36 -0.42
C ILE A 138 -14.20 0.96 -1.00
N VAL A 139 -15.34 1.43 -0.52
CA VAL A 139 -15.92 2.68 -0.99
C VAL A 139 -15.61 3.83 -0.03
N ALA A 140 -14.74 4.74 -0.47
CA ALA A 140 -14.36 5.88 0.35
C ALA A 140 -13.41 6.80 -0.40
N ARG A 141 -13.09 7.94 0.20
CA ARG A 141 -12.19 8.91 -0.41
C ARG A 141 -10.84 8.92 0.32
N PHE A 142 -10.74 8.14 1.38
CA PHE A 142 -9.51 8.07 2.16
C PHE A 142 -9.13 6.61 2.44
N VAL A 143 -7.86 6.29 2.26
CA VAL A 143 -7.37 4.95 2.49
C VAL A 143 -6.08 4.96 3.30
N ARG A 144 -5.83 3.89 4.04
CA ARG A 144 -4.63 3.77 4.86
C ARG A 144 -4.09 2.35 4.84
N PHE A 145 -2.76 2.22 4.81
CA PHE A 145 -2.13 0.92 4.79
C PHE A 145 -1.13 0.78 5.94
N ILE A 146 -1.35 -0.21 6.79
CA ILE A 146 -0.49 -0.45 7.95
C ILE A 146 0.33 -1.71 7.75
N PRO A 147 1.66 -1.58 7.89
CA PRO A 147 2.59 -2.71 7.74
C PRO A 147 2.47 -3.72 8.87
N VAL A 148 2.19 -4.97 8.53
CA VAL A 148 2.06 -6.02 9.53
C VAL A 148 3.15 -7.07 9.36
N THR A 149 3.58 -7.66 10.48
CA THR A 149 4.62 -8.68 10.45
C THR A 149 4.50 -9.61 11.66
N ASP A 150 5.00 -10.84 11.51
CA ASP A 150 4.94 -11.81 12.58
C ASP A 150 6.22 -11.79 13.40
N HIS A 151 6.98 -10.70 13.27
CA HIS A 151 8.23 -10.56 14.01
C HIS A 151 8.87 -9.21 13.73
N SER A 152 9.89 -8.86 14.51
CA SER A 152 10.58 -7.59 14.34
C SER A 152 11.41 -7.57 13.05
N MET A 153 10.93 -6.86 12.05
CA MET A 153 11.61 -6.77 10.77
C MET A 153 11.15 -5.55 9.98
N ASN A 154 12.07 -4.93 9.26
CA ASN A 154 11.75 -3.75 8.46
C ASN A 154 11.22 -4.15 7.09
N VAL A 155 9.94 -3.90 6.86
CA VAL A 155 9.31 -4.24 5.59
C VAL A 155 9.69 -3.24 4.51
N CYS A 156 9.68 -3.69 3.25
CA CYS A 156 10.03 -2.83 2.13
C CYS A 156 9.33 -3.30 0.86
N MET A 157 8.44 -2.46 0.33
CA MET A 157 7.70 -2.79 -0.87
C MET A 157 6.84 -1.60 -1.33
N ARG A 158 6.30 -1.70 -2.53
CA ARG A 158 5.45 -0.65 -3.08
C ARG A 158 4.01 -1.13 -3.23
N VAL A 159 3.07 -0.25 -2.89
CA VAL A 159 1.65 -0.58 -2.99
C VAL A 159 0.97 0.22 -4.10
N GLU A 160 -0.19 -0.25 -4.53
CA GLU A 160 -0.94 0.43 -5.60
C GLU A 160 -2.44 0.13 -5.47
N LEU A 161 -3.24 1.18 -5.58
CA LEU A 161 -4.69 1.05 -5.49
C LEU A 161 -5.32 0.91 -6.87
N TYR A 162 -6.37 0.11 -6.96
CA TYR A 162 -7.06 -0.10 -8.23
C TYR A 162 -8.56 -0.28 -8.01
N GLY A 163 -9.35 0.01 -9.05
CA GLY A 163 -10.79 -0.13 -8.95
C GLY A 163 -11.53 0.89 -9.79
N CYS A 164 -12.72 1.25 -9.35
CA CYS A 164 -13.54 2.24 -10.06
C CYS A 164 -13.70 3.51 -9.25
N VAL A 165 -14.03 4.60 -9.92
CA VAL A 165 -14.21 5.89 -9.26
C VAL A 165 -15.69 6.16 -8.98
N ASN A 5 -9.98 -7.75 -21.53
CA ASN A 5 -9.95 -6.59 -20.66
C ASN A 5 -11.14 -6.60 -19.70
N PRO A 6 -11.12 -7.54 -18.74
CA PRO A 6 -12.18 -7.68 -17.74
C PRO A 6 -12.20 -6.52 -16.75
N ALA A 7 -11.08 -5.81 -16.65
CA ALA A 7 -10.98 -4.68 -15.74
C ALA A 7 -11.21 -3.36 -16.48
N ILE A 8 -12.48 -3.07 -16.75
CA ILE A 8 -12.84 -1.84 -17.44
C ILE A 8 -12.89 -0.65 -16.49
N CYS A 9 -13.33 -0.92 -15.26
CA CYS A 9 -13.44 0.12 -14.24
C CYS A 9 -12.65 -0.27 -12.99
N ARG A 10 -11.45 -0.81 -13.18
CA ARG A 10 -10.62 -1.23 -12.07
C ARG A 10 -9.31 -0.44 -12.06
N TYR A 11 -9.21 0.54 -12.94
CA TYR A 11 -8.01 1.37 -13.03
C TYR A 11 -7.66 1.97 -11.67
N PRO A 12 -6.40 2.40 -11.53
CA PRO A 12 -5.91 3.00 -10.28
C PRO A 12 -6.52 4.39 -10.03
N LEU A 13 -6.08 5.03 -8.95
CA LEU A 13 -6.58 6.35 -8.60
C LEU A 13 -6.20 7.38 -9.67
N GLY A 14 -4.91 7.45 -9.98
CA GLY A 14 -4.44 8.39 -10.98
C GLY A 14 -2.93 8.56 -10.95
N MET A 15 -2.33 8.33 -9.78
CA MET A 15 -0.89 8.47 -9.63
C MET A 15 -0.15 7.60 -10.65
N SER A 16 -0.61 6.37 -10.82
CA SER A 16 0.01 5.44 -11.76
C SER A 16 0.16 6.08 -13.13
N GLY A 17 -0.76 6.99 -13.46
CA GLY A 17 -0.72 7.65 -14.75
C GLY A 17 -0.12 9.04 -14.65
N GLY A 18 -0.07 9.59 -13.45
CA GLY A 18 0.49 10.92 -13.24
C GLY A 18 -0.57 11.98 -13.15
N GLN A 19 -1.80 11.56 -12.84
CA GLN A 19 -2.91 12.49 -12.71
C GLN A 19 -3.05 13.00 -11.28
N ILE A 20 -2.59 12.19 -10.33
CA ILE A 20 -2.66 12.56 -8.93
C ILE A 20 -1.42 13.32 -8.49
N PRO A 21 -1.60 14.32 -7.60
CA PRO A 21 -0.50 15.13 -7.09
C PRO A 21 0.42 14.36 -6.16
N ASP A 22 1.34 15.06 -5.51
CA ASP A 22 2.29 14.44 -4.60
C ASP A 22 1.81 14.58 -3.16
N GLU A 23 0.79 15.40 -2.95
CA GLU A 23 0.25 15.63 -1.61
C GLU A 23 -0.93 14.71 -1.34
N ASP A 24 -1.30 13.91 -2.34
CA ASP A 24 -2.42 12.98 -2.21
C ASP A 24 -1.98 11.69 -1.53
N ILE A 25 -0.71 11.64 -1.13
CA ILE A 25 -0.18 10.46 -0.46
C ILE A 25 0.71 10.85 0.71
N THR A 26 0.71 10.02 1.75
CA THR A 26 1.51 10.28 2.95
C THR A 26 2.23 9.02 3.41
N ALA A 27 3.52 9.16 3.73
CA ALA A 27 4.31 8.03 4.20
C ALA A 27 4.72 8.20 5.66
N SER A 28 4.29 7.28 6.50
CA SER A 28 4.60 7.34 7.93
C SER A 28 5.67 6.30 8.29
N SER A 29 6.55 6.02 7.33
CA SER A 29 7.61 5.04 7.54
C SER A 29 8.69 5.17 6.47
N GLN A 30 9.31 6.34 6.40
CA GLN A 30 10.36 6.60 5.41
C GLN A 30 11.62 7.12 6.09
N TRP A 31 12.67 7.29 5.30
CA TRP A 31 13.94 7.79 5.82
C TRP A 31 14.37 9.07 5.10
N SER A 32 14.28 9.06 3.77
CA SER A 32 14.66 10.22 2.98
C SER A 32 13.52 10.62 2.05
N GLU A 33 13.78 11.63 1.20
CA GLU A 33 12.77 12.11 0.26
C GLU A 33 12.86 11.34 -1.05
N SER A 34 13.61 10.25 -1.06
CA SER A 34 13.78 9.43 -2.24
C SER A 34 13.24 8.02 -2.02
N THR A 35 13.00 7.68 -0.75
CA THR A 35 12.49 6.37 -0.40
C THR A 35 11.13 6.47 0.30
N ALA A 36 10.34 7.45 -0.12
CA ALA A 36 9.01 7.66 0.46
C ALA A 36 7.93 7.05 -0.43
N ALA A 37 6.68 7.15 0.02
CA ALA A 37 5.55 6.62 -0.73
C ALA A 37 5.31 7.43 -2.00
N LYS A 38 5.14 8.74 -1.83
CA LYS A 38 4.89 9.63 -2.96
C LYS A 38 6.00 9.49 -4.01
N TYR A 39 7.22 9.26 -3.54
CA TYR A 39 8.36 9.12 -4.44
C TYR A 39 8.64 7.65 -4.74
N GLY A 40 7.62 6.81 -4.57
CA GLY A 40 7.77 5.39 -4.82
C GLY A 40 6.68 4.84 -5.72
N ARG A 41 6.68 5.26 -6.98
CA ARG A 41 5.68 4.80 -7.93
C ARG A 41 5.75 3.29 -8.12
N LEU A 42 4.60 2.67 -8.37
CA LEU A 42 4.54 1.23 -8.57
C LEU A 42 5.29 0.81 -9.83
N ASP A 43 6.08 -0.25 -9.71
CA ASP A 43 6.86 -0.75 -10.84
C ASP A 43 7.74 0.35 -11.42
N SER A 44 8.25 1.22 -10.55
CA SER A 44 9.10 2.32 -10.99
C SER A 44 9.98 2.80 -9.85
N GLU A 45 11.10 3.44 -10.20
CA GLU A 45 12.03 3.95 -9.20
C GLU A 45 12.53 5.34 -9.58
N GLU A 46 11.99 6.35 -8.90
CA GLU A 46 12.37 7.74 -9.17
C GLU A 46 13.42 8.21 -8.16
N GLY A 47 13.27 7.77 -6.91
CA GLY A 47 14.21 8.16 -5.87
C GLY A 47 15.32 7.16 -5.67
N ASP A 48 15.06 6.15 -4.84
CA ASP A 48 16.04 5.10 -4.56
C ASP A 48 15.64 3.80 -5.24
N GLY A 49 14.42 3.35 -4.98
CA GLY A 49 13.95 2.12 -5.58
C GLY A 49 12.56 1.73 -5.09
N ALA A 50 12.38 1.71 -3.77
CA ALA A 50 11.10 1.36 -3.18
C ALA A 50 10.99 1.91 -1.76
N TRP A 51 9.80 1.77 -1.17
CA TRP A 51 9.56 2.25 0.18
C TRP A 51 10.41 1.49 1.19
N CYS A 52 11.20 2.23 1.95
CA CYS A 52 12.07 1.62 2.96
C CYS A 52 12.32 2.58 4.11
N PRO A 53 11.72 2.27 5.28
CA PRO A 53 11.85 3.09 6.49
C PRO A 53 13.26 3.03 7.07
N GLU A 54 13.44 3.67 8.23
CA GLU A 54 14.74 3.68 8.90
C GLU A 54 14.72 2.82 10.15
N ILE A 55 13.52 2.39 10.55
CA ILE A 55 13.37 1.56 11.73
C ILE A 55 12.69 0.23 11.38
N PRO A 56 12.97 -0.81 12.18
CA PRO A 56 12.41 -2.14 11.98
C PRO A 56 10.91 -2.19 12.28
N VAL A 57 10.21 -3.14 11.67
CA VAL A 57 8.78 -3.28 11.88
C VAL A 57 8.47 -4.47 12.79
N GLU A 58 7.62 -4.24 13.78
CA GLU A 58 7.25 -5.29 14.72
C GLU A 58 5.74 -5.27 14.99
N PRO A 59 5.20 -6.45 15.35
CA PRO A 59 3.78 -6.59 15.64
C PRO A 59 3.36 -5.90 16.93
N ASP A 60 4.35 -5.42 17.68
CA ASP A 60 4.10 -4.72 18.94
C ASP A 60 4.38 -3.23 18.80
N ASP A 61 5.58 -2.90 18.35
CA ASP A 61 5.98 -1.52 18.17
C ASP A 61 5.37 -0.93 16.91
N LEU A 62 4.05 -0.77 16.90
CA LEU A 62 3.35 -0.21 15.75
C LEU A 62 3.28 1.30 15.83
N LYS A 63 4.32 1.97 15.36
CA LYS A 63 4.38 3.42 15.38
C LYS A 63 4.38 3.98 13.97
N GLU A 64 4.93 3.21 13.03
CA GLU A 64 4.99 3.63 11.63
C GLU A 64 3.84 3.04 10.84
N PHE A 65 3.60 3.59 9.65
CA PHE A 65 2.52 3.11 8.79
C PHE A 65 2.52 3.86 7.45
N LEU A 66 1.52 3.59 6.63
CA LEU A 66 1.40 4.24 5.33
C LEU A 66 0.00 4.82 5.14
N GLN A 67 -0.05 6.04 4.62
CA GLN A 67 -1.33 6.72 4.39
C GLN A 67 -1.52 7.02 2.90
N ILE A 68 -2.76 6.87 2.43
CA ILE A 68 -3.07 7.13 1.03
C ILE A 68 -4.34 7.94 0.90
N ASP A 69 -4.23 9.11 0.27
CA ASP A 69 -5.38 9.99 0.08
C ASP A 69 -5.90 9.90 -1.35
N LEU A 70 -7.05 9.25 -1.52
CA LEU A 70 -7.65 9.09 -2.84
C LEU A 70 -8.16 10.42 -3.37
N HIS A 71 -8.36 10.50 -4.68
CA HIS A 71 -8.85 11.72 -5.32
C HIS A 71 -10.25 12.07 -4.80
N THR A 72 -11.24 11.33 -5.27
CA THR A 72 -12.63 11.57 -4.86
C THR A 72 -13.28 10.28 -4.35
N LEU A 73 -14.39 10.43 -3.64
CA LEU A 73 -15.11 9.28 -3.10
C LEU A 73 -15.40 8.26 -4.20
N HIS A 74 -14.61 7.20 -4.23
CA HIS A 74 -14.79 6.14 -5.22
C HIS A 74 -14.85 4.76 -4.56
N PHE A 75 -14.90 3.72 -5.37
CA PHE A 75 -14.95 2.36 -4.87
C PHE A 75 -13.71 1.57 -5.25
N ILE A 76 -13.11 0.89 -4.27
CA ILE A 76 -11.90 0.11 -4.51
C ILE A 76 -12.21 -1.39 -4.47
N THR A 77 -11.95 -2.07 -5.57
CA THR A 77 -12.19 -3.50 -5.66
C THR A 77 -10.91 -4.26 -5.99
N LEU A 78 -9.81 -3.52 -6.16
CA LEU A 78 -8.52 -4.12 -6.48
C LEU A 78 -7.38 -3.31 -5.86
N VAL A 79 -6.31 -4.00 -5.48
CA VAL A 79 -5.16 -3.34 -4.88
C VAL A 79 -3.85 -3.97 -5.37
N GLY A 80 -2.87 -3.13 -5.67
CA GLY A 80 -1.59 -3.63 -6.14
C GLY A 80 -0.49 -3.47 -5.11
N THR A 81 0.46 -4.40 -5.12
CA THR A 81 1.57 -4.36 -4.17
C THR A 81 2.82 -5.01 -4.76
N GLN A 82 3.88 -4.23 -4.88
CA GLN A 82 5.13 -4.73 -5.43
C GLN A 82 6.19 -4.88 -4.34
N GLY A 83 6.77 -6.08 -4.24
CA GLY A 83 7.79 -6.34 -3.24
C GLY A 83 9.16 -5.86 -3.68
N ARG A 84 9.97 -5.45 -2.70
CA ARG A 84 11.32 -4.97 -2.99
C ARG A 84 12.32 -6.12 -2.99
N HIS A 85 12.90 -6.39 -4.16
CA HIS A 85 13.87 -7.47 -4.29
C HIS A 85 15.04 -7.04 -5.17
N ALA A 86 16.01 -6.38 -4.56
CA ALA A 86 17.19 -5.91 -5.29
C ALA A 86 18.08 -7.07 -5.70
N GLY A 87 18.22 -8.06 -4.81
CA GLY A 87 19.04 -9.21 -5.09
C GLY A 87 20.30 -9.25 -4.23
N GLY A 88 20.24 -8.61 -3.07
CA GLY A 88 21.37 -8.58 -2.17
C GLY A 88 21.48 -7.28 -1.40
N HIS A 89 21.19 -6.18 -2.06
CA HIS A 89 21.25 -4.87 -1.43
C HIS A 89 20.02 -4.61 -0.58
N GLY A 90 18.91 -5.28 -0.92
CA GLY A 90 17.69 -5.12 -0.17
C GLY A 90 16.61 -6.08 -0.62
N ILE A 91 16.29 -7.05 0.22
CA ILE A 91 15.26 -8.04 -0.10
C ILE A 91 14.10 -7.97 0.89
N GLU A 92 14.12 -6.93 1.73
CA GLU A 92 13.06 -6.76 2.73
C GLU A 92 11.69 -6.69 2.06
N PHE A 93 10.66 -7.09 2.81
CA PHE A 93 9.30 -7.09 2.29
C PHE A 93 8.28 -7.18 3.43
N ALA A 94 7.01 -7.10 3.08
CA ALA A 94 5.94 -7.18 4.07
C ALA A 94 5.07 -8.40 3.86
N PRO A 95 5.17 -9.37 4.78
CA PRO A 95 4.41 -10.62 4.71
C PRO A 95 2.92 -10.40 4.97
N MET A 96 2.60 -9.29 5.63
CA MET A 96 1.22 -8.96 5.94
C MET A 96 1.03 -7.45 6.06
N TYR A 97 -0.22 -7.01 5.97
CA TYR A 97 -0.53 -5.59 6.07
C TYR A 97 -2.05 -5.36 6.08
N LYS A 98 -2.48 -4.41 6.90
CA LYS A 98 -3.91 -4.10 7.01
C LYS A 98 -4.28 -2.96 6.06
N ILE A 99 -5.54 -2.92 5.67
CA ILE A 99 -6.03 -1.88 4.77
C ILE A 99 -7.22 -1.14 5.37
N ASN A 100 -6.94 0.01 5.99
CA ASN A 100 -7.99 0.82 6.60
C ASN A 100 -8.61 1.78 5.59
N TYR A 101 -9.87 2.13 5.80
CA TYR A 101 -10.58 3.04 4.91
C TYR A 101 -11.29 4.13 5.70
N SER A 102 -11.68 5.19 5.01
CA SER A 102 -12.37 6.31 5.63
C SER A 102 -13.05 7.19 4.59
N ARG A 103 -14.24 7.69 4.93
CA ARG A 103 -14.99 8.54 4.01
C ARG A 103 -14.53 10.00 4.14
N ASP A 104 -14.86 10.63 5.26
CA ASP A 104 -14.48 12.01 5.50
C ASP A 104 -13.24 12.10 6.40
N GLY A 105 -12.37 11.10 6.28
CA GLY A 105 -11.17 11.09 7.09
C GLY A 105 -11.46 11.25 8.57
N THR A 106 -12.65 10.84 8.99
CA THR A 106 -13.05 10.95 10.39
C THR A 106 -13.14 9.58 11.04
N ARG A 107 -13.98 8.72 10.49
CA ARG A 107 -14.15 7.38 11.03
C ARG A 107 -13.32 6.36 10.25
N TRP A 108 -12.10 6.12 10.74
CA TRP A 108 -11.20 5.18 10.08
C TRP A 108 -11.47 3.76 10.55
N ILE A 109 -11.78 2.87 9.62
CA ILE A 109 -12.06 1.48 9.94
C ILE A 109 -11.09 0.54 9.21
N SER A 110 -10.84 -0.62 9.82
CA SER A 110 -9.92 -1.60 9.23
C SER A 110 -10.69 -2.63 8.41
N TRP A 111 -10.38 -2.71 7.12
CA TRP A 111 -11.03 -3.65 6.23
C TRP A 111 -11.01 -5.06 6.80
N ARG A 112 -12.15 -5.74 6.77
CA ARG A 112 -12.25 -7.09 7.29
C ARG A 112 -12.64 -8.07 6.20
N ASN A 113 -12.05 -9.26 6.23
CA ASN A 113 -12.34 -10.29 5.24
C ASN A 113 -13.42 -11.25 5.74
N ARG A 114 -14.06 -11.95 4.81
CA ARG A 114 -15.11 -12.90 5.16
C ARG A 114 -14.56 -14.00 6.06
N HIS A 115 -13.24 -14.18 6.05
CA HIS A 115 -12.59 -15.19 6.87
C HIS A 115 -12.45 -14.72 8.32
N GLY A 116 -12.40 -13.39 8.50
CA GLY A 116 -12.27 -12.85 9.83
C GLY A 116 -10.86 -12.35 10.11
N LYS A 117 -10.09 -12.12 9.04
CA LYS A 117 -8.72 -11.65 9.18
C LYS A 117 -8.61 -10.18 8.80
N GLN A 118 -8.64 -9.31 9.81
CA GLN A 118 -8.54 -7.87 9.58
C GLN A 118 -7.31 -7.53 8.74
N VAL A 119 -6.26 -8.33 8.90
CA VAL A 119 -5.02 -8.11 8.16
C VAL A 119 -5.08 -8.78 6.79
N LEU A 120 -4.49 -8.12 5.79
CA LEU A 120 -4.47 -8.66 4.43
C LEU A 120 -3.13 -9.29 4.12
N ASP A 121 -3.15 -10.38 3.35
CA ASP A 121 -1.92 -11.07 2.96
C ASP A 121 -0.94 -10.11 2.31
N GLY A 122 0.32 -10.21 2.71
CA GLY A 122 1.36 -9.35 2.17
C GLY A 122 1.94 -9.89 0.88
N ASN A 123 3.26 -9.98 0.83
CA ASN A 123 3.96 -10.48 -0.36
C ASN A 123 5.07 -11.45 0.03
N SER A 124 5.19 -12.54 -0.71
CA SER A 124 6.22 -13.54 -0.44
C SER A 124 7.32 -13.49 -1.50
N ASN A 125 7.67 -12.27 -1.90
CA ASN A 125 8.72 -12.08 -2.91
C ASN A 125 8.43 -12.93 -4.15
N PRO A 126 7.31 -12.65 -4.82
CA PRO A 126 6.90 -13.38 -6.03
C PRO A 126 7.80 -13.06 -7.22
N TYR A 127 7.34 -13.43 -8.41
CA TYR A 127 8.11 -13.19 -9.63
C TYR A 127 7.80 -11.81 -10.20
N ASP A 128 6.65 -11.27 -9.82
CA ASP A 128 6.24 -9.96 -10.30
C ASP A 128 5.25 -9.31 -9.33
N ILE A 129 4.71 -8.16 -9.71
CA ILE A 129 3.76 -7.44 -8.88
C ILE A 129 2.62 -8.36 -8.43
N PHE A 130 2.09 -8.10 -7.25
CA PHE A 130 1.00 -8.89 -6.70
C PHE A 130 -0.28 -8.07 -6.57
N LEU A 131 -1.38 -8.60 -7.10
CA LEU A 131 -2.66 -7.92 -7.04
C LEU A 131 -3.64 -8.65 -6.14
N LYS A 132 -4.58 -7.92 -5.56
CA LYS A 132 -5.56 -8.50 -4.66
C LYS A 132 -6.90 -7.77 -4.79
N ASP A 133 -7.97 -8.52 -4.98
CA ASP A 133 -9.30 -7.94 -5.11
C ASP A 133 -9.96 -7.77 -3.75
N LEU A 134 -10.55 -6.60 -3.52
CA LEU A 134 -11.20 -6.31 -2.24
C LEU A 134 -12.64 -6.82 -2.24
N GLU A 135 -12.91 -7.83 -1.42
CA GLU A 135 -14.24 -8.41 -1.32
C GLU A 135 -14.64 -8.61 0.13
N PRO A 136 -15.59 -7.79 0.60
CA PRO A 136 -16.21 -6.74 -0.21
C PRO A 136 -15.25 -5.61 -0.54
N PRO A 137 -15.65 -4.74 -1.47
CA PRO A 137 -14.84 -3.59 -1.88
C PRO A 137 -14.73 -2.52 -0.80
N ILE A 138 -14.20 -1.37 -1.16
CA ILE A 138 -14.05 -0.26 -0.22
C ILE A 138 -14.59 1.04 -0.79
N VAL A 139 -15.65 1.56 -0.18
CA VAL A 139 -16.26 2.80 -0.62
C VAL A 139 -15.82 3.97 0.24
N ALA A 140 -14.93 4.80 -0.30
CA ALA A 140 -14.43 5.96 0.43
C ALA A 140 -13.38 6.71 -0.39
N ARG A 141 -12.76 7.70 0.23
CA ARG A 141 -11.73 8.50 -0.45
C ARG A 141 -10.43 8.48 0.34
N PHE A 142 -10.45 7.86 1.51
CA PHE A 142 -9.28 7.76 2.35
C PHE A 142 -8.93 6.31 2.67
N VAL A 143 -7.67 5.95 2.48
CA VAL A 143 -7.21 4.59 2.74
C VAL A 143 -5.80 4.58 3.33
N ARG A 144 -5.64 3.88 4.44
CA ARG A 144 -4.33 3.79 5.10
C ARG A 144 -3.86 2.34 5.17
N PHE A 145 -2.61 2.12 4.76
CA PHE A 145 -2.05 0.77 4.78
C PHE A 145 -1.07 0.62 5.95
N ILE A 146 -1.34 -0.36 6.80
CA ILE A 146 -0.49 -0.62 7.96
C ILE A 146 0.31 -1.90 7.78
N PRO A 147 1.64 -1.80 7.96
CA PRO A 147 2.55 -2.93 7.81
C PRO A 147 2.37 -3.96 8.94
N VAL A 148 2.11 -5.20 8.56
CA VAL A 148 1.93 -6.27 9.53
C VAL A 148 2.97 -7.37 9.34
N THR A 149 3.50 -7.87 10.45
CA THR A 149 4.51 -8.93 10.41
C THR A 149 4.34 -9.89 11.58
N ASP A 150 4.97 -11.06 11.47
CA ASP A 150 4.89 -12.06 12.53
C ASP A 150 6.10 -11.97 13.46
N HIS A 151 6.85 -10.88 13.34
CA HIS A 151 8.03 -10.66 14.16
C HIS A 151 8.70 -9.34 13.82
N SER A 152 9.87 -9.10 14.40
CA SER A 152 10.62 -7.88 14.15
C SER A 152 11.47 -8.00 12.88
N MET A 153 11.08 -7.26 11.85
CA MET A 153 11.81 -7.29 10.59
C MET A 153 11.53 -6.02 9.78
N ASN A 154 12.40 -5.74 8.81
CA ASN A 154 12.24 -4.56 7.97
C ASN A 154 11.40 -4.87 6.74
N VAL A 155 10.39 -4.03 6.49
CA VAL A 155 9.51 -4.22 5.35
C VAL A 155 9.81 -3.19 4.25
N CYS A 156 9.74 -3.64 3.00
CA CYS A 156 10.00 -2.76 1.86
C CYS A 156 9.17 -3.18 0.66
N MET A 157 8.31 -2.28 0.20
CA MET A 157 7.47 -2.54 -0.95
C MET A 157 6.60 -1.33 -1.29
N ARG A 158 6.02 -1.33 -2.48
CA ARG A 158 5.17 -0.24 -2.92
C ARG A 158 3.73 -0.70 -3.13
N VAL A 159 2.79 0.01 -2.52
CA VAL A 159 1.38 -0.33 -2.64
C VAL A 159 0.65 0.64 -3.58
N GLU A 160 -0.52 0.22 -4.05
CA GLU A 160 -1.31 1.04 -4.95
C GLU A 160 -2.78 0.67 -4.89
N LEU A 161 -3.65 1.64 -5.12
CA LEU A 161 -5.09 1.41 -5.09
C LEU A 161 -5.64 1.21 -6.49
N TYR A 162 -6.69 0.39 -6.59
CA TYR A 162 -7.31 0.10 -7.88
C TYR A 162 -8.80 -0.16 -7.72
N GLY A 163 -9.55 0.08 -8.79
CA GLY A 163 -11.00 -0.13 -8.75
C GLY A 163 -11.74 0.83 -9.64
N CYS A 164 -12.96 1.19 -9.22
CA CYS A 164 -13.79 2.12 -9.99
C CYS A 164 -13.79 3.50 -9.35
N VAL A 165 -13.32 4.49 -10.10
CA VAL A 165 -13.27 5.86 -9.61
C VAL A 165 -14.68 6.42 -9.38
N ASN A 5 -8.81 -5.58 -23.37
CA ASN A 5 -8.76 -4.81 -22.14
C ASN A 5 -10.17 -4.61 -21.57
N PRO A 6 -10.77 -5.70 -21.10
CA PRO A 6 -12.13 -5.67 -20.53
C PRO A 6 -12.17 -4.94 -19.19
N ALA A 7 -11.01 -4.81 -18.56
CA ALA A 7 -10.91 -4.13 -17.28
C ALA A 7 -11.12 -2.62 -17.43
N ILE A 8 -12.36 -2.18 -17.32
CA ILE A 8 -12.69 -0.77 -17.44
C ILE A 8 -13.01 -0.15 -16.08
N CYS A 9 -13.44 -0.99 -15.14
CA CYS A 9 -13.77 -0.54 -13.81
C CYS A 9 -12.77 -1.06 -12.78
N ARG A 10 -11.57 -1.36 -13.24
CA ARG A 10 -10.52 -1.86 -12.37
C ARG A 10 -9.28 -0.98 -12.42
N TYR A 11 -9.29 -0.01 -13.33
CA TYR A 11 -8.17 0.91 -13.48
C TYR A 11 -7.80 1.55 -12.15
N PRO A 12 -6.57 2.07 -12.06
CA PRO A 12 -6.06 2.71 -10.85
C PRO A 12 -6.75 4.05 -10.58
N LEU A 13 -6.35 4.70 -9.49
CA LEU A 13 -6.92 5.99 -9.12
C LEU A 13 -6.39 7.10 -10.02
N GLY A 14 -5.15 6.94 -10.48
CA GLY A 14 -4.54 7.94 -11.34
C GLY A 14 -3.03 8.02 -11.16
N MET A 15 -2.57 7.66 -9.96
CA MET A 15 -1.15 7.71 -9.67
C MET A 15 -0.37 6.72 -10.55
N SER A 16 -0.87 5.48 -10.62
CA SER A 16 -0.22 4.45 -11.41
C SER A 16 0.01 4.93 -12.84
N GLY A 17 -0.86 5.81 -13.31
CA GLY A 17 -0.74 6.34 -14.66
C GLY A 17 0.09 7.61 -14.71
N GLY A 18 0.19 8.29 -13.57
CA GLY A 18 0.95 9.52 -13.52
C GLY A 18 0.08 10.75 -13.64
N GLN A 19 -1.20 10.60 -13.30
CA GLN A 19 -2.14 11.71 -13.39
C GLN A 19 -2.35 12.36 -12.02
N ILE A 20 -2.32 11.54 -10.98
CA ILE A 20 -2.51 12.03 -9.61
C ILE A 20 -1.22 12.63 -9.08
N PRO A 21 -1.36 13.72 -8.29
CA PRO A 21 -0.21 14.41 -7.69
C PRO A 21 0.46 13.59 -6.60
N ASP A 22 1.43 14.19 -5.92
CA ASP A 22 2.16 13.51 -4.85
C ASP A 22 1.62 13.94 -3.49
N GLU A 23 0.97 15.09 -3.44
CA GLU A 23 0.43 15.61 -2.19
C GLU A 23 -0.73 14.74 -1.71
N ASP A 24 -1.21 13.86 -2.57
CA ASP A 24 -2.30 12.96 -2.23
C ASP A 24 -1.79 11.74 -1.47
N ILE A 25 -0.49 11.49 -1.57
CA ILE A 25 0.12 10.35 -0.90
C ILE A 25 1.06 10.81 0.22
N THR A 26 0.86 10.25 1.41
CA THR A 26 1.70 10.59 2.56
C THR A 26 2.31 9.35 3.18
N ALA A 27 3.63 9.38 3.38
CA ALA A 27 4.34 8.27 3.98
C ALA A 27 4.68 8.54 5.43
N SER A 28 3.96 7.89 6.34
CA SER A 28 4.17 8.06 7.77
C SER A 28 5.13 7.00 8.31
N SER A 29 6.21 6.76 7.58
CA SER A 29 7.20 5.76 7.99
C SER A 29 8.37 5.73 7.00
N GLN A 30 8.71 6.90 6.47
CA GLN A 30 9.81 7.00 5.52
C GLN A 30 11.07 7.52 6.20
N TRP A 31 12.23 7.28 5.58
CA TRP A 31 13.50 7.73 6.13
C TRP A 31 14.14 8.78 5.23
N SER A 32 13.90 8.67 3.93
CA SER A 32 14.45 9.61 2.97
C SER A 32 13.36 10.20 2.09
N GLU A 33 13.71 11.22 1.31
CA GLU A 33 12.76 11.87 0.42
C GLU A 33 12.67 11.14 -0.90
N SER A 34 13.38 10.02 -1.02
CA SER A 34 13.37 9.22 -2.23
C SER A 34 13.04 7.77 -1.94
N THR A 35 12.50 7.53 -0.74
CA THR A 35 12.13 6.18 -0.33
C THR A 35 10.75 6.15 0.29
N ALA A 36 9.99 7.22 0.08
CA ALA A 36 8.63 7.33 0.62
C ALA A 36 7.62 6.75 -0.36
N ALA A 37 6.34 6.97 -0.08
CA ALA A 37 5.27 6.48 -0.94
C ALA A 37 5.02 7.42 -2.11
N LYS A 38 4.89 8.71 -1.81
CA LYS A 38 4.65 9.71 -2.84
C LYS A 38 5.78 9.72 -3.87
N TYR A 39 6.98 9.33 -3.44
CA TYR A 39 8.13 9.28 -4.32
C TYR A 39 8.36 7.88 -4.85
N GLY A 40 7.34 7.03 -4.72
CA GLY A 40 7.45 5.66 -5.20
C GLY A 40 6.16 5.16 -5.82
N ARG A 41 6.22 4.82 -7.10
CA ARG A 41 5.05 4.32 -7.82
C ARG A 41 5.21 2.85 -8.17
N LEU A 42 4.08 2.15 -8.30
CA LEU A 42 4.10 0.73 -8.63
C LEU A 42 4.68 0.50 -10.02
N ASP A 43 5.38 -0.61 -10.18
CA ASP A 43 5.98 -0.95 -11.46
C ASP A 43 6.95 0.14 -11.92
N SER A 44 7.54 0.85 -10.96
CA SER A 44 8.48 1.92 -11.26
C SER A 44 9.37 2.23 -10.06
N GLU A 45 10.43 2.98 -10.30
CA GLU A 45 11.37 3.34 -9.23
C GLU A 45 12.31 4.45 -9.70
N GLU A 46 12.23 5.59 -9.02
CA GLU A 46 13.07 6.74 -9.34
C GLU A 46 13.90 7.17 -8.14
N GLY A 47 13.26 7.23 -6.98
CA GLY A 47 13.95 7.64 -5.77
C GLY A 47 15.14 6.75 -5.46
N ASP A 48 14.90 5.67 -4.72
CA ASP A 48 15.96 4.74 -4.36
C ASP A 48 15.63 3.33 -4.83
N GLY A 49 14.39 2.91 -4.63
CA GLY A 49 13.98 1.58 -5.04
C GLY A 49 12.56 1.26 -4.64
N ALA A 50 12.29 1.28 -3.34
CA ALA A 50 10.95 1.00 -2.83
C ALA A 50 10.77 1.54 -1.41
N TRP A 51 9.54 1.57 -0.93
CA TRP A 51 9.24 2.06 0.41
C TRP A 51 10.08 1.32 1.45
N CYS A 52 10.89 2.08 2.18
CA CYS A 52 11.75 1.51 3.21
C CYS A 52 11.91 2.48 4.38
N PRO A 53 11.39 2.08 5.55
CA PRO A 53 11.46 2.90 6.77
C PRO A 53 12.89 2.99 7.32
N GLU A 54 13.02 3.55 8.52
CA GLU A 54 14.32 3.70 9.15
C GLU A 54 14.48 2.72 10.31
N ILE A 55 13.35 2.27 10.84
CA ILE A 55 13.36 1.32 11.95
C ILE A 55 12.33 0.21 11.74
N PRO A 56 12.59 -0.95 12.37
CA PRO A 56 11.70 -2.10 12.27
C PRO A 56 10.37 -1.89 12.99
N VAL A 57 9.30 -2.42 12.41
CA VAL A 57 7.97 -2.28 13.00
C VAL A 57 7.52 -3.58 13.65
N GLU A 58 6.59 -3.48 14.60
CA GLU A 58 6.08 -4.65 15.29
C GLU A 58 4.57 -4.74 15.16
N PRO A 59 4.04 -5.97 15.25
CA PRO A 59 2.59 -6.22 15.13
C PRO A 59 1.81 -5.70 16.34
N ASP A 60 2.54 -5.34 17.39
CA ASP A 60 1.93 -4.82 18.61
C ASP A 60 2.25 -3.34 18.80
N ASP A 61 3.47 -2.96 18.41
CA ASP A 61 3.91 -1.57 18.54
C ASP A 61 4.19 -0.96 17.18
N LEU A 62 3.13 -0.46 16.53
CA LEU A 62 3.25 0.15 15.22
C LEU A 62 2.68 1.57 15.22
N LYS A 63 3.53 2.54 15.52
CA LYS A 63 3.12 3.94 15.56
C LYS A 63 3.29 4.60 14.19
N GLU A 64 3.79 3.83 13.23
CA GLU A 64 4.00 4.33 11.87
C GLU A 64 3.17 3.55 10.87
N PHE A 65 2.99 4.12 9.68
CA PHE A 65 2.23 3.48 8.62
C PHE A 65 2.19 4.34 7.37
N LEU A 66 1.43 3.89 6.37
CA LEU A 66 1.32 4.63 5.11
C LEU A 66 -0.06 5.27 4.98
N GLN A 67 -0.08 6.57 4.67
CA GLN A 67 -1.32 7.29 4.51
C GLN A 67 -1.59 7.62 3.04
N ILE A 68 -2.80 7.33 2.59
CA ILE A 68 -3.18 7.59 1.21
C ILE A 68 -4.54 8.25 1.12
N ASP A 69 -4.57 9.50 0.68
CA ASP A 69 -5.82 10.25 0.55
C ASP A 69 -6.18 10.45 -0.92
N LEU A 70 -7.38 10.00 -1.29
CA LEU A 70 -7.85 10.14 -2.67
C LEU A 70 -8.61 11.44 -2.86
N HIS A 71 -8.87 11.79 -4.12
CA HIS A 71 -9.59 13.02 -4.44
C HIS A 71 -10.97 13.03 -3.77
N THR A 72 -11.88 12.25 -4.31
CA THR A 72 -13.24 12.17 -3.76
C THR A 72 -13.65 10.73 -3.54
N LEU A 73 -14.90 10.54 -3.11
CA LEU A 73 -15.42 9.19 -2.84
C LEU A 73 -15.14 8.26 -4.01
N HIS A 74 -14.19 7.35 -3.83
CA HIS A 74 -13.82 6.40 -4.86
C HIS A 74 -14.07 4.96 -4.41
N PHE A 75 -14.05 4.03 -5.35
CA PHE A 75 -14.28 2.62 -5.04
C PHE A 75 -13.07 1.78 -5.43
N ILE A 76 -12.49 1.10 -4.44
CA ILE A 76 -11.32 0.25 -4.68
C ILE A 76 -11.68 -1.22 -4.53
N THR A 77 -11.94 -1.89 -5.64
CA THR A 77 -12.29 -3.30 -5.63
C THR A 77 -11.05 -4.18 -5.86
N LEU A 78 -9.97 -3.55 -6.27
CA LEU A 78 -8.72 -4.27 -6.53
C LEU A 78 -7.52 -3.51 -5.96
N VAL A 79 -6.59 -4.24 -5.37
CA VAL A 79 -5.39 -3.63 -4.80
C VAL A 79 -4.14 -4.35 -5.26
N GLY A 80 -3.08 -3.58 -5.49
CA GLY A 80 -1.83 -4.15 -5.94
C GLY A 80 -0.67 -3.86 -5.00
N THR A 81 0.34 -4.73 -5.01
CA THR A 81 1.49 -4.56 -4.15
C THR A 81 2.74 -5.17 -4.77
N GLN A 82 3.77 -4.35 -4.95
CA GLN A 82 5.02 -4.81 -5.54
C GLN A 82 6.11 -4.97 -4.48
N GLY A 83 6.31 -6.20 -4.03
CA GLY A 83 7.32 -6.46 -3.01
C GLY A 83 8.73 -6.26 -3.52
N ARG A 84 9.67 -6.02 -2.61
CA ARG A 84 11.06 -5.81 -2.98
C ARG A 84 11.68 -7.09 -3.54
N HIS A 85 12.13 -7.03 -4.79
CA HIS A 85 12.74 -8.18 -5.44
C HIS A 85 13.83 -8.79 -4.56
N ALA A 86 14.97 -8.09 -4.47
CA ALA A 86 16.08 -8.56 -3.66
C ALA A 86 16.40 -10.02 -3.96
N GLY A 87 16.33 -10.39 -5.23
CA GLY A 87 16.62 -11.75 -5.63
C GLY A 87 18.04 -12.17 -5.30
N GLY A 88 18.89 -11.19 -5.00
CA GLY A 88 20.27 -11.49 -4.68
C GLY A 88 20.70 -10.86 -3.36
N HIS A 89 19.73 -10.38 -2.60
CA HIS A 89 20.01 -9.76 -1.31
C HIS A 89 19.22 -10.43 -0.19
N GLY A 90 17.90 -10.29 -0.24
CA GLY A 90 17.05 -10.90 0.78
C GLY A 90 17.40 -10.42 2.18
N ILE A 91 16.78 -9.32 2.59
CA ILE A 91 17.02 -8.76 3.92
C ILE A 91 15.73 -8.63 4.71
N GLU A 92 14.63 -8.40 4.00
CA GLU A 92 13.32 -8.25 4.64
C GLU A 92 12.23 -8.03 3.60
N PHE A 93 10.99 -7.95 4.07
CA PHE A 93 9.86 -7.73 3.18
C PHE A 93 8.56 -7.54 3.97
N ALA A 94 7.44 -7.50 3.26
CA ALA A 94 6.14 -7.33 3.90
C ALA A 94 5.30 -8.60 3.79
N PRO A 95 5.42 -9.48 4.78
CA PRO A 95 4.68 -10.75 4.82
C PRO A 95 3.19 -10.53 5.06
N MET A 96 2.84 -9.38 5.62
CA MET A 96 1.45 -9.05 5.90
C MET A 96 1.25 -7.54 5.98
N TYR A 97 -0.01 -7.12 5.93
CA TYR A 97 -0.33 -5.70 5.99
C TYR A 97 -1.84 -5.49 6.03
N LYS A 98 -2.28 -4.58 6.89
CA LYS A 98 -3.70 -4.28 7.03
C LYS A 98 -4.11 -3.13 6.13
N ILE A 99 -5.33 -3.20 5.59
CA ILE A 99 -5.83 -2.16 4.70
C ILE A 99 -7.02 -1.42 5.33
N ASN A 100 -6.75 -0.23 5.87
CA ASN A 100 -7.79 0.57 6.50
C ASN A 100 -8.38 1.56 5.51
N TYR A 101 -9.60 2.04 5.80
CA TYR A 101 -10.26 2.99 4.94
C TYR A 101 -11.24 3.86 5.74
N SER A 102 -11.67 4.96 5.15
CA SER A 102 -12.60 5.87 5.80
C SER A 102 -13.04 6.99 4.85
N ARG A 103 -14.14 7.65 5.18
CA ARG A 103 -14.66 8.73 4.35
C ARG A 103 -14.15 10.08 4.83
N ASP A 104 -14.03 10.23 6.15
CA ASP A 104 -13.54 11.47 6.73
C ASP A 104 -12.14 11.29 7.32
N GLY A 105 -11.56 12.39 7.79
CA GLY A 105 -10.23 12.32 8.37
C GLY A 105 -10.26 12.13 9.88
N THR A 106 -11.38 11.62 10.39
CA THR A 106 -11.54 11.39 11.82
C THR A 106 -11.81 9.92 12.11
N ARG A 107 -12.94 9.42 11.61
CA ARG A 107 -13.33 8.03 11.83
C ARG A 107 -12.52 7.11 10.93
N TRP A 108 -12.17 5.94 11.45
CA TRP A 108 -11.39 4.97 10.70
C TRP A 108 -12.08 3.61 10.70
N ILE A 109 -12.11 2.96 9.54
CA ILE A 109 -12.74 1.65 9.41
C ILE A 109 -11.75 0.61 8.87
N SER A 110 -11.58 -0.48 9.61
CA SER A 110 -10.66 -1.54 9.22
C SER A 110 -11.36 -2.54 8.30
N TRP A 111 -10.87 -2.67 7.08
CA TRP A 111 -11.45 -3.60 6.11
C TRP A 111 -11.56 -4.99 6.69
N ARG A 112 -12.77 -5.56 6.65
CA ARG A 112 -12.99 -6.90 7.18
C ARG A 112 -13.38 -7.87 6.07
N ASN A 113 -12.71 -9.02 6.04
CA ASN A 113 -12.97 -10.03 5.03
C ASN A 113 -14.02 -11.03 5.50
N ARG A 114 -14.59 -11.78 4.57
CA ARG A 114 -15.61 -12.77 4.91
C ARG A 114 -15.07 -13.78 5.92
N HIS A 115 -13.76 -13.96 5.94
CA HIS A 115 -13.12 -14.88 6.87
C HIS A 115 -12.99 -14.26 8.26
N GLY A 116 -12.93 -12.93 8.31
CA GLY A 116 -12.80 -12.24 9.58
C GLY A 116 -11.38 -11.83 9.87
N LYS A 117 -10.55 -11.78 8.83
CA LYS A 117 -9.15 -11.40 8.98
C LYS A 117 -8.93 -9.95 8.53
N GLN A 118 -8.78 -9.06 9.51
CA GLN A 118 -8.56 -7.65 9.21
C GLN A 118 -7.27 -7.45 8.43
N VAL A 119 -6.24 -8.21 8.80
CA VAL A 119 -4.95 -8.11 8.14
C VAL A 119 -4.97 -8.82 6.79
N LEU A 120 -4.31 -8.22 5.80
CA LEU A 120 -4.25 -8.79 4.46
C LEU A 120 -2.90 -9.45 4.21
N ASP A 121 -2.92 -10.57 3.49
CA ASP A 121 -1.70 -11.30 3.18
C ASP A 121 -0.69 -10.39 2.47
N GLY A 122 0.59 -10.55 2.81
CA GLY A 122 1.62 -9.75 2.21
C GLY A 122 1.81 -10.04 0.74
N ASN A 123 3.06 -10.01 0.29
CA ASN A 123 3.36 -10.29 -1.11
C ASN A 123 3.60 -11.78 -1.34
N SER A 124 2.87 -12.34 -2.31
CA SER A 124 2.99 -13.77 -2.62
C SER A 124 4.19 -14.01 -3.51
N ASN A 125 4.60 -13.00 -4.27
CA ASN A 125 5.74 -13.11 -5.17
C ASN A 125 6.88 -12.22 -4.70
N PRO A 126 8.11 -12.57 -5.12
CA PRO A 126 9.31 -11.81 -4.76
C PRO A 126 9.36 -10.45 -5.44
N TYR A 127 9.13 -10.43 -6.74
CA TYR A 127 9.15 -9.18 -7.50
C TYR A 127 7.85 -9.01 -8.29
N ASP A 128 7.35 -10.11 -8.84
CA ASP A 128 6.11 -10.08 -9.61
C ASP A 128 5.00 -9.38 -8.85
N ILE A 129 4.37 -8.40 -9.50
CA ILE A 129 3.29 -7.65 -8.88
C ILE A 129 2.23 -8.59 -8.30
N PHE A 130 1.78 -8.28 -7.09
CA PHE A 130 0.77 -9.09 -6.41
C PHE A 130 -0.55 -8.32 -6.29
N LEU A 131 -1.60 -8.86 -6.89
CA LEU A 131 -2.92 -8.22 -6.84
C LEU A 131 -3.83 -8.94 -5.86
N LYS A 132 -4.82 -8.23 -5.35
CA LYS A 132 -5.77 -8.79 -4.40
C LYS A 132 -7.17 -8.22 -4.61
N ASP A 133 -8.14 -9.10 -4.75
CA ASP A 133 -9.53 -8.68 -4.97
C ASP A 133 -10.19 -8.32 -3.64
N LEU A 134 -10.67 -7.09 -3.54
CA LEU A 134 -11.33 -6.61 -2.34
C LEU A 134 -12.78 -7.04 -2.30
N GLU A 135 -13.07 -8.09 -1.54
CA GLU A 135 -14.44 -8.60 -1.42
C GLU A 135 -14.84 -8.75 0.04
N PRO A 136 -15.70 -7.85 0.51
CA PRO A 136 -16.24 -6.76 -0.31
C PRO A 136 -15.19 -5.72 -0.65
N PRO A 137 -15.51 -4.83 -1.61
CA PRO A 137 -14.61 -3.77 -2.05
C PRO A 137 -14.41 -2.70 -0.99
N ILE A 138 -13.71 -1.62 -1.36
CA ILE A 138 -13.44 -0.53 -0.43
C ILE A 138 -13.98 0.79 -0.99
N VAL A 139 -15.14 1.20 -0.49
CA VAL A 139 -15.75 2.46 -0.94
C VAL A 139 -15.49 3.58 0.06
N ALA A 140 -14.62 4.51 -0.32
CA ALA A 140 -14.29 5.64 0.54
C ALA A 140 -13.41 6.64 -0.19
N ARG A 141 -12.93 7.64 0.54
CA ARG A 141 -12.08 8.68 -0.05
C ARG A 141 -10.70 8.66 0.58
N PHE A 142 -10.61 8.09 1.78
CA PHE A 142 -9.34 8.01 2.50
C PHE A 142 -8.95 6.56 2.76
N VAL A 143 -7.72 6.21 2.42
CA VAL A 143 -7.22 4.85 2.62
C VAL A 143 -5.88 4.85 3.34
N ARG A 144 -5.74 3.99 4.34
CA ARG A 144 -4.51 3.89 5.11
C ARG A 144 -3.97 2.46 5.10
N PHE A 145 -2.70 2.32 4.74
CA PHE A 145 -2.07 1.00 4.69
C PHE A 145 -1.04 0.85 5.82
N ILE A 146 -1.21 -0.21 6.61
CA ILE A 146 -0.30 -0.47 7.72
C ILE A 146 0.41 -1.81 7.55
N PRO A 147 1.74 -1.79 7.67
CA PRO A 147 2.57 -3.00 7.53
C PRO A 147 2.38 -3.97 8.69
N VAL A 148 2.30 -5.26 8.38
CA VAL A 148 2.12 -6.29 9.40
C VAL A 148 3.15 -7.39 9.25
N THR A 149 3.64 -7.90 10.38
CA THR A 149 4.64 -8.97 10.38
C THR A 149 4.40 -9.93 11.53
N ASP A 150 5.14 -11.04 11.52
CA ASP A 150 5.01 -12.05 12.57
C ASP A 150 5.93 -11.71 13.74
N HIS A 151 6.59 -10.57 13.66
CA HIS A 151 7.50 -10.13 14.72
C HIS A 151 8.05 -8.74 14.42
N SER A 152 9.04 -8.33 15.21
CA SER A 152 9.65 -7.02 15.03
C SER A 152 10.62 -7.02 13.85
N MET A 153 10.30 -6.26 12.82
CA MET A 153 11.13 -6.17 11.63
C MET A 153 10.61 -5.11 10.67
N ASN A 154 11.49 -4.61 9.81
CA ASN A 154 11.12 -3.58 8.84
C ASN A 154 10.73 -4.20 7.51
N VAL A 155 9.58 -3.79 6.98
CA VAL A 155 9.10 -4.31 5.70
C VAL A 155 9.32 -3.30 4.58
N CYS A 156 9.72 -3.81 3.41
CA CYS A 156 9.97 -2.96 2.26
C CYS A 156 9.17 -3.44 1.04
N MET A 157 8.29 -2.58 0.55
CA MET A 157 7.47 -2.92 -0.60
C MET A 157 6.63 -1.72 -1.05
N ARG A 158 5.99 -1.84 -2.21
CA ARG A 158 5.16 -0.77 -2.74
C ARG A 158 3.71 -1.21 -2.85
N VAL A 159 2.80 -0.25 -2.81
CA VAL A 159 1.37 -0.54 -2.91
C VAL A 159 0.73 0.25 -4.04
N GLU A 160 -0.49 -0.14 -4.40
CA GLU A 160 -1.22 0.52 -5.47
C GLU A 160 -2.72 0.25 -5.37
N LEU A 161 -3.53 1.27 -5.66
CA LEU A 161 -4.98 1.14 -5.60
C LEU A 161 -5.56 0.91 -6.99
N TYR A 162 -6.58 0.07 -7.06
CA TYR A 162 -7.23 -0.24 -8.33
C TYR A 162 -8.74 -0.43 -8.15
N GLY A 163 -9.49 -0.23 -9.23
CA GLY A 163 -10.93 -0.38 -9.16
C GLY A 163 -11.66 0.64 -10.01
N CYS A 164 -12.55 1.40 -9.38
CA CYS A 164 -13.32 2.42 -10.08
C CYS A 164 -13.23 3.75 -9.37
N VAL A 165 -12.55 4.71 -10.00
CA VAL A 165 -12.39 6.04 -9.42
C VAL A 165 -13.73 6.75 -9.27
N ASN A 5 -7.17 -7.47 -20.95
CA ASN A 5 -7.47 -6.50 -19.91
C ASN A 5 -8.97 -6.31 -19.74
N PRO A 6 -9.64 -7.31 -19.16
CA PRO A 6 -11.08 -7.27 -18.93
C PRO A 6 -11.48 -6.25 -17.87
N ALA A 7 -10.59 -6.03 -16.91
CA ALA A 7 -10.84 -5.07 -15.84
C ALA A 7 -10.97 -3.65 -16.38
N ILE A 8 -12.20 -3.23 -16.63
CA ILE A 8 -12.46 -1.90 -17.15
C ILE A 8 -12.79 -0.92 -16.02
N CYS A 9 -13.27 -1.45 -14.91
CA CYS A 9 -13.63 -0.63 -13.76
C CYS A 9 -12.80 -1.02 -12.53
N ARG A 10 -11.56 -1.45 -12.78
CA ARG A 10 -10.67 -1.85 -11.70
C ARG A 10 -9.32 -1.15 -11.83
N TYR A 11 -9.19 -0.30 -12.84
CA TYR A 11 -7.95 0.42 -13.07
C TYR A 11 -7.51 1.18 -11.82
N PRO A 12 -6.22 1.50 -11.74
CA PRO A 12 -5.65 2.23 -10.60
C PRO A 12 -6.11 3.68 -10.54
N LEU A 13 -5.82 4.34 -9.43
CA LEU A 13 -6.21 5.73 -9.25
C LEU A 13 -5.70 6.60 -10.39
N GLY A 14 -4.38 6.68 -10.53
CA GLY A 14 -3.78 7.48 -11.58
C GLY A 14 -2.31 7.73 -11.35
N MET A 15 -1.89 7.70 -10.09
CA MET A 15 -0.49 7.92 -9.74
C MET A 15 0.42 7.00 -10.53
N SER A 16 0.00 5.76 -10.71
CA SER A 16 0.78 4.78 -11.44
C SER A 16 1.03 5.25 -12.88
N GLY A 17 0.08 5.99 -13.42
CA GLY A 17 0.21 6.50 -14.77
C GLY A 17 0.83 7.88 -14.83
N GLY A 18 0.77 8.60 -13.71
CA GLY A 18 1.33 9.94 -13.66
C GLY A 18 0.27 11.01 -13.80
N GLN A 19 -0.97 10.67 -13.46
CA GLN A 19 -2.08 11.62 -13.56
C GLN A 19 -2.36 12.26 -12.20
N ILE A 20 -2.00 11.56 -11.13
CA ILE A 20 -2.23 12.06 -9.78
C ILE A 20 -0.99 12.76 -9.24
N PRO A 21 -1.21 13.85 -8.48
CA PRO A 21 -0.12 14.63 -7.89
C PRO A 21 0.62 13.87 -6.79
N ASP A 22 1.49 14.58 -6.07
CA ASP A 22 2.25 13.97 -4.99
C ASP A 22 1.76 14.47 -3.63
N GLU A 23 0.61 15.13 -3.63
CA GLU A 23 0.03 15.67 -2.40
C GLU A 23 -1.15 14.82 -1.95
N ASP A 24 -1.34 13.67 -2.61
CA ASP A 24 -2.43 12.77 -2.26
C ASP A 24 -1.91 11.55 -1.52
N ILE A 25 -0.63 11.26 -1.67
CA ILE A 25 -0.01 10.12 -1.02
C ILE A 25 0.89 10.56 0.13
N THR A 26 0.61 10.04 1.32
CA THR A 26 1.40 10.39 2.51
C THR A 26 2.13 9.16 3.04
N ALA A 27 3.45 9.29 3.18
CA ALA A 27 4.27 8.19 3.69
C ALA A 27 4.70 8.46 5.12
N SER A 28 4.23 7.62 6.05
CA SER A 28 4.57 7.76 7.46
C SER A 28 5.63 6.74 7.87
N SER A 29 6.66 6.59 7.04
CA SER A 29 7.73 5.65 7.32
C SER A 29 8.80 5.70 6.23
N GLN A 30 9.22 6.92 5.88
CA GLN A 30 10.23 7.11 4.86
C GLN A 30 11.47 7.78 5.45
N TRP A 31 12.57 7.76 4.68
CA TRP A 31 13.82 8.36 5.12
C TRP A 31 14.10 9.64 4.36
N SER A 32 14.02 9.57 3.03
CA SER A 32 14.27 10.73 2.18
C SER A 32 13.11 10.95 1.21
N GLU A 33 13.33 11.85 0.24
CA GLU A 33 12.30 12.15 -0.74
C GLU A 33 12.44 11.24 -1.97
N SER A 34 13.24 10.19 -1.82
CA SER A 34 13.45 9.25 -2.92
C SER A 34 12.91 7.86 -2.55
N THR A 35 12.72 7.63 -1.26
CA THR A 35 12.22 6.36 -0.78
C THR A 35 10.88 6.53 -0.06
N ALA A 36 10.04 7.42 -0.58
CA ALA A 36 8.74 7.69 0.02
C ALA A 36 7.63 6.97 -0.76
N ALA A 37 6.39 7.24 -0.38
CA ALA A 37 5.24 6.62 -1.03
C ALA A 37 4.74 7.48 -2.18
N LYS A 38 4.88 8.80 -2.04
CA LYS A 38 4.43 9.73 -3.06
C LYS A 38 5.45 9.82 -4.20
N TYR A 39 6.70 9.49 -3.89
CA TYR A 39 7.76 9.52 -4.89
C TYR A 39 8.10 8.13 -5.38
N GLY A 40 7.85 7.13 -4.54
CA GLY A 40 8.13 5.75 -4.91
C GLY A 40 6.92 5.04 -5.46
N ARG A 41 6.50 5.44 -6.66
CA ARG A 41 5.34 4.84 -7.30
C ARG A 41 5.58 3.36 -7.57
N LEU A 42 4.50 2.62 -7.80
CA LEU A 42 4.58 1.19 -8.06
C LEU A 42 5.26 0.93 -9.40
N ASP A 43 6.13 -0.08 -9.43
CA ASP A 43 6.86 -0.44 -10.65
C ASP A 43 7.60 0.77 -11.21
N SER A 44 7.97 1.70 -10.33
CA SER A 44 8.68 2.90 -10.75
C SER A 44 9.90 3.14 -9.86
N GLU A 45 11.08 3.00 -10.45
CA GLU A 45 12.33 3.20 -9.71
C GLU A 45 13.03 4.48 -10.17
N GLU A 46 12.72 5.59 -9.51
CA GLU A 46 13.31 6.87 -9.85
C GLU A 46 14.10 7.45 -8.67
N GLY A 47 13.60 7.19 -7.46
CA GLY A 47 14.26 7.68 -6.27
C GLY A 47 15.39 6.78 -5.82
N ASP A 48 15.04 5.62 -5.28
CA ASP A 48 16.04 4.66 -4.81
C ASP A 48 15.75 3.26 -5.34
N GLY A 49 14.53 2.79 -5.09
CA GLY A 49 14.14 1.47 -5.56
C GLY A 49 12.79 1.04 -5.02
N ALA A 50 12.51 1.40 -3.77
CA ALA A 50 11.24 1.05 -3.14
C ALA A 50 10.98 1.89 -1.90
N TRP A 51 9.84 1.68 -1.27
CA TRP A 51 9.48 2.43 -0.07
C TRP A 51 9.94 1.70 1.19
N CYS A 52 10.81 2.34 1.95
CA CYS A 52 11.33 1.75 3.19
C CYS A 52 11.84 2.84 4.13
N PRO A 53 11.45 2.73 5.42
CA PRO A 53 11.85 3.68 6.46
C PRO A 53 13.34 3.59 6.79
N GLU A 54 13.74 4.29 7.84
CA GLU A 54 15.14 4.27 8.27
C GLU A 54 15.38 3.25 9.37
N ILE A 55 14.29 2.84 10.03
CA ILE A 55 14.37 1.87 11.11
C ILE A 55 13.30 0.80 10.96
N PRO A 56 13.58 -0.40 11.50
CA PRO A 56 12.65 -1.53 11.45
C PRO A 56 11.42 -1.32 12.32
N VAL A 57 10.27 -1.82 11.87
CA VAL A 57 9.03 -1.68 12.62
C VAL A 57 8.64 -3.00 13.27
N GLU A 58 7.86 -2.91 14.35
CA GLU A 58 7.42 -4.10 15.07
C GLU A 58 5.89 -4.23 15.02
N PRO A 59 5.39 -5.47 15.13
CA PRO A 59 3.96 -5.75 15.11
C PRO A 59 3.24 -5.26 16.35
N ASP A 60 4.01 -4.78 17.33
CA ASP A 60 3.46 -4.28 18.57
C ASP A 60 3.75 -2.79 18.73
N ASP A 61 4.79 -2.31 18.05
CA ASP A 61 5.18 -0.91 18.11
C ASP A 61 5.15 -0.28 16.72
N LEU A 62 3.99 -0.33 16.08
CA LEU A 62 3.84 0.25 14.75
C LEU A 62 3.70 1.76 14.82
N LYS A 63 4.79 2.43 15.18
CA LYS A 63 4.80 3.89 15.28
C LYS A 63 4.74 4.52 13.91
N GLU A 64 4.88 3.71 12.87
CA GLU A 64 4.84 4.20 11.50
C GLU A 64 3.75 3.49 10.70
N PHE A 65 3.51 3.97 9.48
CA PHE A 65 2.49 3.38 8.62
C PHE A 65 2.42 4.12 7.28
N LEU A 66 1.45 3.74 6.46
CA LEU A 66 1.28 4.36 5.15
C LEU A 66 -0.12 4.98 5.02
N GLN A 67 -0.17 6.22 4.56
CA GLN A 67 -1.45 6.90 4.39
C GLN A 67 -1.69 7.26 2.92
N ILE A 68 -2.86 6.89 2.41
CA ILE A 68 -3.21 7.18 1.02
C ILE A 68 -4.52 7.93 0.93
N ASP A 69 -4.54 8.98 0.11
CA ASP A 69 -5.74 9.79 -0.07
C ASP A 69 -6.09 9.93 -1.55
N LEU A 70 -7.32 9.60 -1.90
CA LEU A 70 -7.78 9.67 -3.28
C LEU A 70 -8.49 11.01 -3.54
N HIS A 71 -8.71 11.31 -4.82
CA HIS A 71 -9.39 12.55 -5.20
C HIS A 71 -10.70 12.71 -4.45
N THR A 72 -11.68 11.88 -4.79
CA THR A 72 -12.99 11.93 -4.14
C THR A 72 -13.48 10.54 -3.79
N LEU A 73 -14.74 10.45 -3.36
CA LEU A 73 -15.33 9.16 -2.99
C LEU A 73 -15.13 8.14 -4.11
N HIS A 74 -14.19 7.22 -3.89
CA HIS A 74 -13.91 6.18 -4.87
C HIS A 74 -14.21 4.80 -4.30
N PHE A 75 -14.33 3.81 -5.18
CA PHE A 75 -14.62 2.45 -4.77
C PHE A 75 -13.43 1.53 -5.03
N ILE A 76 -12.77 1.09 -3.97
CA ILE A 76 -11.62 0.21 -4.09
C ILE A 76 -12.05 -1.26 -4.15
N THR A 77 -11.78 -1.90 -5.29
CA THR A 77 -12.15 -3.30 -5.48
C THR A 77 -10.90 -4.16 -5.67
N LEU A 78 -9.77 -3.51 -5.89
CA LEU A 78 -8.51 -4.22 -6.10
C LEU A 78 -7.35 -3.46 -5.47
N VAL A 79 -6.29 -4.18 -5.11
CA VAL A 79 -5.11 -3.57 -4.51
C VAL A 79 -3.83 -4.19 -5.06
N GLY A 80 -2.86 -3.33 -5.38
CA GLY A 80 -1.60 -3.82 -5.90
C GLY A 80 -0.45 -3.66 -4.92
N THR A 81 0.53 -4.55 -4.99
CA THR A 81 1.68 -4.51 -4.10
C THR A 81 2.90 -5.13 -4.75
N GLN A 82 4.00 -4.37 -4.79
CA GLN A 82 5.23 -4.86 -5.39
C GLN A 82 6.34 -4.93 -4.35
N GLY A 83 6.75 -6.15 -4.01
CA GLY A 83 7.80 -6.35 -3.03
C GLY A 83 9.16 -5.90 -3.54
N ARG A 84 10.04 -5.53 -2.61
CA ARG A 84 11.38 -5.09 -2.98
C ARG A 84 12.29 -6.26 -3.29
N HIS A 85 13.19 -6.09 -4.25
CA HIS A 85 14.11 -7.15 -4.64
C HIS A 85 15.42 -6.55 -5.16
N ALA A 86 16.53 -7.24 -4.90
CA ALA A 86 17.83 -6.78 -5.34
C ALA A 86 18.52 -7.85 -6.18
N GLY A 87 17.73 -8.70 -6.82
CA GLY A 87 18.28 -9.75 -7.65
C GLY A 87 18.61 -11.00 -6.85
N GLY A 88 18.03 -11.12 -5.67
CA GLY A 88 18.28 -12.28 -4.83
C GLY A 88 18.69 -11.89 -3.43
N HIS A 89 19.14 -10.65 -3.26
CA HIS A 89 19.58 -10.17 -1.96
C HIS A 89 18.41 -9.51 -1.20
N GLY A 90 17.55 -8.83 -1.94
CA GLY A 90 16.41 -8.16 -1.32
C GLY A 90 15.32 -9.14 -0.93
N ILE A 91 15.58 -9.94 0.09
CA ILE A 91 14.60 -10.92 0.57
C ILE A 91 13.69 -10.32 1.63
N GLU A 92 13.82 -9.01 1.85
CA GLU A 92 13.00 -8.32 2.85
C GLU A 92 11.71 -7.81 2.21
N PHE A 93 10.61 -7.93 2.95
CA PHE A 93 9.32 -7.48 2.46
C PHE A 93 8.25 -7.63 3.55
N ALA A 94 7.04 -7.15 3.25
CA ALA A 94 5.94 -7.23 4.19
C ALA A 94 5.05 -8.44 3.92
N PRO A 95 5.16 -9.46 4.78
CA PRO A 95 4.37 -10.69 4.65
C PRO A 95 2.89 -10.47 4.93
N MET A 96 2.58 -9.39 5.63
CA MET A 96 1.20 -9.06 5.97
C MET A 96 1.01 -7.56 6.10
N TYR A 97 -0.23 -7.11 6.03
CA TYR A 97 -0.54 -5.69 6.13
C TYR A 97 -2.05 -5.46 6.14
N LYS A 98 -2.50 -4.57 7.01
CA LYS A 98 -3.93 -4.25 7.11
C LYS A 98 -4.30 -3.10 6.18
N ILE A 99 -5.52 -3.13 5.67
CA ILE A 99 -6.00 -2.09 4.77
C ILE A 99 -7.16 -1.32 5.39
N ASN A 100 -6.84 -0.19 6.02
CA ASN A 100 -7.84 0.65 6.66
C ASN A 100 -8.41 1.66 5.67
N TYR A 101 -9.53 2.27 6.03
CA TYR A 101 -10.17 3.27 5.18
C TYR A 101 -10.82 4.37 6.01
N SER A 102 -11.19 5.46 5.36
CA SER A 102 -11.83 6.58 6.03
C SER A 102 -12.49 7.52 5.04
N ARG A 103 -13.55 8.18 5.47
CA ARG A 103 -14.29 9.11 4.62
C ARG A 103 -13.89 10.55 4.92
N ASP A 104 -14.09 10.97 6.17
CA ASP A 104 -13.76 12.32 6.58
C ASP A 104 -12.46 12.35 7.38
N GLY A 105 -11.61 11.36 7.14
CA GLY A 105 -10.34 11.28 7.84
C GLY A 105 -10.51 11.32 9.35
N THR A 106 -11.68 10.89 9.82
CA THR A 106 -11.97 10.87 11.25
C THR A 106 -12.26 9.46 11.73
N ARG A 107 -13.18 8.78 11.06
CA ARG A 107 -13.54 7.42 11.43
C ARG A 107 -12.64 6.41 10.74
N TRP A 108 -11.97 5.57 11.53
CA TRP A 108 -11.08 4.56 10.99
C TRP A 108 -11.79 3.22 10.86
N ILE A 109 -11.99 2.78 9.62
CA ILE A 109 -12.67 1.51 9.36
C ILE A 109 -11.70 0.50 8.75
N SER A 110 -11.58 -0.66 9.41
CA SER A 110 -10.68 -1.71 8.93
C SER A 110 -11.44 -2.70 8.04
N TRP A 111 -10.98 -2.83 6.80
CA TRP A 111 -11.61 -3.74 5.85
C TRP A 111 -11.65 -5.16 6.40
N ARG A 112 -12.85 -5.73 6.48
CA ARG A 112 -13.03 -7.08 7.00
C ARG A 112 -13.39 -8.04 5.88
N ASN A 113 -12.52 -9.01 5.62
CA ASN A 113 -12.75 -9.99 4.57
C ASN A 113 -13.82 -10.99 4.98
N ARG A 114 -14.31 -11.76 4.01
CA ARG A 114 -15.35 -12.75 4.27
C ARG A 114 -14.90 -13.73 5.35
N HIS A 115 -13.59 -13.87 5.52
CA HIS A 115 -13.03 -14.77 6.52
C HIS A 115 -13.06 -14.14 7.91
N GLY A 116 -13.05 -12.81 7.94
CA GLY A 116 -13.07 -12.10 9.21
C GLY A 116 -11.68 -11.71 9.68
N LYS A 117 -10.72 -11.73 8.77
CA LYS A 117 -9.34 -11.38 9.09
C LYS A 117 -8.99 -10.00 8.57
N GLN A 118 -8.93 -9.02 9.47
CA GLN A 118 -8.60 -7.64 9.09
C GLN A 118 -7.32 -7.60 8.27
N VAL A 119 -6.22 -8.11 8.84
CA VAL A 119 -4.95 -8.12 8.16
C VAL A 119 -5.04 -8.83 6.81
N LEU A 120 -4.35 -8.28 5.82
CA LEU A 120 -4.35 -8.86 4.48
C LEU A 120 -3.00 -9.48 4.14
N ASP A 121 -3.02 -10.54 3.35
CA ASP A 121 -1.80 -11.22 2.95
C ASP A 121 -0.87 -10.27 2.20
N GLY A 122 0.43 -10.35 2.50
CA GLY A 122 1.40 -9.50 1.85
C GLY A 122 1.75 -9.97 0.46
N ASN A 123 2.89 -9.51 -0.06
CA ASN A 123 3.34 -9.89 -1.39
C ASN A 123 3.66 -11.37 -1.45
N SER A 124 2.99 -12.09 -2.35
CA SER A 124 3.21 -13.52 -2.50
C SER A 124 4.13 -13.81 -3.68
N ASN A 125 4.23 -12.85 -4.59
CA ASN A 125 5.07 -13.00 -5.77
C ASN A 125 6.53 -12.71 -5.44
N PRO A 126 7.45 -13.20 -6.28
CA PRO A 126 8.89 -13.02 -6.10
C PRO A 126 9.32 -11.57 -6.32
N TYR A 127 8.86 -10.99 -7.42
CA TYR A 127 9.21 -9.61 -7.76
C TYR A 127 8.08 -8.95 -8.55
N ASP A 128 7.51 -9.69 -9.48
CA ASP A 128 6.42 -9.18 -10.31
C ASP A 128 5.31 -8.61 -9.44
N ILE A 129 4.65 -7.57 -9.94
CA ILE A 129 3.56 -6.93 -9.21
C ILE A 129 2.51 -7.95 -8.78
N PHE A 130 2.06 -7.83 -7.54
CA PHE A 130 1.05 -8.75 -7.00
C PHE A 130 -0.27 -8.02 -6.75
N LEU A 131 -1.32 -8.47 -7.44
CA LEU A 131 -2.64 -7.86 -7.29
C LEU A 131 -3.52 -8.71 -6.38
N LYS A 132 -4.35 -8.03 -5.59
CA LYS A 132 -5.25 -8.72 -4.67
C LYS A 132 -6.66 -8.17 -4.79
N ASP A 133 -7.59 -9.02 -5.18
CA ASP A 133 -8.99 -8.62 -5.34
C ASP A 133 -9.65 -8.42 -3.98
N LEU A 134 -10.17 -7.21 -3.75
CA LEU A 134 -10.83 -6.89 -2.48
C LEU A 134 -12.34 -7.00 -2.62
N GLU A 135 -12.94 -7.92 -1.86
CA GLU A 135 -14.38 -8.12 -1.89
C GLU A 135 -14.92 -8.44 -0.50
N PRO A 136 -15.95 -7.69 -0.08
CA PRO A 136 -16.54 -6.63 -0.89
C PRO A 136 -15.61 -5.43 -1.04
N PRO A 137 -15.96 -4.52 -1.95
CA PRO A 137 -15.17 -3.32 -2.22
C PRO A 137 -15.24 -2.31 -1.06
N ILE A 138 -14.54 -1.19 -1.22
CA ILE A 138 -14.53 -0.16 -0.20
C ILE A 138 -14.81 1.22 -0.79
N VAL A 139 -15.92 1.82 -0.37
CA VAL A 139 -16.31 3.14 -0.87
C VAL A 139 -15.89 4.23 0.11
N ALA A 140 -14.81 4.94 -0.21
CA ALA A 140 -14.32 6.01 0.64
C ALA A 140 -13.39 6.93 -0.13
N ARG A 141 -12.79 7.88 0.57
CA ARG A 141 -11.88 8.84 -0.05
C ARG A 141 -10.48 8.74 0.55
N PHE A 142 -10.38 8.02 1.66
CA PHE A 142 -9.10 7.84 2.35
C PHE A 142 -8.82 6.35 2.61
N VAL A 143 -7.60 5.94 2.33
CA VAL A 143 -7.20 4.55 2.53
C VAL A 143 -5.86 4.46 3.26
N ARG A 144 -5.86 3.80 4.40
CA ARG A 144 -4.64 3.64 5.20
C ARG A 144 -4.07 2.23 5.04
N PHE A 145 -2.76 2.11 5.12
CA PHE A 145 -2.08 0.82 4.99
C PHE A 145 -1.12 0.60 6.14
N ILE A 146 -1.41 -0.40 6.97
CA ILE A 146 -0.56 -0.72 8.11
C ILE A 146 0.25 -2.00 7.85
N PRO A 147 1.59 -1.86 7.85
CA PRO A 147 2.49 -2.98 7.62
C PRO A 147 2.50 -3.98 8.78
N VAL A 148 2.06 -5.20 8.50
CA VAL A 148 2.02 -6.24 9.52
C VAL A 148 3.15 -7.25 9.34
N THR A 149 3.63 -7.80 10.44
CA THR A 149 4.71 -8.78 10.41
C THR A 149 4.64 -9.72 11.60
N ASP A 150 5.31 -10.87 11.48
CA ASP A 150 5.33 -11.85 12.55
C ASP A 150 6.39 -11.52 13.58
N HIS A 151 7.19 -10.49 13.29
CA HIS A 151 8.26 -10.06 14.20
C HIS A 151 8.87 -8.75 13.74
N SER A 152 9.73 -8.18 14.58
CA SER A 152 10.39 -6.92 14.25
C SER A 152 11.40 -7.10 13.12
N MET A 153 11.19 -6.39 12.02
CA MET A 153 12.07 -6.47 10.87
C MET A 153 11.76 -5.38 9.85
N ASN A 154 12.74 -5.06 9.00
CA ASN A 154 12.57 -4.04 7.99
C ASN A 154 11.78 -4.58 6.80
N VAL A 155 10.71 -3.88 6.44
CA VAL A 155 9.87 -4.28 5.32
C VAL A 155 9.91 -3.26 4.19
N CYS A 156 10.32 -3.70 3.01
CA CYS A 156 10.41 -2.83 1.84
C CYS A 156 9.50 -3.31 0.72
N MET A 157 8.54 -2.48 0.34
CA MET A 157 7.61 -2.83 -0.72
C MET A 157 6.66 -1.67 -1.02
N ARG A 158 6.28 -1.52 -2.27
CA ARG A 158 5.37 -0.45 -2.68
C ARG A 158 3.94 -0.97 -2.83
N VAL A 159 2.97 -0.12 -2.51
CA VAL A 159 1.57 -0.50 -2.60
C VAL A 159 0.82 0.41 -3.58
N GLU A 160 -0.37 -0.02 -3.97
CA GLU A 160 -1.19 0.75 -4.90
C GLU A 160 -2.67 0.43 -4.73
N LEU A 161 -3.52 1.38 -5.11
CA LEU A 161 -4.97 1.19 -4.99
C LEU A 161 -5.60 1.01 -6.37
N TYR A 162 -6.44 -0.01 -6.50
CA TYR A 162 -7.11 -0.31 -7.76
C TYR A 162 -8.62 -0.39 -7.56
N GLY A 163 -9.36 -0.18 -8.66
CA GLY A 163 -10.81 -0.24 -8.59
C GLY A 163 -11.48 0.72 -9.54
N CYS A 164 -12.49 1.43 -9.07
CA CYS A 164 -13.21 2.39 -9.89
C CYS A 164 -13.53 3.65 -9.10
N VAL A 165 -14.04 4.67 -9.80
CA VAL A 165 -14.39 5.93 -9.17
C VAL A 165 -15.76 5.86 -8.51
N ASN A 5 -7.45 -6.57 -21.28
CA ASN A 5 -7.80 -7.20 -20.02
C ASN A 5 -9.30 -7.13 -19.76
N PRO A 6 -9.79 -8.00 -18.87
CA PRO A 6 -11.22 -8.06 -18.51
C PRO A 6 -11.66 -6.83 -17.72
N ALA A 7 -10.72 -6.24 -16.99
CA ALA A 7 -11.02 -5.06 -16.18
C ALA A 7 -11.42 -3.88 -17.06
N ILE A 8 -12.50 -3.21 -16.67
CA ILE A 8 -13.00 -2.06 -17.43
C ILE A 8 -13.01 -0.81 -16.57
N CYS A 9 -13.28 -0.98 -15.27
CA CYS A 9 -13.32 0.14 -14.34
C CYS A 9 -12.59 -0.20 -13.05
N ARG A 10 -11.56 -1.02 -13.16
CA ARG A 10 -10.77 -1.43 -12.00
C ARG A 10 -9.37 -0.81 -12.04
N TYR A 11 -9.15 0.08 -13.00
CA TYR A 11 -7.86 0.74 -13.15
C TYR A 11 -7.43 1.39 -11.84
N PRO A 12 -6.13 1.66 -11.72
CA PRO A 12 -5.55 2.28 -10.53
C PRO A 12 -5.98 3.75 -10.38
N LEU A 13 -5.53 4.38 -9.29
CA LEU A 13 -5.86 5.77 -9.03
C LEU A 13 -5.39 6.67 -10.16
N GLY A 14 -4.07 6.77 -10.32
CA GLY A 14 -3.51 7.60 -11.38
C GLY A 14 -2.01 7.79 -11.22
N MET A 15 -1.53 7.71 -9.98
CA MET A 15 -0.11 7.89 -9.70
C MET A 15 0.73 6.96 -10.58
N SER A 16 0.21 5.77 -10.85
CA SER A 16 0.92 4.80 -11.67
C SER A 16 1.34 5.40 -13.00
N GLY A 17 0.56 6.38 -13.46
CA GLY A 17 0.86 7.03 -14.72
C GLY A 17 1.37 8.45 -14.53
N GLY A 18 1.13 9.02 -13.35
CA GLY A 18 1.57 10.37 -13.07
C GLY A 18 0.44 11.38 -13.18
N GLN A 19 -0.79 10.91 -13.08
CA GLN A 19 -1.96 11.78 -13.18
C GLN A 19 -2.34 12.33 -11.81
N ILE A 20 -1.93 11.62 -10.76
CA ILE A 20 -2.23 12.05 -9.40
C ILE A 20 -1.04 12.76 -8.77
N PRO A 21 -1.32 13.79 -7.96
CA PRO A 21 -0.29 14.57 -7.28
C PRO A 21 0.41 13.79 -6.18
N ASP A 22 1.23 14.47 -5.39
CA ASP A 22 1.96 13.84 -4.30
C ASP A 22 1.19 13.95 -2.99
N GLU A 23 0.18 14.80 -2.97
CA GLU A 23 -0.63 15.02 -1.78
C GLU A 23 -1.51 13.80 -1.49
N ASP A 24 -1.66 12.94 -2.50
CA ASP A 24 -2.47 11.74 -2.37
C ASP A 24 -1.68 10.62 -1.70
N ILE A 25 -0.37 10.61 -1.94
CA ILE A 25 0.50 9.59 -1.36
C ILE A 25 1.29 10.15 -0.18
N THR A 26 0.94 9.71 1.02
CA THR A 26 1.61 10.16 2.23
C THR A 26 2.33 9.01 2.93
N ALA A 27 3.61 9.20 3.20
CA ALA A 27 4.41 8.18 3.86
C ALA A 27 4.67 8.54 5.33
N SER A 28 4.02 7.81 6.23
CA SER A 28 4.16 8.05 7.66
C SER A 28 5.11 7.03 8.29
N SER A 29 6.16 6.68 7.55
CA SER A 29 7.13 5.71 8.04
C SER A 29 8.27 5.54 7.03
N GLN A 30 8.64 6.63 6.36
CA GLN A 30 9.71 6.61 5.38
C GLN A 30 11.04 6.98 6.01
N TRP A 31 12.13 6.60 5.36
CA TRP A 31 13.47 6.90 5.85
C TRP A 31 14.02 8.17 5.22
N SER A 32 14.04 8.20 3.89
CA SER A 32 14.55 9.35 3.15
C SER A 32 13.66 9.66 1.94
N GLU A 33 14.18 10.47 1.03
CA GLU A 33 13.43 10.84 -0.17
C GLU A 33 13.66 9.82 -1.28
N SER A 34 14.23 8.68 -0.92
CA SER A 34 14.50 7.62 -1.89
C SER A 34 13.68 6.38 -1.58
N THR A 35 13.20 6.28 -0.35
CA THR A 35 12.40 5.14 0.08
C THR A 35 11.01 5.58 0.52
N ALA A 36 10.55 6.71 -0.01
CA ALA A 36 9.24 7.24 0.34
C ALA A 36 8.17 6.65 -0.57
N ALA A 37 6.90 6.97 -0.27
CA ALA A 37 5.79 6.46 -1.06
C ALA A 37 5.58 7.30 -2.32
N LYS A 38 6.08 8.53 -2.30
CA LYS A 38 5.96 9.43 -3.44
C LYS A 38 7.20 9.37 -4.31
N TYR A 39 8.32 9.01 -3.71
CA TYR A 39 9.59 8.92 -4.44
C TYR A 39 9.89 7.47 -4.82
N GLY A 40 8.86 6.62 -4.80
CA GLY A 40 9.03 5.23 -5.14
C GLY A 40 7.74 4.57 -5.57
N ARG A 41 7.13 5.11 -6.63
CA ARG A 41 5.88 4.58 -7.15
C ARG A 41 6.04 3.12 -7.58
N LEU A 42 4.92 2.42 -7.73
CA LEU A 42 4.95 1.02 -8.14
C LEU A 42 5.78 0.83 -9.39
N ASP A 43 6.48 -0.29 -9.47
CA ASP A 43 7.31 -0.59 -10.63
C ASP A 43 8.10 0.64 -11.06
N SER A 44 8.57 1.41 -10.09
CA SER A 44 9.33 2.63 -10.39
C SER A 44 10.55 2.74 -9.48
N GLU A 45 11.73 2.80 -10.08
CA GLU A 45 12.97 2.90 -9.33
C GLU A 45 13.70 4.20 -9.65
N GLU A 46 13.44 5.23 -8.85
CA GLU A 46 14.08 6.53 -9.06
C GLU A 46 15.02 6.87 -7.91
N GLY A 47 14.70 6.36 -6.72
CA GLY A 47 15.53 6.62 -5.56
C GLY A 47 16.29 5.38 -5.10
N ASP A 48 15.72 4.66 -4.15
CA ASP A 48 16.35 3.45 -3.63
C ASP A 48 15.87 2.21 -4.38
N GLY A 49 14.55 2.02 -4.42
CA GLY A 49 13.99 0.88 -5.11
C GLY A 49 12.56 0.59 -4.68
N ALA A 50 12.22 0.96 -3.45
CA ALA A 50 10.88 0.74 -2.92
C ALA A 50 10.64 1.57 -1.68
N TRP A 51 9.46 1.41 -1.09
CA TRP A 51 9.10 2.16 0.11
C TRP A 51 9.43 1.37 1.37
N CYS A 52 10.29 1.93 2.22
CA CYS A 52 10.70 1.27 3.45
C CYS A 52 11.30 2.27 4.43
N PRO A 53 11.04 2.05 5.73
CA PRO A 53 11.56 2.92 6.79
C PRO A 53 13.07 2.81 6.96
N GLU A 54 13.59 3.36 8.05
CA GLU A 54 15.01 3.33 8.33
C GLU A 54 15.32 2.31 9.43
N ILE A 55 14.28 1.67 9.95
CA ILE A 55 14.45 0.67 11.00
C ILE A 55 13.31 -0.34 10.97
N PRO A 56 13.55 -1.52 11.56
CA PRO A 56 12.56 -2.60 11.62
C PRO A 56 11.40 -2.27 12.55
N VAL A 57 10.19 -2.60 12.13
CA VAL A 57 8.99 -2.33 12.92
C VAL A 57 8.48 -3.61 13.59
N GLU A 58 7.84 -3.45 14.74
CA GLU A 58 7.31 -4.59 15.48
C GLU A 58 5.78 -4.60 15.43
N PRO A 59 5.20 -5.79 15.58
CA PRO A 59 3.74 -5.97 15.55
C PRO A 59 3.07 -5.38 16.80
N ASP A 60 3.89 -4.97 17.76
CA ASP A 60 3.36 -4.39 18.99
C ASP A 60 3.57 -2.87 19.01
N ASP A 61 4.70 -2.43 18.47
CA ASP A 61 5.00 -1.01 18.42
C ASP A 61 5.22 -0.55 16.98
N LEU A 62 4.12 -0.21 16.31
CA LEU A 62 4.19 0.24 14.92
C LEU A 62 3.37 1.52 14.73
N LYS A 63 3.74 2.57 15.46
CA LYS A 63 3.04 3.85 15.37
C LYS A 63 3.14 4.41 13.96
N GLU A 64 4.08 3.90 13.17
CA GLU A 64 4.27 4.36 11.80
C GLU A 64 3.43 3.54 10.83
N PHE A 65 3.21 4.09 9.64
CA PHE A 65 2.41 3.41 8.62
C PHE A 65 2.33 4.25 7.35
N LEU A 66 1.53 3.78 6.39
CA LEU A 66 1.36 4.49 5.13
C LEU A 66 -0.01 5.16 5.06
N GLN A 67 -0.02 6.43 4.65
CA GLN A 67 -1.26 7.18 4.53
C GLN A 67 -1.59 7.48 3.08
N ILE A 68 -2.84 7.21 2.69
CA ILE A 68 -3.28 7.44 1.33
C ILE A 68 -4.57 8.26 1.29
N ASP A 69 -4.53 9.38 0.61
CA ASP A 69 -5.70 10.26 0.49
C ASP A 69 -6.13 10.41 -0.96
N LEU A 70 -7.26 9.80 -1.31
CA LEU A 70 -7.78 9.87 -2.67
C LEU A 70 -8.52 11.18 -2.90
N HIS A 71 -8.76 11.50 -4.17
CA HIS A 71 -9.47 12.72 -4.52
C HIS A 71 -10.83 12.79 -3.83
N THR A 72 -11.76 11.95 -4.28
CA THR A 72 -13.10 11.91 -3.71
C THR A 72 -13.54 10.47 -3.44
N LEU A 73 -14.79 10.31 -3.02
CA LEU A 73 -15.33 8.98 -2.72
C LEU A 73 -15.11 8.04 -3.91
N HIS A 74 -14.13 7.15 -3.77
CA HIS A 74 -13.81 6.19 -4.82
C HIS A 74 -14.13 4.77 -4.36
N PHE A 75 -14.25 3.86 -5.32
CA PHE A 75 -14.54 2.46 -5.02
C PHE A 75 -13.35 1.57 -5.34
N ILE A 76 -12.75 1.01 -4.30
CA ILE A 76 -11.60 0.12 -4.47
C ILE A 76 -12.03 -1.34 -4.47
N THR A 77 -11.92 -1.98 -5.64
CA THR A 77 -12.29 -3.38 -5.78
C THR A 77 -11.05 -4.26 -5.94
N LEU A 78 -9.90 -3.62 -6.13
CA LEU A 78 -8.64 -4.35 -6.30
C LEU A 78 -7.48 -3.57 -5.71
N VAL A 79 -6.44 -4.29 -5.30
CA VAL A 79 -5.26 -3.66 -4.71
C VAL A 79 -3.98 -4.31 -5.22
N GLY A 80 -2.98 -3.49 -5.52
CA GLY A 80 -1.72 -4.00 -6.02
C GLY A 80 -0.58 -3.75 -5.06
N THR A 81 0.41 -4.64 -5.08
CA THR A 81 1.56 -4.51 -4.21
C THR A 81 2.80 -5.15 -4.83
N GLN A 82 3.95 -4.50 -4.65
CA GLN A 82 5.21 -5.02 -5.19
C GLN A 82 6.31 -5.00 -4.13
N GLY A 83 6.97 -6.14 -3.97
CA GLY A 83 8.04 -6.23 -2.99
C GLY A 83 9.39 -5.80 -3.55
N ARG A 84 10.39 -5.71 -2.67
CA ARG A 84 11.72 -5.30 -3.08
C ARG A 84 12.57 -6.51 -3.47
N HIS A 85 13.31 -6.38 -4.56
CA HIS A 85 14.17 -7.47 -5.03
C HIS A 85 15.44 -6.92 -5.67
N ALA A 86 16.57 -7.18 -5.03
CA ALA A 86 17.86 -6.71 -5.54
C ALA A 86 18.69 -7.87 -6.08
N GLY A 87 18.47 -9.06 -5.53
CA GLY A 87 19.20 -10.22 -5.97
C GLY A 87 20.12 -10.78 -4.90
N GLY A 88 19.63 -10.82 -3.66
CA GLY A 88 20.43 -11.32 -2.56
C GLY A 88 20.76 -10.25 -1.55
N HIS A 89 20.68 -8.99 -1.97
CA HIS A 89 20.97 -7.87 -1.09
C HIS A 89 19.77 -7.54 -0.21
N GLY A 90 18.64 -7.27 -0.86
CA GLY A 90 17.42 -6.94 -0.12
C GLY A 90 16.43 -8.09 -0.11
N ILE A 91 16.65 -9.04 0.79
CA ILE A 91 15.77 -10.20 0.90
C ILE A 91 14.62 -9.92 1.86
N GLU A 92 14.50 -8.67 2.30
CA GLU A 92 13.45 -8.27 3.22
C GLU A 92 12.18 -7.90 2.45
N PHE A 93 11.04 -8.05 3.12
CA PHE A 93 9.75 -7.74 2.51
C PHE A 93 8.65 -7.67 3.56
N ALA A 94 7.41 -7.52 3.11
CA ALA A 94 6.27 -7.44 4.01
C ALA A 94 5.40 -8.69 3.90
N PRO A 95 5.39 -9.50 4.97
CA PRO A 95 4.60 -10.74 5.02
C PRO A 95 3.10 -10.47 5.09
N MET A 96 2.73 -9.38 5.76
CA MET A 96 1.33 -9.01 5.90
C MET A 96 1.18 -7.50 6.07
N TYR A 97 -0.06 -7.02 6.02
CA TYR A 97 -0.33 -5.60 6.16
C TYR A 97 -1.84 -5.34 6.19
N LYS A 98 -2.26 -4.47 7.09
CA LYS A 98 -3.67 -4.12 7.23
C LYS A 98 -4.06 -3.00 6.27
N ILE A 99 -5.33 -2.96 5.89
CA ILE A 99 -5.82 -1.94 4.97
C ILE A 99 -7.01 -1.18 5.57
N ASN A 100 -6.74 0.01 6.10
CA ASN A 100 -7.78 0.82 6.71
C ASN A 100 -8.35 1.82 5.69
N TYR A 101 -9.50 2.40 6.02
CA TYR A 101 -10.13 3.38 5.14
C TYR A 101 -10.88 4.43 5.95
N SER A 102 -11.48 5.39 5.25
CA SER A 102 -12.22 6.46 5.91
C SER A 102 -12.86 7.38 4.87
N ARG A 103 -13.72 8.29 5.34
CA ARG A 103 -14.40 9.23 4.46
C ARG A 103 -13.99 10.66 4.79
N ASP A 104 -13.57 10.89 6.03
CA ASP A 104 -13.15 12.22 6.46
C ASP A 104 -11.80 12.16 7.15
N GLY A 105 -11.40 13.28 7.78
CA GLY A 105 -10.13 13.32 8.46
C GLY A 105 -10.26 13.17 9.97
N THR A 106 -11.03 12.17 10.38
CA THR A 106 -11.24 11.91 11.80
C THR A 106 -11.57 10.45 12.05
N ARG A 107 -12.75 10.03 11.60
CA ARG A 107 -13.19 8.65 11.78
C ARG A 107 -12.37 7.71 10.91
N TRP A 108 -12.12 6.51 11.42
CA TRP A 108 -11.34 5.51 10.70
C TRP A 108 -12.08 4.17 10.65
N ILE A 109 -11.86 3.42 9.59
CA ILE A 109 -12.50 2.12 9.43
C ILE A 109 -11.49 1.05 9.01
N SER A 110 -11.76 -0.19 9.40
CA SER A 110 -10.87 -1.30 9.07
C SER A 110 -11.58 -2.32 8.19
N TRP A 111 -11.10 -2.45 6.95
CA TRP A 111 -11.68 -3.39 6.00
C TRP A 111 -11.55 -4.82 6.50
N ARG A 112 -12.67 -5.54 6.55
CA ARG A 112 -12.68 -6.92 7.01
C ARG A 112 -12.78 -7.88 5.83
N ASN A 113 -11.95 -8.92 5.84
CA ASN A 113 -11.94 -9.92 4.77
C ASN A 113 -12.82 -11.11 5.14
N ARG A 114 -12.98 -12.03 4.19
CA ARG A 114 -13.79 -13.22 4.41
C ARG A 114 -13.25 -14.03 5.59
N HIS A 115 -11.97 -13.83 5.91
CA HIS A 115 -11.35 -14.54 7.01
C HIS A 115 -11.67 -13.88 8.35
N GLY A 116 -11.72 -12.54 8.34
CA GLY A 116 -12.02 -11.81 9.55
C GLY A 116 -10.79 -11.59 10.42
N LYS A 117 -9.63 -11.47 9.77
CA LYS A 117 -8.38 -11.25 10.48
C LYS A 117 -7.99 -9.78 10.45
N GLN A 118 -8.74 -8.98 9.70
CA GLN A 118 -8.48 -7.55 9.59
C GLN A 118 -7.07 -7.30 9.05
N VAL A 119 -6.50 -8.31 8.41
CA VAL A 119 -5.16 -8.20 7.84
C VAL A 119 -5.09 -8.85 6.47
N LEU A 120 -4.36 -8.22 5.55
CA LEU A 120 -4.21 -8.74 4.20
C LEU A 120 -2.82 -9.32 4.00
N ASP A 121 -2.76 -10.44 3.27
CA ASP A 121 -1.48 -11.10 3.00
C ASP A 121 -0.56 -10.19 2.20
N GLY A 122 0.67 -10.06 2.67
CA GLY A 122 1.64 -9.20 1.98
C GLY A 122 2.16 -9.84 0.71
N ASN A 123 3.47 -10.01 0.62
CA ASN A 123 4.09 -10.60 -0.56
C ASN A 123 5.19 -11.57 -0.17
N SER A 124 5.17 -12.76 -0.76
CA SER A 124 6.17 -13.78 -0.47
C SER A 124 7.26 -13.80 -1.54
N ASN A 125 7.68 -12.62 -1.96
CA ASN A 125 8.72 -12.49 -2.98
C ASN A 125 8.37 -13.32 -4.21
N PRO A 126 7.25 -12.97 -4.87
CA PRO A 126 6.77 -13.67 -6.06
C PRO A 126 7.67 -13.41 -7.28
N TYR A 127 7.20 -13.83 -8.45
CA TYR A 127 7.96 -13.65 -9.67
C TYR A 127 7.66 -12.29 -10.31
N ASP A 128 6.60 -11.65 -9.82
CA ASP A 128 6.20 -10.34 -10.35
C ASP A 128 5.22 -9.67 -9.40
N ILE A 129 4.68 -8.52 -9.83
CA ILE A 129 3.72 -7.78 -9.02
C ILE A 129 2.59 -8.68 -8.53
N PHE A 130 2.13 -8.44 -7.31
CA PHE A 130 1.05 -9.22 -6.73
C PHE A 130 -0.20 -8.38 -6.54
N LEU A 131 -1.31 -8.82 -7.10
CA LEU A 131 -2.58 -8.12 -6.99
C LEU A 131 -3.57 -8.89 -6.14
N LYS A 132 -4.54 -8.19 -5.57
CA LYS A 132 -5.56 -8.81 -4.74
C LYS A 132 -6.91 -8.11 -4.91
N ASP A 133 -7.92 -8.89 -5.27
CA ASP A 133 -9.26 -8.34 -5.47
C ASP A 133 -10.01 -8.25 -4.14
N LEU A 134 -10.39 -7.04 -3.76
CA LEU A 134 -11.12 -6.82 -2.51
C LEU A 134 -12.58 -7.20 -2.66
N GLU A 135 -13.08 -8.00 -1.71
CA GLU A 135 -14.46 -8.44 -1.74
C GLU A 135 -14.97 -8.69 -0.32
N PRO A 136 -15.96 -7.87 0.10
CA PRO A 136 -16.52 -6.81 -0.74
C PRO A 136 -15.53 -5.66 -0.96
N PRO A 137 -15.86 -4.78 -1.91
CA PRO A 137 -15.01 -3.62 -2.24
C PRO A 137 -15.01 -2.58 -1.13
N ILE A 138 -14.38 -1.44 -1.40
CA ILE A 138 -14.30 -0.36 -0.42
C ILE A 138 -14.74 0.96 -1.04
N VAL A 139 -15.83 1.52 -0.51
CA VAL A 139 -16.36 2.78 -1.00
C VAL A 139 -15.97 3.94 -0.08
N ALA A 140 -14.82 4.53 -0.35
CA ALA A 140 -14.33 5.65 0.45
C ALA A 140 -13.32 6.48 -0.33
N ARG A 141 -12.82 7.55 0.30
CA ARG A 141 -11.85 8.43 -0.33
C ARG A 141 -10.53 8.40 0.43
N PHE A 142 -10.57 7.96 1.68
CA PHE A 142 -9.38 7.89 2.51
C PHE A 142 -8.96 6.44 2.72
N VAL A 143 -7.69 6.15 2.48
CA VAL A 143 -7.16 4.80 2.65
C VAL A 143 -5.87 4.82 3.45
N ARG A 144 -5.62 3.73 4.19
CA ARG A 144 -4.42 3.62 5.01
C ARG A 144 -3.84 2.22 4.94
N PHE A 145 -2.51 2.13 4.91
CA PHE A 145 -1.84 0.84 4.83
C PHE A 145 -0.83 0.69 5.98
N ILE A 146 -1.06 -0.31 6.83
CA ILE A 146 -0.20 -0.56 7.96
C ILE A 146 0.54 -1.88 7.80
N PRO A 147 1.88 -1.86 8.01
CA PRO A 147 2.71 -3.05 7.90
C PRO A 147 2.46 -4.05 9.02
N VAL A 148 2.28 -5.32 8.65
CA VAL A 148 2.04 -6.37 9.62
C VAL A 148 3.06 -7.48 9.50
N THR A 149 3.65 -7.88 10.64
CA THR A 149 4.65 -8.93 10.65
C THR A 149 4.49 -9.82 11.88
N ASP A 150 5.05 -11.02 11.82
CA ASP A 150 4.97 -11.96 12.94
C ASP A 150 6.04 -11.65 13.99
N HIS A 151 6.83 -10.61 13.72
CA HIS A 151 7.89 -10.21 14.65
C HIS A 151 8.55 -8.92 14.17
N SER A 152 9.62 -8.52 14.86
CA SER A 152 10.34 -7.31 14.52
C SER A 152 11.25 -7.54 13.32
N MET A 153 11.09 -6.71 12.30
CA MET A 153 11.90 -6.82 11.09
C MET A 153 11.63 -5.66 10.14
N ASN A 154 12.48 -5.50 9.14
CA ASN A 154 12.33 -4.42 8.16
C ASN A 154 11.57 -4.91 6.94
N VAL A 155 10.67 -4.07 6.42
CA VAL A 155 9.87 -4.41 5.26
C VAL A 155 9.97 -3.32 4.18
N CYS A 156 10.07 -3.74 2.92
CA CYS A 156 10.16 -2.80 1.82
C CYS A 156 9.29 -3.24 0.65
N MET A 157 8.27 -2.45 0.33
CA MET A 157 7.36 -2.76 -0.76
C MET A 157 6.39 -1.62 -1.00
N ARG A 158 5.97 -1.47 -2.25
CA ARG A 158 5.04 -0.40 -2.62
C ARG A 158 3.62 -0.95 -2.75
N VAL A 159 2.64 -0.06 -2.65
CA VAL A 159 1.23 -0.45 -2.76
C VAL A 159 0.50 0.40 -3.79
N GLU A 160 -0.68 -0.06 -4.18
CA GLU A 160 -1.49 0.67 -5.17
C GLU A 160 -2.98 0.38 -4.97
N LEU A 161 -3.80 1.36 -5.28
CA LEU A 161 -5.26 1.22 -5.14
C LEU A 161 -5.92 1.06 -6.51
N TYR A 162 -6.55 -0.09 -6.73
CA TYR A 162 -7.21 -0.36 -7.99
C TYR A 162 -8.73 -0.41 -7.80
N GLY A 163 -9.46 -0.09 -8.86
CA GLY A 163 -10.92 -0.11 -8.79
C GLY A 163 -11.55 0.93 -9.68
N CYS A 164 -12.75 1.38 -9.32
CA CYS A 164 -13.46 2.38 -10.10
C CYS A 164 -13.59 3.68 -9.32
N VAL A 165 -13.24 4.79 -9.96
CA VAL A 165 -13.31 6.10 -9.34
C VAL A 165 -14.73 6.42 -8.89
N ASN A 5 -9.84 -3.87 -24.03
CA ASN A 5 -9.05 -4.20 -22.85
C ASN A 5 -9.95 -4.71 -21.72
N PRO A 6 -9.38 -5.54 -20.84
CA PRO A 6 -10.11 -6.11 -19.71
C PRO A 6 -10.44 -5.07 -18.64
N ALA A 7 -9.44 -4.27 -18.28
CA ALA A 7 -9.64 -3.22 -17.28
C ALA A 7 -10.38 -2.02 -17.87
N ILE A 8 -11.54 -1.72 -17.30
CA ILE A 8 -12.35 -0.61 -17.78
C ILE A 8 -12.67 0.36 -16.64
N CYS A 9 -12.85 -0.20 -15.45
CA CYS A 9 -13.16 0.62 -14.27
C CYS A 9 -12.38 0.13 -13.05
N ARG A 10 -11.23 -0.47 -13.30
CA ARG A 10 -10.39 -0.98 -12.22
C ARG A 10 -9.07 -0.22 -12.14
N TYR A 11 -8.94 0.81 -12.98
CA TYR A 11 -7.72 1.63 -13.00
C TYR A 11 -7.38 2.14 -11.62
N PRO A 12 -6.12 2.53 -11.43
CA PRO A 12 -5.63 3.07 -10.15
C PRO A 12 -6.21 4.43 -9.83
N LEU A 13 -5.82 4.99 -8.69
CA LEU A 13 -6.30 6.30 -8.27
C LEU A 13 -5.92 7.37 -9.29
N GLY A 14 -4.63 7.48 -9.58
CA GLY A 14 -4.16 8.46 -10.54
C GLY A 14 -2.65 8.57 -10.55
N MET A 15 -2.02 8.31 -9.41
CA MET A 15 -0.56 8.39 -9.30
C MET A 15 0.10 7.52 -10.36
N SER A 16 -0.48 6.36 -10.61
CA SER A 16 0.06 5.43 -11.60
C SER A 16 -0.08 5.99 -13.01
N GLY A 17 -1.22 6.59 -13.29
CA GLY A 17 -1.45 7.17 -14.60
C GLY A 17 -0.74 8.49 -14.79
N GLY A 18 -0.33 9.11 -13.69
CA GLY A 18 0.35 10.38 -13.76
C GLY A 18 -0.61 11.56 -13.82
N GLN A 19 -1.78 11.39 -13.20
CA GLN A 19 -2.79 12.45 -13.20
C GLN A 19 -2.94 13.04 -11.80
N ILE A 20 -2.68 12.22 -10.78
CA ILE A 20 -2.79 12.66 -9.40
C ILE A 20 -1.50 13.34 -8.94
N PRO A 21 -1.65 14.38 -8.11
CA PRO A 21 -0.52 15.13 -7.56
C PRO A 21 0.29 14.33 -6.55
N ASP A 22 1.21 14.99 -5.87
CA ASP A 22 2.05 14.33 -4.88
C ASP A 22 1.73 14.85 -3.48
N GLU A 23 0.53 15.37 -3.30
CA GLU A 23 0.11 15.92 -2.01
C GLU A 23 -0.99 15.06 -1.41
N ASP A 24 -1.52 14.13 -2.19
CA ASP A 24 -2.59 13.24 -1.73
C ASP A 24 -2.01 12.00 -1.07
N ILE A 25 -0.77 11.66 -1.42
CA ILE A 25 -0.10 10.50 -0.84
C ILE A 25 0.84 10.91 0.29
N THR A 26 0.69 10.25 1.43
CA THR A 26 1.52 10.54 2.59
C THR A 26 2.18 9.27 3.12
N ALA A 27 3.50 9.34 3.33
CA ALA A 27 4.25 8.20 3.84
C ALA A 27 4.62 8.39 5.31
N SER A 28 3.98 7.60 6.17
CA SER A 28 4.23 7.68 7.60
C SER A 28 5.23 6.61 8.05
N SER A 29 6.16 6.28 7.16
CA SER A 29 7.17 5.26 7.46
C SER A 29 8.13 5.11 6.29
N GLN A 30 8.92 6.16 6.04
CA GLN A 30 9.90 6.13 4.96
C GLN A 30 11.29 6.46 5.48
N TRP A 31 12.30 6.23 4.64
CA TRP A 31 13.68 6.51 5.02
C TRP A 31 14.12 7.87 4.51
N SER A 32 14.06 8.06 3.19
CA SER A 32 14.46 9.32 2.58
C SER A 32 13.38 9.83 1.64
N GLU A 33 13.72 10.85 0.85
CA GLU A 33 12.78 11.43 -0.10
C GLU A 33 12.83 10.70 -1.43
N SER A 34 13.50 9.56 -1.46
CA SER A 34 13.62 8.77 -2.68
C SER A 34 12.90 7.44 -2.54
N THR A 35 12.63 7.04 -1.30
CA THR A 35 11.94 5.78 -1.03
C THR A 35 10.65 6.03 -0.26
N ALA A 36 9.94 7.08 -0.63
CA ALA A 36 8.68 7.41 0.03
C ALA A 36 7.48 6.92 -0.79
N ALA A 37 6.28 7.25 -0.33
CA ALA A 37 5.06 6.83 -1.01
C ALA A 37 4.63 7.88 -2.04
N LYS A 38 4.90 9.15 -1.74
CA LYS A 38 4.54 10.24 -2.63
C LYS A 38 5.42 10.23 -3.88
N TYR A 39 6.55 9.57 -3.79
CA TYR A 39 7.48 9.48 -4.92
C TYR A 39 7.43 8.10 -5.57
N GLY A 40 6.43 7.32 -5.21
CA GLY A 40 6.28 5.99 -5.76
C GLY A 40 4.91 5.75 -6.36
N ARG A 41 4.84 5.72 -7.68
CA ARG A 41 3.58 5.51 -8.38
C ARG A 41 3.42 4.04 -8.77
N LEU A 42 3.98 3.15 -7.97
CA LEU A 42 3.90 1.73 -8.22
C LEU A 42 4.66 1.35 -9.49
N ASP A 43 5.43 0.27 -9.42
CA ASP A 43 6.21 -0.19 -10.56
C ASP A 43 7.02 0.95 -11.16
N SER A 44 7.51 1.85 -10.30
CA SER A 44 8.30 2.99 -10.75
C SER A 44 9.35 3.36 -9.71
N GLU A 45 10.60 3.04 -10.01
CA GLU A 45 11.70 3.34 -9.10
C GLU A 45 12.45 4.59 -9.54
N GLU A 46 11.78 5.73 -9.48
CA GLU A 46 12.38 7.00 -9.89
C GLU A 46 13.32 7.51 -8.81
N GLY A 47 13.06 7.14 -7.56
CA GLY A 47 13.90 7.56 -6.45
C GLY A 47 15.09 6.65 -6.24
N ASP A 48 14.87 5.58 -5.48
CA ASP A 48 15.94 4.62 -5.19
C ASP A 48 15.56 3.22 -5.68
N GLY A 49 14.37 2.76 -5.28
CA GLY A 49 13.92 1.45 -5.68
C GLY A 49 12.48 1.18 -5.27
N ALA A 50 12.23 1.23 -3.97
CA ALA A 50 10.89 0.99 -3.45
C ALA A 50 10.68 1.71 -2.12
N TRP A 51 9.49 1.56 -1.54
CA TRP A 51 9.17 2.19 -0.27
C TRP A 51 9.82 1.46 0.89
N CYS A 52 10.69 2.15 1.62
CA CYS A 52 11.38 1.56 2.76
C CYS A 52 11.42 2.53 3.93
N PRO A 53 10.89 2.09 5.08
CA PRO A 53 10.86 2.91 6.30
C PRO A 53 12.24 3.11 6.91
N GLU A 54 12.42 4.22 7.61
CA GLU A 54 13.70 4.54 8.22
C GLU A 54 14.03 3.54 9.34
N ILE A 55 12.98 2.90 9.87
CA ILE A 55 13.16 1.93 10.95
C ILE A 55 12.15 0.79 10.81
N PRO A 56 12.52 -0.38 11.34
CA PRO A 56 11.66 -1.58 11.30
C PRO A 56 10.43 -1.45 12.20
N VAL A 57 9.40 -2.21 11.89
CA VAL A 57 8.16 -2.18 12.67
C VAL A 57 8.00 -3.46 13.48
N GLU A 58 7.31 -3.35 14.62
CA GLU A 58 7.08 -4.49 15.50
C GLU A 58 5.60 -4.84 15.55
N PRO A 59 5.31 -6.12 15.83
CA PRO A 59 3.93 -6.61 15.92
C PRO A 59 3.20 -6.08 17.15
N ASP A 60 3.95 -5.42 18.03
CA ASP A 60 3.38 -4.85 19.25
C ASP A 60 3.48 -3.33 19.25
N ASP A 61 4.45 -2.80 18.50
CA ASP A 61 4.66 -1.37 18.41
C ASP A 61 4.37 -0.86 17.00
N LEU A 62 3.10 -0.64 16.70
CA LEU A 62 2.69 -0.15 15.39
C LEU A 62 2.38 1.34 15.43
N LYS A 63 3.40 2.16 15.19
CA LYS A 63 3.25 3.60 15.19
C LYS A 63 3.35 4.17 13.78
N GLU A 64 4.16 3.52 12.95
CA GLU A 64 4.34 3.96 11.57
C GLU A 64 3.35 3.26 10.64
N PHE A 65 3.18 3.81 9.45
CA PHE A 65 2.26 3.26 8.47
C PHE A 65 2.28 4.06 7.18
N LEU A 66 1.39 3.70 6.25
CA LEU A 66 1.30 4.40 4.97
C LEU A 66 -0.08 5.03 4.79
N GLN A 67 -0.10 6.29 4.37
CA GLN A 67 -1.34 7.01 4.16
C GLN A 67 -1.58 7.26 2.67
N ILE A 68 -2.79 6.97 2.21
CA ILE A 68 -3.15 7.17 0.82
C ILE A 68 -4.49 7.88 0.68
N ASP A 69 -4.44 9.18 0.37
CA ASP A 69 -5.64 9.97 0.21
C ASP A 69 -6.10 9.97 -1.25
N LEU A 70 -7.40 9.74 -1.46
CA LEU A 70 -7.96 9.71 -2.80
C LEU A 70 -8.60 11.05 -3.15
N HIS A 71 -8.70 11.33 -4.44
CA HIS A 71 -9.30 12.58 -4.91
C HIS A 71 -10.67 12.80 -4.27
N THR A 72 -11.55 11.79 -4.40
CA THR A 72 -12.89 11.87 -3.84
C THR A 72 -13.46 10.49 -3.58
N LEU A 73 -14.72 10.44 -3.15
CA LEU A 73 -15.38 9.17 -2.88
C LEU A 73 -15.23 8.20 -4.05
N HIS A 74 -14.34 7.23 -3.89
CA HIS A 74 -14.12 6.24 -4.94
C HIS A 74 -14.31 4.83 -4.41
N PHE A 75 -14.38 3.86 -5.32
CA PHE A 75 -14.56 2.47 -4.94
C PHE A 75 -13.34 1.63 -5.32
N ILE A 76 -12.66 1.11 -4.30
CA ILE A 76 -11.47 0.29 -4.52
C ILE A 76 -11.80 -1.20 -4.36
N THR A 77 -11.95 -1.89 -5.49
CA THR A 77 -12.26 -3.31 -5.48
C THR A 77 -11.02 -4.15 -5.78
N LEU A 78 -9.92 -3.47 -6.08
CA LEU A 78 -8.66 -4.15 -6.38
C LEU A 78 -7.47 -3.41 -5.78
N VAL A 79 -6.46 -4.16 -5.36
CA VAL A 79 -5.27 -3.57 -4.76
C VAL A 79 -4.01 -4.25 -5.27
N GLY A 80 -2.97 -3.45 -5.51
CA GLY A 80 -1.71 -3.99 -6.01
C GLY A 80 -0.55 -3.70 -5.07
N THR A 81 0.47 -4.55 -5.11
CA THR A 81 1.64 -4.39 -4.27
C THR A 81 2.88 -4.95 -4.95
N GLN A 82 4.02 -4.30 -4.72
CA GLN A 82 5.28 -4.74 -5.29
C GLN A 82 6.38 -4.81 -4.23
N GLY A 83 6.79 -6.02 -3.89
CA GLY A 83 7.82 -6.20 -2.89
C GLY A 83 9.18 -5.74 -3.37
N ARG A 84 10.13 -5.65 -2.46
CA ARG A 84 11.49 -5.21 -2.79
C ARG A 84 12.45 -6.39 -2.82
N HIS A 85 12.99 -6.67 -4.00
CA HIS A 85 13.94 -7.77 -4.16
C HIS A 85 15.13 -7.35 -5.03
N ALA A 86 16.27 -7.13 -4.39
CA ALA A 86 17.47 -6.73 -5.11
C ALA A 86 18.37 -7.93 -5.39
N GLY A 87 18.26 -8.95 -4.55
CA GLY A 87 19.07 -10.15 -4.73
C GLY A 87 20.30 -10.15 -3.84
N GLY A 88 20.14 -9.67 -2.62
CA GLY A 88 21.26 -9.62 -1.69
C GLY A 88 21.29 -8.35 -0.87
N HIS A 89 20.66 -7.30 -1.39
CA HIS A 89 20.61 -6.02 -0.70
C HIS A 89 19.40 -5.95 0.22
N GLY A 90 18.24 -6.32 -0.30
CA GLY A 90 17.02 -6.30 0.49
C GLY A 90 16.09 -7.44 0.17
N ILE A 91 16.43 -8.64 0.64
CA ILE A 91 15.61 -9.82 0.40
C ILE A 91 14.33 -9.78 1.22
N GLU A 92 14.36 -9.04 2.33
CA GLU A 92 13.21 -8.93 3.20
C GLU A 92 11.98 -8.48 2.43
N PHE A 93 10.84 -8.42 3.11
CA PHE A 93 9.59 -8.02 2.47
C PHE A 93 8.46 -7.92 3.51
N ALA A 94 7.25 -7.68 3.03
CA ALA A 94 6.09 -7.57 3.91
C ALA A 94 5.24 -8.84 3.86
N PRO A 95 5.32 -9.64 4.93
CA PRO A 95 4.56 -10.90 5.04
C PRO A 95 3.06 -10.66 5.19
N MET A 96 2.71 -9.53 5.80
CA MET A 96 1.30 -9.18 6.01
C MET A 96 1.11 -7.68 6.07
N TYR A 97 -0.13 -7.23 5.93
CA TYR A 97 -0.43 -5.81 5.97
C TYR A 97 -1.95 -5.58 5.91
N LYS A 98 -2.42 -4.63 6.72
CA LYS A 98 -3.84 -4.31 6.77
C LYS A 98 -4.16 -3.12 5.86
N ILE A 99 -5.44 -2.94 5.57
CA ILE A 99 -5.88 -1.84 4.72
C ILE A 99 -7.11 -1.14 5.31
N ASN A 100 -6.86 -0.02 5.98
CA ASN A 100 -7.94 0.75 6.59
C ASN A 100 -8.52 1.77 5.62
N TYR A 101 -9.79 2.06 5.76
CA TYR A 101 -10.47 3.02 4.88
C TYR A 101 -11.25 4.05 5.69
N SER A 102 -11.71 5.10 5.01
CA SER A 102 -12.47 6.15 5.67
C SER A 102 -13.17 7.05 4.65
N ARG A 103 -14.40 7.44 4.96
CA ARG A 103 -15.17 8.30 4.06
C ARG A 103 -15.03 9.76 4.44
N ASP A 104 -15.61 10.13 5.59
CA ASP A 104 -15.54 11.50 6.06
C ASP A 104 -14.10 11.90 6.38
N GLY A 105 -13.32 10.94 6.87
CA GLY A 105 -11.94 11.22 7.21
C GLY A 105 -11.68 11.15 8.71
N THR A 106 -12.72 11.44 9.48
CA THR A 106 -12.61 11.42 10.94
C THR A 106 -12.69 10.00 11.49
N ARG A 107 -13.61 9.22 10.92
CA ARG A 107 -13.80 7.83 11.35
C ARG A 107 -12.93 6.89 10.53
N TRP A 108 -12.13 6.08 11.21
CA TRP A 108 -11.25 5.13 10.54
C TRP A 108 -11.74 3.69 10.75
N ILE A 109 -12.05 3.02 9.65
CA ILE A 109 -12.52 1.64 9.72
C ILE A 109 -11.51 0.68 9.11
N SER A 110 -11.22 -0.41 9.82
CA SER A 110 -10.26 -1.40 9.35
C SER A 110 -10.96 -2.46 8.50
N TRP A 111 -10.56 -2.56 7.24
CA TRP A 111 -11.14 -3.53 6.32
C TRP A 111 -11.10 -4.93 6.92
N ARG A 112 -12.19 -5.68 6.74
CA ARG A 112 -12.28 -7.04 7.26
C ARG A 112 -13.04 -7.94 6.30
N ASN A 113 -12.50 -9.14 6.08
CA ASN A 113 -13.12 -10.10 5.17
C ASN A 113 -14.52 -10.47 5.64
N ARG A 114 -15.14 -11.42 4.97
CA ARG A 114 -16.48 -11.87 5.32
C ARG A 114 -16.43 -13.08 6.23
N HIS A 115 -15.22 -13.53 6.56
CA HIS A 115 -15.04 -14.69 7.42
C HIS A 115 -14.29 -14.30 8.70
N GLY A 116 -13.51 -13.22 8.62
CA GLY A 116 -12.75 -12.78 9.77
C GLY A 116 -11.37 -12.26 9.39
N LYS A 117 -10.93 -12.60 8.19
CA LYS A 117 -9.62 -12.17 7.71
C LYS A 117 -9.51 -10.65 7.75
N GLN A 118 -8.85 -10.13 8.78
CA GLN A 118 -8.67 -8.70 8.93
C GLN A 118 -7.44 -8.22 8.16
N VAL A 119 -6.29 -8.82 8.47
CA VAL A 119 -5.04 -8.45 7.82
C VAL A 119 -4.95 -9.07 6.42
N LEU A 120 -4.46 -8.29 5.47
CA LEU A 120 -4.32 -8.76 4.10
C LEU A 120 -2.96 -9.41 3.88
N ASP A 121 -2.95 -10.51 3.12
CA ASP A 121 -1.72 -11.22 2.84
C ASP A 121 -0.76 -10.37 2.00
N GLY A 122 0.50 -10.32 2.41
CA GLY A 122 1.48 -9.53 1.69
C GLY A 122 1.77 -10.09 0.31
N ASN A 123 3.02 -9.99 -0.12
CA ASN A 123 3.44 -10.49 -1.43
C ASN A 123 3.78 -11.96 -1.36
N SER A 124 3.49 -12.70 -2.44
CA SER A 124 3.77 -14.12 -2.50
C SER A 124 4.92 -14.40 -3.47
N ASN A 125 5.09 -13.52 -4.45
CA ASN A 125 6.14 -13.68 -5.45
C ASN A 125 7.40 -12.93 -5.02
N PRO A 126 8.54 -13.32 -5.61
CA PRO A 126 9.84 -12.70 -5.31
C PRO A 126 9.93 -11.27 -5.85
N TYR A 127 9.57 -11.08 -7.11
CA TYR A 127 9.61 -9.77 -7.73
C TYR A 127 8.28 -9.44 -8.42
N ASP A 128 7.67 -10.46 -9.01
CA ASP A 128 6.40 -10.28 -9.71
C ASP A 128 5.38 -9.58 -8.80
N ILE A 129 4.77 -8.53 -9.33
CA ILE A 129 3.78 -7.77 -8.57
C ILE A 129 2.66 -8.68 -8.07
N PHE A 130 2.06 -8.29 -6.94
CA PHE A 130 0.98 -9.08 -6.36
C PHE A 130 -0.30 -8.26 -6.30
N LEU A 131 -1.39 -8.83 -6.81
CA LEU A 131 -2.68 -8.16 -6.82
C LEU A 131 -3.70 -8.91 -5.96
N LYS A 132 -4.69 -8.18 -5.45
CA LYS A 132 -5.72 -8.77 -4.61
C LYS A 132 -7.04 -8.02 -4.76
N ASP A 133 -8.13 -8.77 -4.85
CA ASP A 133 -9.45 -8.17 -4.99
C ASP A 133 -10.11 -7.96 -3.63
N LEU A 134 -10.60 -6.75 -3.39
CA LEU A 134 -11.25 -6.43 -2.13
C LEU A 134 -12.69 -6.94 -2.10
N GLU A 135 -12.94 -7.94 -1.27
CA GLU A 135 -14.28 -8.52 -1.16
C GLU A 135 -14.67 -8.66 0.32
N PRO A 136 -15.58 -7.79 0.77
CA PRO A 136 -16.16 -6.74 -0.07
C PRO A 136 -15.14 -5.66 -0.42
N PRO A 137 -15.52 -4.79 -1.38
CA PRO A 137 -14.65 -3.70 -1.84
C PRO A 137 -14.49 -2.61 -0.78
N ILE A 138 -13.88 -1.50 -1.18
CA ILE A 138 -13.67 -0.38 -0.26
C ILE A 138 -14.25 0.92 -0.83
N VAL A 139 -15.37 1.35 -0.25
CA VAL A 139 -16.03 2.57 -0.69
C VAL A 139 -15.70 3.73 0.23
N ALA A 140 -14.85 4.64 -0.25
CA ALA A 140 -14.46 5.81 0.53
C ALA A 140 -13.48 6.70 -0.25
N ARG A 141 -13.07 7.79 0.37
CA ARG A 141 -12.14 8.72 -0.27
C ARG A 141 -10.80 8.74 0.46
N PHE A 142 -10.73 8.03 1.58
CA PHE A 142 -9.51 7.97 2.37
C PHE A 142 -9.09 6.52 2.61
N VAL A 143 -7.84 6.20 2.26
CA VAL A 143 -7.32 4.86 2.44
C VAL A 143 -5.97 4.88 3.14
N ARG A 144 -5.72 3.87 3.97
CA ARG A 144 -4.47 3.78 4.71
C ARG A 144 -3.99 2.33 4.78
N PHE A 145 -2.68 2.14 4.68
CA PHE A 145 -2.09 0.81 4.74
C PHE A 145 -1.19 0.66 5.97
N ILE A 146 -1.28 -0.51 6.61
CA ILE A 146 -0.48 -0.78 7.80
C ILE A 146 0.32 -2.07 7.64
N PRO A 147 1.65 -1.96 7.76
CA PRO A 147 2.55 -3.11 7.65
C PRO A 147 2.42 -4.07 8.82
N VAL A 148 2.10 -5.33 8.51
CA VAL A 148 1.94 -6.35 9.54
C VAL A 148 3.04 -7.40 9.45
N THR A 149 3.54 -7.84 10.60
CA THR A 149 4.59 -8.84 10.64
C THR A 149 4.45 -9.74 11.87
N ASP A 150 5.00 -10.95 11.78
CA ASP A 150 4.93 -11.90 12.88
C ASP A 150 6.19 -11.80 13.76
N HIS A 151 6.93 -10.72 13.60
CA HIS A 151 8.15 -10.51 14.37
C HIS A 151 8.77 -9.16 14.04
N SER A 152 9.88 -8.84 14.71
CA SER A 152 10.58 -7.58 14.49
C SER A 152 11.48 -7.66 13.26
N MET A 153 11.16 -6.86 12.25
CA MET A 153 11.95 -6.84 11.02
C MET A 153 11.46 -5.75 10.07
N ASN A 154 12.37 -5.24 9.24
CA ASN A 154 12.02 -4.20 8.29
C ASN A 154 11.41 -4.78 7.01
N VAL A 155 10.33 -4.19 6.55
CA VAL A 155 9.66 -4.64 5.34
C VAL A 155 9.64 -3.56 4.27
N CYS A 156 9.91 -3.95 3.03
CA CYS A 156 9.91 -3.01 1.92
C CYS A 156 8.98 -3.47 0.81
N MET A 157 8.14 -2.56 0.32
CA MET A 157 7.20 -2.86 -0.74
C MET A 157 6.38 -1.64 -1.11
N ARG A 158 5.95 -1.58 -2.37
CA ARG A 158 5.15 -0.45 -2.85
C ARG A 158 3.70 -0.87 -3.09
N VAL A 159 2.79 -0.24 -2.37
CA VAL A 159 1.37 -0.56 -2.50
C VAL A 159 0.69 0.38 -3.50
N GLU A 160 -0.49 -0.01 -3.97
CA GLU A 160 -1.23 0.80 -4.93
C GLU A 160 -2.71 0.42 -4.91
N LEU A 161 -3.57 1.43 -4.99
CA LEU A 161 -5.02 1.21 -4.99
C LEU A 161 -5.54 1.02 -6.41
N TYR A 162 -6.59 0.22 -6.55
CA TYR A 162 -7.18 -0.04 -7.86
C TYR A 162 -8.69 -0.22 -7.74
N GLY A 163 -9.40 0.09 -8.83
CA GLY A 163 -10.85 -0.05 -8.84
C GLY A 163 -11.52 1.08 -9.60
N CYS A 164 -12.75 1.40 -9.20
CA CYS A 164 -13.50 2.47 -9.85
C CYS A 164 -13.18 3.82 -9.24
N VAL A 165 -12.64 4.72 -10.06
CA VAL A 165 -12.28 6.06 -9.60
C VAL A 165 -13.31 7.09 -10.05
N ASN A 5 -7.14 -6.21 -22.34
CA ASN A 5 -7.51 -5.13 -21.44
C ASN A 5 -8.94 -5.31 -20.93
N PRO A 6 -9.13 -6.33 -20.09
CA PRO A 6 -10.44 -6.64 -19.51
C PRO A 6 -10.89 -5.60 -18.49
N ALA A 7 -9.95 -4.78 -18.03
CA ALA A 7 -10.24 -3.74 -17.06
C ALA A 7 -11.07 -2.63 -17.69
N ILE A 8 -12.21 -2.33 -17.08
CA ILE A 8 -13.10 -1.28 -17.59
C ILE A 8 -13.39 -0.26 -16.49
N CYS A 9 -13.50 -0.72 -15.26
CA CYS A 9 -13.78 0.15 -14.13
C CYS A 9 -12.99 -0.27 -12.90
N ARG A 10 -11.82 -0.86 -13.13
CA ARG A 10 -10.96 -1.32 -12.04
C ARG A 10 -9.64 -0.56 -12.04
N TYR A 11 -9.54 0.44 -12.90
CA TYR A 11 -8.33 1.25 -13.00
C TYR A 11 -7.93 1.80 -11.63
N PRO A 12 -6.65 2.16 -11.50
CA PRO A 12 -6.11 2.72 -10.25
C PRO A 12 -6.65 4.12 -9.95
N LEU A 13 -6.16 4.71 -8.87
CA LEU A 13 -6.58 6.06 -8.48
C LEU A 13 -6.16 7.08 -9.52
N GLY A 14 -4.91 7.00 -9.96
CA GLY A 14 -4.41 7.94 -10.96
C GLY A 14 -2.91 8.11 -10.86
N MET A 15 -2.33 7.74 -9.73
CA MET A 15 -0.90 7.85 -9.53
C MET A 15 -0.12 7.03 -10.55
N SER A 16 -0.41 5.73 -10.60
CA SER A 16 0.27 4.84 -11.54
C SER A 16 0.19 5.39 -12.96
N GLY A 17 -0.89 6.13 -13.25
CA GLY A 17 -1.06 6.70 -14.57
C GLY A 17 -0.36 8.03 -14.72
N GLY A 18 -0.19 8.74 -13.61
CA GLY A 18 0.46 10.03 -13.64
C GLY A 18 -0.52 11.18 -13.70
N GLN A 19 -1.68 10.99 -13.08
CA GLN A 19 -2.71 12.02 -13.06
C GLN A 19 -2.91 12.56 -11.65
N ILE A 20 -2.61 11.74 -10.65
CA ILE A 20 -2.76 12.14 -9.26
C ILE A 20 -1.58 12.99 -8.81
N PRO A 21 -1.85 13.99 -7.97
CA PRO A 21 -0.81 14.89 -7.44
C PRO A 21 0.11 14.19 -6.45
N ASP A 22 0.97 14.97 -5.80
CA ASP A 22 1.91 14.43 -4.83
C ASP A 22 1.47 14.75 -3.41
N GLU A 23 0.33 15.43 -3.29
CA GLU A 23 -0.19 15.79 -1.97
C GLU A 23 -1.36 14.90 -1.58
N ASP A 24 -1.48 13.76 -2.26
CA ASP A 24 -2.56 12.82 -1.98
C ASP A 24 -2.01 11.56 -1.30
N ILE A 25 -0.69 11.45 -1.25
CA ILE A 25 -0.04 10.30 -0.62
C ILE A 25 0.83 10.73 0.55
N THR A 26 0.60 10.11 1.71
CA THR A 26 1.36 10.43 2.91
C THR A 26 2.17 9.24 3.38
N ALA A 27 3.48 9.42 3.53
CA ALA A 27 4.36 8.35 3.99
C ALA A 27 4.73 8.53 5.45
N SER A 28 4.29 7.60 6.28
CA SER A 28 4.57 7.66 7.71
C SER A 28 5.66 6.65 8.09
N SER A 29 6.64 6.48 7.21
CA SER A 29 7.72 5.55 7.44
C SER A 29 8.67 5.50 6.25
N GLN A 30 9.43 6.57 6.06
CA GLN A 30 10.38 6.65 4.96
C GLN A 30 11.75 7.11 5.44
N TRP A 31 12.67 7.30 4.49
CA TRP A 31 14.02 7.74 4.83
C TRP A 31 14.39 8.99 4.03
N SER A 32 14.28 8.90 2.71
CA SER A 32 14.62 10.02 1.84
C SER A 32 13.48 10.30 0.87
N GLU A 33 13.74 11.16 -0.11
CA GLU A 33 12.74 11.51 -1.11
C GLU A 33 12.73 10.49 -2.25
N SER A 34 13.64 9.52 -2.18
CA SER A 34 13.73 8.49 -3.20
C SER A 34 13.08 7.20 -2.73
N THR A 35 12.77 7.14 -1.44
CA THR A 35 12.14 5.96 -0.86
C THR A 35 10.85 6.32 -0.12
N ALA A 36 10.15 7.32 -0.63
CA ALA A 36 8.90 7.76 -0.02
C ALA A 36 7.69 7.26 -0.80
N ALA A 37 6.53 7.27 -0.16
CA ALA A 37 5.30 6.81 -0.80
C ALA A 37 4.93 7.70 -1.98
N LYS A 38 4.89 9.02 -1.74
CA LYS A 38 4.55 9.97 -2.77
C LYS A 38 5.48 9.83 -3.98
N TYR A 39 6.72 9.40 -3.72
CA TYR A 39 7.70 9.21 -4.78
C TYR A 39 7.92 7.73 -5.06
N GLY A 40 6.94 6.91 -4.72
CA GLY A 40 7.04 5.48 -4.93
C GLY A 40 6.15 5.00 -6.07
N ARG A 41 6.42 5.46 -7.28
CA ARG A 41 5.64 5.07 -8.45
C ARG A 41 5.71 3.56 -8.67
N LEU A 42 4.54 2.94 -8.84
CA LEU A 42 4.48 1.50 -9.06
C LEU A 42 5.12 1.12 -10.39
N ASP A 43 5.87 0.02 -10.39
CA ASP A 43 6.53 -0.45 -11.60
C ASP A 43 7.59 0.56 -12.07
N SER A 44 8.25 1.20 -11.12
CA SER A 44 9.28 2.19 -11.43
C SER A 44 10.15 2.46 -10.21
N GLU A 45 11.46 2.27 -10.37
CA GLU A 45 12.40 2.50 -9.29
C GLU A 45 13.36 3.64 -9.64
N GLU A 46 12.81 4.78 -10.02
CA GLU A 46 13.60 5.94 -10.39
C GLU A 46 14.35 6.49 -9.17
N GLY A 47 13.73 6.38 -8.00
CA GLY A 47 14.35 6.85 -6.78
C GLY A 47 15.46 5.94 -6.29
N ASP A 48 15.10 5.02 -5.39
CA ASP A 48 16.05 4.07 -4.84
C ASP A 48 15.73 2.65 -5.27
N GLY A 49 14.49 2.22 -5.00
CA GLY A 49 14.07 0.88 -5.36
C GLY A 49 12.67 0.56 -4.87
N ALA A 50 12.40 0.87 -3.61
CA ALA A 50 11.10 0.62 -3.03
C ALA A 50 10.92 1.36 -1.71
N TRP A 51 9.68 1.66 -1.36
CA TRP A 51 9.38 2.38 -0.13
C TRP A 51 9.93 1.63 1.08
N CYS A 52 10.78 2.29 1.84
CA CYS A 52 11.38 1.69 3.03
C CYS A 52 12.01 2.76 3.93
N PRO A 53 11.66 2.71 5.23
CA PRO A 53 12.18 3.65 6.22
C PRO A 53 13.67 3.47 6.49
N GLU A 54 14.17 4.15 7.52
CA GLU A 54 15.58 4.05 7.88
C GLU A 54 15.75 3.26 9.18
N ILE A 55 14.66 2.68 9.65
CA ILE A 55 14.68 1.90 10.89
C ILE A 55 13.74 0.70 10.80
N PRO A 56 14.07 -0.36 11.55
CA PRO A 56 13.26 -1.59 11.58
C PRO A 56 11.92 -1.38 12.28
N VAL A 57 10.94 -2.19 11.90
CA VAL A 57 9.61 -2.10 12.50
C VAL A 57 9.36 -3.27 13.46
N GLU A 58 8.24 -3.19 14.20
CA GLU A 58 7.90 -4.22 15.16
C GLU A 58 6.39 -4.31 15.34
N PRO A 59 5.89 -5.51 15.66
CA PRO A 59 4.46 -5.75 15.86
C PRO A 59 3.94 -5.10 17.14
N ASP A 60 4.85 -4.65 17.99
CA ASP A 60 4.49 -4.00 19.23
C ASP A 60 4.50 -2.48 19.08
N ASP A 61 5.67 -1.94 18.77
CA ASP A 61 5.83 -0.50 18.60
C ASP A 61 5.26 -0.06 17.26
N LEU A 62 3.94 -0.13 17.12
CA LEU A 62 3.28 0.26 15.88
C LEU A 62 3.16 1.77 15.77
N LYS A 63 4.27 2.41 15.40
CA LYS A 63 4.29 3.87 15.26
C LYS A 63 4.43 4.28 13.80
N GLU A 64 5.04 3.40 13.00
CA GLU A 64 5.22 3.66 11.58
C GLU A 64 4.11 3.04 10.75
N PHE A 65 3.79 3.67 9.63
CA PHE A 65 2.73 3.18 8.75
C PHE A 65 2.69 3.96 7.44
N LEU A 66 1.71 3.66 6.61
CA LEU A 66 1.56 4.35 5.32
C LEU A 66 0.16 4.91 5.16
N GLN A 67 0.08 6.18 4.76
CA GLN A 67 -1.21 6.84 4.55
C GLN A 67 -1.45 7.11 3.08
N ILE A 68 -2.68 6.86 2.63
CA ILE A 68 -3.04 7.10 1.23
C ILE A 68 -4.37 7.84 1.13
N ASP A 69 -4.28 9.13 0.81
CA ASP A 69 -5.48 9.96 0.68
C ASP A 69 -5.98 9.95 -0.76
N LEU A 70 -7.24 9.54 -0.94
CA LEU A 70 -7.84 9.48 -2.27
C LEU A 70 -8.37 10.85 -2.68
N HIS A 71 -8.44 11.08 -3.98
CA HIS A 71 -8.94 12.35 -4.51
C HIS A 71 -10.44 12.47 -4.31
N THR A 72 -11.21 11.74 -5.12
CA THR A 72 -12.66 11.77 -5.03
C THR A 72 -13.21 10.45 -4.50
N LEU A 73 -14.32 10.51 -3.78
CA LEU A 73 -14.94 9.32 -3.22
C LEU A 73 -15.13 8.25 -4.30
N HIS A 74 -14.27 7.25 -4.29
CA HIS A 74 -14.35 6.17 -5.27
C HIS A 74 -14.46 4.81 -4.57
N PHE A 75 -14.51 3.75 -5.36
CA PHE A 75 -14.63 2.40 -4.82
C PHE A 75 -13.42 1.56 -5.20
N ILE A 76 -12.80 0.93 -4.20
CA ILE A 76 -11.63 0.08 -4.43
C ILE A 76 -11.99 -1.40 -4.35
N THR A 77 -12.07 -2.04 -5.51
CA THR A 77 -12.40 -3.46 -5.56
C THR A 77 -11.15 -4.31 -5.81
N LEU A 78 -10.03 -3.65 -6.00
CA LEU A 78 -8.76 -4.34 -6.23
C LEU A 78 -7.59 -3.56 -5.64
N VAL A 79 -6.53 -4.27 -5.30
CA VAL A 79 -5.33 -3.64 -4.73
C VAL A 79 -4.07 -4.33 -5.24
N GLY A 80 -3.07 -3.52 -5.58
CA GLY A 80 -1.81 -4.05 -6.07
C GLY A 80 -0.65 -3.78 -5.13
N THR A 81 0.41 -4.56 -5.25
CA THR A 81 1.59 -4.39 -4.41
C THR A 81 2.84 -4.93 -5.10
N GLN A 82 3.99 -4.34 -4.76
CA GLN A 82 5.25 -4.76 -5.34
C GLN A 82 6.32 -4.97 -4.27
N GLY A 83 6.92 -6.15 -4.28
CA GLY A 83 7.94 -6.46 -3.29
C GLY A 83 9.34 -6.24 -3.82
N ARG A 84 10.24 -5.80 -2.95
CA ARG A 84 11.62 -5.54 -3.33
C ARG A 84 12.57 -6.49 -2.61
N HIS A 85 13.81 -6.54 -3.08
CA HIS A 85 14.82 -7.41 -2.47
C HIS A 85 15.95 -6.58 -1.87
N ALA A 86 16.92 -7.26 -1.27
CA ALA A 86 18.06 -6.60 -0.65
C ALA A 86 19.27 -6.59 -1.58
N GLY A 87 19.00 -6.67 -2.89
CA GLY A 87 20.07 -6.67 -3.86
C GLY A 87 20.82 -7.99 -3.91
N GLY A 88 20.12 -9.07 -3.55
CA GLY A 88 20.74 -10.39 -3.56
C GLY A 88 20.18 -11.29 -2.48
N HIS A 89 20.13 -10.78 -1.25
CA HIS A 89 19.61 -11.55 -0.13
C HIS A 89 18.09 -11.72 -0.22
N GLY A 90 17.42 -10.68 -0.73
CA GLY A 90 15.98 -10.73 -0.87
C GLY A 90 15.29 -11.10 0.43
N ILE A 91 15.45 -10.27 1.44
CA ILE A 91 14.84 -10.52 2.74
C ILE A 91 14.10 -9.29 3.25
N GLU A 92 14.07 -8.24 2.44
CA GLU A 92 13.41 -7.00 2.80
C GLU A 92 12.06 -6.87 2.10
N PHE A 93 10.97 -7.01 2.87
CA PHE A 93 9.64 -6.91 2.31
C PHE A 93 8.59 -6.95 3.42
N ALA A 94 7.32 -6.83 3.04
CA ALA A 94 6.22 -6.86 4.00
C ALA A 94 5.42 -8.15 3.87
N PRO A 95 5.46 -8.98 4.93
CA PRO A 95 4.74 -10.26 4.95
C PRO A 95 3.23 -10.07 5.04
N MET A 96 2.81 -9.02 5.74
CA MET A 96 1.40 -8.73 5.90
C MET A 96 1.16 -7.23 6.06
N TYR A 97 -0.10 -6.82 5.98
CA TYR A 97 -0.46 -5.41 6.11
C TYR A 97 -1.97 -5.22 6.10
N LYS A 98 -2.45 -4.32 6.95
CA LYS A 98 -3.88 -4.04 7.04
C LYS A 98 -4.28 -2.91 6.11
N ILE A 99 -5.50 -2.97 5.60
CA ILE A 99 -6.02 -1.95 4.70
C ILE A 99 -7.20 -1.21 5.32
N ASN A 100 -6.93 -0.05 5.90
CA ASN A 100 -7.98 0.75 6.52
C ASN A 100 -8.59 1.74 5.52
N TYR A 101 -9.82 2.16 5.78
CA TYR A 101 -10.50 3.10 4.90
C TYR A 101 -11.24 4.16 5.71
N SER A 102 -11.73 5.19 5.02
CA SER A 102 -12.46 6.27 5.68
C SER A 102 -13.01 7.25 4.65
N ARG A 103 -14.06 7.97 5.03
CA ARG A 103 -14.69 8.95 4.14
C ARG A 103 -14.45 10.37 4.64
N ASP A 104 -14.95 10.66 5.83
CA ASP A 104 -14.78 11.98 6.43
C ASP A 104 -13.31 12.31 6.65
N GLY A 105 -12.54 11.29 7.04
CA GLY A 105 -11.12 11.49 7.28
C GLY A 105 -10.77 11.36 8.74
N THR A 106 -11.72 11.64 9.61
CA THR A 106 -11.50 11.55 11.05
C THR A 106 -11.53 10.11 11.54
N ARG A 107 -12.70 9.49 11.44
CA ARG A 107 -12.87 8.10 11.87
C ARG A 107 -12.17 7.14 10.91
N TRP A 108 -11.57 6.09 11.44
CA TRP A 108 -10.87 5.11 10.63
C TRP A 108 -11.47 3.72 10.81
N ILE A 109 -11.76 3.05 9.71
CA ILE A 109 -12.34 1.72 9.74
C ILE A 109 -11.39 0.69 9.13
N SER A 110 -11.41 -0.53 9.68
CA SER A 110 -10.56 -1.60 9.18
C SER A 110 -11.32 -2.51 8.24
N TRP A 111 -10.82 -2.64 7.01
CA TRP A 111 -11.46 -3.49 6.01
C TRP A 111 -11.49 -4.95 6.47
N ARG A 112 -12.68 -5.54 6.49
CA ARG A 112 -12.83 -6.93 6.91
C ARG A 112 -13.06 -7.83 5.70
N ASN A 113 -12.47 -9.02 5.73
CA ASN A 113 -12.61 -9.98 4.65
C ASN A 113 -13.72 -10.98 4.94
N ARG A 114 -14.13 -11.73 3.92
CA ARG A 114 -15.19 -12.72 4.07
C ARG A 114 -14.78 -13.79 5.08
N HIS A 115 -13.48 -13.91 5.32
CA HIS A 115 -12.97 -14.90 6.26
C HIS A 115 -13.12 -14.41 7.70
N GLY A 116 -12.82 -13.13 7.93
CA GLY A 116 -12.94 -12.57 9.26
C GLY A 116 -11.70 -11.79 9.67
N LYS A 117 -10.59 -12.04 8.98
CA LYS A 117 -9.34 -11.36 9.28
C LYS A 117 -9.28 -10.00 8.59
N GLN A 118 -8.82 -8.99 9.31
CA GLN A 118 -8.71 -7.64 8.77
C GLN A 118 -7.40 -7.46 8.02
N VAL A 119 -6.34 -8.12 8.50
CA VAL A 119 -5.03 -8.03 7.88
C VAL A 119 -5.02 -8.70 6.51
N LEU A 120 -4.30 -8.10 5.56
CA LEU A 120 -4.21 -8.64 4.22
C LEU A 120 -2.83 -9.21 3.95
N ASP A 121 -2.77 -10.24 3.11
CA ASP A 121 -1.49 -10.87 2.76
C ASP A 121 -0.53 -9.86 2.17
N GLY A 122 0.73 -9.92 2.61
CA GLY A 122 1.74 -9.00 2.11
C GLY A 122 2.30 -9.43 0.77
N ASN A 123 3.60 -9.69 0.73
CA ASN A 123 4.27 -10.10 -0.50
C ASN A 123 5.32 -11.16 -0.21
N SER A 124 5.22 -12.29 -0.89
CA SER A 124 6.17 -13.39 -0.72
C SER A 124 7.24 -13.37 -1.80
N ASN A 125 7.58 -12.18 -2.26
CA ASN A 125 8.59 -12.01 -3.30
C ASN A 125 8.28 -12.91 -4.50
N PRO A 126 7.15 -12.65 -5.16
CA PRO A 126 6.71 -13.42 -6.33
C PRO A 126 7.60 -13.17 -7.55
N TYR A 127 7.11 -13.58 -8.72
CA TYR A 127 7.86 -13.40 -9.96
C TYR A 127 7.56 -12.03 -10.58
N ASP A 128 6.39 -11.49 -10.26
CA ASP A 128 5.99 -10.19 -10.78
C ASP A 128 5.04 -9.48 -9.81
N ILE A 129 4.44 -8.39 -10.27
CA ILE A 129 3.52 -7.63 -9.44
C ILE A 129 2.47 -8.53 -8.81
N PHE A 130 1.95 -8.11 -7.66
CA PHE A 130 0.93 -8.88 -6.95
C PHE A 130 -0.37 -8.08 -6.83
N LEU A 131 -1.48 -8.72 -7.19
CA LEU A 131 -2.78 -8.08 -7.12
C LEU A 131 -3.74 -8.88 -6.25
N LYS A 132 -4.69 -8.18 -5.63
CA LYS A 132 -5.67 -8.83 -4.77
C LYS A 132 -7.06 -8.19 -4.94
N ASP A 133 -8.03 -9.00 -5.35
CA ASP A 133 -9.38 -8.52 -5.55
C ASP A 133 -10.11 -8.36 -4.22
N LEU A 134 -10.30 -7.12 -3.80
CA LEU A 134 -10.99 -6.83 -2.54
C LEU A 134 -12.44 -7.26 -2.60
N GLU A 135 -12.93 -7.89 -1.54
CA GLU A 135 -14.31 -8.35 -1.48
C GLU A 135 -14.75 -8.55 -0.02
N PRO A 136 -15.68 -7.71 0.43
CA PRO A 136 -16.26 -6.64 -0.38
C PRO A 136 -15.26 -5.53 -0.68
N PRO A 137 -15.62 -4.64 -1.62
CA PRO A 137 -14.76 -3.52 -2.01
C PRO A 137 -14.65 -2.47 -0.92
N ILE A 138 -14.06 -1.32 -1.26
CA ILE A 138 -13.89 -0.23 -0.31
C ILE A 138 -14.38 1.09 -0.89
N VAL A 139 -15.53 1.55 -0.41
CA VAL A 139 -16.10 2.81 -0.88
C VAL A 139 -15.77 3.95 0.07
N ALA A 140 -14.90 4.84 -0.36
CA ALA A 140 -14.50 5.99 0.44
C ALA A 140 -13.51 6.88 -0.30
N ARG A 141 -12.92 7.82 0.42
CA ARG A 141 -11.95 8.75 -0.18
C ARG A 141 -10.65 8.75 0.61
N PHE A 142 -10.58 7.91 1.63
CA PHE A 142 -9.38 7.81 2.46
C PHE A 142 -9.02 6.36 2.72
N VAL A 143 -7.73 6.03 2.58
CA VAL A 143 -7.25 4.68 2.80
C VAL A 143 -5.88 4.69 3.46
N ARG A 144 -5.76 3.95 4.56
CA ARG A 144 -4.49 3.87 5.28
C ARG A 144 -3.96 2.45 5.30
N PHE A 145 -2.71 2.27 4.89
CA PHE A 145 -2.09 0.95 4.87
C PHE A 145 -1.10 0.79 6.02
N ILE A 146 -1.36 -0.21 6.86
CA ILE A 146 -0.50 -0.48 8.01
C ILE A 146 0.31 -1.76 7.81
N PRO A 147 1.64 -1.64 7.90
CA PRO A 147 2.55 -2.79 7.74
C PRO A 147 2.44 -3.78 8.89
N VAL A 148 2.02 -5.00 8.58
CA VAL A 148 1.86 -6.05 9.57
C VAL A 148 3.01 -7.06 9.48
N THR A 149 3.56 -7.43 10.63
CA THR A 149 4.65 -8.39 10.69
C THR A 149 4.56 -9.26 11.93
N ASP A 150 5.05 -10.49 11.83
CA ASP A 150 5.03 -11.42 12.95
C ASP A 150 6.32 -11.31 13.77
N HIS A 151 7.07 -10.26 13.53
CA HIS A 151 8.33 -10.03 14.25
C HIS A 151 8.98 -8.72 13.81
N SER A 152 10.17 -8.46 14.34
CA SER A 152 10.90 -7.24 14.00
C SER A 152 11.68 -7.41 12.70
N MET A 153 11.48 -6.49 11.77
CA MET A 153 12.16 -6.53 10.48
C MET A 153 11.84 -5.30 9.64
N ASN A 154 12.70 -4.99 8.68
CA ASN A 154 12.50 -3.84 7.82
C ASN A 154 11.70 -4.22 6.58
N VAL A 155 10.48 -3.69 6.49
CA VAL A 155 9.60 -3.97 5.36
C VAL A 155 9.83 -2.97 4.22
N CYS A 156 10.06 -3.49 3.02
CA CYS A 156 10.29 -2.63 1.86
C CYS A 156 9.45 -3.10 0.67
N MET A 157 8.47 -2.30 0.29
CA MET A 157 7.59 -2.63 -0.82
C MET A 157 6.65 -1.47 -1.16
N ARG A 158 6.03 -1.53 -2.32
CA ARG A 158 5.11 -0.48 -2.76
C ARG A 158 3.68 -1.02 -2.86
N VAL A 159 2.71 -0.15 -2.64
CA VAL A 159 1.30 -0.53 -2.71
C VAL A 159 0.53 0.39 -3.65
N GLU A 160 -0.64 -0.08 -4.09
CA GLU A 160 -1.47 0.70 -4.99
C GLU A 160 -2.94 0.27 -4.88
N LEU A 161 -3.84 1.21 -5.16
CA LEU A 161 -5.27 0.92 -5.10
C LEU A 161 -5.86 0.79 -6.50
N TYR A 162 -6.94 0.02 -6.60
CA TYR A 162 -7.61 -0.19 -7.88
C TYR A 162 -9.11 -0.38 -7.69
N GLY A 163 -9.87 -0.11 -8.75
CA GLY A 163 -11.31 -0.26 -8.68
C GLY A 163 -12.04 0.78 -9.52
N CYS A 164 -13.24 1.15 -9.10
CA CYS A 164 -14.03 2.14 -9.81
C CYS A 164 -13.74 3.55 -9.32
N VAL A 165 -12.81 4.22 -10.01
CA VAL A 165 -12.42 5.58 -9.64
C VAL A 165 -13.66 6.47 -9.49
N ASN A 5 -8.45 -6.07 -23.09
CA ASN A 5 -8.49 -5.02 -22.08
C ASN A 5 -9.80 -5.06 -21.30
N PRO A 6 -9.96 -6.10 -20.47
CA PRO A 6 -11.16 -6.28 -19.65
C PRO A 6 -11.27 -5.24 -18.54
N ALA A 7 -10.13 -4.71 -18.11
CA ALA A 7 -10.09 -3.70 -17.06
C ALA A 7 -10.73 -2.40 -17.52
N ILE A 8 -11.96 -2.16 -17.06
CA ILE A 8 -12.68 -0.94 -17.43
C ILE A 8 -13.05 -0.14 -16.20
N CYS A 9 -13.31 -0.83 -15.09
CA CYS A 9 -13.67 -0.16 -13.84
C CYS A 9 -12.81 -0.67 -12.69
N ARG A 10 -11.61 -1.14 -13.02
CA ARG A 10 -10.69 -1.65 -12.02
C ARG A 10 -9.37 -0.86 -12.03
N TYR A 11 -9.26 0.07 -12.97
CA TYR A 11 -8.06 0.88 -13.10
C TYR A 11 -7.70 1.53 -11.77
N PRO A 12 -6.43 1.97 -11.64
CA PRO A 12 -5.94 2.61 -10.42
C PRO A 12 -6.54 4.00 -10.22
N LEU A 13 -6.15 4.66 -9.13
CA LEU A 13 -6.65 5.99 -8.81
C LEU A 13 -6.28 6.97 -9.91
N GLY A 14 -5.04 6.91 -10.38
CA GLY A 14 -4.59 7.79 -11.43
C GLY A 14 -3.10 8.09 -11.34
N MET A 15 -2.52 7.81 -10.19
CA MET A 15 -1.09 8.05 -9.97
C MET A 15 -0.24 7.23 -10.94
N SER A 16 -0.60 5.95 -11.09
CA SER A 16 0.12 5.06 -11.98
C SER A 16 0.04 5.55 -13.43
N GLY A 17 -1.05 6.24 -13.75
CA GLY A 17 -1.23 6.75 -15.09
C GLY A 17 -0.59 8.12 -15.28
N GLY A 18 -0.54 8.90 -14.21
CA GLY A 18 0.04 10.22 -14.28
C GLY A 18 -1.00 11.32 -14.26
N GLN A 19 -2.09 11.08 -13.54
CA GLN A 19 -3.18 12.06 -13.45
C GLN A 19 -3.31 12.59 -12.03
N ILE A 20 -2.87 11.79 -11.06
CA ILE A 20 -2.93 12.20 -9.65
C ILE A 20 -1.70 12.99 -9.25
N PRO A 21 -1.91 14.00 -8.38
CA PRO A 21 -0.82 14.86 -7.90
C PRO A 21 0.13 14.12 -6.97
N ASP A 22 1.02 14.87 -6.33
CA ASP A 22 2.00 14.28 -5.41
C ASP A 22 1.75 14.77 -3.99
N GLU A 23 0.54 15.24 -3.73
CA GLU A 23 0.18 15.74 -2.40
C GLU A 23 -0.91 14.87 -1.77
N ASP A 24 -1.34 13.85 -2.50
CA ASP A 24 -2.37 12.95 -2.01
C ASP A 24 -1.76 11.77 -1.28
N ILE A 25 -0.52 11.42 -1.64
CA ILE A 25 0.17 10.31 -1.03
C ILE A 25 0.96 10.76 0.21
N THR A 26 0.74 10.08 1.32
CA THR A 26 1.42 10.41 2.57
C THR A 26 2.20 9.22 3.10
N ALA A 27 3.45 9.45 3.49
CA ALA A 27 4.31 8.40 4.03
C ALA A 27 4.47 8.53 5.54
N SER A 28 4.08 7.49 6.26
CA SER A 28 4.18 7.49 7.71
C SER A 28 5.34 6.62 8.18
N SER A 29 6.40 6.56 7.37
CA SER A 29 7.57 5.77 7.70
C SER A 29 8.57 5.77 6.55
N GLN A 30 9.64 6.56 6.70
CA GLN A 30 10.66 6.65 5.67
C GLN A 30 11.96 7.19 6.26
N TRP A 31 13.03 7.14 5.47
CA TRP A 31 14.33 7.62 5.91
C TRP A 31 14.68 8.95 5.25
N SER A 32 14.67 8.97 3.92
CA SER A 32 14.99 10.18 3.17
C SER A 32 13.96 10.42 2.07
N GLU A 33 14.28 11.33 1.16
CA GLU A 33 13.37 11.66 0.06
C GLU A 33 13.55 10.68 -1.09
N SER A 34 14.38 9.66 -0.88
CA SER A 34 14.64 8.64 -1.90
C SER A 34 13.90 7.34 -1.57
N THR A 35 13.38 7.26 -0.36
CA THR A 35 12.65 6.07 0.07
C THR A 35 11.30 6.44 0.67
N ALA A 36 10.65 7.45 0.09
CA ALA A 36 9.35 7.90 0.56
C ALA A 36 8.23 7.41 -0.35
N ALA A 37 7.00 7.75 0.00
CA ALA A 37 5.84 7.34 -0.79
C ALA A 37 5.58 8.32 -1.93
N LYS A 38 5.64 9.61 -1.62
CA LYS A 38 5.42 10.65 -2.62
C LYS A 38 6.36 10.48 -3.81
N TYR A 39 7.57 10.03 -3.52
CA TYR A 39 8.57 9.82 -4.56
C TYR A 39 8.57 8.38 -5.05
N GLY A 40 7.46 7.68 -4.80
CA GLY A 40 7.36 6.29 -5.22
C GLY A 40 5.93 5.80 -5.20
N ARG A 41 5.31 5.74 -6.36
CA ARG A 41 3.93 5.28 -6.47
C ARG A 41 3.88 3.77 -6.70
N LEU A 42 4.15 3.35 -7.92
CA LEU A 42 4.14 1.93 -8.27
C LEU A 42 4.92 1.69 -9.56
N ASP A 43 5.60 0.55 -9.62
CA ASP A 43 6.38 0.18 -10.81
C ASP A 43 7.33 1.30 -11.18
N SER A 44 7.78 2.07 -10.18
CA SER A 44 8.69 3.18 -10.42
C SER A 44 9.83 3.17 -9.40
N GLU A 45 10.87 3.95 -9.68
CA GLU A 45 12.02 4.03 -8.79
C GLU A 45 12.94 5.18 -9.19
N GLU A 46 12.84 6.30 -8.49
CA GLU A 46 13.67 7.46 -8.77
C GLU A 46 14.69 7.69 -7.66
N GLY A 47 14.27 7.46 -6.42
CA GLY A 47 15.17 7.64 -5.30
C GLY A 47 16.08 6.45 -5.07
N ASP A 48 15.62 5.50 -4.26
CA ASP A 48 16.41 4.31 -3.96
C ASP A 48 15.89 3.11 -4.75
N GLY A 49 14.58 2.85 -4.64
CA GLY A 49 13.99 1.74 -5.37
C GLY A 49 12.62 1.38 -4.83
N ALA A 50 12.46 1.47 -3.51
CA ALA A 50 11.18 1.15 -2.88
C ALA A 50 10.98 1.98 -1.61
N TRP A 51 9.80 1.84 -1.01
CA TRP A 51 9.48 2.58 0.21
C TRP A 51 9.90 1.78 1.45
N CYS A 52 10.82 2.36 2.22
CA CYS A 52 11.31 1.70 3.43
C CYS A 52 11.65 2.74 4.50
N PRO A 53 11.27 2.44 5.74
CA PRO A 53 11.53 3.32 6.88
C PRO A 53 13.01 3.39 7.25
N GLU A 54 13.30 3.96 8.41
CA GLU A 54 14.68 4.08 8.88
C GLU A 54 14.92 3.23 10.11
N ILE A 55 13.85 2.63 10.62
CA ILE A 55 13.94 1.77 11.80
C ILE A 55 12.99 0.58 11.70
N PRO A 56 13.33 -0.51 12.38
CA PRO A 56 12.52 -1.73 12.40
C PRO A 56 11.21 -1.55 13.16
N VAL A 57 10.15 -2.17 12.65
CA VAL A 57 8.84 -2.07 13.29
C VAL A 57 8.42 -3.42 13.89
N GLU A 58 7.68 -3.36 14.98
CA GLU A 58 7.21 -4.57 15.65
C GLU A 58 5.69 -4.62 15.71
N PRO A 59 5.14 -5.82 15.90
CA PRO A 59 3.68 -6.03 15.98
C PRO A 59 3.09 -5.44 17.25
N ASP A 60 3.95 -5.01 18.16
CA ASP A 60 3.51 -4.43 19.43
C ASP A 60 3.54 -2.90 19.36
N ASP A 61 4.58 -2.36 18.76
CA ASP A 61 4.73 -0.92 18.63
C ASP A 61 4.58 -0.48 17.18
N LEU A 62 3.35 -0.33 16.72
CA LEU A 62 3.07 0.07 15.35
C LEU A 62 2.97 1.60 15.25
N LYS A 63 4.12 2.25 15.12
CA LYS A 63 4.16 3.71 15.01
C LYS A 63 4.47 4.13 13.58
N GLU A 64 4.62 3.15 12.70
CA GLU A 64 4.92 3.42 11.29
C GLU A 64 3.87 2.80 10.38
N PHE A 65 3.63 3.43 9.24
CA PHE A 65 2.64 2.95 8.28
C PHE A 65 2.64 3.81 7.02
N LEU A 66 1.64 3.58 6.17
CA LEU A 66 1.52 4.33 4.92
C LEU A 66 0.12 4.91 4.77
N GLN A 67 0.04 6.18 4.40
CA GLN A 67 -1.25 6.84 4.21
C GLN A 67 -1.49 7.15 2.73
N ILE A 68 -2.73 6.92 2.29
CA ILE A 68 -3.10 7.18 0.90
C ILE A 68 -4.41 7.94 0.81
N ASP A 69 -4.31 9.25 0.55
CA ASP A 69 -5.50 10.09 0.43
C ASP A 69 -6.02 10.10 -0.99
N LEU A 70 -7.34 10.17 -1.14
CA LEU A 70 -7.97 10.17 -2.45
C LEU A 70 -8.66 11.51 -2.71
N HIS A 71 -9.06 11.73 -3.96
CA HIS A 71 -9.73 12.97 -4.34
C HIS A 71 -11.19 12.95 -3.90
N THR A 72 -11.98 12.08 -4.50
CA THR A 72 -13.39 11.97 -4.17
C THR A 72 -13.77 10.53 -3.84
N LEU A 73 -15.05 10.30 -3.55
CA LEU A 73 -15.53 8.97 -3.22
C LEU A 73 -15.10 7.96 -4.28
N HIS A 74 -14.10 7.15 -3.94
CA HIS A 74 -13.59 6.15 -4.86
C HIS A 74 -13.81 4.74 -4.30
N PHE A 75 -14.03 3.78 -5.19
CA PHE A 75 -14.26 2.39 -4.78
C PHE A 75 -13.07 1.51 -5.17
N ILE A 76 -12.38 0.99 -4.17
CA ILE A 76 -11.23 0.12 -4.40
C ILE A 76 -11.63 -1.36 -4.32
N THR A 77 -11.84 -1.97 -5.49
CA THR A 77 -12.21 -3.37 -5.55
C THR A 77 -11.00 -4.26 -5.70
N LEU A 78 -9.86 -3.65 -6.01
CA LEU A 78 -8.61 -4.39 -6.18
C LEU A 78 -7.43 -3.61 -5.62
N VAL A 79 -6.40 -4.33 -5.19
CA VAL A 79 -5.20 -3.70 -4.63
C VAL A 79 -3.94 -4.37 -5.17
N GLY A 80 -2.94 -3.55 -5.50
CA GLY A 80 -1.69 -4.08 -6.02
C GLY A 80 -0.52 -3.78 -5.10
N THR A 81 0.56 -4.55 -5.26
CA THR A 81 1.76 -4.37 -4.44
C THR A 81 3.00 -4.86 -5.16
N GLN A 82 4.15 -4.32 -4.77
CA GLN A 82 5.41 -4.72 -5.38
C GLN A 82 6.50 -4.90 -4.33
N GLY A 83 6.98 -6.12 -4.19
CA GLY A 83 8.02 -6.40 -3.21
C GLY A 83 9.36 -5.83 -3.60
N ARG A 84 10.16 -5.47 -2.61
CA ARG A 84 11.48 -4.89 -2.85
C ARG A 84 12.46 -5.96 -3.32
N HIS A 85 13.45 -5.54 -4.11
CA HIS A 85 14.45 -6.46 -4.63
C HIS A 85 15.86 -5.91 -4.41
N ALA A 86 16.85 -6.78 -4.54
CA ALA A 86 18.24 -6.39 -4.36
C ALA A 86 19.07 -6.68 -5.61
N GLY A 87 18.39 -6.77 -6.76
CA GLY A 87 19.09 -7.05 -8.00
C GLY A 87 19.90 -8.33 -7.94
N GLY A 88 19.52 -9.22 -7.03
CA GLY A 88 20.22 -10.48 -6.89
C GLY A 88 19.57 -11.41 -5.88
N HIS A 89 19.25 -10.87 -4.71
CA HIS A 89 18.61 -11.65 -3.65
C HIS A 89 17.26 -11.07 -3.28
N GLY A 90 17.28 -9.94 -2.57
CA GLY A 90 16.04 -9.30 -2.17
C GLY A 90 15.18 -10.20 -1.31
N ILE A 91 15.26 -10.01 0.01
CA ILE A 91 14.48 -10.81 0.95
C ILE A 91 13.58 -9.93 1.80
N GLU A 92 13.91 -8.63 1.86
CA GLU A 92 13.13 -7.68 2.65
C GLU A 92 11.76 -7.45 2.02
N PHE A 93 10.72 -7.62 2.82
CA PHE A 93 9.34 -7.42 2.34
C PHE A 93 8.35 -7.55 3.48
N ALA A 94 7.11 -7.13 3.23
CA ALA A 94 6.06 -7.19 4.24
C ALA A 94 5.23 -8.46 4.08
N PRO A 95 5.20 -9.29 5.13
CA PRO A 95 4.45 -10.56 5.13
C PRO A 95 2.94 -10.32 5.15
N MET A 96 2.52 -9.24 5.80
CA MET A 96 1.10 -8.91 5.89
C MET A 96 0.90 -7.40 6.02
N TYR A 97 -0.35 -6.96 5.91
CA TYR A 97 -0.67 -5.54 6.02
C TYR A 97 -2.18 -5.32 5.98
N LYS A 98 -2.65 -4.39 6.81
CA LYS A 98 -4.08 -4.09 6.87
C LYS A 98 -4.43 -2.92 5.95
N ILE A 99 -5.65 -2.91 5.46
CA ILE A 99 -6.11 -1.85 4.56
C ILE A 99 -7.27 -1.08 5.18
N ASN A 100 -6.97 0.04 5.81
CA ASN A 100 -7.98 0.87 6.44
C ASN A 100 -8.59 1.85 5.43
N TYR A 101 -9.76 2.38 5.77
CA TYR A 101 -10.43 3.33 4.90
C TYR A 101 -11.29 4.32 5.71
N SER A 102 -11.54 5.49 5.13
CA SER A 102 -12.34 6.50 5.80
C SER A 102 -12.89 7.50 4.78
N ARG A 103 -13.94 8.22 5.19
CA ARG A 103 -14.56 9.22 4.32
C ARG A 103 -14.17 10.63 4.74
N ASP A 104 -13.84 10.79 6.02
CA ASP A 104 -13.45 12.08 6.55
C ASP A 104 -12.01 12.06 7.06
N GLY A 105 -11.57 13.17 7.64
CA GLY A 105 -10.22 13.26 8.15
C GLY A 105 -10.16 13.14 9.67
N THR A 106 -10.81 12.10 10.20
CA THR A 106 -10.84 11.89 11.64
C THR A 106 -11.10 10.43 11.97
N ARG A 107 -12.32 9.97 11.68
CA ARG A 107 -12.70 8.58 11.94
C ARG A 107 -11.96 7.62 11.01
N TRP A 108 -11.59 6.47 11.52
CA TRP A 108 -10.88 5.46 10.73
C TRP A 108 -11.58 4.11 10.83
N ILE A 109 -11.85 3.51 9.66
CA ILE A 109 -12.51 2.22 9.62
C ILE A 109 -11.57 1.14 9.08
N SER A 110 -11.58 -0.02 9.72
CA SER A 110 -10.72 -1.13 9.31
C SER A 110 -11.48 -2.08 8.39
N TRP A 111 -10.90 -2.36 7.22
CA TRP A 111 -11.51 -3.26 6.26
C TRP A 111 -11.49 -4.70 6.75
N ARG A 112 -12.67 -5.32 6.82
CA ARG A 112 -12.79 -6.69 7.29
C ARG A 112 -13.02 -7.64 6.11
N ASN A 113 -12.10 -8.58 5.93
CA ASN A 113 -12.19 -9.55 4.85
C ASN A 113 -13.21 -10.63 5.17
N ARG A 114 -13.62 -11.37 4.16
CA ARG A 114 -14.60 -12.45 4.34
C ARG A 114 -14.04 -13.55 5.23
N HIS A 115 -12.72 -13.54 5.41
CA HIS A 115 -12.05 -14.54 6.23
C HIS A 115 -12.19 -14.20 7.71
N GLY A 116 -12.24 -12.91 8.02
CA GLY A 116 -12.37 -12.48 9.40
C GLY A 116 -11.02 -12.32 10.08
N LYS A 117 -10.05 -11.77 9.35
CA LYS A 117 -8.72 -11.56 9.89
C LYS A 117 -8.38 -10.07 9.95
N GLN A 118 -9.07 -9.29 9.14
CA GLN A 118 -8.85 -7.84 9.12
C GLN A 118 -7.45 -7.52 8.63
N VAL A 119 -6.79 -8.51 8.02
CA VAL A 119 -5.44 -8.34 7.51
C VAL A 119 -5.29 -8.97 6.13
N LEU A 120 -4.54 -8.31 5.25
CA LEU A 120 -4.31 -8.81 3.91
C LEU A 120 -2.89 -9.32 3.74
N ASP A 121 -2.74 -10.38 2.96
CA ASP A 121 -1.43 -10.97 2.72
C ASP A 121 -0.54 -10.04 1.89
N GLY A 122 0.74 -10.00 2.21
CA GLY A 122 1.67 -9.14 1.49
C GLY A 122 1.88 -9.60 0.06
N ASN A 123 3.14 -9.76 -0.33
CA ASN A 123 3.48 -10.19 -1.68
C ASN A 123 3.72 -11.69 -1.72
N SER A 124 3.58 -12.29 -2.90
CA SER A 124 3.78 -13.72 -3.07
C SER A 124 5.02 -13.99 -3.94
N ASN A 125 5.33 -13.05 -4.82
CA ASN A 125 6.48 -13.19 -5.71
C ASN A 125 7.64 -12.33 -5.23
N PRO A 126 8.85 -12.66 -5.70
CA PRO A 126 10.07 -11.93 -5.33
C PRO A 126 10.11 -10.54 -5.93
N TYR A 127 9.84 -10.45 -7.24
CA TYR A 127 9.86 -9.17 -7.94
C TYR A 127 8.53 -8.92 -8.64
N ASP A 128 7.93 -9.99 -9.16
CA ASP A 128 6.65 -9.89 -9.85
C ASP A 128 5.61 -9.18 -8.98
N ILE A 129 4.83 -8.30 -9.59
CA ILE A 129 3.81 -7.56 -8.87
C ILE A 129 2.73 -8.50 -8.33
N PHE A 130 2.10 -8.10 -7.24
CA PHE A 130 1.05 -8.90 -6.62
C PHE A 130 -0.27 -8.14 -6.60
N LEU A 131 -1.34 -8.80 -7.05
CA LEU A 131 -2.66 -8.18 -7.08
C LEU A 131 -3.64 -8.98 -6.21
N LYS A 132 -4.50 -8.25 -5.49
CA LYS A 132 -5.49 -8.88 -4.63
C LYS A 132 -6.85 -8.20 -4.78
N ASP A 133 -7.86 -8.98 -5.12
CA ASP A 133 -9.21 -8.45 -5.29
C ASP A 133 -9.93 -8.38 -3.95
N LEU A 134 -10.27 -7.17 -3.52
CA LEU A 134 -10.97 -6.96 -2.26
C LEU A 134 -12.43 -7.37 -2.38
N GLU A 135 -12.92 -8.09 -1.37
CA GLU A 135 -14.30 -8.55 -1.36
C GLU A 135 -14.81 -8.73 0.08
N PRO A 136 -15.70 -7.82 0.51
CA PRO A 136 -16.18 -6.72 -0.34
C PRO A 136 -15.10 -5.67 -0.59
N PRO A 137 -15.37 -4.77 -1.54
CA PRO A 137 -14.44 -3.70 -1.91
C PRO A 137 -14.31 -2.65 -0.81
N ILE A 138 -13.63 -1.55 -1.13
CA ILE A 138 -13.44 -0.46 -0.18
C ILE A 138 -13.93 0.86 -0.74
N VAL A 139 -15.08 1.33 -0.25
CA VAL A 139 -15.66 2.59 -0.71
C VAL A 139 -15.33 3.72 0.27
N ALA A 140 -14.49 4.64 -0.18
CA ALA A 140 -14.10 5.78 0.65
C ALA A 140 -13.21 6.75 -0.13
N ARG A 141 -12.79 7.82 0.54
CA ARG A 141 -11.94 8.82 -0.09
C ARG A 141 -10.60 8.91 0.62
N PHE A 142 -10.46 8.18 1.72
CA PHE A 142 -9.22 8.18 2.49
C PHE A 142 -8.77 6.74 2.79
N VAL A 143 -7.79 6.27 2.03
CA VAL A 143 -7.26 4.92 2.23
C VAL A 143 -6.04 4.93 3.13
N ARG A 144 -5.84 3.84 3.85
CA ARG A 144 -4.71 3.72 4.76
C ARG A 144 -4.14 2.30 4.73
N PHE A 145 -2.81 2.20 4.86
CA PHE A 145 -2.14 0.91 4.84
C PHE A 145 -1.24 0.76 6.06
N ILE A 146 -1.45 -0.31 6.83
CA ILE A 146 -0.65 -0.58 8.01
C ILE A 146 0.11 -1.89 7.88
N PRO A 147 1.41 -1.85 8.22
CA PRO A 147 2.28 -3.03 8.15
C PRO A 147 1.93 -4.07 9.21
N VAL A 148 1.86 -5.33 8.78
CA VAL A 148 1.53 -6.42 9.70
C VAL A 148 2.58 -7.53 9.61
N THR A 149 3.22 -7.82 10.74
CA THR A 149 4.24 -8.85 10.79
C THR A 149 4.05 -9.74 12.02
N ASP A 150 4.54 -10.98 11.94
CA ASP A 150 4.43 -11.93 13.04
C ASP A 150 5.64 -11.81 13.97
N HIS A 151 6.45 -10.78 13.77
CA HIS A 151 7.63 -10.56 14.58
C HIS A 151 8.35 -9.28 14.17
N SER A 152 9.51 -9.04 14.79
CA SER A 152 10.29 -7.84 14.48
C SER A 152 11.11 -8.03 13.20
N MET A 153 10.90 -7.14 12.24
CA MET A 153 11.61 -7.21 10.97
C MET A 153 11.31 -6.00 10.10
N ASN A 154 12.28 -5.58 9.31
CA ASN A 154 12.11 -4.42 8.44
C ASN A 154 11.43 -4.81 7.13
N VAL A 155 10.29 -4.20 6.86
CA VAL A 155 9.53 -4.49 5.65
C VAL A 155 9.92 -3.54 4.53
N CYS A 156 9.79 -4.02 3.29
CA CYS A 156 10.13 -3.22 2.12
C CYS A 156 9.31 -3.63 0.91
N MET A 157 8.40 -2.76 0.49
CA MET A 157 7.54 -3.05 -0.66
C MET A 157 6.59 -1.88 -0.94
N ARG A 158 6.18 -1.74 -2.18
CA ARG A 158 5.29 -0.66 -2.58
C ARG A 158 3.84 -1.16 -2.67
N VAL A 159 2.90 -0.22 -2.60
CA VAL A 159 1.49 -0.57 -2.67
C VAL A 159 0.75 0.32 -3.66
N GLU A 160 -0.43 -0.13 -4.11
CA GLU A 160 -1.23 0.62 -5.06
C GLU A 160 -2.69 0.23 -4.98
N LEU A 161 -3.59 1.20 -5.20
CA LEU A 161 -5.01 0.95 -5.15
C LEU A 161 -5.58 0.75 -6.55
N TYR A 162 -6.64 -0.05 -6.65
CA TYR A 162 -7.28 -0.32 -7.93
C TYR A 162 -8.79 -0.44 -7.77
N GLY A 163 -9.53 -0.14 -8.85
CA GLY A 163 -10.97 -0.23 -8.81
C GLY A 163 -11.63 0.79 -9.71
N CYS A 164 -12.63 1.50 -9.18
CA CYS A 164 -13.34 2.51 -9.95
C CYS A 164 -13.62 3.75 -9.10
N VAL A 165 -14.02 4.83 -9.76
CA VAL A 165 -14.31 6.08 -9.08
C VAL A 165 -15.79 6.18 -8.72
N ASN A 5 -8.21 -3.47 -23.47
CA ASN A 5 -8.06 -4.35 -22.32
C ASN A 5 -9.38 -4.50 -21.57
N PRO A 6 -9.49 -5.56 -20.76
CA PRO A 6 -10.70 -5.83 -19.97
C PRO A 6 -10.89 -4.83 -18.84
N ALA A 7 -9.84 -4.07 -18.54
CA ALA A 7 -9.89 -3.08 -17.48
C ALA A 7 -10.52 -1.78 -17.97
N ILE A 8 -11.71 -1.46 -17.46
CA ILE A 8 -12.40 -0.25 -17.86
C ILE A 8 -12.67 0.66 -16.66
N CYS A 9 -12.88 0.03 -15.50
CA CYS A 9 -13.15 0.77 -14.27
C CYS A 9 -12.40 0.16 -13.10
N ARG A 10 -11.26 -0.46 -13.39
CA ARG A 10 -10.44 -1.08 -12.35
C ARG A 10 -9.07 -0.42 -12.26
N TYR A 11 -8.86 0.59 -13.10
CA TYR A 11 -7.58 1.31 -13.12
C TYR A 11 -7.22 1.81 -11.72
N PRO A 12 -5.93 2.10 -11.52
CA PRO A 12 -5.43 2.60 -10.24
C PRO A 12 -5.90 4.02 -9.94
N LEU A 13 -5.55 4.52 -8.76
CA LEU A 13 -5.94 5.86 -8.35
C LEU A 13 -5.43 6.90 -9.33
N GLY A 14 -4.11 6.91 -9.54
CA GLY A 14 -3.51 7.87 -10.47
C GLY A 14 -2.04 8.06 -10.22
N MET A 15 -1.59 7.75 -9.01
CA MET A 15 -0.19 7.89 -8.65
C MET A 15 0.69 6.95 -9.48
N SER A 16 0.28 5.69 -9.55
CA SER A 16 1.03 4.69 -10.30
C SER A 16 1.10 5.07 -11.77
N GLY A 17 0.06 5.74 -12.26
CA GLY A 17 0.02 6.15 -13.66
C GLY A 17 0.84 7.41 -13.91
N GLY A 18 0.57 8.45 -13.13
CA GLY A 18 1.30 9.70 -13.30
C GLY A 18 0.37 10.88 -13.47
N GLN A 19 -0.80 10.82 -12.83
CA GLN A 19 -1.78 11.89 -12.91
C GLN A 19 -2.02 12.52 -11.53
N ILE A 20 -1.76 11.75 -10.49
CA ILE A 20 -1.94 12.22 -9.12
C ILE A 20 -0.70 12.96 -8.63
N PRO A 21 -0.92 14.03 -7.84
CA PRO A 21 0.17 14.83 -7.29
C PRO A 21 0.95 14.08 -6.21
N ASP A 22 1.82 14.81 -5.51
CA ASP A 22 2.62 14.21 -4.44
C ASP A 22 2.20 14.74 -3.08
N GLU A 23 0.97 15.24 -3.00
CA GLU A 23 0.45 15.79 -1.76
C GLU A 23 -0.74 14.96 -1.26
N ASP A 24 -1.33 14.18 -2.17
CA ASP A 24 -2.48 13.36 -1.83
C ASP A 24 -2.03 12.03 -1.22
N ILE A 25 -0.72 11.88 -1.05
CA ILE A 25 -0.16 10.67 -0.46
C ILE A 25 0.78 11.00 0.69
N THR A 26 0.53 10.37 1.84
CA THR A 26 1.35 10.59 3.03
C THR A 26 2.15 9.34 3.39
N ALA A 27 3.44 9.53 3.63
CA ALA A 27 4.31 8.41 3.98
C ALA A 27 4.73 8.49 5.46
N SER A 28 4.31 7.51 6.24
CA SER A 28 4.63 7.48 7.66
C SER A 28 5.75 6.48 7.94
N SER A 29 6.69 6.39 7.00
CA SER A 29 7.81 5.47 7.13
C SER A 29 8.70 5.52 5.89
N GLN A 30 9.51 6.58 5.80
CA GLN A 30 10.41 6.75 4.65
C GLN A 30 11.76 7.28 5.11
N TRP A 31 12.71 7.36 4.18
CA TRP A 31 14.04 7.86 4.48
C TRP A 31 14.31 9.17 3.75
N SER A 32 14.11 9.16 2.44
CA SER A 32 14.34 10.35 1.63
C SER A 32 13.19 10.57 0.65
N GLU A 33 13.38 11.49 -0.29
CA GLU A 33 12.36 11.80 -1.28
C GLU A 33 12.43 10.83 -2.46
N SER A 34 13.32 9.84 -2.35
CA SER A 34 13.49 8.84 -3.41
C SER A 34 12.76 7.55 -3.05
N THR A 35 12.46 7.37 -1.77
CA THR A 35 11.78 6.17 -1.31
C THR A 35 10.53 6.53 -0.51
N ALA A 36 9.80 7.54 -0.98
CA ALA A 36 8.58 7.98 -0.32
C ALA A 36 7.34 7.48 -1.06
N ALA A 37 6.21 7.51 -0.38
CA ALA A 37 4.95 7.05 -0.97
C ALA A 37 4.62 7.84 -2.23
N LYS A 38 4.54 9.17 -2.10
CA LYS A 38 4.24 10.02 -3.24
C LYS A 38 5.30 9.89 -4.33
N TYR A 39 6.53 9.60 -3.91
CA TYR A 39 7.64 9.44 -4.84
C TYR A 39 7.91 7.97 -5.14
N GLY A 40 6.88 7.14 -4.94
CA GLY A 40 7.02 5.72 -5.19
C GLY A 40 5.97 5.19 -6.15
N ARG A 41 6.26 5.28 -7.45
CA ARG A 41 5.33 4.81 -8.47
C ARG A 41 5.34 3.28 -8.56
N LEU A 42 4.15 2.69 -8.61
CA LEU A 42 4.03 1.25 -8.70
C LEU A 42 4.65 0.71 -9.98
N ASP A 43 5.39 -0.39 -9.87
CA ASP A 43 6.03 -0.99 -11.03
C ASP A 43 7.08 -0.06 -11.62
N SER A 44 7.79 0.66 -10.75
CA SER A 44 8.81 1.59 -11.19
C SER A 44 9.96 1.67 -10.18
N GLU A 45 11.03 2.37 -10.55
CA GLU A 45 12.18 2.51 -9.68
C GLU A 45 12.88 3.85 -9.92
N GLU A 46 12.09 4.90 -10.11
CA GLU A 46 12.63 6.23 -10.35
C GLU A 46 13.66 6.60 -9.29
N GLY A 47 13.30 6.37 -8.02
CA GLY A 47 14.21 6.69 -6.93
C GLY A 47 15.20 5.58 -6.66
N ASP A 48 14.99 4.87 -5.54
CA ASP A 48 15.87 3.77 -5.16
C ASP A 48 15.36 2.45 -5.73
N GLY A 49 14.05 2.25 -5.67
CA GLY A 49 13.46 1.03 -6.18
C GLY A 49 12.05 0.81 -5.68
N ALA A 50 11.78 1.27 -4.47
CA ALA A 50 10.45 1.13 -3.87
C ALA A 50 10.35 1.91 -2.57
N TRP A 51 9.17 1.86 -1.95
CA TRP A 51 8.95 2.56 -0.69
C TRP A 51 9.45 1.74 0.49
N CYS A 52 10.37 2.31 1.26
CA CYS A 52 10.92 1.63 2.42
C CYS A 52 11.51 2.64 3.41
N PRO A 53 11.13 2.49 4.69
CA PRO A 53 11.61 3.38 5.76
C PRO A 53 13.08 3.17 6.07
N GLU A 54 13.55 3.79 7.16
CA GLU A 54 14.94 3.67 7.56
C GLU A 54 15.11 2.56 8.60
N ILE A 55 14.02 2.23 9.29
CA ILE A 55 14.05 1.20 10.32
C ILE A 55 12.89 0.22 10.15
N PRO A 56 13.07 -1.00 10.65
CA PRO A 56 12.04 -2.05 10.58
C PRO A 56 10.84 -1.74 11.47
N VAL A 57 9.78 -2.52 11.30
CA VAL A 57 8.57 -2.34 12.10
C VAL A 57 8.27 -3.57 12.95
N GLU A 58 7.49 -3.39 14.00
CA GLU A 58 7.13 -4.49 14.89
C GLU A 58 5.62 -4.56 15.08
N PRO A 59 5.12 -5.76 15.41
CA PRO A 59 3.69 -5.99 15.64
C PRO A 59 3.19 -5.34 16.91
N ASP A 60 4.12 -4.86 17.73
CA ASP A 60 3.78 -4.20 18.99
C ASP A 60 3.76 -2.69 18.83
N ASP A 61 4.95 -2.11 18.63
CA ASP A 61 5.08 -0.67 18.46
C ASP A 61 4.67 -0.25 17.06
N LEU A 62 3.38 -0.36 16.77
CA LEU A 62 2.85 0.02 15.47
C LEU A 62 2.80 1.53 15.30
N LYS A 63 3.96 2.12 15.01
CA LYS A 63 4.05 3.57 14.82
C LYS A 63 4.15 3.92 13.35
N GLU A 64 5.03 3.22 12.64
CA GLU A 64 5.23 3.47 11.22
C GLU A 64 4.07 2.90 10.40
N PHE A 65 3.78 3.53 9.26
CA PHE A 65 2.70 3.09 8.39
C PHE A 65 2.64 3.93 7.12
N LEU A 66 1.61 3.71 6.32
CA LEU A 66 1.44 4.44 5.07
C LEU A 66 0.04 5.02 4.97
N GLN A 67 -0.05 6.29 4.59
CA GLN A 67 -1.33 6.97 4.45
C GLN A 67 -1.60 7.35 2.99
N ILE A 68 -2.82 7.12 2.54
CA ILE A 68 -3.20 7.43 1.17
C ILE A 68 -4.50 8.24 1.13
N ASP A 69 -4.44 9.39 0.48
CA ASP A 69 -5.62 10.26 0.36
C ASP A 69 -6.09 10.34 -1.09
N LEU A 70 -7.39 10.14 -1.29
CA LEU A 70 -7.97 10.19 -2.63
C LEU A 70 -8.64 11.53 -2.88
N HIS A 71 -8.94 11.81 -4.15
CA HIS A 71 -9.58 13.07 -4.53
C HIS A 71 -11.03 13.09 -4.04
N THR A 72 -11.84 12.18 -4.55
CA THR A 72 -13.25 12.12 -4.16
C THR A 72 -13.67 10.68 -3.85
N LEU A 73 -14.92 10.51 -3.47
CA LEU A 73 -15.44 9.17 -3.15
C LEU A 73 -15.13 8.18 -4.26
N HIS A 74 -14.29 7.21 -3.96
CA HIS A 74 -13.92 6.19 -4.93
C HIS A 74 -14.17 4.79 -4.40
N PHE A 75 -14.18 3.80 -5.28
CA PHE A 75 -14.42 2.42 -4.89
C PHE A 75 -13.25 1.54 -5.29
N ILE A 76 -12.59 0.96 -4.29
CA ILE A 76 -11.44 0.09 -4.54
C ILE A 76 -11.86 -1.38 -4.51
N THR A 77 -11.93 -1.99 -5.69
CA THR A 77 -12.31 -3.39 -5.81
C THR A 77 -11.08 -4.29 -5.93
N LEU A 78 -9.93 -3.67 -6.14
CA LEU A 78 -8.67 -4.41 -6.27
C LEU A 78 -7.52 -3.65 -5.64
N VAL A 79 -6.50 -4.38 -5.20
CA VAL A 79 -5.33 -3.78 -4.58
C VAL A 79 -4.04 -4.45 -5.05
N GLY A 80 -3.04 -3.64 -5.35
CA GLY A 80 -1.77 -4.18 -5.81
C GLY A 80 -0.64 -3.91 -4.84
N THR A 81 0.36 -4.78 -4.85
CA THR A 81 1.50 -4.64 -3.96
C THR A 81 2.76 -5.24 -4.57
N GLN A 82 3.77 -4.40 -4.78
CA GLN A 82 5.04 -4.85 -5.36
C GLN A 82 6.11 -4.97 -4.30
N GLY A 83 6.45 -6.21 -3.95
CA GLY A 83 7.47 -6.44 -2.94
C GLY A 83 8.85 -6.00 -3.39
N ARG A 84 9.71 -5.67 -2.43
CA ARG A 84 11.06 -5.22 -2.73
C ARG A 84 12.10 -6.15 -2.12
N HIS A 85 13.32 -6.10 -2.63
CA HIS A 85 14.41 -6.94 -2.13
C HIS A 85 15.75 -6.39 -2.58
N ALA A 86 16.76 -6.54 -1.71
CA ALA A 86 18.10 -6.06 -2.02
C ALA A 86 18.99 -7.20 -2.52
N GLY A 87 18.57 -8.43 -2.22
CA GLY A 87 19.35 -9.58 -2.65
C GLY A 87 20.60 -9.79 -1.81
N GLY A 88 20.62 -9.19 -0.63
CA GLY A 88 21.78 -9.32 0.25
C GLY A 88 21.55 -8.65 1.59
N HIS A 89 21.20 -7.38 1.56
CA HIS A 89 20.96 -6.63 2.79
C HIS A 89 19.49 -6.69 3.19
N GLY A 90 18.65 -5.93 2.48
CA GLY A 90 17.23 -5.92 2.77
C GLY A 90 16.43 -6.80 1.82
N ILE A 91 16.52 -8.10 2.02
CA ILE A 91 15.79 -9.04 1.17
C ILE A 91 14.33 -9.16 1.60
N GLU A 92 13.96 -8.40 2.62
CA GLU A 92 12.59 -8.42 3.13
C GLU A 92 11.67 -7.58 2.24
N PHE A 93 10.37 -7.68 2.49
CA PHE A 93 9.39 -6.93 1.71
C PHE A 93 8.17 -6.58 2.56
N ALA A 94 7.37 -7.59 2.87
CA ALA A 94 6.17 -7.39 3.68
C ALA A 94 5.37 -8.69 3.81
N PRO A 95 5.43 -9.32 4.99
CA PRO A 95 4.72 -10.57 5.27
C PRO A 95 3.21 -10.37 5.35
N MET A 96 2.80 -9.20 5.82
CA MET A 96 1.37 -8.89 5.94
C MET A 96 1.15 -7.38 5.95
N TYR A 97 -0.11 -6.97 5.78
CA TYR A 97 -0.44 -5.56 5.76
C TYR A 97 -1.97 -5.36 5.78
N LYS A 98 -2.43 -4.44 6.60
CA LYS A 98 -3.86 -4.16 6.71
C LYS A 98 -4.25 -2.97 5.83
N ILE A 99 -5.47 -2.99 5.32
CA ILE A 99 -5.96 -1.92 4.46
C ILE A 99 -7.12 -1.19 5.12
N ASN A 100 -6.86 0.01 5.64
CA ASN A 100 -7.89 0.81 6.28
C ASN A 100 -8.55 1.76 5.29
N TYR A 101 -9.72 2.26 5.65
CA TYR A 101 -10.46 3.18 4.79
C TYR A 101 -11.33 4.12 5.62
N SER A 102 -11.77 5.21 5.00
CA SER A 102 -12.62 6.19 5.67
C SER A 102 -13.19 7.20 4.68
N ARG A 103 -14.37 7.72 4.99
CA ARG A 103 -15.02 8.69 4.12
C ARG A 103 -14.59 10.11 4.48
N ASP A 104 -14.23 10.31 5.74
CA ASP A 104 -13.80 11.63 6.21
C ASP A 104 -12.37 11.56 6.76
N GLY A 105 -11.90 12.70 7.28
CA GLY A 105 -10.55 12.75 7.83
C GLY A 105 -10.54 12.63 9.35
N THR A 106 -11.61 12.04 9.90
CA THR A 106 -11.72 11.87 11.34
C THR A 106 -11.89 10.40 11.70
N ARG A 107 -13.01 9.81 11.28
CA ARG A 107 -13.30 8.42 11.56
C ARG A 107 -12.44 7.50 10.67
N TRP A 108 -11.95 6.42 11.27
CA TRP A 108 -11.12 5.47 10.54
C TRP A 108 -11.67 4.05 10.67
N ILE A 109 -11.84 3.38 9.54
CA ILE A 109 -12.35 2.02 9.53
C ILE A 109 -11.31 1.03 9.03
N SER A 110 -11.34 -0.19 9.56
CA SER A 110 -10.40 -1.23 9.16
C SER A 110 -11.08 -2.31 8.35
N TRP A 111 -10.71 -2.42 7.08
CA TRP A 111 -11.28 -3.42 6.19
C TRP A 111 -11.20 -4.81 6.80
N ARG A 112 -12.32 -5.53 6.78
CA ARG A 112 -12.37 -6.88 7.34
C ARG A 112 -12.47 -7.92 6.23
N ASN A 113 -11.68 -8.98 6.34
CA ASN A 113 -11.69 -10.05 5.35
C ASN A 113 -12.64 -11.17 5.76
N ARG A 114 -12.87 -12.11 4.84
CA ARG A 114 -13.77 -13.23 5.11
C ARG A 114 -13.29 -14.01 6.33
N HIS A 115 -12.01 -13.92 6.64
CA HIS A 115 -11.44 -14.62 7.78
C HIS A 115 -11.73 -13.87 9.08
N GLY A 116 -11.61 -12.55 9.03
CA GLY A 116 -11.87 -11.74 10.21
C GLY A 116 -10.59 -11.41 10.97
N LYS A 117 -9.49 -11.29 10.25
CA LYS A 117 -8.21 -10.97 10.87
C LYS A 117 -7.84 -9.51 10.65
N GLN A 118 -8.57 -8.85 9.75
CA GLN A 118 -8.32 -7.44 9.45
C GLN A 118 -6.94 -7.25 8.86
N VAL A 119 -6.33 -8.34 8.40
CA VAL A 119 -5.01 -8.28 7.80
C VAL A 119 -4.98 -8.96 6.43
N LEU A 120 -4.24 -8.37 5.50
CA LEU A 120 -4.14 -8.92 4.15
C LEU A 120 -2.75 -9.48 3.90
N ASP A 121 -2.70 -10.58 3.16
CA ASP A 121 -1.43 -11.23 2.84
C ASP A 121 -0.55 -10.33 1.98
N GLY A 122 0.71 -10.22 2.36
CA GLY A 122 1.64 -9.37 1.62
C GLY A 122 1.89 -9.88 0.21
N ASN A 123 3.12 -10.32 -0.05
CA ASN A 123 3.47 -10.82 -1.37
C ASN A 123 3.81 -12.31 -1.31
N SER A 124 3.53 -13.02 -2.40
CA SER A 124 3.79 -14.45 -2.47
C SER A 124 4.85 -14.76 -3.52
N ASN A 125 4.98 -13.87 -4.50
CA ASN A 125 5.95 -14.05 -5.58
C ASN A 125 7.30 -13.44 -5.20
N PRO A 126 8.36 -13.87 -5.89
CA PRO A 126 9.72 -13.38 -5.63
C PRO A 126 9.90 -11.94 -6.08
N TYR A 127 9.47 -11.64 -7.30
CA TYR A 127 9.59 -10.28 -7.84
C TYR A 127 8.26 -9.83 -8.46
N ASP A 128 7.59 -10.75 -9.14
CA ASP A 128 6.31 -10.46 -9.78
C ASP A 128 5.36 -9.76 -8.80
N ILE A 129 4.70 -8.71 -9.27
CA ILE A 129 3.77 -7.96 -8.45
C ILE A 129 2.63 -8.85 -7.95
N PHE A 130 2.03 -8.48 -6.82
CA PHE A 130 0.94 -9.25 -6.25
C PHE A 130 -0.35 -8.42 -6.22
N LEU A 131 -1.43 -9.00 -6.73
CA LEU A 131 -2.71 -8.32 -6.77
C LEU A 131 -3.76 -9.07 -5.94
N LYS A 132 -4.71 -8.33 -5.39
CA LYS A 132 -5.77 -8.93 -4.59
C LYS A 132 -7.08 -8.18 -4.77
N ASP A 133 -8.12 -8.91 -5.15
CA ASP A 133 -9.45 -8.31 -5.35
C ASP A 133 -10.19 -8.18 -4.03
N LEU A 134 -10.49 -6.95 -3.64
CA LEU A 134 -11.20 -6.69 -2.39
C LEU A 134 -12.61 -7.28 -2.44
N GLU A 135 -12.97 -8.01 -1.39
CA GLU A 135 -14.29 -8.63 -1.31
C GLU A 135 -14.72 -8.81 0.15
N PRO A 136 -15.63 -7.93 0.60
CA PRO A 136 -16.19 -6.86 -0.22
C PRO A 136 -15.16 -5.78 -0.54
N PRO A 137 -15.51 -4.89 -1.49
CA PRO A 137 -14.63 -3.80 -1.90
C PRO A 137 -14.49 -2.73 -0.82
N ILE A 138 -13.88 -1.61 -1.18
CA ILE A 138 -13.69 -0.51 -0.25
C ILE A 138 -14.18 0.81 -0.84
N VAL A 139 -15.28 1.32 -0.28
CA VAL A 139 -15.86 2.57 -0.75
C VAL A 139 -15.56 3.71 0.22
N ALA A 140 -14.77 4.68 -0.23
CA ALA A 140 -14.41 5.82 0.59
C ALA A 140 -13.53 6.80 -0.17
N ARG A 141 -13.02 7.81 0.52
CA ARG A 141 -12.16 8.81 -0.09
C ARG A 141 -10.76 8.78 0.51
N PHE A 142 -10.64 8.11 1.65
CA PHE A 142 -9.35 8.00 2.33
C PHE A 142 -9.00 6.54 2.62
N VAL A 143 -7.77 6.15 2.30
CA VAL A 143 -7.32 4.79 2.52
C VAL A 143 -5.96 4.76 3.20
N ARG A 144 -5.78 3.82 4.13
CA ARG A 144 -4.52 3.69 4.86
C ARG A 144 -3.96 2.28 4.73
N PHE A 145 -2.65 2.16 4.84
CA PHE A 145 -1.99 0.86 4.75
C PHE A 145 -1.00 0.66 5.89
N ILE A 146 -1.27 -0.33 6.73
CA ILE A 146 -0.40 -0.63 7.86
C ILE A 146 0.32 -1.96 7.67
N PRO A 147 1.65 -1.92 7.63
CA PRO A 147 2.49 -3.11 7.46
C PRO A 147 2.46 -4.01 8.69
N VAL A 148 1.98 -5.25 8.49
CA VAL A 148 1.90 -6.21 9.59
C VAL A 148 2.99 -7.26 9.47
N THR A 149 3.60 -7.61 10.61
CA THR A 149 4.66 -8.61 10.64
C THR A 149 4.52 -9.52 11.84
N ASP A 150 5.05 -10.74 11.73
CA ASP A 150 4.99 -11.71 12.81
C ASP A 150 6.11 -11.49 13.81
N HIS A 151 6.92 -10.45 13.57
CA HIS A 151 8.02 -10.13 14.45
C HIS A 151 8.76 -8.88 13.96
N SER A 152 9.86 -8.55 14.63
CA SER A 152 10.65 -7.38 14.27
C SER A 152 11.49 -7.65 13.02
N MET A 153 10.98 -7.22 11.87
CA MET A 153 11.68 -7.42 10.60
C MET A 153 11.45 -6.23 9.67
N ASN A 154 12.45 -5.93 8.85
CA ASN A 154 12.36 -4.82 7.91
C ASN A 154 11.35 -5.14 6.80
N VAL A 155 10.77 -4.08 6.23
CA VAL A 155 9.79 -4.24 5.16
C VAL A 155 9.97 -3.18 4.09
N CYS A 156 9.99 -3.62 2.83
CA CYS A 156 10.16 -2.72 1.71
C CYS A 156 9.31 -3.14 0.52
N MET A 157 8.39 -2.28 0.10
CA MET A 157 7.52 -2.57 -1.02
C MET A 157 6.65 -1.36 -1.36
N ARG A 158 5.84 -1.50 -2.41
CA ARG A 158 4.96 -0.41 -2.85
C ARG A 158 3.53 -0.91 -3.03
N VAL A 159 2.59 -0.20 -2.42
CA VAL A 159 1.17 -0.57 -2.51
C VAL A 159 0.46 0.26 -3.58
N GLU A 160 -0.71 -0.21 -3.99
CA GLU A 160 -1.50 0.49 -5.00
C GLU A 160 -2.98 0.13 -4.88
N LEU A 161 -3.83 1.14 -5.10
CA LEU A 161 -5.28 0.93 -5.01
C LEU A 161 -5.91 0.92 -6.39
N TYR A 162 -6.50 -0.22 -6.75
CA TYR A 162 -7.15 -0.36 -8.05
C TYR A 162 -8.65 -0.47 -7.90
N GLY A 163 -9.38 -0.12 -8.96
CA GLY A 163 -10.83 -0.18 -8.92
C GLY A 163 -11.48 0.99 -9.63
N CYS A 164 -12.67 1.37 -9.19
CA CYS A 164 -13.39 2.49 -9.78
C CYS A 164 -13.01 3.81 -9.11
N VAL A 165 -12.56 4.76 -9.92
CA VAL A 165 -12.17 6.07 -9.41
C VAL A 165 -13.19 7.14 -9.78
N ASN A 5 -11.31 -6.47 -23.45
CA ASN A 5 -11.57 -5.40 -22.50
C ASN A 5 -11.74 -5.97 -21.09
N PRO A 6 -10.64 -6.42 -20.48
CA PRO A 6 -10.64 -6.99 -19.14
C PRO A 6 -10.91 -5.93 -18.06
N ALA A 7 -10.30 -4.76 -18.23
CA ALA A 7 -10.47 -3.66 -17.27
C ALA A 7 -11.41 -2.60 -17.83
N ILE A 8 -12.54 -2.41 -17.17
CA ILE A 8 -13.52 -1.42 -17.59
C ILE A 8 -13.55 -0.22 -16.65
N CYS A 9 -13.40 -0.49 -15.35
CA CYS A 9 -13.41 0.57 -14.35
C CYS A 9 -12.71 0.10 -13.07
N ARG A 10 -11.57 -0.57 -13.24
CA ARG A 10 -10.82 -1.07 -12.10
C ARG A 10 -9.43 -0.42 -12.05
N TYR A 11 -9.20 0.54 -12.93
CA TYR A 11 -7.92 1.25 -12.99
C TYR A 11 -7.56 1.81 -11.62
N PRO A 12 -6.25 2.06 -11.41
CA PRO A 12 -5.74 2.60 -10.15
C PRO A 12 -6.14 4.05 -9.94
N LEU A 13 -5.66 4.64 -8.85
CA LEU A 13 -5.97 6.04 -8.54
C LEU A 13 -5.58 6.96 -9.69
N GLY A 14 -4.28 7.04 -9.96
CA GLY A 14 -3.80 7.88 -11.04
C GLY A 14 -2.31 8.17 -10.93
N MET A 15 -1.78 8.06 -9.72
CA MET A 15 -0.36 8.31 -9.48
C MET A 15 0.50 7.46 -10.41
N SER A 16 0.20 6.16 -10.46
CA SER A 16 0.95 5.23 -11.30
C SER A 16 1.04 5.74 -12.73
N GLY A 17 0.01 6.48 -13.14
CA GLY A 17 -0.01 7.02 -14.49
C GLY A 17 0.58 8.41 -14.58
N GLY A 18 0.56 9.14 -13.46
CA GLY A 18 1.10 10.48 -13.43
C GLY A 18 0.02 11.54 -13.52
N GLN A 19 -1.17 11.21 -13.02
CA GLN A 19 -2.29 12.15 -13.05
C GLN A 19 -2.57 12.71 -11.66
N ILE A 20 -2.19 11.96 -10.64
CA ILE A 20 -2.40 12.38 -9.26
C ILE A 20 -1.28 13.30 -8.79
N PRO A 21 -1.63 14.31 -7.98
CA PRO A 21 -0.67 15.27 -7.44
C PRO A 21 0.26 14.65 -6.41
N ASP A 22 1.04 15.49 -5.74
CA ASP A 22 1.98 15.01 -4.73
C ASP A 22 1.43 15.27 -3.32
N GLU A 23 0.14 15.53 -3.23
CA GLU A 23 -0.51 15.81 -1.95
C GLU A 23 -1.54 14.73 -1.63
N ASP A 24 -1.67 13.75 -2.51
CA ASP A 24 -2.62 12.67 -2.33
C ASP A 24 -1.96 11.47 -1.66
N ILE A 25 -0.70 11.64 -1.27
CA ILE A 25 0.04 10.56 -0.61
C ILE A 25 0.73 11.06 0.66
N THR A 26 0.75 10.20 1.68
CA THR A 26 1.37 10.56 2.95
C THR A 26 2.16 9.38 3.51
N ALA A 27 3.46 9.57 3.67
CA ALA A 27 4.33 8.53 4.21
C ALA A 27 4.62 8.77 5.68
N SER A 28 3.94 8.02 6.55
CA SER A 28 4.13 8.16 7.99
C SER A 28 5.11 7.12 8.51
N SER A 29 6.13 6.83 7.72
CA SER A 29 7.14 5.84 8.09
C SER A 29 8.22 5.74 7.03
N GLN A 30 8.82 6.87 6.69
CA GLN A 30 9.88 6.90 5.68
C GLN A 30 11.20 7.35 6.29
N TRP A 31 12.23 7.47 5.45
CA TRP A 31 13.54 7.89 5.92
C TRP A 31 14.01 9.14 5.19
N SER A 32 14.03 9.08 3.85
CA SER A 32 14.46 10.20 3.03
C SER A 32 13.43 10.51 1.95
N GLU A 33 13.81 11.38 1.01
CA GLU A 33 12.92 11.76 -0.07
C GLU A 33 13.08 10.82 -1.26
N SER A 34 13.82 9.73 -1.05
CA SER A 34 14.06 8.74 -2.10
C SER A 34 13.32 7.44 -1.81
N THR A 35 12.94 7.25 -0.55
CA THR A 35 12.23 6.06 -0.14
C THR A 35 10.89 6.40 0.50
N ALA A 36 10.35 7.58 0.17
CA ALA A 36 9.09 8.02 0.70
C ALA A 36 7.92 7.45 -0.11
N ALA A 37 6.71 7.93 0.18
CA ALA A 37 5.52 7.48 -0.51
C ALA A 37 5.10 8.46 -1.60
N LYS A 38 5.50 9.72 -1.43
CA LYS A 38 5.17 10.76 -2.40
C LYS A 38 6.20 10.81 -3.52
N TYR A 39 7.40 10.32 -3.24
CA TYR A 39 8.47 10.31 -4.22
C TYR A 39 8.68 8.91 -4.79
N GLY A 40 7.64 8.09 -4.72
CA GLY A 40 7.73 6.73 -5.22
C GLY A 40 6.46 6.28 -5.92
N ARG A 41 6.60 5.75 -7.12
CA ARG A 41 5.45 5.28 -7.89
C ARG A 41 5.37 3.76 -7.89
N LEU A 42 4.26 3.23 -8.39
CA LEU A 42 4.06 1.79 -8.44
C LEU A 42 4.72 1.19 -9.68
N ASP A 43 5.43 0.07 -9.49
CA ASP A 43 6.11 -0.59 -10.59
C ASP A 43 7.21 0.28 -11.15
N SER A 44 7.91 0.99 -10.28
CA SER A 44 8.99 1.89 -10.69
C SER A 44 9.94 2.16 -9.53
N GLU A 45 11.02 2.88 -9.83
CA GLU A 45 12.00 3.22 -8.81
C GLU A 45 12.96 4.31 -9.31
N GLU A 46 12.96 5.45 -8.62
CA GLU A 46 13.81 6.56 -9.01
C GLU A 46 14.73 6.96 -7.85
N GLY A 47 14.21 6.87 -6.63
CA GLY A 47 14.99 7.22 -5.46
C GLY A 47 15.95 6.13 -5.05
N ASP A 48 15.47 5.18 -4.25
CA ASP A 48 16.30 4.07 -3.80
C ASP A 48 15.84 2.75 -4.40
N GLY A 49 14.54 2.47 -4.26
CA GLY A 49 13.99 1.24 -4.80
C GLY A 49 12.53 1.05 -4.45
N ALA A 50 12.20 1.22 -3.17
CA ALA A 50 10.83 1.07 -2.71
C ALA A 50 10.63 1.75 -1.35
N TRP A 51 9.37 1.96 -0.98
CA TRP A 51 9.05 2.60 0.29
C TRP A 51 9.58 1.78 1.46
N CYS A 52 10.40 2.41 2.30
CA CYS A 52 10.98 1.75 3.45
C CYS A 52 11.62 2.76 4.40
N PRO A 53 11.25 2.67 5.69
CA PRO A 53 11.78 3.56 6.73
C PRO A 53 13.25 3.31 7.02
N GLU A 54 13.76 3.94 8.07
CA GLU A 54 15.16 3.79 8.47
C GLU A 54 15.30 2.74 9.55
N ILE A 55 14.19 2.37 10.18
CA ILE A 55 14.19 1.38 11.24
C ILE A 55 13.06 0.37 11.04
N PRO A 56 13.27 -0.86 11.56
CA PRO A 56 12.28 -1.94 11.46
C PRO A 56 11.05 -1.68 12.32
N VAL A 57 9.91 -2.19 11.88
CA VAL A 57 8.66 -2.01 12.61
C VAL A 57 8.22 -3.31 13.26
N GLU A 58 7.49 -3.20 14.38
CA GLU A 58 7.02 -4.37 15.10
C GLU A 58 5.49 -4.37 15.18
N PRO A 59 4.91 -5.56 15.31
CA PRO A 59 3.46 -5.73 15.39
C PRO A 59 2.89 -5.21 16.71
N ASP A 60 3.78 -4.86 17.63
CA ASP A 60 3.37 -4.34 18.93
C ASP A 60 3.47 -2.82 18.97
N ASP A 61 4.64 -2.30 18.61
CA ASP A 61 4.87 -0.86 18.59
C ASP A 61 4.33 -0.23 17.31
N LEU A 62 3.01 -0.20 17.18
CA LEU A 62 2.37 0.37 16.00
C LEU A 62 2.20 1.89 16.15
N LYS A 63 3.21 2.63 15.76
CA LYS A 63 3.17 4.09 15.84
C LYS A 63 3.28 4.72 14.45
N GLU A 64 3.96 4.03 13.55
CA GLU A 64 4.14 4.53 12.19
C GLU A 64 3.36 3.67 11.19
N PHE A 65 3.19 4.20 9.98
CA PHE A 65 2.47 3.48 8.93
C PHE A 65 2.41 4.31 7.66
N LEU A 66 1.70 3.80 6.66
CA LEU A 66 1.57 4.48 5.38
C LEU A 66 0.16 5.02 5.20
N GLN A 67 0.05 6.28 4.79
CA GLN A 67 -1.24 6.91 4.57
C GLN A 67 -1.44 7.25 3.10
N ILE A 68 -2.61 6.91 2.57
CA ILE A 68 -2.93 7.18 1.17
C ILE A 68 -4.23 7.97 1.05
N ASP A 69 -4.19 9.05 0.28
CA ASP A 69 -5.36 9.89 0.07
C ASP A 69 -5.87 9.77 -1.37
N LEU A 70 -7.16 9.57 -1.52
CA LEU A 70 -7.77 9.44 -2.85
C LEU A 70 -8.29 10.78 -3.33
N HIS A 71 -8.18 11.02 -4.63
CA HIS A 71 -8.65 12.27 -5.23
C HIS A 71 -10.10 12.56 -4.81
N THR A 72 -10.97 11.59 -5.05
CA THR A 72 -12.38 11.74 -4.70
C THR A 72 -12.97 10.42 -4.22
N LEU A 73 -14.04 10.51 -3.44
CA LEU A 73 -14.70 9.31 -2.92
C LEU A 73 -15.02 8.33 -4.04
N HIS A 74 -14.25 7.25 -4.10
CA HIS A 74 -14.45 6.23 -5.12
C HIS A 74 -14.59 4.85 -4.50
N PHE A 75 -14.62 3.82 -5.33
CA PHE A 75 -14.76 2.45 -4.86
C PHE A 75 -13.54 1.60 -5.26
N ILE A 76 -12.95 0.92 -4.28
CA ILE A 76 -11.80 0.08 -4.53
C ILE A 76 -12.16 -1.40 -4.52
N THR A 77 -12.19 -2.01 -5.70
CA THR A 77 -12.53 -3.42 -5.82
C THR A 77 -11.28 -4.27 -5.98
N LEU A 78 -10.14 -3.62 -6.20
CA LEU A 78 -8.87 -4.32 -6.36
C LEU A 78 -7.73 -3.54 -5.73
N VAL A 79 -6.68 -4.25 -5.35
CA VAL A 79 -5.51 -3.63 -4.72
C VAL A 79 -4.21 -4.25 -5.23
N GLY A 80 -3.24 -3.41 -5.56
CA GLY A 80 -1.97 -3.90 -6.05
C GLY A 80 -0.86 -3.77 -5.01
N THR A 81 0.21 -4.53 -5.21
CA THR A 81 1.34 -4.50 -4.29
C THR A 81 2.58 -5.10 -4.93
N GLN A 82 3.72 -4.45 -4.71
CA GLN A 82 4.99 -4.92 -5.27
C GLN A 82 6.10 -4.82 -4.23
N GLY A 83 6.83 -5.92 -4.05
CA GLY A 83 7.92 -5.94 -3.10
C GLY A 83 9.26 -5.63 -3.73
N ARG A 84 10.25 -5.29 -2.90
CA ARG A 84 11.57 -4.96 -3.39
C ARG A 84 12.63 -5.88 -2.78
N HIS A 85 13.70 -6.12 -3.52
CA HIS A 85 14.77 -6.99 -3.04
C HIS A 85 16.14 -6.35 -3.29
N ALA A 86 17.18 -6.93 -2.69
CA ALA A 86 18.54 -6.42 -2.86
C ALA A 86 19.08 -6.76 -4.24
N GLY A 87 18.41 -7.66 -4.93
CA GLY A 87 18.85 -8.06 -6.25
C GLY A 87 19.56 -9.40 -6.25
N GLY A 88 20.37 -9.64 -5.23
CA GLY A 88 21.10 -10.89 -5.13
C GLY A 88 20.73 -11.68 -3.89
N HIS A 89 20.10 -11.01 -2.93
CA HIS A 89 19.69 -11.66 -1.69
C HIS A 89 18.17 -11.75 -1.61
N GLY A 90 17.50 -10.61 -1.59
CA GLY A 90 16.06 -10.58 -1.51
C GLY A 90 15.54 -11.19 -0.22
N ILE A 91 15.58 -10.42 0.85
CA ILE A 91 15.11 -10.90 2.16
C ILE A 91 14.41 -9.78 2.93
N GLU A 92 14.10 -8.69 2.23
CA GLU A 92 13.43 -7.55 2.85
C GLU A 92 12.11 -7.25 2.14
N PHE A 93 11.02 -7.37 2.88
CA PHE A 93 9.70 -7.11 2.32
C PHE A 93 8.62 -7.17 3.41
N ALA A 94 7.37 -6.90 3.03
CA ALA A 94 6.26 -6.93 3.97
C ALA A 94 5.45 -8.21 3.80
N PRO A 95 5.49 -9.08 4.83
CA PRO A 95 4.77 -10.35 4.82
C PRO A 95 3.26 -10.15 4.93
N MET A 96 2.84 -9.10 5.62
CA MET A 96 1.43 -8.79 5.79
C MET A 96 1.20 -7.30 5.98
N TYR A 97 -0.02 -6.85 5.78
CA TYR A 97 -0.37 -5.44 5.93
C TYR A 97 -1.88 -5.26 5.99
N LYS A 98 -2.33 -4.42 6.92
CA LYS A 98 -3.75 -4.15 7.09
C LYS A 98 -4.19 -3.01 6.18
N ILE A 99 -5.38 -3.16 5.59
CA ILE A 99 -5.92 -2.14 4.69
C ILE A 99 -7.07 -1.39 5.35
N ASN A 100 -6.81 -0.16 5.75
CA ASN A 100 -7.83 0.68 6.39
C ASN A 100 -8.45 1.63 5.39
N TYR A 101 -9.68 2.07 5.68
CA TYR A 101 -10.39 2.99 4.80
C TYR A 101 -11.19 4.00 5.62
N SER A 102 -11.62 5.07 4.96
CA SER A 102 -12.39 6.12 5.62
C SER A 102 -12.87 7.16 4.60
N ARG A 103 -13.94 7.87 4.96
CA ARG A 103 -14.50 8.89 4.09
C ARG A 103 -13.90 10.25 4.38
N ASP A 104 -13.45 10.43 5.62
CA ASP A 104 -12.85 11.70 6.04
C ASP A 104 -11.37 11.52 6.36
N GLY A 105 -10.73 12.60 6.80
CA GLY A 105 -9.32 12.54 7.14
C GLY A 105 -9.10 12.51 8.63
N THR A 106 -10.03 11.91 9.36
CA THR A 106 -9.93 11.82 10.82
C THR A 106 -10.09 10.38 11.29
N ARG A 107 -11.28 9.84 11.11
CA ARG A 107 -11.56 8.47 11.52
C ARG A 107 -10.92 7.47 10.56
N TRP A 108 -10.80 6.23 11.02
CA TRP A 108 -10.19 5.18 10.21
C TRP A 108 -10.75 3.81 10.59
N ILE A 109 -11.17 3.05 9.59
CA ILE A 109 -11.71 1.72 9.81
C ILE A 109 -10.87 0.65 9.14
N SER A 110 -10.84 -0.54 9.74
CA SER A 110 -10.06 -1.65 9.19
C SER A 110 -10.94 -2.54 8.32
N TRP A 111 -10.56 -2.67 7.06
CA TRP A 111 -11.30 -3.51 6.12
C TRP A 111 -11.36 -4.96 6.59
N ARG A 112 -12.57 -5.48 6.75
CA ARG A 112 -12.75 -6.86 7.20
C ARG A 112 -13.20 -7.76 6.04
N ASN A 113 -12.66 -8.97 6.00
CA ASN A 113 -12.99 -9.92 4.95
C ASN A 113 -13.96 -10.97 5.47
N ARG A 114 -14.53 -11.76 4.55
CA ARG A 114 -15.48 -12.81 4.91
C ARG A 114 -14.85 -13.79 5.90
N HIS A 115 -13.52 -13.87 5.88
CA HIS A 115 -12.80 -14.77 6.76
C HIS A 115 -12.62 -14.15 8.14
N GLY A 116 -12.64 -12.82 8.19
CA GLY A 116 -12.47 -12.12 9.45
C GLY A 116 -11.10 -11.51 9.60
N LYS A 117 -10.15 -11.97 8.80
CA LYS A 117 -8.79 -11.46 8.83
C LYS A 117 -8.72 -10.05 8.27
N GLN A 118 -8.65 -9.05 9.14
CA GLN A 118 -8.58 -7.66 8.73
C GLN A 118 -7.28 -7.38 7.97
N VAL A 119 -6.21 -8.06 8.37
CA VAL A 119 -4.92 -7.89 7.74
C VAL A 119 -4.85 -8.65 6.42
N LEU A 120 -4.36 -7.97 5.38
CA LEU A 120 -4.24 -8.58 4.05
C LEU A 120 -2.87 -9.22 3.87
N ASP A 121 -2.85 -10.35 3.19
CA ASP A 121 -1.61 -11.08 2.94
C ASP A 121 -0.65 -10.22 2.12
N GLY A 122 0.57 -10.05 2.64
CA GLY A 122 1.56 -9.25 1.94
C GLY A 122 2.02 -9.90 0.65
N ASN A 123 3.31 -10.20 0.57
CA ASN A 123 3.88 -10.83 -0.62
C ASN A 123 5.09 -11.68 -0.27
N SER A 124 5.33 -12.72 -1.05
CA SER A 124 6.45 -13.63 -0.82
C SER A 124 7.53 -13.44 -1.88
N ASN A 125 7.66 -12.21 -2.38
CA ASN A 125 8.64 -11.90 -3.41
C ASN A 125 8.41 -12.74 -4.66
N PRO A 126 7.26 -12.52 -5.32
CA PRO A 126 6.89 -13.24 -6.53
C PRO A 126 7.77 -12.86 -7.73
N TYR A 127 7.37 -13.30 -8.91
CA TYR A 127 8.12 -13.00 -10.13
C TYR A 127 7.66 -11.69 -10.74
N ASP A 128 6.45 -11.27 -10.41
CA ASP A 128 5.89 -10.03 -10.92
C ASP A 128 4.97 -9.38 -9.89
N ILE A 129 4.35 -8.27 -10.28
CA ILE A 129 3.44 -7.55 -9.39
C ILE A 129 2.40 -8.49 -8.80
N PHE A 130 1.85 -8.10 -7.64
CA PHE A 130 0.85 -8.91 -6.97
C PHE A 130 -0.44 -8.11 -6.74
N LEU A 131 -1.55 -8.64 -7.25
CA LEU A 131 -2.84 -7.97 -7.11
C LEU A 131 -3.79 -8.80 -6.26
N LYS A 132 -4.78 -8.13 -5.67
CA LYS A 132 -5.76 -8.81 -4.82
C LYS A 132 -7.13 -8.15 -4.94
N ASP A 133 -8.13 -8.93 -5.29
CA ASP A 133 -9.49 -8.43 -5.44
C ASP A 133 -10.18 -8.32 -4.08
N LEU A 134 -10.75 -7.15 -3.80
CA LEU A 134 -11.43 -6.92 -2.53
C LEU A 134 -12.87 -7.43 -2.59
N GLU A 135 -13.32 -8.03 -1.50
CA GLU A 135 -14.68 -8.57 -1.43
C GLU A 135 -15.11 -8.76 0.02
N PRO A 136 -16.01 -7.87 0.50
CA PRO A 136 -16.55 -6.78 -0.32
C PRO A 136 -15.50 -5.71 -0.62
N PRO A 137 -15.83 -4.81 -1.55
CA PRO A 137 -14.93 -3.72 -1.95
C PRO A 137 -14.77 -2.68 -0.86
N ILE A 138 -14.16 -1.55 -1.20
CA ILE A 138 -13.94 -0.47 -0.25
C ILE A 138 -14.42 0.86 -0.81
N VAL A 139 -15.52 1.37 -0.27
CA VAL A 139 -16.08 2.64 -0.71
C VAL A 139 -15.68 3.78 0.22
N ALA A 140 -14.83 4.67 -0.27
CA ALA A 140 -14.37 5.80 0.52
C ALA A 140 -13.42 6.68 -0.29
N ARG A 141 -12.84 7.67 0.38
CA ARG A 141 -11.91 8.59 -0.27
C ARG A 141 -10.56 8.60 0.43
N PHE A 142 -10.47 7.86 1.54
CA PHE A 142 -9.23 7.77 2.30
C PHE A 142 -8.87 6.32 2.60
N VAL A 143 -7.61 5.98 2.38
CA VAL A 143 -7.13 4.62 2.62
C VAL A 143 -5.76 4.63 3.29
N ARG A 144 -5.62 3.85 4.36
CA ARG A 144 -4.36 3.77 5.08
C ARG A 144 -3.84 2.33 5.10
N PHE A 145 -2.53 2.19 4.90
CA PHE A 145 -1.90 0.88 4.88
C PHE A 145 -0.96 0.71 6.07
N ILE A 146 -1.21 -0.29 6.89
CA ILE A 146 -0.38 -0.56 8.07
C ILE A 146 0.41 -1.85 7.90
N PRO A 147 1.72 -1.79 8.20
CA PRO A 147 2.61 -2.95 8.10
C PRO A 147 2.31 -4.00 9.16
N VAL A 148 2.24 -5.26 8.72
CA VAL A 148 1.96 -6.37 9.63
C VAL A 148 3.00 -7.47 9.47
N THR A 149 3.65 -7.84 10.57
CA THR A 149 4.66 -8.88 10.56
C THR A 149 4.48 -9.83 11.75
N ASP A 150 5.03 -11.03 11.62
CA ASP A 150 4.95 -12.03 12.68
C ASP A 150 6.02 -11.78 13.75
N HIS A 151 6.82 -10.74 13.54
CA HIS A 151 7.87 -10.39 14.48
C HIS A 151 8.55 -9.07 14.09
N SER A 152 9.45 -8.61 14.95
CA SER A 152 10.15 -7.35 14.70
C SER A 152 11.04 -7.47 13.45
N MET A 153 10.80 -6.60 12.49
CA MET A 153 11.57 -6.60 11.25
C MET A 153 11.23 -5.39 10.38
N ASN A 154 12.10 -5.08 9.43
CA ASN A 154 11.88 -3.95 8.53
C ASN A 154 11.26 -4.41 7.22
N VAL A 155 10.17 -3.76 6.81
CA VAL A 155 9.49 -4.10 5.57
C VAL A 155 9.70 -3.02 4.52
N CYS A 156 9.97 -3.45 3.30
CA CYS A 156 10.20 -2.52 2.19
C CYS A 156 9.42 -2.96 0.95
N MET A 157 8.46 -2.14 0.54
CA MET A 157 7.64 -2.44 -0.63
C MET A 157 6.69 -1.28 -0.95
N ARG A 158 6.08 -1.33 -2.13
CA ARG A 158 5.16 -0.28 -2.54
C ARG A 158 3.78 -0.87 -2.85
N VAL A 159 2.75 -0.26 -2.27
CA VAL A 159 1.39 -0.73 -2.48
C VAL A 159 0.64 0.18 -3.45
N GLU A 160 -0.55 -0.24 -3.85
CA GLU A 160 -1.37 0.54 -4.77
C GLU A 160 -2.84 0.12 -4.69
N LEU A 161 -3.72 1.03 -5.09
CA LEU A 161 -5.15 0.76 -5.07
C LEU A 161 -5.71 0.62 -6.48
N TYR A 162 -6.85 -0.04 -6.59
CA TYR A 162 -7.49 -0.24 -7.89
C TYR A 162 -9.01 -0.34 -7.75
N GLY A 163 -9.73 0.05 -8.79
CA GLY A 163 -11.17 -0.01 -8.77
C GLY A 163 -11.81 1.02 -9.68
N CYS A 164 -13.00 1.48 -9.32
CA CYS A 164 -13.72 2.47 -10.11
C CYS A 164 -13.75 3.82 -9.41
N VAL A 165 -13.16 4.83 -10.05
CA VAL A 165 -13.12 6.17 -9.49
C VAL A 165 -14.52 6.65 -9.10
N ASN A 5 -7.12 -4.53 -23.41
CA ASN A 5 -7.40 -3.62 -22.31
C ASN A 5 -8.69 -4.02 -21.59
N PRO A 6 -8.63 -5.14 -20.85
CA PRO A 6 -9.79 -5.64 -20.10
C PRO A 6 -10.14 -4.76 -18.91
N ALA A 7 -9.20 -3.91 -18.51
CA ALA A 7 -9.42 -2.99 -17.39
C ALA A 7 -10.43 -1.91 -17.75
N ILE A 8 -11.58 -1.93 -17.05
CA ILE A 8 -12.62 -0.95 -17.29
C ILE A 8 -13.03 -0.25 -16.00
N CYS A 9 -13.00 -0.99 -14.90
CA CYS A 9 -13.38 -0.44 -13.60
C CYS A 9 -12.38 -0.88 -12.53
N ARG A 10 -11.12 -1.04 -12.92
CA ARG A 10 -10.07 -1.45 -12.00
C ARG A 10 -8.92 -0.46 -12.00
N TYR A 11 -9.05 0.60 -12.81
CA TYR A 11 -8.02 1.62 -12.91
C TYR A 11 -7.64 2.14 -11.53
N PRO A 12 -6.40 2.66 -11.42
CA PRO A 12 -5.89 3.21 -10.16
C PRO A 12 -6.59 4.51 -9.76
N LEU A 13 -6.20 5.07 -8.62
CA LEU A 13 -6.77 6.31 -8.14
C LEU A 13 -6.42 7.47 -9.05
N GLY A 14 -5.25 7.40 -9.66
CA GLY A 14 -4.81 8.46 -10.56
C GLY A 14 -3.30 8.60 -10.60
N MET A 15 -2.63 8.10 -9.56
CA MET A 15 -1.18 8.18 -9.48
C MET A 15 -0.53 7.37 -10.61
N SER A 16 -0.81 6.08 -10.64
CA SER A 16 -0.24 5.20 -11.67
C SER A 16 -0.50 5.76 -13.06
N GLY A 17 -1.65 6.41 -13.23
CA GLY A 17 -1.99 6.98 -14.52
C GLY A 17 -1.28 8.29 -14.79
N GLY A 18 -0.91 8.99 -13.71
CA GLY A 18 -0.22 10.26 -13.86
C GLY A 18 -1.17 11.43 -13.92
N GLN A 19 -2.31 11.31 -13.24
CA GLN A 19 -3.31 12.37 -13.22
C GLN A 19 -3.45 12.97 -11.83
N ILE A 20 -3.16 12.17 -10.81
CA ILE A 20 -3.25 12.60 -9.43
C ILE A 20 -1.94 13.23 -8.96
N PRO A 21 -2.04 14.28 -8.13
CA PRO A 21 -0.87 14.98 -7.59
C PRO A 21 -0.10 14.13 -6.59
N ASP A 22 0.86 14.75 -5.90
CA ASP A 22 1.66 14.05 -4.91
C ASP A 22 1.14 14.34 -3.50
N GLU A 23 0.26 15.31 -3.38
CA GLU A 23 -0.31 15.69 -2.09
C GLU A 23 -1.39 14.71 -1.67
N ASP A 24 -1.75 13.80 -2.57
CA ASP A 24 -2.76 12.80 -2.29
C ASP A 24 -2.16 11.60 -1.59
N ILE A 25 -0.86 11.43 -1.73
CA ILE A 25 -0.16 10.30 -1.11
C ILE A 25 0.66 10.78 0.09
N THR A 26 0.48 10.10 1.22
CA THR A 26 1.21 10.45 2.44
C THR A 26 1.94 9.24 3.01
N ALA A 27 3.27 9.35 3.10
CA ALA A 27 4.09 8.26 3.63
C ALA A 27 4.49 8.53 5.06
N SER A 28 3.88 7.82 6.01
CA SER A 28 4.18 7.99 7.42
C SER A 28 5.22 6.97 7.88
N SER A 29 6.20 6.71 7.03
CA SER A 29 7.26 5.76 7.34
C SER A 29 8.28 5.69 6.22
N GLN A 30 8.91 6.82 5.91
CA GLN A 30 9.91 6.89 4.85
C GLN A 30 11.21 7.51 5.36
N TRP A 31 12.23 7.49 4.53
CA TRP A 31 13.53 8.06 4.90
C TRP A 31 13.90 9.22 3.98
N SER A 32 13.82 8.99 2.68
CA SER A 32 14.15 10.02 1.70
C SER A 32 13.04 10.15 0.66
N GLU A 33 13.24 11.06 -0.28
CA GLU A 33 12.25 11.28 -1.34
C GLU A 33 12.39 10.24 -2.44
N SER A 34 13.34 9.34 -2.28
CA SER A 34 13.58 8.29 -3.27
C SER A 34 12.92 6.99 -2.83
N THR A 35 12.62 6.88 -1.54
CA THR A 35 11.99 5.68 -0.99
C THR A 35 10.68 6.02 -0.29
N ALA A 36 9.95 6.97 -0.84
CA ALA A 36 8.67 7.40 -0.26
C ALA A 36 7.51 6.77 -1.00
N ALA A 37 6.29 7.08 -0.55
CA ALA A 37 5.09 6.54 -1.17
C ALA A 37 4.64 7.43 -2.32
N LYS A 38 4.75 8.74 -2.14
CA LYS A 38 4.36 9.70 -3.17
C LYS A 38 5.35 9.68 -4.34
N TYR A 39 6.57 9.29 -4.05
CA TYR A 39 7.61 9.23 -5.07
C TYR A 39 7.90 7.78 -5.48
N GLY A 40 6.91 6.91 -5.29
CA GLY A 40 7.08 5.52 -5.63
C GLY A 40 5.89 4.97 -6.41
N ARG A 41 5.88 5.20 -7.71
CA ARG A 41 4.80 4.73 -8.56
C ARG A 41 4.85 3.22 -8.73
N LEU A 42 3.68 2.58 -8.69
CA LEU A 42 3.60 1.13 -8.85
C LEU A 42 4.30 0.67 -10.12
N ASP A 43 5.09 -0.39 -10.00
CA ASP A 43 5.82 -0.93 -11.14
C ASP A 43 6.83 0.08 -11.67
N SER A 44 7.47 0.80 -10.76
CA SER A 44 8.46 1.81 -11.14
C SER A 44 9.43 2.08 -10.00
N GLU A 45 10.67 2.39 -10.34
CA GLU A 45 11.70 2.67 -9.34
C GLU A 45 12.76 3.59 -9.91
N GLU A 46 12.75 4.85 -9.45
CA GLU A 46 13.71 5.84 -9.91
C GLU A 46 14.58 6.33 -8.75
N GLY A 47 14.05 6.24 -7.53
CA GLY A 47 14.79 6.67 -6.37
C GLY A 47 15.81 5.66 -5.92
N ASP A 48 15.42 4.77 -5.02
CA ASP A 48 16.32 3.74 -4.51
C ASP A 48 15.87 2.35 -4.97
N GLY A 49 14.57 2.12 -4.90
CA GLY A 49 14.03 0.83 -5.31
C GLY A 49 12.58 0.65 -4.93
N ALA A 50 12.29 0.81 -3.64
CA ALA A 50 10.92 0.67 -3.14
C ALA A 50 10.70 1.56 -1.91
N TRP A 51 9.50 1.46 -1.34
CA TRP A 51 9.17 2.25 -0.15
C TRP A 51 9.76 1.63 1.11
N CYS A 52 10.63 2.39 1.76
CA CYS A 52 11.29 1.92 2.98
C CYS A 52 11.47 3.06 3.98
N PRO A 53 11.11 2.82 5.24
CA PRO A 53 11.22 3.81 6.31
C PRO A 53 12.67 4.10 6.68
N GLU A 54 12.87 4.83 7.77
CA GLU A 54 14.20 5.19 8.23
C GLU A 54 14.60 4.34 9.43
N ILE A 55 13.60 3.77 10.11
CA ILE A 55 13.85 2.93 11.28
C ILE A 55 12.99 1.67 11.24
N PRO A 56 13.49 0.60 11.89
CA PRO A 56 12.79 -0.68 11.95
C PRO A 56 11.53 -0.61 12.80
N VAL A 57 10.49 -1.35 12.37
CA VAL A 57 9.23 -1.37 13.09
C VAL A 57 8.97 -2.73 13.72
N GLU A 58 7.90 -2.84 14.49
CA GLU A 58 7.55 -4.10 15.14
C GLU A 58 6.04 -4.29 15.17
N PRO A 59 5.60 -5.56 15.24
CA PRO A 59 4.17 -5.90 15.28
C PRO A 59 3.52 -5.52 16.59
N ASP A 60 4.34 -5.15 17.57
CA ASP A 60 3.84 -4.76 18.88
C ASP A 60 3.80 -3.24 19.02
N ASP A 61 4.70 -2.57 18.31
CA ASP A 61 4.77 -1.11 18.34
C ASP A 61 4.54 -0.52 16.95
N LEU A 62 3.28 -0.46 16.54
CA LEU A 62 2.94 0.07 15.23
C LEU A 62 2.65 1.57 15.31
N LYS A 63 3.70 2.38 15.22
CA LYS A 63 3.57 3.83 15.29
C LYS A 63 3.44 4.42 13.88
N GLU A 64 4.37 4.04 13.00
CA GLU A 64 4.36 4.54 11.64
C GLU A 64 3.41 3.72 10.76
N PHE A 65 3.21 4.19 9.53
CA PHE A 65 2.33 3.50 8.60
C PHE A 65 2.26 4.23 7.26
N LEU A 66 1.40 3.76 6.37
CA LEU A 66 1.24 4.38 5.06
C LEU A 66 -0.17 4.94 4.89
N GLN A 67 -0.26 6.18 4.41
CA GLN A 67 -1.54 6.83 4.21
C GLN A 67 -1.76 7.16 2.74
N ILE A 68 -2.96 6.88 2.23
CA ILE A 68 -3.29 7.14 0.84
C ILE A 68 -4.62 7.88 0.73
N ASP A 69 -4.53 9.20 0.53
CA ASP A 69 -5.72 10.03 0.40
C ASP A 69 -6.17 10.11 -1.06
N LEU A 70 -7.47 9.90 -1.29
CA LEU A 70 -8.03 9.93 -2.63
C LEU A 70 -8.72 11.27 -2.89
N HIS A 71 -8.81 11.65 -4.16
CA HIS A 71 -9.46 12.90 -4.54
C HIS A 71 -10.85 13.01 -3.93
N THR A 72 -11.78 12.21 -4.44
CA THR A 72 -13.15 12.22 -3.95
C THR A 72 -13.65 10.81 -3.70
N LEU A 73 -14.94 10.68 -3.41
CA LEU A 73 -15.54 9.38 -3.15
C LEU A 73 -15.19 8.38 -4.26
N HIS A 74 -14.27 7.48 -3.97
CA HIS A 74 -13.85 6.47 -4.93
C HIS A 74 -14.10 5.06 -4.40
N PHE A 75 -14.03 4.08 -5.29
CA PHE A 75 -14.25 2.69 -4.92
C PHE A 75 -13.04 1.83 -5.25
N ILE A 76 -12.45 1.23 -4.23
CA ILE A 76 -11.27 0.38 -4.42
C ILE A 76 -11.63 -1.09 -4.28
N THR A 77 -11.74 -1.78 -5.41
CA THR A 77 -12.07 -3.20 -5.43
C THR A 77 -10.85 -4.05 -5.71
N LEU A 78 -9.77 -3.41 -6.13
CA LEU A 78 -8.53 -4.12 -6.43
C LEU A 78 -7.34 -3.40 -5.80
N VAL A 79 -6.38 -4.19 -5.31
CA VAL A 79 -5.18 -3.63 -4.68
C VAL A 79 -3.92 -4.33 -5.19
N GLY A 80 -2.89 -3.54 -5.47
CA GLY A 80 -1.65 -4.09 -5.96
C GLY A 80 -0.51 -3.95 -4.97
N THR A 81 0.42 -4.90 -4.97
CA THR A 81 1.55 -4.88 -4.07
C THR A 81 2.75 -5.59 -4.67
N GLN A 82 3.90 -4.90 -4.67
CA GLN A 82 5.12 -5.47 -5.23
C GLN A 82 6.29 -5.28 -4.26
N GLY A 83 6.81 -6.40 -3.75
CA GLY A 83 7.93 -6.33 -2.82
C GLY A 83 9.26 -6.12 -3.53
N ARG A 84 10.27 -5.74 -2.76
CA ARG A 84 11.60 -5.49 -3.31
C ARG A 84 12.63 -6.42 -2.68
N HIS A 85 13.70 -6.71 -3.42
CA HIS A 85 14.76 -7.58 -2.93
C HIS A 85 15.92 -6.77 -2.37
N ALA A 86 15.68 -5.48 -2.15
CA ALA A 86 16.71 -4.60 -1.61
C ALA A 86 17.90 -4.49 -2.56
N GLY A 87 17.69 -4.92 -3.81
CA GLY A 87 18.76 -4.86 -4.79
C GLY A 87 19.53 -6.17 -4.87
N GLY A 88 19.77 -6.79 -3.72
CA GLY A 88 20.50 -8.04 -3.70
C GLY A 88 20.52 -8.67 -2.32
N HIS A 89 19.47 -8.41 -1.54
CA HIS A 89 19.37 -8.96 -0.19
C HIS A 89 18.07 -9.75 -0.02
N GLY A 90 16.96 -9.04 -0.02
CA GLY A 90 15.66 -9.69 0.14
C GLY A 90 15.40 -10.10 1.56
N ILE A 91 16.21 -9.61 2.49
CA ILE A 91 16.05 -9.93 3.90
C ILE A 91 15.01 -9.04 4.57
N GLU A 92 14.35 -8.20 3.77
CA GLU A 92 13.34 -7.30 4.28
C GLU A 92 12.21 -7.12 3.26
N PHE A 93 10.97 -7.11 3.75
CA PHE A 93 9.80 -6.95 2.90
C PHE A 93 8.53 -6.85 3.72
N ALA A 94 7.39 -6.92 3.05
CA ALA A 94 6.09 -6.85 3.72
C ALA A 94 5.30 -8.13 3.52
N PRO A 95 5.49 -9.09 4.44
CA PRO A 95 4.80 -10.39 4.38
C PRO A 95 3.31 -10.26 4.70
N MET A 96 2.95 -9.18 5.40
CA MET A 96 1.56 -8.94 5.75
C MET A 96 1.28 -7.44 5.91
N TYR A 97 0.01 -7.07 5.87
CA TYR A 97 -0.38 -5.67 6.00
C TYR A 97 -1.90 -5.54 6.08
N LYS A 98 -2.36 -4.64 6.95
CA LYS A 98 -3.79 -4.40 7.13
C LYS A 98 -4.26 -3.27 6.24
N ILE A 99 -5.52 -3.35 5.79
CA ILE A 99 -6.09 -2.32 4.95
C ILE A 99 -7.24 -1.60 5.65
N ASN A 100 -7.11 -0.28 5.75
CA ASN A 100 -8.14 0.54 6.41
C ASN A 100 -8.72 1.56 5.44
N TYR A 101 -9.90 2.08 5.78
CA TYR A 101 -10.57 3.06 4.94
C TYR A 101 -11.40 4.02 5.78
N SER A 102 -11.68 5.21 5.22
CA SER A 102 -12.45 6.21 5.93
C SER A 102 -13.03 7.23 4.94
N ARG A 103 -14.08 7.93 5.37
CA ARG A 103 -14.72 8.94 4.54
C ARG A 103 -14.75 10.30 5.24
N ASP A 104 -14.18 11.30 4.58
CA ASP A 104 -14.15 12.65 5.14
C ASP A 104 -13.32 12.68 6.42
N GLY A 105 -12.43 11.71 6.58
CA GLY A 105 -11.59 11.65 7.76
C GLY A 105 -12.40 11.72 9.04
N THR A 106 -13.48 10.93 9.11
CA THR A 106 -14.34 10.91 10.28
C THR A 106 -14.67 9.48 10.68
N ARG A 107 -15.12 8.68 9.71
CA ARG A 107 -15.49 7.30 9.97
C ARG A 107 -14.32 6.36 9.66
N TRP A 108 -13.51 6.09 10.67
CA TRP A 108 -12.35 5.21 10.51
C TRP A 108 -12.75 3.75 10.69
N ILE A 109 -12.54 2.95 9.64
CA ILE A 109 -12.89 1.53 9.69
C ILE A 109 -11.74 0.68 9.15
N SER A 110 -11.65 -0.55 9.64
CA SER A 110 -10.60 -1.48 9.21
C SER A 110 -11.18 -2.62 8.38
N TRP A 111 -10.73 -2.72 7.13
CA TRP A 111 -11.21 -3.77 6.25
C TRP A 111 -11.10 -5.14 6.90
N ARG A 112 -12.17 -5.93 6.78
CA ARG A 112 -12.20 -7.26 7.36
C ARG A 112 -12.61 -8.30 6.33
N ASN A 113 -11.95 -9.45 6.35
CA ASN A 113 -12.24 -10.52 5.40
C ASN A 113 -13.40 -11.38 5.91
N ARG A 114 -14.10 -12.03 4.98
CA ARG A 114 -15.22 -12.89 5.34
C ARG A 114 -14.78 -13.99 6.31
N HIS A 115 -13.50 -14.30 6.30
CA HIS A 115 -12.95 -15.33 7.18
C HIS A 115 -12.74 -14.79 8.59
N GLY A 116 -12.56 -13.47 8.69
CA GLY A 116 -12.36 -12.86 10.00
C GLY A 116 -10.91 -12.53 10.26
N LYS A 117 -10.17 -12.19 9.20
CA LYS A 117 -8.76 -11.85 9.31
C LYS A 117 -8.50 -10.45 8.77
N GLN A 118 -8.43 -9.47 9.67
CA GLN A 118 -8.19 -8.09 9.27
C GLN A 118 -6.93 -7.99 8.40
N VAL A 119 -5.81 -8.45 8.95
CA VAL A 119 -4.54 -8.41 8.23
C VAL A 119 -4.66 -9.11 6.87
N LEU A 120 -4.11 -8.48 5.85
CA LEU A 120 -4.15 -9.04 4.50
C LEU A 120 -2.78 -9.57 4.08
N ASP A 121 -2.78 -10.62 3.27
CA ASP A 121 -1.54 -11.22 2.80
C ASP A 121 -0.62 -10.16 2.18
N GLY A 122 0.66 -10.22 2.50
CA GLY A 122 1.61 -9.26 1.96
C GLY A 122 2.18 -9.69 0.63
N ASN A 123 3.49 -9.81 0.57
CA ASN A 123 4.17 -10.23 -0.67
C ASN A 123 5.22 -11.29 -0.38
N SER A 124 5.05 -12.47 -0.98
CA SER A 124 5.99 -13.56 -0.80
C SER A 124 7.02 -13.60 -1.92
N ASN A 125 7.43 -12.42 -2.37
CA ASN A 125 8.42 -12.32 -3.44
C ASN A 125 8.00 -13.16 -4.64
N PRO A 126 6.85 -12.82 -5.25
CA PRO A 126 6.33 -13.53 -6.41
C PRO A 126 7.16 -13.30 -7.66
N TYR A 127 6.61 -13.65 -8.81
CA TYR A 127 7.30 -13.48 -10.09
C TYR A 127 7.05 -12.10 -10.67
N ASP A 128 5.99 -11.45 -10.19
CA ASP A 128 5.64 -10.12 -10.65
C ASP A 128 4.69 -9.43 -9.69
N ILE A 129 4.12 -8.30 -10.11
CA ILE A 129 3.19 -7.56 -9.27
C ILE A 129 2.11 -8.46 -8.70
N PHE A 130 1.82 -8.30 -7.41
CA PHE A 130 0.80 -9.11 -6.75
C PHE A 130 -0.50 -8.33 -6.62
N LEU A 131 -1.57 -8.87 -7.20
CA LEU A 131 -2.88 -8.23 -7.15
C LEU A 131 -3.83 -9.00 -6.23
N LYS A 132 -4.69 -8.27 -5.54
CA LYS A 132 -5.66 -8.89 -4.63
C LYS A 132 -7.01 -8.19 -4.73
N ASP A 133 -8.07 -8.97 -4.93
CA ASP A 133 -9.42 -8.42 -5.02
C ASP A 133 -10.02 -8.21 -3.63
N LEU A 134 -10.46 -6.99 -3.37
CA LEU A 134 -11.07 -6.65 -2.08
C LEU A 134 -12.56 -6.97 -2.08
N GLU A 135 -12.92 -8.05 -1.39
CA GLU A 135 -14.33 -8.46 -1.32
C GLU A 135 -14.75 -8.63 0.14
N PRO A 136 -15.65 -7.75 0.61
CA PRO A 136 -16.20 -6.68 -0.23
C PRO A 136 -15.16 -5.61 -0.55
N PRO A 137 -15.50 -4.72 -1.50
CA PRO A 137 -14.61 -3.63 -1.92
C PRO A 137 -14.46 -2.55 -0.84
N ILE A 138 -13.83 -1.44 -1.21
CA ILE A 138 -13.63 -0.34 -0.28
C ILE A 138 -14.13 0.97 -0.85
N VAL A 139 -15.31 1.39 -0.43
CA VAL A 139 -15.91 2.64 -0.90
C VAL A 139 -15.66 3.77 0.08
N ALA A 140 -14.83 4.72 -0.31
CA ALA A 140 -14.50 5.87 0.55
C ALA A 140 -13.61 6.87 -0.19
N ARG A 141 -13.15 7.88 0.54
CA ARG A 141 -12.29 8.90 -0.04
C ARG A 141 -10.91 8.88 0.61
N PHE A 142 -10.81 8.18 1.73
CA PHE A 142 -9.54 8.07 2.45
C PHE A 142 -9.16 6.62 2.68
N VAL A 143 -7.93 6.27 2.35
CA VAL A 143 -7.44 4.90 2.52
C VAL A 143 -6.13 4.87 3.29
N ARG A 144 -5.95 3.84 4.10
CA ARG A 144 -4.73 3.70 4.90
C ARG A 144 -4.22 2.26 4.87
N PHE A 145 -2.90 2.11 4.88
CA PHE A 145 -2.27 0.80 4.84
C PHE A 145 -1.25 0.64 5.96
N ILE A 146 -1.45 -0.36 6.81
CA ILE A 146 -0.55 -0.61 7.92
C ILE A 146 0.28 -1.88 7.68
N PRO A 147 1.61 -1.74 7.75
CA PRO A 147 2.53 -2.85 7.54
C PRO A 147 2.49 -3.86 8.69
N VAL A 148 2.24 -5.12 8.35
CA VAL A 148 2.16 -6.18 9.35
C VAL A 148 3.28 -7.20 9.15
N THR A 149 3.75 -7.77 10.25
CA THR A 149 4.82 -8.77 10.20
C THR A 149 4.71 -9.75 11.35
N ASP A 150 5.48 -10.83 11.28
CA ASP A 150 5.47 -11.85 12.32
C ASP A 150 6.60 -11.61 13.33
N HIS A 151 7.34 -10.53 13.12
CA HIS A 151 8.45 -10.18 14.02
C HIS A 151 9.05 -8.84 13.64
N SER A 152 9.68 -8.18 14.61
CA SER A 152 10.30 -6.88 14.39
C SER A 152 11.25 -6.93 13.21
N MET A 153 11.00 -6.09 12.21
CA MET A 153 11.84 -6.03 11.03
C MET A 153 11.44 -4.88 10.12
N ASN A 154 12.33 -4.49 9.22
CA ASN A 154 12.06 -3.40 8.29
C ASN A 154 11.32 -3.89 7.05
N VAL A 155 10.17 -3.29 6.78
CA VAL A 155 9.36 -3.67 5.63
C VAL A 155 9.71 -2.81 4.41
N CYS A 156 9.66 -3.43 3.23
CA CYS A 156 9.96 -2.72 1.99
C CYS A 156 9.16 -3.30 0.83
N MET A 157 8.39 -2.44 0.17
CA MET A 157 7.57 -2.87 -0.96
C MET A 157 6.88 -1.67 -1.61
N ARG A 158 5.97 -1.95 -2.54
CA ARG A 158 5.23 -0.91 -3.23
C ARG A 158 3.78 -1.30 -3.44
N VAL A 159 2.89 -0.74 -2.62
CA VAL A 159 1.46 -1.05 -2.72
C VAL A 159 0.69 0.12 -3.33
N GLU A 160 -0.29 -0.19 -4.16
CA GLU A 160 -1.10 0.83 -4.81
C GLU A 160 -2.58 0.46 -4.76
N LEU A 161 -3.44 1.45 -4.98
CA LEU A 161 -4.88 1.23 -4.96
C LEU A 161 -5.43 1.11 -6.38
N TYR A 162 -6.40 0.23 -6.56
CA TYR A 162 -7.01 0.01 -7.87
C TYR A 162 -8.52 -0.18 -7.74
N GLY A 163 -9.24 0.09 -8.84
CA GLY A 163 -10.68 -0.06 -8.83
C GLY A 163 -11.37 0.92 -9.76
N CYS A 164 -12.31 1.69 -9.21
CA CYS A 164 -13.05 2.67 -10.00
C CYS A 164 -12.96 4.05 -9.35
N VAL A 165 -12.59 5.05 -10.14
CA VAL A 165 -12.48 6.41 -9.64
C VAL A 165 -13.85 7.04 -9.41
#